data_6MDR
#
_entry.id   6MDR
#
_cell.length_a   1
_cell.length_b   1
_cell.length_c   1
_cell.angle_alpha   90
_cell.angle_beta   90
_cell.angle_gamma   90
#
_symmetry.space_group_name_H-M   'P 1'
#
loop_
_entity.id
_entity.type
_entity.pdbx_description
1 polymer Ceru+32
2 polymer GFP-17
#
loop_
_entity_poly.entity_id
_entity_poly.type
_entity_poly.pdbx_seq_one_letter_code
_entity_poly.pdbx_strand_id
1 'polypeptide(L)'
;MASKGERLFRGKVPILVELKGDVNGHKFSVRGKGKGDATNGKLTLKFICTTGKLPVPWPTLVTTLTWGVQCFARYPKHMK
RHDFFKSAMPKGYVQERTISFKKDGTYKTRAEVKFEGRTLVNRIKLKGRDFKEKGNILGHKLRYNGISDKVYITADKRKN
GIKAKFKIRHNVKDGSVQLADHYQQNTPIGRGPVLLPRNHYLSTRSVLSKDPKEKRDHMVLLEFVTAAGIKHGRDERYKL
EHHHHHH
;
a,c,e,g,i,k,m,o
2 'polypeptide(L)'
;MSKGEELFTGVVPILVELDGDVNGHKFSVRGEGEGDADNGKLDLKFICTTGKLPVPWPTLVTTLTYGVQCFSRYPDHMKE
HDFFKSAMPEGYVQERTISFKDDGTYKTRAEVKFEGDTLVNRIELKGIDFKEDGNILGHKLEYNFNSHEVYITADDEKNG
IKAEFKIRHNVEDGSVQLADHYQQNTPIGDGPDLLPDEHYLSTQSVLSKDPNEKRDHMVLLEFVTADGITEGHHHHHHHH
;
b,d,f,h,j,l,n,p
#
# COMPACT_ATOMS: atom_id res chain seq x y z
N SER A 3 -18.38 -15.30 -21.33
CA SER A 3 -18.68 -14.61 -22.57
C SER A 3 -19.98 -15.14 -23.19
N LYS A 4 -20.25 -14.71 -24.42
CA LYS A 4 -21.44 -15.14 -25.14
C LYS A 4 -21.21 -16.38 -25.98
N GLY A 5 -19.98 -16.88 -26.02
CA GLY A 5 -19.68 -18.07 -26.80
C GLY A 5 -19.77 -19.35 -26.00
N GLU A 6 -19.58 -19.24 -24.68
CA GLU A 6 -19.63 -20.44 -23.84
C GLU A 6 -21.04 -20.96 -23.70
N ARG A 7 -22.04 -20.08 -23.77
CA ARG A 7 -23.43 -20.48 -23.57
C ARG A 7 -23.97 -21.30 -24.72
N LEU A 8 -23.31 -21.29 -25.87
CA LEU A 8 -23.75 -22.05 -27.03
C LEU A 8 -23.48 -23.55 -26.87
N PHE A 9 -22.66 -23.95 -25.90
CA PHE A 9 -22.22 -25.33 -25.78
C PHE A 9 -22.92 -26.09 -24.66
N ARG A 10 -23.91 -25.50 -24.02
CA ARG A 10 -24.68 -26.22 -23.02
C ARG A 10 -25.60 -27.23 -23.69
N GLY A 11 -25.60 -28.46 -23.17
CA GLY A 11 -26.39 -29.52 -23.75
C GLY A 11 -25.69 -30.17 -24.93
N LYS A 12 -26.32 -31.22 -25.45
CA LYS A 12 -25.75 -32.00 -26.53
C LYS A 12 -25.89 -31.24 -27.84
N VAL A 13 -24.79 -31.17 -28.60
CA VAL A 13 -24.74 -30.44 -29.86
C VAL A 13 -24.36 -31.43 -30.95
N PRO A 14 -25.07 -31.47 -32.07
CA PRO A 14 -24.67 -32.37 -33.16
C PRO A 14 -23.40 -31.89 -33.85
N ILE A 15 -22.72 -32.84 -34.49
CA ILE A 15 -21.41 -32.61 -35.10
C ILE A 15 -21.43 -33.13 -36.53
N LEU A 16 -21.01 -32.31 -37.48
CA LEU A 16 -20.80 -32.73 -38.86
C LEU A 16 -19.33 -32.54 -39.19
N VAL A 17 -18.70 -33.57 -39.75
CA VAL A 17 -17.28 -33.55 -40.08
C VAL A 17 -17.12 -33.99 -41.54
N GLU A 18 -16.52 -33.14 -42.35
CA GLU A 18 -16.32 -33.40 -43.77
C GLU A 18 -14.85 -33.21 -44.11
N LEU A 19 -14.23 -34.25 -44.67
CA LEU A 19 -12.82 -34.21 -45.03
C LEU A 19 -12.66 -34.55 -46.50
N LYS A 20 -11.77 -33.82 -47.17
CA LYS A 20 -11.44 -34.04 -48.57
C LYS A 20 -9.93 -34.21 -48.65
N GLY A 21 -9.46 -35.46 -48.73
CA GLY A 21 -8.04 -35.72 -48.61
C GLY A 21 -7.36 -36.05 -49.93
N ASP A 22 -6.04 -35.96 -49.95
CA ASP A 22 -5.26 -36.29 -51.14
C ASP A 22 -3.88 -36.73 -50.65
N VAL A 23 -3.66 -38.03 -50.55
CA VAL A 23 -2.41 -38.57 -50.02
C VAL A 23 -1.68 -39.27 -51.15
N ASN A 24 -0.56 -38.67 -51.56
CA ASN A 24 0.42 -39.25 -52.49
C ASN A 24 -0.22 -39.59 -53.83
N GLY A 25 -1.15 -38.76 -54.28
CA GLY A 25 -1.91 -39.01 -55.48
C GLY A 25 -3.24 -39.68 -55.23
N HIS A 26 -3.32 -40.55 -54.23
CA HIS A 26 -4.56 -41.27 -53.94
C HIS A 26 -5.50 -40.34 -53.21
N LYS A 27 -6.70 -40.15 -53.76
CA LYS A 27 -7.68 -39.28 -53.15
C LYS A 27 -8.72 -40.09 -52.38
N PHE A 28 -9.31 -39.46 -51.37
CA PHE A 28 -10.37 -40.07 -50.60
C PHE A 28 -11.23 -38.98 -49.99
N SER A 29 -12.30 -39.40 -49.32
CA SER A 29 -13.19 -38.50 -48.62
C SER A 29 -13.81 -39.26 -47.46
N VAL A 30 -13.95 -38.57 -46.33
CA VAL A 30 -14.49 -39.16 -45.11
C VAL A 30 -15.56 -38.22 -44.57
N ARG A 31 -16.77 -38.75 -44.36
CA ARG A 31 -17.85 -38.00 -43.76
C ARG A 31 -18.15 -38.56 -42.38
N GLY A 32 -18.37 -37.66 -41.42
CA GLY A 32 -18.65 -38.07 -40.06
C GLY A 32 -19.82 -37.31 -39.48
N LYS A 33 -20.50 -37.94 -38.54
CA LYS A 33 -21.67 -37.36 -37.92
C LYS A 33 -21.82 -37.91 -36.52
N GLY A 34 -22.52 -37.17 -35.68
CA GLY A 34 -22.74 -37.57 -34.31
C GLY A 34 -22.97 -36.35 -33.43
N LYS A 35 -22.87 -36.57 -32.13
CA LYS A 35 -23.16 -35.53 -31.15
C LYS A 35 -21.98 -35.36 -30.21
N GLY A 36 -21.94 -34.23 -29.53
CA GLY A 36 -20.86 -33.94 -28.62
C GLY A 36 -21.26 -33.22 -27.36
N ASP A 37 -20.93 -33.79 -26.21
CA ASP A 37 -21.22 -33.21 -24.92
C ASP A 37 -20.04 -32.32 -24.53
N ALA A 38 -20.32 -31.05 -24.24
CA ALA A 38 -19.29 -30.13 -23.82
C ALA A 38 -19.23 -29.93 -22.31
N THR A 39 -20.25 -30.36 -21.58
CA THR A 39 -20.23 -30.23 -20.12
C THR A 39 -19.30 -31.26 -19.51
N ASN A 40 -19.24 -32.46 -20.09
CA ASN A 40 -18.41 -33.53 -19.58
C ASN A 40 -17.13 -33.72 -20.39
N GLY A 41 -17.05 -33.14 -21.57
CA GLY A 41 -15.92 -33.39 -22.44
C GLY A 41 -15.96 -34.75 -23.09
N LYS A 42 -17.03 -35.06 -23.80
CA LYS A 42 -17.26 -36.39 -24.37
C LYS A 42 -17.77 -36.26 -25.79
N LEU A 43 -17.19 -37.03 -26.71
CA LEU A 43 -17.62 -37.02 -28.10
C LEU A 43 -17.96 -38.44 -28.53
N THR A 44 -18.99 -38.56 -29.36
CA THR A 44 -19.38 -39.84 -29.97
C THR A 44 -19.64 -39.59 -31.45
N LEU A 45 -18.73 -40.04 -32.30
CA LEU A 45 -18.87 -39.85 -33.73
C LEU A 45 -18.77 -41.19 -34.45
N LYS A 46 -19.33 -41.23 -35.65
CA LYS A 46 -19.22 -42.38 -36.53
C LYS A 46 -18.79 -41.90 -37.91
N PHE A 47 -17.75 -42.52 -38.45
CA PHE A 47 -17.15 -42.09 -39.71
C PHE A 47 -17.35 -43.15 -40.77
N ILE A 48 -17.47 -42.70 -42.01
CA ILE A 48 -17.61 -43.58 -43.17
C ILE A 48 -16.72 -43.06 -44.29
N CYS A 49 -16.19 -43.98 -45.08
CA CYS A 49 -15.32 -43.64 -46.21
C CYS A 49 -16.16 -43.67 -47.48
N THR A 50 -16.53 -42.48 -47.97
CA THR A 50 -17.47 -42.37 -49.07
C THR A 50 -16.90 -42.84 -50.41
N THR A 51 -15.58 -42.83 -50.59
CA THR A 51 -14.97 -43.25 -51.84
C THR A 51 -14.36 -44.65 -51.73
N GLY A 52 -15.02 -45.55 -51.01
CA GLY A 52 -14.61 -46.93 -50.97
C GLY A 52 -13.52 -47.25 -49.96
N LYS A 53 -12.35 -47.66 -50.44
CA LYS A 53 -11.25 -48.02 -49.56
C LYS A 53 -10.50 -46.79 -49.12
N LEU A 54 -9.52 -46.99 -48.23
CA LEU A 54 -8.80 -45.88 -47.64
C LEU A 54 -7.30 -46.15 -47.75
N PRO A 55 -6.51 -45.21 -48.26
CA PRO A 55 -5.08 -45.48 -48.46
C PRO A 55 -4.23 -45.37 -47.20
N VAL A 56 -4.70 -44.64 -46.19
CA VAL A 56 -3.94 -44.46 -44.95
C VAL A 56 -4.68 -45.19 -43.83
N PRO A 57 -4.03 -45.54 -42.73
CA PRO A 57 -4.75 -46.21 -41.64
C PRO A 57 -5.70 -45.27 -40.94
N TRP A 58 -6.77 -45.84 -40.40
CA TRP A 58 -7.69 -45.09 -39.56
C TRP A 58 -7.09 -44.42 -38.33
N PRO A 59 -6.10 -44.98 -37.59
CA PRO A 59 -5.57 -44.23 -36.44
C PRO A 59 -4.79 -42.97 -36.81
N THR A 60 -4.25 -42.86 -38.03
CA THR A 60 -3.51 -41.66 -38.38
C THR A 60 -4.42 -40.47 -38.63
N LEU A 61 -5.68 -40.69 -38.98
CA LEU A 61 -6.61 -39.61 -39.25
C LEU A 61 -7.42 -39.19 -38.04
N VAL A 62 -7.15 -39.76 -36.86
CA VAL A 62 -7.93 -39.43 -35.69
C VAL A 62 -7.61 -38.01 -35.21
N THR A 63 -6.35 -37.62 -35.29
CA THR A 63 -5.95 -36.28 -34.89
C THR A 63 -6.43 -35.20 -35.85
N THR A 64 -6.84 -35.58 -37.06
CA THR A 64 -7.35 -34.62 -38.02
C THR A 64 -8.84 -34.42 -37.88
N LEU A 65 -9.59 -35.50 -37.66
CA LEU A 65 -11.05 -35.44 -37.62
C LEU A 65 -11.57 -34.86 -36.31
N THR A 66 -11.32 -35.54 -35.19
CA THR A 66 -12.00 -35.25 -33.94
C THR A 66 -11.13 -34.54 -32.92
N TRP A 67 -9.83 -34.51 -33.13
CA TRP A 67 -8.94 -33.68 -32.34
C TRP A 67 -8.87 -32.27 -32.89
N GLY A 68 -9.70 -31.96 -33.88
CA GLY A 68 -9.83 -30.62 -34.41
C GLY A 68 -11.04 -29.94 -33.81
N VAL A 69 -12.03 -30.71 -33.35
CA VAL A 69 -13.16 -30.13 -32.61
C VAL A 69 -12.75 -30.11 -31.16
N GLN A 70 -11.97 -29.08 -30.81
CA GLN A 70 -11.48 -28.89 -29.45
C GLN A 70 -12.25 -27.80 -28.73
N CYS A 71 -13.34 -27.33 -29.31
CA CYS A 71 -14.28 -26.47 -28.60
C CYS A 71 -15.16 -27.25 -27.65
N PHE A 72 -15.07 -28.58 -27.67
CA PHE A 72 -15.80 -29.46 -26.77
C PHE A 72 -14.94 -29.94 -25.61
N ALA A 73 -14.08 -29.06 -25.11
CA ALA A 73 -13.17 -29.39 -24.03
C ALA A 73 -13.80 -29.04 -22.69
N ARG A 74 -13.62 -29.91 -21.70
CA ARG A 74 -14.18 -29.69 -20.38
C ARG A 74 -13.26 -28.73 -19.64
N TYR A 75 -13.47 -27.43 -19.82
CA TYR A 75 -12.61 -26.64 -18.95
C TYR A 75 -13.22 -26.54 -17.56
N PRO A 76 -12.40 -26.68 -16.51
CA PRO A 76 -12.94 -26.71 -15.14
C PRO A 76 -13.51 -25.37 -14.69
N LYS A 77 -14.04 -25.35 -13.46
CA LYS A 77 -14.67 -24.15 -12.93
C LYS A 77 -13.65 -23.05 -12.65
N HIS A 78 -12.41 -23.43 -12.37
CA HIS A 78 -11.44 -22.49 -11.84
C HIS A 78 -10.57 -21.86 -12.91
N MET A 79 -10.84 -22.08 -14.20
CA MET A 79 -10.11 -21.36 -15.23
C MET A 79 -11.03 -20.42 -16.01
N LYS A 80 -11.91 -20.95 -16.87
CA LYS A 80 -13.00 -20.26 -17.60
C LYS A 80 -12.59 -18.95 -18.28
N ARG A 81 -11.30 -18.72 -18.48
CA ARG A 81 -10.75 -17.48 -19.01
C ARG A 81 -9.62 -17.77 -19.97
N HIS A 82 -9.08 -18.98 -19.94
CA HIS A 82 -8.01 -19.42 -20.82
C HIS A 82 -8.57 -20.23 -21.98
N ASP A 83 -9.72 -19.83 -22.48
CA ASP A 83 -10.51 -20.62 -23.41
C ASP A 83 -10.52 -19.91 -24.76
N PHE A 84 -9.60 -20.31 -25.63
CA PHE A 84 -9.65 -19.78 -26.99
C PHE A 84 -10.72 -20.46 -27.82
N PHE A 85 -10.97 -21.74 -27.58
CA PHE A 85 -11.75 -22.54 -28.52
C PHE A 85 -13.23 -22.18 -28.49
N LYS A 86 -13.79 -21.99 -27.30
CA LYS A 86 -15.19 -21.61 -27.21
C LYS A 86 -15.40 -20.13 -27.49
N SER A 87 -14.38 -19.30 -27.23
CA SER A 87 -14.52 -17.86 -27.40
C SER A 87 -14.51 -17.43 -28.86
N ALA A 88 -14.02 -18.27 -29.76
CA ALA A 88 -13.98 -17.91 -31.17
C ALA A 88 -15.28 -18.20 -31.90
N MET A 89 -16.29 -18.64 -31.22
CA MET A 89 -17.61 -19.02 -31.65
C MET A 89 -18.58 -17.85 -31.46
N PRO A 90 -19.66 -17.75 -32.28
CA PRO A 90 -20.13 -18.61 -33.36
C PRO A 90 -19.49 -18.31 -34.70
N LYS A 91 -18.55 -17.38 -34.72
CA LYS A 91 -17.85 -17.04 -35.97
C LYS A 91 -17.00 -18.21 -36.44
N GLY A 92 -16.19 -18.77 -35.55
CA GLY A 92 -15.37 -19.93 -35.86
C GLY A 92 -13.89 -19.60 -35.80
N TYR A 93 -13.09 -20.62 -36.14
CA TYR A 93 -11.64 -20.47 -36.17
C TYR A 93 -11.07 -21.40 -37.24
N VAL A 94 -9.84 -21.10 -37.64
CA VAL A 94 -9.15 -21.82 -38.70
C VAL A 94 -7.99 -22.57 -38.07
N GLN A 95 -7.98 -23.90 -38.21
CA GLN A 95 -6.97 -24.74 -37.59
C GLN A 95 -6.13 -25.41 -38.67
N GLU A 96 -4.81 -25.20 -38.60
CA GLU A 96 -3.88 -25.78 -39.54
C GLU A 96 -2.84 -26.61 -38.78
N ARG A 97 -2.54 -27.80 -39.27
CA ARG A 97 -1.53 -28.65 -38.64
C ARG A 97 -0.43 -29.00 -39.63
N THR A 98 0.61 -29.61 -39.09
CA THR A 98 1.71 -30.18 -39.87
C THR A 98 2.11 -31.45 -39.15
N ILE A 99 1.60 -32.59 -39.62
CA ILE A 99 1.76 -33.87 -38.93
C ILE A 99 2.95 -34.56 -39.56
N SER A 100 4.11 -34.50 -38.90
CA SER A 100 5.35 -35.01 -39.48
C SER A 100 5.67 -36.36 -38.85
N PHE A 101 5.59 -37.40 -39.67
CA PHE A 101 5.92 -38.75 -39.24
C PHE A 101 7.42 -38.95 -39.21
N LYS A 102 7.91 -39.75 -38.26
CA LYS A 102 9.33 -40.05 -38.21
C LYS A 102 9.69 -41.04 -39.30
N LYS A 103 10.76 -40.74 -40.02
CA LYS A 103 11.29 -41.55 -41.14
C LYS A 103 10.25 -41.78 -42.22
N ASP A 104 9.40 -40.78 -42.45
CA ASP A 104 8.30 -40.87 -43.41
C ASP A 104 7.88 -39.44 -43.74
N GLY A 105 6.83 -39.29 -44.54
CA GLY A 105 6.40 -37.98 -45.01
C GLY A 105 5.59 -37.21 -44.01
N THR A 106 4.74 -36.32 -44.51
CA THR A 106 4.10 -35.30 -43.69
C THR A 106 2.69 -35.04 -44.19
N TYR A 107 1.75 -34.86 -43.27
CA TYR A 107 0.44 -34.31 -43.63
C TYR A 107 0.46 -32.79 -43.54
N LYS A 108 -0.39 -32.17 -44.36
CA LYS A 108 -0.65 -30.73 -44.31
C LYS A 108 -2.15 -30.55 -44.30
N THR A 109 -2.70 -30.07 -43.20
CA THR A 109 -4.14 -29.91 -43.07
C THR A 109 -4.50 -28.45 -42.86
N ARG A 110 -5.70 -28.08 -43.29
CA ARG A 110 -6.36 -26.88 -42.80
C ARG A 110 -7.82 -27.22 -42.56
N ALA A 111 -8.45 -26.46 -41.67
CA ALA A 111 -9.80 -26.77 -41.27
C ALA A 111 -10.52 -25.48 -40.88
N GLU A 112 -11.85 -25.55 -40.87
CA GLU A 112 -12.69 -24.46 -40.39
C GLU A 112 -13.77 -25.05 -39.49
N VAL A 113 -13.67 -24.79 -38.19
CA VAL A 113 -14.63 -25.27 -37.22
C VAL A 113 -15.53 -24.10 -36.87
N LYS A 114 -16.79 -24.17 -37.29
CA LYS A 114 -17.72 -23.08 -37.06
C LYS A 114 -19.14 -23.62 -37.09
N PHE A 115 -20.05 -22.85 -36.49
CA PHE A 115 -21.46 -23.19 -36.47
C PHE A 115 -22.12 -22.94 -37.82
N GLU A 116 -23.08 -23.81 -38.15
CA GLU A 116 -24.05 -23.56 -39.22
C GLU A 116 -25.43 -23.68 -38.59
N GLY A 117 -25.88 -22.58 -37.99
CA GLY A 117 -27.17 -22.54 -37.33
C GLY A 117 -27.11 -23.20 -35.97
N ARG A 118 -27.10 -24.52 -35.94
CA ARG A 118 -26.90 -25.24 -34.70
C ARG A 118 -25.90 -26.39 -34.82
N THR A 119 -25.77 -27.01 -35.99
CA THR A 119 -24.87 -28.14 -36.18
C THR A 119 -23.45 -27.61 -36.34
N LEU A 120 -22.56 -28.03 -35.44
CA LEU A 120 -21.16 -27.64 -35.49
C LEU A 120 -20.49 -28.40 -36.64
N VAL A 121 -20.07 -27.67 -37.67
CA VAL A 121 -19.58 -28.26 -38.91
C VAL A 121 -18.07 -28.05 -38.99
N ASN A 122 -17.35 -29.14 -39.20
CA ASN A 122 -15.90 -29.12 -39.39
C ASN A 122 -15.61 -29.49 -40.84
N ARG A 123 -14.79 -28.68 -41.50
CA ARG A 123 -14.51 -28.85 -42.93
C ARG A 123 -13.01 -28.88 -43.14
N ILE A 124 -12.46 -30.07 -43.38
CA ILE A 124 -11.03 -30.31 -43.42
C ILE A 124 -10.60 -30.49 -44.87
N LYS A 125 -9.54 -29.79 -45.26
CA LYS A 125 -8.78 -30.12 -46.46
C LYS A 125 -7.44 -30.69 -46.03
N LEU A 126 -7.10 -31.87 -46.55
CA LEU A 126 -5.87 -32.55 -46.20
C LEU A 126 -5.07 -32.86 -47.45
N LYS A 127 -3.76 -32.83 -47.32
CA LYS A 127 -2.89 -33.13 -48.47
C LYS A 127 -1.57 -33.65 -47.91
N GLY A 128 -1.26 -34.90 -48.19
CA GLY A 128 -0.02 -35.49 -47.72
C GLY A 128 0.92 -35.79 -48.87
N ARG A 129 2.21 -35.90 -48.57
CA ARG A 129 3.21 -36.16 -49.59
C ARG A 129 4.40 -36.85 -48.93
N ASP A 130 5.36 -37.24 -49.76
CA ASP A 130 6.65 -37.82 -49.36
C ASP A 130 6.53 -39.12 -48.58
N PHE A 131 5.39 -39.79 -48.67
CA PHE A 131 5.24 -41.11 -48.05
C PHE A 131 5.95 -42.15 -48.90
N LYS A 132 6.88 -42.87 -48.30
CA LYS A 132 7.54 -43.95 -49.00
C LYS A 132 6.59 -45.14 -49.14
N GLU A 133 6.70 -45.83 -50.27
CA GLU A 133 5.89 -47.02 -50.51
C GLU A 133 6.39 -48.18 -49.68
N LYS A 134 5.46 -49.08 -49.34
CA LYS A 134 5.68 -50.22 -48.43
C LYS A 134 6.24 -49.76 -47.08
N GLY A 135 5.74 -48.63 -46.59
CA GLY A 135 6.06 -48.14 -45.28
C GLY A 135 5.05 -48.62 -44.26
N ASN A 136 5.06 -47.99 -43.09
CA ASN A 136 4.07 -48.32 -42.08
C ASN A 136 2.69 -47.77 -42.46
N ILE A 137 2.64 -46.53 -42.94
CA ILE A 137 1.36 -45.89 -43.21
C ILE A 137 0.74 -46.43 -44.50
N LEU A 138 1.48 -46.37 -45.61
CA LEU A 138 0.91 -46.85 -46.87
C LEU A 138 0.83 -48.37 -46.93
N GLY A 139 1.60 -49.08 -46.13
CA GLY A 139 1.50 -50.51 -46.06
C GLY A 139 0.47 -51.04 -45.10
N HIS A 140 -0.26 -50.16 -44.42
CA HIS A 140 -1.26 -50.49 -43.40
C HIS A 140 -0.67 -51.38 -42.29
N LYS A 141 0.55 -51.04 -41.88
CA LYS A 141 1.23 -51.78 -40.83
C LYS A 141 0.92 -51.25 -39.45
N LEU A 142 -0.03 -50.33 -39.32
CA LEU A 142 -0.41 -49.78 -38.02
C LEU A 142 -1.51 -50.63 -37.40
N ARG A 143 -1.45 -50.80 -36.09
CA ARG A 143 -2.53 -51.48 -35.39
C ARG A 143 -3.74 -50.58 -35.28
N TYR A 144 -4.89 -51.19 -35.04
CA TYR A 144 -6.13 -50.45 -34.84
C TYR A 144 -6.38 -50.30 -33.34
N ASN A 145 -5.57 -49.46 -32.72
CA ASN A 145 -5.73 -49.12 -31.32
C ASN A 145 -6.15 -47.67 -31.18
N GLY A 146 -6.40 -47.26 -29.95
CA GLY A 146 -6.77 -45.89 -29.65
C GLY A 146 -5.58 -44.97 -29.68
N ILE A 147 -5.74 -43.85 -28.98
CA ILE A 147 -4.77 -42.74 -29.05
C ILE A 147 -5.01 -41.84 -27.86
N SER A 148 -3.90 -41.40 -27.23
CA SER A 148 -3.97 -40.54 -26.05
C SER A 148 -2.64 -39.88 -25.74
N ASP A 149 -2.63 -38.55 -25.64
CA ASP A 149 -1.49 -37.81 -25.08
C ASP A 149 -2.01 -36.45 -24.66
N LYS A 150 -1.10 -35.53 -24.32
CA LYS A 150 -1.41 -34.18 -23.90
C LYS A 150 -1.18 -33.23 -25.05
N VAL A 151 -1.91 -32.12 -25.06
CA VAL A 151 -1.81 -31.12 -26.13
C VAL A 151 -1.32 -29.83 -25.49
N TYR A 152 -0.02 -29.57 -25.55
CA TYR A 152 0.57 -28.42 -24.87
C TYR A 152 0.24 -27.14 -25.63
N ILE A 153 -0.72 -26.37 -25.10
CA ILE A 153 -1.24 -25.18 -25.75
C ILE A 153 -0.53 -23.95 -25.19
N THR A 154 0.02 -23.12 -26.07
CA THR A 154 0.61 -21.86 -25.69
C THR A 154 0.04 -20.74 -26.55
N ALA A 155 0.12 -19.52 -26.04
CA ALA A 155 -0.55 -18.39 -26.68
C ALA A 155 0.37 -17.72 -27.70
N ASP A 156 -0.25 -17.08 -28.68
CA ASP A 156 0.45 -16.36 -29.75
C ASP A 156 -0.23 -15.01 -29.94
N LYS A 157 0.44 -13.95 -29.47
CA LYS A 157 -0.18 -12.63 -29.46
C LYS A 157 -0.28 -12.03 -30.85
N ARG A 158 0.64 -12.40 -31.75
CA ARG A 158 0.76 -11.72 -33.04
C ARG A 158 -0.42 -12.02 -33.95
N LYS A 159 -0.71 -13.31 -34.16
CA LYS A 159 -1.80 -13.70 -35.04
C LYS A 159 -3.16 -13.74 -34.33
N ASN A 160 -3.23 -13.27 -33.09
CA ASN A 160 -4.45 -13.22 -32.27
C ASN A 160 -5.05 -14.62 -32.10
N GLY A 161 -4.19 -15.62 -31.96
CA GLY A 161 -4.62 -17.00 -31.84
C GLY A 161 -3.74 -17.77 -30.88
N ILE A 162 -3.75 -19.09 -30.98
CA ILE A 162 -2.90 -19.93 -30.16
C ILE A 162 -2.08 -20.82 -31.06
N LYS A 163 -1.17 -21.58 -30.46
CA LYS A 163 -0.44 -22.61 -31.15
C LYS A 163 -0.18 -23.74 -30.16
N ALA A 164 -0.33 -24.97 -30.62
CA ALA A 164 -0.11 -26.13 -29.79
C ALA A 164 0.92 -27.02 -30.45
N LYS A 165 1.45 -27.96 -29.68
CA LYS A 165 2.64 -28.67 -30.08
C LYS A 165 2.70 -29.95 -29.26
N PHE A 166 2.57 -31.09 -29.92
CA PHE A 166 2.56 -32.36 -29.21
C PHE A 166 2.96 -33.47 -30.16
N LYS A 167 3.13 -34.66 -29.60
CA LYS A 167 3.54 -35.81 -30.38
C LYS A 167 2.69 -37.00 -29.98
N ILE A 168 2.55 -37.94 -30.91
CA ILE A 168 1.60 -39.03 -30.79
C ILE A 168 2.32 -40.33 -31.07
N ARG A 169 2.10 -41.34 -30.24
CA ARG A 169 2.74 -42.64 -30.37
C ARG A 169 1.71 -43.65 -30.88
N HIS A 170 1.87 -44.07 -32.13
CA HIS A 170 1.02 -45.09 -32.73
C HIS A 170 1.66 -46.46 -32.59
N ASN A 171 0.83 -47.47 -32.35
CA ASN A 171 1.32 -48.83 -32.18
C ASN A 171 1.39 -49.55 -33.53
N VAL A 172 2.45 -50.34 -33.70
CA VAL A 172 2.72 -51.04 -34.95
C VAL A 172 2.47 -52.53 -34.71
N LYS A 173 2.08 -53.24 -35.76
CA LYS A 173 1.86 -54.68 -35.71
C LYS A 173 3.14 -55.46 -35.40
N ASP A 174 4.31 -54.92 -35.72
CA ASP A 174 5.58 -55.58 -35.47
C ASP A 174 6.13 -55.34 -34.08
N GLY A 175 5.36 -54.68 -33.21
CA GLY A 175 5.80 -54.39 -31.87
C GLY A 175 6.53 -53.08 -31.69
N SER A 176 6.79 -52.35 -32.77
CA SER A 176 7.50 -51.07 -32.68
C SER A 176 6.49 -49.95 -32.44
N VAL A 177 6.96 -48.71 -32.47
CA VAL A 177 6.14 -47.53 -32.25
C VAL A 177 6.38 -46.53 -33.38
N GLN A 178 5.30 -46.14 -34.05
CA GLN A 178 5.34 -45.12 -35.09
C GLN A 178 4.97 -43.79 -34.48
N LEU A 179 5.83 -42.80 -34.62
CA LEU A 179 5.61 -41.52 -33.96
C LEU A 179 4.96 -40.53 -34.94
N ALA A 180 4.47 -39.43 -34.38
CA ALA A 180 3.76 -38.43 -35.19
C ALA A 180 3.86 -37.09 -34.46
N ASP A 181 4.71 -36.20 -34.97
CA ASP A 181 4.86 -34.88 -34.36
C ASP A 181 3.78 -33.94 -34.89
N HIS A 182 3.06 -33.30 -34.00
CA HIS A 182 1.96 -32.42 -34.36
C HIS A 182 2.31 -30.98 -33.99
N TYR A 183 2.23 -30.08 -34.97
CA TYR A 183 2.46 -28.66 -34.78
C TYR A 183 1.23 -27.94 -35.31
N GLN A 184 0.44 -27.32 -34.44
CA GLN A 184 -0.79 -26.72 -34.94
C GLN A 184 -0.86 -25.23 -34.63
N GLN A 185 -1.74 -24.56 -35.37
CA GLN A 185 -1.98 -23.13 -35.26
C GLN A 185 -3.47 -22.90 -35.35
N ASN A 186 -4.02 -22.13 -34.42
CA ASN A 186 -5.41 -21.71 -34.48
C ASN A 186 -5.47 -20.21 -34.70
N THR A 187 -6.45 -19.77 -35.50
CA THR A 187 -6.61 -18.39 -35.85
C THR A 187 -8.12 -18.21 -36.02
N PRO A 188 -8.72 -17.22 -35.36
CA PRO A 188 -10.17 -17.02 -35.52
C PRO A 188 -10.49 -16.45 -36.90
N ILE A 189 -11.71 -16.70 -37.33
CA ILE A 189 -12.17 -16.17 -38.62
C ILE A 189 -12.36 -14.65 -38.51
N GLY A 190 -12.75 -14.16 -37.34
CA GLY A 190 -12.81 -12.74 -37.11
C GLY A 190 -14.17 -12.29 -36.62
N ARG A 191 -14.26 -11.13 -35.97
CA ARG A 191 -13.12 -10.27 -35.65
C ARG A 191 -13.31 -9.82 -34.20
N GLY A 192 -14.33 -10.39 -33.57
CA GLY A 192 -14.59 -10.17 -32.17
C GLY A 192 -13.46 -10.65 -31.30
N PRO A 193 -13.00 -9.82 -30.37
CA PRO A 193 -11.84 -10.17 -29.55
C PRO A 193 -12.11 -11.37 -28.65
N VAL A 194 -11.11 -12.23 -28.54
CA VAL A 194 -11.26 -13.53 -27.91
C VAL A 194 -10.35 -13.63 -26.69
N LEU A 195 -10.41 -14.76 -26.01
CA LEU A 195 -9.59 -15.00 -24.84
C LEU A 195 -8.26 -15.59 -25.27
N LEU A 196 -7.17 -15.02 -24.75
CA LEU A 196 -5.85 -15.59 -25.02
C LEU A 196 -5.35 -16.31 -23.78
N PRO A 197 -5.17 -17.64 -23.84
CA PRO A 197 -4.81 -18.40 -22.64
C PRO A 197 -3.38 -18.20 -22.18
N ARG A 198 -3.00 -18.90 -21.12
CA ARG A 198 -1.63 -18.84 -20.61
C ARG A 198 -1.17 -20.26 -20.27
N ASN A 199 -0.64 -20.94 -21.28
CA ASN A 199 0.19 -22.14 -21.15
C ASN A 199 -0.48 -23.27 -20.36
N HIS A 200 -1.62 -23.73 -20.86
CA HIS A 200 -2.27 -24.89 -20.29
C HIS A 200 -2.14 -26.04 -21.27
N TYR A 201 -2.78 -27.17 -20.96
CA TYR A 201 -2.76 -28.30 -21.86
C TYR A 201 -4.07 -29.05 -21.78
N LEU A 202 -4.23 -30.04 -22.66
CA LEU A 202 -5.47 -30.80 -22.76
C LEU A 202 -5.16 -32.28 -22.56
N SER A 203 -5.58 -32.82 -21.43
CA SER A 203 -5.50 -34.26 -21.23
C SER A 203 -6.58 -34.92 -22.06
N THR A 204 -6.18 -35.72 -23.05
CA THR A 204 -7.10 -36.25 -24.04
C THR A 204 -6.88 -37.73 -24.28
N ARG A 205 -7.98 -38.47 -24.43
CA ARG A 205 -7.94 -39.87 -24.82
C ARG A 205 -9.04 -40.13 -25.84
N SER A 206 -8.74 -40.94 -26.84
CA SER A 206 -9.74 -41.40 -27.79
C SER A 206 -9.70 -42.91 -27.90
N VAL A 207 -10.88 -43.52 -27.93
CA VAL A 207 -11.04 -44.96 -27.97
C VAL A 207 -11.71 -45.31 -29.30
N LEU A 208 -11.09 -46.21 -30.06
CA LEU A 208 -11.60 -46.59 -31.36
C LEU A 208 -12.26 -47.95 -31.30
N SER A 209 -13.38 -48.09 -31.99
CA SER A 209 -14.10 -49.36 -32.08
C SER A 209 -14.86 -49.40 -33.39
N LYS A 210 -15.49 -50.53 -33.66
CA LYS A 210 -16.23 -50.73 -34.89
C LYS A 210 -17.70 -51.06 -34.61
N ASP A 211 -18.49 -50.96 -35.67
CA ASP A 211 -19.92 -51.22 -35.62
C ASP A 211 -20.18 -52.54 -36.32
N PRO A 212 -20.80 -53.54 -35.66
CA PRO A 212 -20.97 -54.84 -36.32
C PRO A 212 -22.16 -54.92 -37.26
N LYS A 213 -22.74 -53.78 -37.62
CA LYS A 213 -23.87 -53.74 -38.53
C LYS A 213 -23.58 -53.00 -39.82
N GLU A 214 -22.32 -52.64 -40.08
CA GLU A 214 -21.93 -51.88 -41.26
C GLU A 214 -21.18 -52.76 -42.25
N LYS A 215 -21.08 -52.25 -43.47
CA LYS A 215 -20.36 -52.91 -44.55
C LYS A 215 -19.22 -52.07 -45.10
N ARG A 216 -19.41 -50.75 -45.18
CA ARG A 216 -18.38 -49.85 -45.67
C ARG A 216 -17.25 -49.72 -44.65
N ASP A 217 -16.10 -49.24 -45.11
CA ASP A 217 -14.95 -49.01 -44.25
C ASP A 217 -15.27 -47.86 -43.30
N HIS A 218 -15.32 -48.17 -42.00
CA HIS A 218 -15.89 -47.23 -41.04
C HIS A 218 -15.07 -47.25 -39.76
N MET A 219 -15.45 -46.38 -38.83
CA MET A 219 -14.76 -46.24 -37.55
C MET A 219 -15.69 -45.54 -36.58
N VAL A 220 -15.80 -46.06 -35.36
CA VAL A 220 -16.62 -45.47 -34.30
C VAL A 220 -15.66 -44.94 -33.25
N LEU A 221 -15.88 -43.69 -32.83
CA LEU A 221 -14.92 -42.99 -32.00
C LEU A 221 -15.57 -42.50 -30.71
N LEU A 222 -14.82 -42.55 -29.62
CA LEU A 222 -15.26 -42.10 -28.31
C LEU A 222 -14.10 -41.35 -27.66
N GLU A 223 -14.26 -40.04 -27.52
CA GLU A 223 -13.17 -39.16 -27.10
C GLU A 223 -13.51 -38.48 -25.78
N PHE A 224 -12.52 -38.35 -24.91
CA PHE A 224 -12.63 -37.69 -23.62
C PHE A 224 -11.59 -36.58 -23.57
N VAL A 225 -12.04 -35.36 -23.31
CA VAL A 225 -11.16 -34.18 -23.30
C VAL A 225 -11.34 -33.45 -21.98
N THR A 226 -10.21 -33.08 -21.35
CA THR A 226 -10.23 -32.22 -20.18
C THR A 226 -8.93 -31.43 -20.15
N ALA A 227 -8.87 -30.43 -19.30
CA ALA A 227 -7.70 -29.56 -19.22
C ALA A 227 -7.11 -29.51 -17.83
N ALA A 228 -5.88 -29.00 -17.76
CA ALA A 228 -5.12 -28.86 -16.52
C ALA A 228 -4.01 -27.85 -16.79
N GLY A 229 -3.05 -27.77 -15.88
CA GLY A 229 -1.84 -27.00 -16.11
C GLY A 229 -1.83 -25.63 -15.46
N ILE A 230 -2.93 -25.16 -14.89
CA ILE A 230 -3.00 -23.87 -14.24
C ILE A 230 -3.45 -24.09 -12.80
N LYS A 231 -2.73 -23.49 -11.86
CA LYS A 231 -2.87 -23.76 -10.42
C LYS A 231 -3.68 -22.67 -9.71
N HIS A 232 -4.76 -22.19 -10.33
CA HIS A 232 -5.62 -21.19 -9.70
C HIS A 232 -6.31 -21.78 -8.46
N GLY A 233 -7.09 -22.84 -8.64
CA GLY A 233 -7.77 -23.47 -7.54
C GLY A 233 -8.99 -22.72 -7.04
N SER B 2 2.23 22.51 -43.82
CA SER B 2 3.20 21.80 -44.64
C SER B 2 3.11 20.29 -44.39
N LYS B 3 2.60 19.93 -43.23
CA LYS B 3 2.45 18.53 -42.87
C LYS B 3 1.31 17.89 -43.65
N GLY B 4 1.53 16.65 -44.08
CA GLY B 4 0.49 15.89 -44.77
C GLY B 4 -0.33 14.99 -43.90
N GLU B 5 -0.11 15.02 -42.58
CA GLU B 5 -0.82 14.14 -41.66
C GLU B 5 -2.30 14.51 -41.58
N GLU B 6 -2.61 15.81 -41.67
CA GLU B 6 -4.00 16.23 -41.52
C GLU B 6 -4.84 16.03 -42.77
N LEU B 7 -4.22 15.66 -43.89
CA LEU B 7 -4.96 15.38 -45.10
C LEU B 7 -5.74 14.07 -45.05
N PHE B 8 -5.53 13.24 -44.03
CA PHE B 8 -6.16 11.94 -43.91
C PHE B 8 -7.11 11.89 -42.72
N THR B 9 -7.88 12.95 -42.52
CA THR B 9 -8.89 13.00 -41.46
C THR B 9 -10.24 12.67 -42.05
N GLY B 10 -10.90 11.67 -41.49
CA GLY B 10 -12.25 11.31 -41.91
C GLY B 10 -12.23 10.26 -43.00
N VAL B 11 -12.76 10.63 -44.17
CA VAL B 11 -13.01 9.69 -45.26
C VAL B 11 -12.44 10.30 -46.53
N VAL B 12 -11.55 9.57 -47.19
CA VAL B 12 -10.81 10.05 -48.36
C VAL B 12 -11.23 9.21 -49.56
N PRO B 13 -11.58 9.81 -50.69
CA PRO B 13 -11.85 9.02 -51.89
C PRO B 13 -10.58 8.40 -52.46
N ILE B 14 -10.70 7.17 -52.96
CA ILE B 14 -9.59 6.37 -53.46
C ILE B 14 -9.87 5.99 -54.92
N LEU B 15 -8.82 5.97 -55.73
CA LEU B 15 -8.90 5.48 -57.11
C LEU B 15 -7.68 4.63 -57.39
N VAL B 16 -7.89 3.40 -57.87
CA VAL B 16 -6.82 2.45 -58.13
C VAL B 16 -6.88 2.05 -59.58
N GLU B 17 -5.73 2.05 -60.26
CA GLU B 17 -5.65 1.66 -61.67
C GLU B 17 -4.44 0.77 -61.89
N LEU B 18 -4.60 -0.26 -62.73
CA LEU B 18 -3.54 -1.21 -62.99
C LEU B 18 -3.46 -1.52 -64.47
N ASP B 19 -2.23 -1.77 -64.94
CA ASP B 19 -1.97 -2.25 -66.29
C ASP B 19 -1.10 -3.49 -66.20
N GLY B 20 -1.67 -4.65 -66.47
CA GLY B 20 -0.96 -5.90 -66.28
C GLY B 20 -0.43 -6.54 -67.55
N ASP B 21 0.60 -7.37 -67.40
CA ASP B 21 1.21 -8.09 -68.52
C ASP B 21 1.77 -9.38 -67.94
N VAL B 22 0.99 -10.46 -68.02
CA VAL B 22 1.37 -11.74 -67.42
C VAL B 22 1.46 -12.75 -68.55
N ASN B 23 2.70 -13.09 -68.94
CA ASN B 23 3.00 -13.99 -70.06
C ASN B 23 2.37 -13.51 -71.36
N GLY B 24 2.31 -12.20 -71.56
CA GLY B 24 1.71 -11.62 -72.73
C GLY B 24 0.23 -11.33 -72.59
N HIS B 25 -0.45 -11.90 -71.60
CA HIS B 25 -1.86 -11.61 -71.37
C HIS B 25 -1.99 -10.21 -70.79
N LYS B 26 -2.77 -9.36 -71.46
CA LYS B 26 -2.90 -7.97 -71.05
C LYS B 26 -4.27 -7.74 -70.43
N PHE B 27 -4.29 -7.04 -69.31
CA PHE B 27 -5.53 -6.79 -68.58
C PHE B 27 -5.43 -5.45 -67.87
N SER B 28 -6.52 -5.07 -67.21
CA SER B 28 -6.60 -3.82 -66.48
C SER B 28 -7.63 -3.97 -65.37
N VAL B 29 -7.29 -3.47 -64.18
CA VAL B 29 -8.15 -3.53 -63.01
C VAL B 29 -8.37 -2.10 -62.53
N ARG B 30 -9.62 -1.76 -62.25
CA ARG B 30 -9.96 -0.43 -61.77
C ARG B 30 -10.70 -0.56 -60.44
N GLY B 31 -10.31 0.25 -59.47
CA GLY B 31 -10.89 0.16 -58.14
C GLY B 31 -11.25 1.52 -57.59
N GLU B 32 -12.36 1.57 -56.86
CA GLU B 32 -12.86 2.79 -56.25
C GLU B 32 -13.42 2.48 -54.88
N GLY B 33 -13.34 3.44 -53.98
CA GLY B 33 -13.85 3.25 -52.64
C GLY B 33 -13.56 4.41 -51.71
N GLU B 34 -13.29 4.13 -50.44
CA GLU B 34 -13.02 5.18 -49.48
C GLU B 34 -12.20 4.61 -48.33
N GLY B 35 -11.48 5.48 -47.64
CA GLY B 35 -10.57 5.05 -46.60
C GLY B 35 -10.64 5.94 -45.37
N ASP B 36 -10.49 5.30 -44.21
CA ASP B 36 -10.61 5.96 -42.91
C ASP B 36 -9.31 5.76 -42.15
N ALA B 37 -8.39 6.73 -42.23
CA ALA B 37 -7.06 6.54 -41.68
C ALA B 37 -7.00 6.73 -40.17
N ASP B 38 -8.12 6.99 -39.51
CA ASP B 38 -8.10 7.11 -38.05
C ASP B 38 -8.34 5.79 -37.36
N ASN B 39 -8.94 4.82 -38.06
CA ASN B 39 -9.12 3.48 -37.54
C ASN B 39 -8.37 2.44 -38.34
N GLY B 40 -7.74 2.84 -39.45
CA GLY B 40 -7.22 1.88 -40.39
C GLY B 40 -8.27 1.27 -41.29
N LYS B 41 -9.52 1.70 -41.16
CA LYS B 41 -10.62 1.11 -41.89
C LYS B 41 -10.55 1.51 -43.35
N LEU B 42 -10.78 0.55 -44.23
CA LEU B 42 -10.56 0.69 -45.65
C LEU B 42 -11.57 -0.17 -46.38
N ASP B 43 -12.17 0.37 -47.43
CA ASP B 43 -13.23 -0.34 -48.14
C ASP B 43 -13.30 0.15 -49.57
N LEU B 44 -13.19 -0.79 -50.51
CA LEU B 44 -13.13 -0.43 -51.92
C LEU B 44 -13.49 -1.65 -52.75
N LYS B 45 -13.70 -1.43 -54.05
CA LYS B 45 -14.27 -2.45 -54.93
C LYS B 45 -13.62 -2.39 -56.29
N PHE B 46 -13.19 -3.54 -56.79
CA PHE B 46 -12.44 -3.66 -58.03
C PHE B 46 -13.31 -4.30 -59.11
N ILE B 47 -13.03 -3.94 -60.37
CA ILE B 47 -13.62 -4.61 -61.52
C ILE B 47 -12.50 -4.83 -62.53
N CYS B 48 -12.69 -5.83 -63.38
CA CYS B 48 -11.71 -6.14 -64.43
C CYS B 48 -12.31 -5.70 -65.76
N THR B 49 -11.80 -4.59 -66.30
CA THR B 49 -12.43 -3.93 -67.43
C THR B 49 -12.08 -4.55 -68.77
N THR B 50 -11.27 -5.61 -68.79
CA THR B 50 -10.96 -6.28 -70.06
C THR B 50 -11.45 -7.73 -70.04
N GLY B 51 -12.59 -7.99 -69.41
CA GLY B 51 -13.19 -9.31 -69.45
C GLY B 51 -12.78 -10.17 -68.26
N LYS B 52 -11.88 -11.13 -68.52
CA LYS B 52 -11.45 -12.10 -67.53
C LYS B 52 -10.11 -11.69 -66.94
N LEU B 53 -9.72 -12.38 -65.86
CA LEU B 53 -8.47 -12.09 -65.19
C LEU B 53 -7.55 -13.30 -65.27
N PRO B 54 -6.31 -13.15 -65.76
CA PRO B 54 -5.41 -14.29 -65.86
C PRO B 54 -4.93 -14.84 -64.53
N VAL B 55 -4.50 -13.98 -63.62
CA VAL B 55 -3.98 -14.39 -62.32
C VAL B 55 -5.14 -14.44 -61.35
N PRO B 56 -4.99 -15.14 -60.22
CA PRO B 56 -6.07 -15.12 -59.22
C PRO B 56 -6.15 -13.78 -58.51
N TRP B 57 -7.31 -13.53 -57.92
CA TRP B 57 -7.50 -12.29 -57.18
C TRP B 57 -6.67 -12.14 -55.90
N PRO B 58 -6.40 -13.18 -55.08
CA PRO B 58 -5.54 -12.93 -53.91
C PRO B 58 -4.08 -12.65 -54.25
N THR B 59 -3.61 -12.91 -55.46
CA THR B 59 -2.25 -12.51 -55.79
C THR B 59 -2.15 -11.00 -56.00
N LEU B 60 -3.23 -10.34 -56.36
CA LEU B 60 -3.25 -8.91 -56.61
C LEU B 60 -3.70 -8.11 -55.40
N VAL B 61 -3.88 -8.75 -54.26
CA VAL B 61 -4.26 -7.97 -53.07
C VAL B 61 -3.04 -7.24 -52.53
N THR B 62 -1.86 -7.86 -52.59
CA THR B 62 -0.65 -7.20 -52.12
C THR B 62 -0.15 -6.12 -53.07
N THR B 63 -0.76 -5.96 -54.23
CA THR B 63 -0.37 -4.95 -55.19
C THR B 63 -1.41 -3.84 -55.33
N LEU B 64 -2.71 -4.16 -55.23
CA LEU B 64 -3.72 -3.13 -55.44
C LEU B 64 -3.93 -2.27 -54.20
N THR B 65 -4.56 -2.82 -53.17
CA THR B 65 -4.76 -2.03 -51.95
C THR B 65 -3.76 -2.44 -50.88
N TYR B 66 -2.50 -2.45 -51.24
CA TYR B 66 -1.47 -2.72 -50.27
C TYR B 66 -0.25 -1.90 -50.58
N GLY B 67 -0.28 -1.14 -51.66
CA GLY B 67 0.64 -0.06 -51.92
C GLY B 67 0.11 1.25 -51.40
N VAL B 68 -1.19 1.36 -51.18
CA VAL B 68 -1.73 2.51 -50.47
C VAL B 68 -1.69 2.18 -48.99
N GLN B 69 -0.51 2.32 -48.38
CA GLN B 69 -0.30 2.03 -46.98
C GLN B 69 -0.41 3.28 -46.14
N CYS B 70 -0.76 4.41 -46.76
CA CYS B 70 -0.95 5.67 -46.06
C CYS B 70 -2.20 5.67 -45.19
N PHE B 71 -3.09 4.70 -45.35
CA PHE B 71 -4.27 4.55 -44.51
C PHE B 71 -4.02 3.67 -43.30
N SER B 72 -2.80 3.63 -42.81
CA SER B 72 -2.44 2.82 -41.67
C SER B 72 -2.67 3.61 -40.39
N ARG B 73 -3.29 2.95 -39.41
CA ARG B 73 -3.66 3.61 -38.16
C ARG B 73 -2.42 3.65 -37.27
N TYR B 74 -1.68 4.78 -37.34
CA TYR B 74 -0.59 4.73 -36.38
C TYR B 74 -1.07 5.24 -35.02
N PRO B 75 -0.62 4.62 -33.94
CA PRO B 75 -0.96 5.13 -32.60
C PRO B 75 -0.27 6.45 -32.33
N ASP B 76 -0.72 7.11 -31.26
CA ASP B 76 -0.33 8.49 -31.00
C ASP B 76 1.14 8.62 -30.61
N HIS B 77 1.76 7.56 -30.10
CA HIS B 77 3.17 7.58 -29.77
C HIS B 77 4.07 7.30 -30.97
N MET B 78 3.52 7.22 -32.19
CA MET B 78 4.34 7.02 -33.37
C MET B 78 3.89 7.85 -34.56
N LYS B 79 3.20 8.97 -34.32
CA LYS B 79 2.68 9.75 -35.44
C LYS B 79 3.77 10.47 -36.23
N GLU B 80 4.98 10.57 -35.68
CA GLU B 80 6.10 11.21 -36.35
C GLU B 80 6.99 10.22 -37.09
N HIS B 81 6.71 8.94 -36.96
CA HIS B 81 7.49 7.88 -37.61
C HIS B 81 6.74 7.33 -38.82
N ASP B 82 6.11 8.22 -39.57
CA ASP B 82 5.16 7.85 -40.61
C ASP B 82 5.69 8.34 -41.94
N PHE B 83 6.27 7.43 -42.72
CA PHE B 83 6.77 7.82 -44.03
C PHE B 83 5.63 8.09 -45.01
N PHE B 84 4.51 7.40 -44.85
CA PHE B 84 3.54 7.38 -45.93
C PHE B 84 2.63 8.59 -45.92
N LYS B 85 2.13 8.99 -44.74
CA LYS B 85 1.31 10.19 -44.68
C LYS B 85 2.13 11.46 -44.85
N SER B 86 3.42 11.42 -44.50
CA SER B 86 4.23 12.63 -44.53
C SER B 86 4.79 12.91 -45.92
N ALA B 87 4.75 11.96 -46.83
CA ALA B 87 5.23 12.20 -48.18
C ALA B 87 4.15 12.78 -49.09
N MET B 88 3.04 13.16 -48.56
CA MET B 88 1.82 13.68 -49.15
C MET B 88 1.77 15.20 -49.01
N PRO B 89 1.12 15.93 -49.93
CA PRO B 89 0.40 15.53 -51.15
C PRO B 89 1.29 15.38 -52.38
N GLU B 90 2.59 15.27 -52.20
CA GLU B 90 3.44 15.05 -53.36
C GLU B 90 3.43 13.58 -53.78
N GLY B 91 3.46 12.67 -52.83
CA GLY B 91 3.36 11.25 -53.11
C GLY B 91 4.69 10.53 -53.09
N TYR B 92 4.64 9.27 -53.49
CA TYR B 92 5.85 8.45 -53.51
C TYR B 92 5.76 7.41 -54.62
N VAL B 93 6.88 6.72 -54.84
CA VAL B 93 7.01 5.68 -55.86
C VAL B 93 7.31 4.37 -55.15
N GLN B 94 6.58 3.31 -55.52
CA GLN B 94 6.69 2.02 -54.85
C GLN B 94 6.97 0.93 -55.88
N GLU B 95 8.15 0.33 -55.82
CA GLU B 95 8.58 -0.69 -56.76
C GLU B 95 8.82 -1.99 -56.01
N ARG B 96 8.33 -3.10 -56.56
CA ARG B 96 8.46 -4.39 -55.88
C ARG B 96 9.08 -5.42 -56.80
N THR B 97 9.29 -6.60 -56.22
CA THR B 97 9.68 -7.81 -56.95
C THR B 97 9.09 -8.97 -56.14
N ILE B 98 7.94 -9.45 -56.56
CA ILE B 98 7.18 -10.46 -55.82
C ILE B 98 7.62 -11.83 -56.32
N SER B 99 8.33 -12.58 -55.49
CA SER B 99 8.92 -13.85 -55.90
C SER B 99 8.03 -14.99 -55.44
N PHE B 100 7.40 -15.66 -56.40
CA PHE B 100 6.57 -16.83 -56.12
C PHE B 100 7.44 -18.07 -55.97
N LYS B 101 7.08 -18.91 -55.00
CA LYS B 101 7.84 -20.11 -54.73
C LYS B 101 7.59 -21.15 -55.83
N ASP B 102 8.68 -21.69 -56.37
CA ASP B 102 8.68 -22.69 -57.44
C ASP B 102 7.99 -22.20 -58.71
N ASP B 103 8.00 -20.89 -58.94
CA ASP B 103 7.27 -20.32 -60.06
C ASP B 103 7.97 -19.01 -60.42
N GLY B 104 7.33 -18.19 -61.27
CA GLY B 104 7.94 -16.96 -61.73
C GLY B 104 7.82 -15.79 -60.77
N THR B 105 7.62 -14.59 -61.30
CA THR B 105 7.68 -13.40 -60.45
C THR B 105 6.86 -12.27 -61.04
N TYR B 106 6.59 -11.27 -60.20
CA TYR B 106 5.96 -10.02 -60.57
C TYR B 106 6.97 -8.89 -60.52
N LYS B 107 6.70 -7.84 -61.30
CA LYS B 107 7.49 -6.61 -61.28
C LYS B 107 6.53 -5.44 -61.34
N THR B 108 6.30 -4.79 -60.21
CA THR B 108 5.34 -3.70 -60.12
C THR B 108 6.06 -2.37 -59.96
N ARG B 109 5.34 -1.30 -60.28
CA ARG B 109 5.84 0.06 -60.06
C ARG B 109 4.64 0.98 -59.94
N ALA B 110 4.37 1.47 -58.74
CA ALA B 110 3.21 2.30 -58.47
C ALA B 110 3.64 3.70 -58.09
N GLU B 111 2.77 4.67 -58.34
CA GLU B 111 3.02 6.07 -58.00
C GLU B 111 1.79 6.59 -57.27
N VAL B 112 1.76 6.39 -55.96
CA VAL B 112 0.66 6.84 -55.13
C VAL B 112 0.80 8.34 -54.93
N LYS B 113 -0.27 9.09 -55.18
CA LYS B 113 -0.27 10.53 -54.96
C LYS B 113 -1.70 11.03 -54.88
N PHE B 114 -1.85 12.32 -54.57
CA PHE B 114 -3.12 13.02 -54.68
C PHE B 114 -3.30 13.58 -56.08
N GLU B 115 -4.53 13.48 -56.60
CA GLU B 115 -4.96 14.17 -57.81
C GLU B 115 -6.21 14.94 -57.44
N GLY B 116 -6.02 16.18 -56.97
CA GLY B 116 -7.13 16.97 -56.50
C GLY B 116 -7.46 16.65 -55.05
N ASP B 117 -8.53 15.88 -54.86
CA ASP B 117 -8.93 15.45 -53.53
C ASP B 117 -8.82 13.94 -53.33
N THR B 118 -8.84 13.17 -54.41
CA THR B 118 -8.79 11.73 -54.29
C THR B 118 -7.35 11.23 -54.32
N LEU B 119 -7.14 10.05 -53.74
CA LEU B 119 -5.83 9.46 -53.54
C LEU B 119 -5.64 8.37 -54.59
N VAL B 120 -4.79 8.63 -55.57
CA VAL B 120 -4.75 7.85 -56.80
C VAL B 120 -3.56 6.92 -56.79
N ASN B 121 -3.82 5.62 -56.89
CA ASN B 121 -2.79 4.60 -57.06
C ASN B 121 -2.76 4.21 -58.54
N ARG B 122 -1.58 4.28 -59.15
CA ARG B 122 -1.42 3.92 -60.55
C ARG B 122 -0.32 2.88 -60.68
N ILE B 123 -0.71 1.62 -60.80
CA ILE B 123 0.22 0.50 -60.82
C ILE B 123 0.45 0.10 -62.26
N GLU B 124 1.69 -0.24 -62.61
CA GLU B 124 2.02 -0.89 -63.86
C GLU B 124 2.74 -2.20 -63.56
N LEU B 125 2.04 -3.32 -63.74
CA LEU B 125 2.53 -4.63 -63.34
C LEU B 125 3.02 -5.40 -64.55
N LYS B 126 4.10 -6.16 -64.36
CA LYS B 126 4.63 -7.05 -65.38
C LYS B 126 5.06 -8.35 -64.71
N GLY B 127 4.61 -9.47 -65.25
CA GLY B 127 4.98 -10.76 -64.69
C GLY B 127 5.35 -11.78 -65.75
N ILE B 128 6.52 -12.41 -65.60
CA ILE B 128 7.02 -13.37 -66.57
C ILE B 128 7.39 -14.66 -65.84
N ASP B 129 7.84 -15.64 -66.64
CA ASP B 129 8.46 -16.90 -66.18
C ASP B 129 7.51 -17.76 -65.37
N PHE B 130 6.20 -17.62 -65.58
CA PHE B 130 5.25 -18.45 -64.87
C PHE B 130 5.16 -19.84 -65.49
N LYS B 131 4.56 -20.74 -64.73
CA LYS B 131 4.46 -22.14 -65.08
C LYS B 131 3.01 -22.47 -65.44
N GLU B 132 2.83 -23.13 -66.58
CA GLU B 132 1.50 -23.60 -66.94
C GLU B 132 1.08 -24.74 -66.02
N ASP B 133 -0.22 -24.77 -65.71
CA ASP B 133 -0.83 -25.66 -64.71
C ASP B 133 -0.15 -25.52 -63.34
N GLY B 134 0.22 -24.29 -63.00
CA GLY B 134 0.75 -23.99 -61.68
C GLY B 134 -0.36 -23.58 -60.73
N ASN B 135 0.06 -23.06 -59.58
CA ASN B 135 -0.93 -22.59 -58.62
C ASN B 135 -1.53 -21.26 -59.02
N ILE B 136 -0.84 -20.47 -59.84
CA ILE B 136 -1.30 -19.14 -60.22
C ILE B 136 -2.12 -19.23 -61.49
N LEU B 137 -1.51 -19.67 -62.59
CA LEU B 137 -2.23 -19.66 -63.86
C LEU B 137 -3.25 -20.78 -63.98
N GLY B 138 -3.24 -21.74 -63.07
CA GLY B 138 -4.26 -22.77 -63.02
C GLY B 138 -5.46 -22.44 -62.17
N HIS B 139 -5.44 -21.28 -61.51
CA HIS B 139 -6.48 -20.78 -60.61
C HIS B 139 -6.77 -21.80 -59.50
N LYS B 140 -5.71 -22.12 -58.75
CA LYS B 140 -5.79 -23.13 -57.70
C LYS B 140 -5.66 -22.52 -56.30
N LEU B 141 -5.89 -21.21 -56.17
CA LEU B 141 -5.78 -20.54 -54.89
C LEU B 141 -7.16 -20.24 -54.33
N GLU B 142 -7.30 -20.38 -53.02
CA GLU B 142 -8.57 -20.08 -52.38
C GLU B 142 -8.80 -18.58 -52.35
N TYR B 143 -10.05 -18.20 -52.16
CA TYR B 143 -10.45 -16.80 -52.18
C TYR B 143 -10.45 -16.26 -50.75
N ASN B 144 -9.25 -16.20 -50.19
CA ASN B 144 -9.06 -15.59 -48.88
C ASN B 144 -7.62 -15.10 -48.77
N PHE B 145 -7.41 -14.19 -47.81
CA PHE B 145 -6.11 -13.60 -47.57
C PHE B 145 -5.90 -13.56 -46.06
N ASN B 146 -4.71 -13.90 -45.61
CA ASN B 146 -4.46 -14.12 -44.19
C ASN B 146 -4.07 -12.82 -43.50
N SER B 147 -3.64 -12.92 -42.25
CA SER B 147 -3.20 -11.78 -41.46
C SER B 147 -1.69 -11.82 -41.35
N HIS B 148 -1.03 -10.73 -41.72
CA HIS B 148 0.41 -10.73 -41.98
C HIS B 148 1.07 -9.57 -41.25
N GLU B 149 2.40 -9.49 -41.34
CA GLU B 149 3.17 -8.41 -40.74
C GLU B 149 4.24 -7.95 -41.70
N VAL B 150 4.47 -6.64 -41.74
CA VAL B 150 5.38 -6.01 -42.69
C VAL B 150 6.44 -5.25 -41.91
N TYR B 151 7.69 -5.68 -41.99
CA TYR B 151 8.77 -5.05 -41.25
C TYR B 151 9.39 -3.94 -42.10
N ILE B 152 9.03 -2.71 -41.78
CA ILE B 152 9.50 -1.51 -42.47
C ILE B 152 10.74 -0.97 -41.79
N THR B 153 11.80 -0.77 -42.56
CA THR B 153 13.05 -0.24 -42.03
C THR B 153 13.53 0.91 -42.92
N ALA B 154 14.48 1.68 -42.40
CA ALA B 154 15.00 2.82 -43.12
C ALA B 154 16.03 2.40 -44.15
N ASP B 155 16.13 3.18 -45.21
CA ASP B 155 17.07 2.95 -46.30
C ASP B 155 17.74 4.25 -46.69
N ASP B 156 18.33 4.93 -45.69
CA ASP B 156 18.91 6.28 -45.69
C ASP B 156 19.64 6.69 -46.96
N GLU B 157 20.46 5.78 -47.48
CA GLU B 157 21.36 6.00 -48.61
C GLU B 157 20.66 6.08 -49.96
N LYS B 158 19.32 6.06 -50.00
CA LYS B 158 18.61 6.41 -51.22
C LYS B 158 17.41 7.31 -50.96
N ASN B 159 17.27 7.84 -49.74
CA ASN B 159 16.15 8.69 -49.31
C ASN B 159 14.83 7.96 -49.49
N GLY B 160 14.66 6.88 -48.73
CA GLY B 160 13.44 6.11 -48.79
C GLY B 160 13.49 4.98 -47.79
N ILE B 161 12.46 4.14 -47.83
CA ILE B 161 12.39 2.98 -46.95
C ILE B 161 12.29 1.71 -47.78
N LYS B 162 12.22 0.57 -47.10
CA LYS B 162 12.08 -0.72 -47.76
C LYS B 162 11.42 -1.67 -46.78
N ALA B 163 10.96 -2.81 -47.29
CA ALA B 163 10.29 -3.80 -46.46
C ALA B 163 10.44 -5.17 -47.08
N GLU B 164 10.57 -6.18 -46.24
CA GLU B 164 10.68 -7.57 -46.66
C GLU B 164 9.74 -8.42 -45.82
N PHE B 165 8.94 -9.23 -46.49
CA PHE B 165 7.94 -10.05 -45.82
C PHE B 165 7.53 -11.18 -46.75
N LYS B 166 6.87 -12.17 -46.17
CA LYS B 166 6.46 -13.37 -46.89
C LYS B 166 4.95 -13.50 -46.82
N ILE B 167 4.32 -13.69 -47.97
CA ILE B 167 2.87 -13.81 -48.07
C ILE B 167 2.52 -15.27 -48.30
N ARG B 168 1.69 -15.84 -47.44
CA ARG B 168 1.29 -17.23 -47.52
C ARG B 168 -0.09 -17.32 -48.14
N HIS B 169 -0.16 -17.81 -49.38
CA HIS B 169 -1.43 -18.00 -50.06
C HIS B 169 -1.95 -19.41 -49.79
N ASN B 170 -3.26 -19.53 -49.72
CA ASN B 170 -3.88 -20.83 -49.49
C ASN B 170 -4.21 -21.49 -50.82
N VAL B 171 -3.95 -22.79 -50.89
CA VAL B 171 -4.13 -23.55 -52.13
C VAL B 171 -5.38 -24.42 -51.94
N GLU B 172 -6.04 -24.75 -53.05
CA GLU B 172 -7.29 -25.49 -53.04
C GLU B 172 -7.17 -26.86 -52.38
N ASP B 173 -6.02 -27.51 -52.47
CA ASP B 173 -5.91 -28.88 -51.98
C ASP B 173 -5.44 -28.98 -50.53
N GLY B 174 -4.90 -27.91 -49.96
CA GLY B 174 -4.45 -27.90 -48.57
C GLY B 174 -3.06 -27.36 -48.37
N SER B 175 -2.23 -27.31 -49.41
CA SER B 175 -0.87 -26.81 -49.29
C SER B 175 -0.86 -25.29 -49.22
N VAL B 176 0.32 -24.68 -49.20
CA VAL B 176 0.49 -23.24 -49.04
C VAL B 176 1.42 -22.73 -50.12
N GLN B 177 0.98 -21.71 -50.87
CA GLN B 177 1.81 -21.03 -51.85
C GLN B 177 2.51 -19.84 -51.23
N LEU B 178 3.83 -19.77 -51.37
CA LEU B 178 4.63 -18.72 -50.76
C LEU B 178 4.98 -17.64 -51.78
N ALA B 179 4.87 -16.39 -51.35
CA ALA B 179 5.25 -15.24 -52.14
C ALA B 179 6.21 -14.38 -51.33
N ASP B 180 7.33 -14.00 -51.93
CA ASP B 180 8.35 -13.20 -51.25
C ASP B 180 8.35 -11.80 -51.82
N HIS B 181 8.09 -10.81 -50.97
CA HIS B 181 7.97 -9.42 -51.37
C HIS B 181 9.22 -8.64 -50.98
N TYR B 182 9.53 -7.65 -51.81
CA TYR B 182 10.68 -6.77 -51.59
C TYR B 182 10.36 -5.42 -52.21
N GLN B 183 9.89 -4.48 -51.39
CA GLN B 183 9.47 -3.18 -51.89
C GLN B 183 10.49 -2.10 -51.55
N GLN B 184 10.49 -1.04 -52.36
CA GLN B 184 11.39 0.10 -52.18
C GLN B 184 10.60 1.37 -52.40
N ASN B 185 10.35 2.12 -51.34
CA ASN B 185 9.65 3.40 -51.45
C ASN B 185 10.63 4.54 -51.61
N THR B 186 10.18 5.60 -52.27
CA THR B 186 10.94 6.80 -52.55
C THR B 186 9.98 7.93 -52.86
N PRO B 187 10.05 9.06 -52.17
CA PRO B 187 9.08 10.13 -52.40
C PRO B 187 9.35 10.87 -53.70
N ILE B 188 8.33 11.59 -54.15
CA ILE B 188 8.41 12.31 -55.43
C ILE B 188 9.36 13.48 -55.32
N GLY B 189 9.05 14.44 -54.45
CA GLY B 189 9.89 15.60 -54.29
C GLY B 189 10.54 15.64 -52.94
N ASP B 190 10.00 16.45 -52.04
CA ASP B 190 10.47 16.53 -50.68
C ASP B 190 9.67 15.55 -49.83
N GLY B 191 10.37 14.61 -49.21
CA GLY B 191 9.72 13.59 -48.43
C GLY B 191 9.41 14.05 -47.02
N PRO B 192 9.55 13.16 -46.04
CA PRO B 192 9.33 13.55 -44.65
C PRO B 192 10.47 14.37 -44.08
N ASP B 193 10.42 14.66 -42.79
CA ASP B 193 11.55 15.32 -42.14
C ASP B 193 12.76 14.40 -42.07
N LEU B 194 12.63 13.30 -41.34
CA LEU B 194 13.68 12.29 -41.29
C LEU B 194 13.03 10.91 -41.31
N LEU B 195 13.79 9.94 -41.80
CA LEU B 195 13.25 8.60 -42.04
C LEU B 195 12.96 7.91 -40.72
N PRO B 196 11.91 7.08 -40.66
CA PRO B 196 11.47 6.55 -39.37
C PRO B 196 12.34 5.42 -38.87
N ASP B 197 12.12 5.05 -37.61
CA ASP B 197 12.72 3.87 -37.03
C ASP B 197 12.02 2.61 -37.54
N GLU B 198 12.58 1.46 -37.20
CA GLU B 198 12.02 0.21 -37.67
C GLU B 198 10.77 -0.13 -36.85
N HIS B 199 9.68 -0.41 -37.55
CA HIS B 199 8.38 -0.69 -36.93
C HIS B 199 7.61 -1.60 -37.88
N TYR B 200 6.60 -2.29 -37.36
CA TYR B 200 5.92 -3.28 -38.18
C TYR B 200 4.44 -2.95 -38.34
N LEU B 201 3.95 -3.05 -39.57
CA LEU B 201 2.54 -2.92 -39.88
C LEU B 201 1.86 -4.27 -39.72
N SER B 202 0.64 -4.27 -39.21
CA SER B 202 -0.10 -5.51 -38.98
C SER B 202 -1.42 -5.44 -39.72
N THR B 203 -1.60 -6.30 -40.71
CA THR B 203 -2.74 -6.22 -41.61
C THR B 203 -3.72 -7.36 -41.37
N GLN B 204 -5.00 -7.08 -41.64
CA GLN B 204 -6.05 -8.08 -41.73
C GLN B 204 -6.94 -7.71 -42.91
N SER B 205 -7.44 -8.72 -43.63
CA SER B 205 -8.30 -8.43 -44.77
C SER B 205 -9.41 -9.47 -44.87
N VAL B 206 -10.57 -9.02 -45.34
CA VAL B 206 -11.74 -9.86 -45.51
C VAL B 206 -12.15 -9.79 -46.98
N LEU B 207 -11.89 -10.87 -47.72
CA LEU B 207 -12.27 -10.96 -49.11
C LEU B 207 -13.73 -11.38 -49.22
N SER B 208 -14.43 -10.84 -50.21
CA SER B 208 -15.86 -11.11 -50.38
C SER B 208 -16.23 -10.87 -51.84
N LYS B 209 -17.55 -10.90 -52.10
CA LYS B 209 -18.09 -10.71 -53.44
C LYS B 209 -19.29 -9.76 -53.37
N ASP B 210 -19.79 -9.40 -54.54
CA ASP B 210 -20.99 -8.58 -54.70
C ASP B 210 -22.01 -9.40 -55.48
N PRO B 211 -23.20 -9.67 -54.94
CA PRO B 211 -24.17 -10.50 -55.68
C PRO B 211 -24.78 -9.81 -56.89
N ASN B 212 -24.69 -8.49 -56.99
CA ASN B 212 -25.32 -7.75 -58.08
C ASN B 212 -24.34 -7.35 -59.17
N GLU B 213 -23.33 -8.19 -59.43
CA GLU B 213 -22.33 -7.89 -60.45
C GLU B 213 -22.14 -9.09 -61.36
N LYS B 214 -22.05 -8.80 -62.66
CA LYS B 214 -21.76 -9.81 -63.67
C LYS B 214 -20.33 -9.77 -64.17
N ARG B 215 -19.56 -8.77 -63.78
CA ARG B 215 -18.18 -8.68 -64.20
C ARG B 215 -17.26 -9.28 -63.15
N ASP B 216 -16.08 -9.72 -63.60
CA ASP B 216 -15.11 -10.37 -62.74
C ASP B 216 -14.55 -9.34 -61.76
N HIS B 217 -14.97 -9.42 -60.50
CA HIS B 217 -14.80 -8.32 -59.57
C HIS B 217 -14.26 -8.84 -58.24
N MET B 218 -14.07 -7.92 -57.30
CA MET B 218 -13.51 -8.25 -55.99
C MET B 218 -13.84 -7.12 -55.02
N VAL B 219 -14.35 -7.47 -53.85
CA VAL B 219 -14.68 -6.50 -52.82
C VAL B 219 -13.77 -6.76 -51.63
N LEU B 220 -13.10 -5.70 -51.16
CA LEU B 220 -12.05 -5.82 -50.17
C LEU B 220 -12.34 -4.93 -48.97
N LEU B 221 -12.00 -5.42 -47.78
CA LEU B 221 -12.16 -4.71 -46.53
C LEU B 221 -10.93 -5.00 -45.68
N GLU B 222 -10.11 -3.99 -45.42
CA GLU B 222 -8.79 -4.23 -44.85
C GLU B 222 -8.53 -3.29 -43.69
N PHE B 223 -7.83 -3.79 -42.66
CA PHE B 223 -7.61 -3.12 -41.39
C PHE B 223 -6.12 -3.16 -41.08
N VAL B 224 -5.46 -2.02 -41.10
CA VAL B 224 -4.00 -1.95 -40.95
C VAL B 224 -3.66 -1.06 -39.76
N THR B 225 -2.94 -1.62 -38.79
CA THR B 225 -2.36 -0.85 -37.70
C THR B 225 -0.86 -1.07 -37.66
N ALA B 226 -0.18 -0.32 -36.81
CA ALA B 226 1.26 -0.43 -36.67
C ALA B 226 1.67 -0.45 -35.21
N ASP B 227 2.76 -1.16 -34.95
CA ASP B 227 3.34 -1.22 -33.62
C ASP B 227 4.84 -1.41 -33.81
N GLY B 228 5.54 -1.81 -32.75
CA GLY B 228 6.95 -2.13 -32.83
C GLY B 228 7.85 -1.15 -32.12
N ILE B 229 7.30 -0.05 -31.63
CA ILE B 229 8.04 0.94 -30.86
C ILE B 229 7.34 1.12 -29.52
N THR B 230 8.07 0.88 -28.44
CA THR B 230 7.50 0.93 -27.10
C THR B 230 7.37 2.37 -26.63
N GLU B 231 7.00 2.55 -25.36
CA GLU B 231 6.77 3.88 -24.82
C GLU B 231 8.09 4.62 -24.62
N GLY B 232 8.14 5.86 -25.10
CA GLY B 232 9.35 6.66 -24.98
C GLY B 232 9.07 8.06 -24.49
N SER C 3 -22.38 12.15 -19.47
CA SER C 3 -23.25 13.17 -18.92
C SER C 3 -24.57 13.23 -19.68
N LYS C 4 -25.36 14.25 -19.39
CA LYS C 4 -26.65 14.44 -20.04
C LYS C 4 -26.56 15.29 -21.30
N GLY C 5 -25.37 15.81 -21.63
CA GLY C 5 -25.21 16.62 -22.81
C GLY C 5 -24.77 15.83 -24.02
N GLU C 6 -24.11 14.70 -23.79
CA GLU C 6 -23.62 13.89 -24.91
C GLU C 6 -24.76 13.20 -25.62
N ARG C 7 -25.85 12.88 -24.90
CA ARG C 7 -26.96 12.13 -25.49
C ARG C 7 -27.76 12.98 -26.47
N LEU C 8 -27.61 14.29 -26.44
CA LEU C 8 -28.32 15.17 -27.36
C LEU C 8 -27.77 15.11 -28.77
N PHE C 9 -26.59 14.54 -28.97
CA PHE C 9 -25.92 14.58 -30.26
C PHE C 9 -25.99 13.27 -31.03
N ARG C 10 -26.74 12.29 -30.54
CA ARG C 10 -26.94 11.06 -31.29
C ARG C 10 -27.86 11.30 -32.47
N GLY C 11 -27.45 10.81 -33.64
CA GLY C 11 -28.22 11.01 -34.84
C GLY C 11 -27.94 12.36 -35.47
N LYS C 12 -28.53 12.56 -36.65
CA LYS C 12 -28.30 13.78 -37.41
C LYS C 12 -29.06 14.95 -36.78
N VAL C 13 -28.37 16.07 -36.62
CA VAL C 13 -28.93 17.26 -35.99
C VAL C 13 -28.84 18.40 -36.99
N PRO C 14 -29.91 19.16 -37.23
CA PRO C 14 -29.82 20.30 -38.14
C PRO C 14 -29.02 21.44 -37.53
N ILE C 15 -28.49 22.28 -38.42
CA ILE C 15 -27.57 23.37 -38.05
C ILE C 15 -28.06 24.66 -38.68
N LEU C 16 -28.18 25.71 -37.88
CA LEU C 16 -28.44 27.06 -38.38
C LEU C 16 -27.28 27.94 -37.99
N VAL C 17 -26.75 28.69 -38.96
CA VAL C 17 -25.59 29.56 -38.77
C VAL C 17 -25.94 30.95 -39.29
N GLU C 18 -25.85 31.95 -38.42
CA GLU C 18 -26.17 33.33 -38.76
C GLU C 18 -25.00 34.22 -38.39
N LEU C 19 -24.48 34.96 -39.36
CA LEU C 19 -23.34 35.85 -39.14
C LEU C 19 -23.71 37.26 -39.57
N LYS C 20 -23.29 38.23 -38.77
CA LYS C 20 -23.49 39.65 -39.05
C LYS C 20 -22.12 40.31 -39.00
N GLY C 21 -21.52 40.55 -40.17
CA GLY C 21 -20.15 41.00 -40.22
C GLY C 21 -19.99 42.47 -40.53
N ASP C 22 -18.80 43.01 -40.26
CA ASP C 22 -18.50 44.41 -40.56
C ASP C 22 -16.99 44.50 -40.75
N VAL C 23 -16.53 44.47 -41.99
CA VAL C 23 -15.11 44.47 -42.30
C VAL C 23 -14.76 45.79 -42.97
N ASN C 24 -14.00 46.62 -42.24
CA ASN C 24 -13.38 47.84 -42.74
C ASN C 24 -14.42 48.83 -43.29
N GLY C 25 -15.58 48.88 -42.63
CA GLY C 25 -16.68 49.67 -43.08
C GLY C 25 -17.69 48.92 -43.93
N HIS C 26 -17.23 47.96 -44.72
CA HIS C 26 -18.11 47.19 -45.58
C HIS C 26 -18.85 46.16 -44.75
N LYS C 27 -20.18 46.20 -44.79
CA LYS C 27 -20.98 45.26 -44.02
C LYS C 27 -21.49 44.14 -44.91
N PHE C 28 -21.73 42.99 -44.30
CA PHE C 28 -22.30 41.85 -45.01
C PHE C 28 -23.03 40.96 -44.00
N SER C 29 -23.67 39.92 -44.53
CA SER C 29 -24.35 38.94 -43.71
C SER C 29 -24.35 37.62 -44.45
N VAL C 30 -24.16 36.54 -43.71
CA VAL C 30 -24.07 35.19 -44.27
C VAL C 30 -24.99 34.29 -43.47
N ARG C 31 -25.92 33.61 -44.15
CA ARG C 31 -26.80 32.64 -43.52
C ARG C 31 -26.44 31.25 -44.00
N GLY C 32 -26.42 30.29 -43.08
CA GLY C 32 -26.08 28.93 -43.42
C GLY C 32 -27.04 27.95 -42.80
N LYS C 33 -27.19 26.81 -43.45
CA LYS C 33 -28.11 25.78 -42.99
C LYS C 33 -27.61 24.43 -43.46
N GLY C 34 -28.05 23.39 -42.75
CA GLY C 34 -27.65 22.04 -43.07
C GLY C 34 -27.72 21.16 -41.84
N LYS C 35 -27.09 20.00 -41.93
CA LYS C 35 -27.15 19.00 -40.88
C LYS C 35 -25.74 18.61 -40.47
N GLY C 36 -25.64 18.01 -39.29
CA GLY C 36 -24.35 17.61 -38.78
C GLY C 36 -24.35 16.29 -38.02
N ASP C 37 -23.51 15.37 -38.44
CA ASP C 37 -23.37 14.06 -37.81
C ASP C 37 -22.29 14.18 -36.74
N ALA C 38 -22.64 13.83 -35.51
CA ALA C 38 -21.69 13.87 -34.40
C ALA C 38 -21.10 12.51 -34.09
N THR C 39 -21.67 11.42 -34.61
CA THR C 39 -21.11 10.10 -34.37
C THR C 39 -19.86 9.88 -35.19
N ASN C 40 -19.83 10.42 -36.40
CA ASN C 40 -18.70 10.27 -37.30
C ASN C 40 -17.83 11.51 -37.37
N GLY C 41 -18.30 12.64 -36.87
CA GLY C 41 -17.58 13.88 -37.02
C GLY C 41 -17.64 14.44 -38.41
N LYS C 42 -18.83 14.67 -38.94
CA LYS C 42 -19.02 15.08 -40.32
C LYS C 42 -20.07 16.19 -40.38
N LEU C 43 -19.77 17.24 -41.13
CA LEU C 43 -20.69 18.36 -41.30
C LEU C 43 -20.94 18.60 -42.78
N THR C 44 -22.17 18.96 -43.12
CA THR C 44 -22.55 19.34 -44.47
C THR C 44 -23.39 20.60 -44.39
N LEU C 45 -22.83 21.74 -44.76
CA LEU C 45 -23.54 23.00 -44.71
C LEU C 45 -23.51 23.67 -46.07
N LYS C 46 -24.47 24.56 -46.29
CA LYS C 46 -24.52 25.40 -47.48
C LYS C 46 -24.73 26.84 -47.04
N PHE C 47 -23.90 27.74 -47.54
CA PHE C 47 -23.91 29.14 -47.13
C PHE C 47 -24.32 30.02 -48.29
N ILE C 48 -25.00 31.12 -47.97
CA ILE C 48 -25.42 32.11 -48.94
C ILE C 48 -25.13 33.50 -48.38
N CYS C 49 -24.81 34.43 -49.28
CA CYS C 49 -24.50 35.82 -48.90
C CYS C 49 -25.75 36.65 -49.15
N THR C 50 -26.47 36.98 -48.08
CA THR C 50 -27.77 37.62 -48.19
C THR C 50 -27.70 39.06 -48.67
N THR C 51 -26.57 39.74 -48.48
CA THR C 51 -26.43 41.14 -48.91
C THR C 51 -25.61 41.25 -50.19
N GLY C 52 -25.77 40.31 -51.11
CA GLY C 52 -25.14 40.42 -52.41
C GLY C 52 -23.72 39.91 -52.48
N LYS C 53 -22.78 40.81 -52.76
CA LYS C 53 -21.38 40.43 -52.88
C LYS C 53 -20.72 40.34 -51.52
N LEU C 54 -19.47 39.90 -51.51
CA LEU C 54 -18.77 39.66 -50.26
C LEU C 54 -17.40 40.35 -50.31
N PRO C 55 -17.04 41.15 -49.31
CA PRO C 55 -15.78 41.89 -49.39
C PRO C 55 -14.55 41.07 -49.05
N VAL C 56 -14.69 39.96 -48.32
CA VAL C 56 -13.56 39.13 -47.94
C VAL C 56 -13.68 37.80 -48.69
N PRO C 57 -12.60 37.03 -48.85
CA PRO C 57 -12.73 35.74 -49.53
C PRO C 57 -13.47 34.73 -48.67
N TRP C 58 -14.14 33.81 -49.36
CA TRP C 58 -14.78 32.69 -48.68
C TRP C 58 -13.86 31.80 -47.84
N PRO C 59 -12.59 31.51 -48.19
CA PRO C 59 -11.79 30.67 -47.28
C PRO C 59 -11.43 31.33 -45.96
N THR C 60 -11.44 32.66 -45.87
CA THR C 60 -11.10 33.29 -44.60
C THR C 60 -12.22 33.18 -43.57
N LEU C 61 -13.45 33.00 -44.01
CA LEU C 61 -14.59 32.91 -43.10
C LEU C 61 -14.92 31.48 -42.72
N VAL C 62 -14.13 30.49 -43.14
CA VAL C 62 -14.44 29.11 -42.83
C VAL C 62 -14.20 28.82 -41.36
N THR C 63 -13.15 29.40 -40.79
CA THR C 63 -12.85 29.20 -39.38
C THR C 63 -13.84 29.92 -38.47
N THR C 64 -14.61 30.86 -38.99
CA THR C 64 -15.61 31.56 -38.19
C THR C 64 -16.94 30.83 -38.20
N LEU C 65 -17.35 30.31 -39.36
CA LEU C 65 -18.67 29.72 -39.52
C LEU C 65 -18.74 28.32 -38.91
N THR C 66 -17.96 27.38 -39.46
CA THR C 66 -18.14 25.97 -39.18
C THR C 66 -17.09 25.38 -38.27
N TRP C 67 -15.99 26.09 -38.07
CA TRP C 67 -15.02 25.72 -37.06
C TRP C 67 -15.39 26.27 -35.70
N GLY C 68 -16.58 26.86 -35.59
CA GLY C 68 -17.13 27.31 -34.33
C GLY C 68 -18.11 26.30 -33.79
N VAL C 69 -18.69 25.48 -34.66
CA VAL C 69 -19.54 24.36 -34.20
C VAL C 69 -18.60 23.18 -34.00
N GLN C 70 -17.93 23.19 -32.85
CA GLN C 70 -17.00 22.14 -32.48
C GLN C 70 -17.59 21.18 -31.47
N CYS C 71 -18.89 21.29 -31.21
CA CYS C 71 -19.61 20.29 -30.44
C CYS C 71 -19.92 19.05 -31.26
N PHE C 72 -19.62 19.09 -32.56
CA PHE C 72 -19.79 17.96 -33.47
C PHE C 72 -18.48 17.23 -33.73
N ALA C 73 -17.65 17.12 -32.70
CA ALA C 73 -16.34 16.48 -32.79
C ALA C 73 -16.47 15.00 -32.44
N ARG C 74 -15.77 14.15 -33.19
CA ARG C 74 -15.81 12.72 -32.95
C ARG C 74 -14.84 12.42 -31.82
N TYR C 75 -15.32 12.52 -30.58
CA TYR C 75 -14.34 12.06 -29.61
C TYR C 75 -14.37 10.55 -29.50
N PRO C 76 -13.20 9.90 -29.42
CA PRO C 76 -13.16 8.44 -29.42
C PRO C 76 -13.72 7.81 -28.15
N LYS C 77 -13.73 6.48 -28.12
CA LYS C 77 -14.30 5.76 -26.98
C LYS C 77 -13.45 5.93 -25.73
N HIS C 78 -12.15 6.14 -25.89
CA HIS C 78 -11.22 6.05 -24.78
C HIS C 78 -10.94 7.39 -24.12
N MET C 79 -11.66 8.46 -24.47
CA MET C 79 -11.51 9.71 -23.75
C MET C 79 -12.81 10.07 -23.00
N LYS C 80 -13.85 10.52 -23.73
CA LYS C 80 -15.23 10.77 -23.27
C LYS C 80 -15.34 11.57 -21.96
N ARG C 81 -14.28 12.27 -21.56
CA ARG C 81 -14.20 12.98 -20.30
C ARG C 81 -13.50 14.31 -20.50
N HIS C 82 -12.79 14.48 -21.61
CA HIS C 82 -12.09 15.70 -21.96
C HIS C 82 -12.90 16.53 -22.93
N ASP C 83 -14.21 16.55 -22.75
CA ASP C 83 -15.16 17.09 -23.71
C ASP C 83 -15.80 18.33 -23.12
N PHE C 84 -15.24 19.49 -23.45
CA PHE C 84 -15.90 20.72 -23.03
C PHE C 84 -17.08 21.05 -23.92
N PHE C 85 -17.00 20.71 -25.20
CA PHE C 85 -17.94 21.26 -26.18
C PHE C 85 -19.33 20.66 -26.04
N LYS C 86 -19.41 19.34 -25.85
CA LYS C 86 -20.71 18.72 -25.67
C LYS C 86 -21.25 18.91 -24.26
N SER C 87 -20.37 19.09 -23.28
CA SER C 87 -20.80 19.21 -21.89
C SER C 87 -21.42 20.56 -21.58
N ALA C 88 -21.19 21.57 -22.40
CA ALA C 88 -21.75 22.89 -22.16
C ALA C 88 -23.17 23.04 -22.68
N MET C 89 -23.73 22.01 -23.21
CA MET C 89 -25.05 21.88 -23.82
C MET C 89 -26.05 21.34 -22.80
N PRO C 90 -27.36 21.67 -22.91
CA PRO C 90 -28.06 22.47 -23.93
C PRO C 90 -28.05 23.95 -23.64
N LYS C 91 -27.36 24.36 -22.57
CA LYS C 91 -27.26 25.77 -22.26
C LYS C 91 -26.48 26.54 -23.31
N GLY C 92 -25.30 26.03 -23.67
CA GLY C 92 -24.49 26.62 -24.72
C GLY C 92 -23.17 27.16 -24.18
N TYR C 93 -22.42 27.76 -25.09
CA TYR C 93 -21.14 28.37 -24.73
C TYR C 93 -20.87 29.56 -25.64
N VAL C 94 -19.97 30.42 -25.20
CA VAL C 94 -19.62 31.66 -25.89
C VAL C 94 -18.20 31.52 -26.41
N GLN C 95 -18.03 31.63 -27.72
CA GLN C 95 -16.74 31.45 -28.37
C GLN C 95 -16.27 32.76 -28.98
N GLU C 96 -15.09 33.22 -28.58
CA GLU C 96 -14.51 34.45 -29.09
C GLU C 96 -13.14 34.14 -29.68
N ARG C 97 -12.86 34.70 -30.86
CA ARG C 97 -11.56 34.50 -31.50
C ARG C 97 -10.89 35.83 -31.76
N THR C 98 -9.63 35.74 -32.17
CA THR C 98 -8.84 36.88 -32.63
C THR C 98 -7.99 36.37 -33.78
N ILE C 99 -8.44 36.57 -35.00
CA ILE C 99 -7.82 35.99 -36.19
C ILE C 99 -6.85 37.03 -36.74
N SER C 100 -5.57 36.88 -36.46
CA SER C 100 -4.59 37.89 -36.82
C SER C 100 -3.83 37.42 -38.06
N PHE C 101 -4.04 38.12 -39.16
CA PHE C 101 -3.35 37.83 -40.42
C PHE C 101 -1.95 38.41 -40.39
N LYS C 102 -1.01 37.71 -41.02
CA LYS C 102 0.35 38.21 -41.11
C LYS C 102 0.42 39.35 -42.13
N LYS C 103 1.08 40.45 -41.73
CA LYS C 103 1.25 41.66 -42.53
C LYS C 103 -0.08 42.25 -43.00
N ASP C 104 -1.10 42.13 -42.16
CA ASP C 104 -2.44 42.58 -42.48
C ASP C 104 -3.20 42.73 -41.15
N GLY C 105 -4.49 43.06 -41.22
CA GLY C 105 -5.27 43.35 -40.04
C GLY C 105 -5.75 42.12 -39.32
N THR C 106 -6.87 42.26 -38.60
CA THR C 106 -7.28 41.27 -37.63
C THR C 106 -8.81 41.17 -37.61
N TYR C 107 -9.34 39.96 -37.50
CA TYR C 107 -10.75 39.78 -37.17
C TYR C 107 -10.96 39.73 -35.67
N LYS C 108 -12.15 40.15 -35.25
CA LYS C 108 -12.60 40.03 -33.87
C LYS C 108 -13.99 39.43 -33.91
N THR C 109 -14.15 38.20 -33.43
CA THR C 109 -15.42 37.52 -33.47
C THR C 109 -15.91 37.21 -32.07
N ARG C 110 -17.23 37.14 -31.91
CA ARG C 110 -17.84 36.45 -30.79
C ARG C 110 -19.01 35.65 -31.31
N ALA C 111 -19.37 34.59 -30.59
CA ALA C 111 -20.40 33.69 -31.06
C ALA C 111 -21.11 33.06 -29.87
N GLU C 112 -22.30 32.52 -30.14
CA GLU C 112 -23.05 31.77 -29.15
C GLU C 112 -23.58 30.52 -29.82
N VAL C 113 -23.04 29.37 -29.44
CA VAL C 113 -23.45 28.09 -29.98
C VAL C 113 -24.33 27.43 -28.94
N LYS C 114 -25.63 27.32 -29.23
CA LYS C 114 -26.56 26.75 -28.27
C LYS C 114 -27.77 26.22 -29.01
N PHE C 115 -28.49 25.32 -28.34
CA PHE C 115 -29.71 24.73 -28.87
C PHE C 115 -30.87 25.71 -28.84
N GLU C 116 -31.73 25.63 -29.85
CA GLU C 116 -33.06 26.24 -29.84
C GLU C 116 -34.05 25.12 -30.11
N GLY C 117 -34.41 24.40 -29.04
CA GLY C 117 -35.33 23.30 -29.15
C GLY C 117 -34.64 22.05 -29.67
N ARG C 118 -34.40 22.01 -30.98
CA ARG C 118 -33.62 20.93 -31.57
C ARG C 118 -32.57 21.42 -32.55
N THR C 119 -32.80 22.54 -33.24
CA THR C 119 -31.87 23.06 -34.24
C THR C 119 -30.73 23.77 -33.52
N LEU C 120 -29.51 23.28 -33.72
CA LEU C 120 -28.32 23.90 -33.15
C LEU C 120 -28.03 25.20 -33.89
N VAL C 121 -28.16 26.32 -33.19
CA VAL C 121 -28.11 27.64 -33.79
C VAL C 121 -26.80 28.31 -33.36
N ASN C 122 -26.05 28.78 -34.35
CA ASN C 122 -24.81 29.52 -34.14
C ASN C 122 -25.04 30.96 -34.56
N ARG C 123 -24.69 31.91 -33.70
CA ARG C 123 -24.96 33.32 -33.94
C ARG C 123 -23.67 34.11 -33.78
N ILE C 124 -23.08 34.53 -34.88
CA ILE C 124 -21.75 35.13 -34.91
C ILE C 124 -21.89 36.63 -35.14
N LYS C 125 -21.20 37.42 -34.33
CA LYS C 125 -20.92 38.81 -34.63
C LYS C 125 -19.44 38.94 -34.97
N LEU C 126 -19.13 39.53 -36.11
CA LEU C 126 -17.77 39.68 -36.58
C LEU C 126 -17.47 41.14 -36.87
N LYS C 127 -16.23 41.55 -36.64
CA LYS C 127 -15.84 42.94 -36.89
C LYS C 127 -14.35 42.93 -37.16
N GLY C 128 -13.96 43.29 -38.38
CA GLY C 128 -12.56 43.34 -38.73
C GLY C 128 -12.09 44.77 -38.98
N ARG C 129 -10.79 45.00 -38.88
CA ARG C 129 -10.23 46.32 -39.07
C ARG C 129 -8.79 46.17 -39.52
N ASP C 130 -8.17 47.31 -39.84
CA ASP C 130 -6.74 47.44 -40.17
C ASP C 130 -6.34 46.66 -41.41
N PHE C 131 -7.30 46.29 -42.26
CA PHE C 131 -6.98 45.63 -43.53
C PHE C 131 -6.50 46.68 -44.51
N LYS C 132 -5.30 46.49 -45.04
CA LYS C 132 -4.79 47.38 -46.07
C LYS C 132 -5.51 47.11 -47.39
N GLU C 133 -5.73 48.18 -48.14
CA GLU C 133 -6.37 48.06 -49.45
C GLU C 133 -5.39 47.49 -50.46
N LYS C 134 -5.96 46.79 -51.46
CA LYS C 134 -5.21 46.03 -52.47
C LYS C 134 -4.26 45.02 -51.83
N GLY C 135 -4.72 44.39 -50.75
CA GLY C 135 -4.01 43.31 -50.12
C GLY C 135 -4.44 41.97 -50.67
N ASN C 136 -4.09 40.91 -49.95
CA ASN C 136 -4.54 39.58 -50.34
C ASN C 136 -6.03 39.40 -50.03
N ILE C 137 -6.47 39.83 -48.85
CA ILE C 137 -7.84 39.59 -48.43
C ILE C 137 -8.81 40.53 -49.16
N LEU C 138 -8.58 41.84 -49.08
CA LEU C 138 -9.49 42.77 -49.73
C LEU C 138 -9.35 42.76 -51.24
N GLY C 139 -8.22 42.32 -51.76
CA GLY C 139 -8.04 42.21 -53.19
C GLY C 139 -8.51 40.91 -53.80
N HIS C 140 -9.07 40.00 -52.98
CA HIS C 140 -9.52 38.66 -53.36
C HIS C 140 -8.41 37.87 -54.06
N LYS C 141 -7.21 37.97 -53.53
CA LYS C 141 -6.06 37.27 -54.07
C LYS C 141 -5.90 35.88 -53.48
N LEU C 142 -6.86 35.40 -52.71
CA LEU C 142 -6.79 34.07 -52.13
C LEU C 142 -7.41 33.06 -53.08
N ARG C 143 -6.83 31.87 -53.13
CA ARG C 143 -7.42 30.80 -53.90
C ARG C 143 -8.62 30.23 -53.18
N TYR C 144 -9.48 29.55 -53.94
CA TYR C 144 -10.65 28.89 -53.37
C TYR C 144 -10.32 27.41 -53.15
N ASN C 145 -9.49 27.17 -52.15
CA ASN C 145 -9.14 25.82 -51.73
C ASN C 145 -9.72 25.55 -50.34
N GLY C 146 -9.53 24.33 -49.89
CA GLY C 146 -9.99 23.93 -48.57
C GLY C 146 -9.07 24.43 -47.48
N ILE C 147 -9.13 23.74 -46.34
CA ILE C 147 -8.46 24.21 -45.13
C ILE C 147 -8.36 23.03 -44.17
N SER C 148 -7.19 22.89 -43.52
CA SER C 148 -6.94 21.80 -42.60
C SER C 148 -5.72 22.05 -41.73
N ASP C 149 -5.88 21.97 -40.40
CA ASP C 149 -4.76 21.93 -39.47
C ASP C 149 -5.30 21.35 -38.16
N LYS C 150 -4.49 21.42 -37.11
CA LYS C 150 -4.84 20.92 -35.79
C LYS C 150 -5.23 22.09 -34.91
N VAL C 151 -6.08 21.82 -33.91
CA VAL C 151 -6.57 22.85 -33.00
C VAL C 151 -6.10 22.48 -31.60
N TYR C 152 -4.97 23.05 -31.16
CA TYR C 152 -4.38 22.67 -29.89
C TYR C 152 -5.18 23.26 -28.73
N ILE C 153 -5.97 22.41 -28.07
CA ILE C 153 -6.89 22.82 -27.03
C ILE C 153 -6.24 22.60 -25.67
N THR C 154 -6.21 23.64 -24.84
CA THR C 154 -5.74 23.53 -23.47
C THR C 154 -6.77 24.12 -22.52
N ALA C 155 -6.71 23.69 -21.27
CA ALA C 155 -7.74 24.04 -20.30
C ALA C 155 -7.42 25.34 -19.59
N ASP C 156 -8.47 26.01 -19.12
CA ASP C 156 -8.36 27.27 -18.40
C ASP C 156 -9.28 27.22 -17.18
N LYS C 157 -8.67 27.05 -16.00
CA LYS C 157 -9.45 26.81 -14.79
C LYS C 157 -10.18 28.07 -14.32
N ARG C 158 -9.63 29.25 -14.62
CA ARG C 158 -10.12 30.50 -14.03
C ARG C 158 -11.50 30.87 -14.58
N LYS C 159 -11.63 30.92 -15.90
CA LYS C 159 -12.89 31.29 -16.52
C LYS C 159 -13.84 30.12 -16.71
N ASN C 160 -13.51 28.95 -16.15
CA ASN C 160 -14.29 27.71 -16.23
C ASN C 160 -14.55 27.31 -17.68
N GLY C 161 -13.55 27.50 -18.52
CA GLY C 161 -13.67 27.20 -19.93
C GLY C 161 -12.37 26.65 -20.49
N ILE C 162 -12.20 26.72 -21.80
CA ILE C 162 -10.98 26.29 -22.44
C ILE C 162 -10.42 27.44 -23.27
N LYS C 163 -9.25 27.22 -23.83
CA LYS C 163 -8.68 28.13 -24.80
C LYS C 163 -7.87 27.30 -25.79
N ALA C 164 -7.98 27.66 -27.07
CA ALA C 164 -7.27 26.96 -28.11
C ALA C 164 -6.45 27.96 -28.89
N LYS C 165 -5.51 27.44 -29.68
CA LYS C 165 -4.46 28.28 -30.24
C LYS C 165 -3.88 27.53 -31.43
N PHE C 166 -4.06 28.07 -32.63
CA PHE C 166 -3.59 27.38 -33.82
C PHE C 166 -3.41 28.40 -34.93
N LYS C 167 -2.84 27.94 -36.03
CA LYS C 167 -2.58 28.80 -37.16
C LYS C 167 -2.99 28.09 -38.43
N ILE C 168 -3.32 28.87 -39.45
CA ILE C 168 -3.96 28.37 -40.66
C ILE C 168 -3.19 28.90 -41.86
N ARG C 169 -2.92 28.02 -42.82
CA ARG C 169 -2.17 28.38 -44.02
C ARG C 169 -3.13 28.43 -45.20
N HIS C 170 -3.40 29.63 -45.70
CA HIS C 170 -4.24 29.84 -46.87
C HIS C 170 -3.38 29.94 -48.12
N ASN C 171 -3.86 29.38 -49.22
CA ASN C 171 -3.13 29.40 -50.47
C ASN C 171 -3.46 30.65 -51.27
N VAL C 172 -2.44 31.22 -51.91
CA VAL C 172 -2.56 32.46 -52.66
C VAL C 172 -2.45 32.12 -54.14
N LYS C 173 -3.10 32.92 -54.99
CA LYS C 173 -3.03 32.77 -56.44
C LYS C 173 -1.62 32.98 -57.00
N ASP C 174 -0.77 33.74 -56.31
CA ASP C 174 0.58 34.01 -56.77
C ASP C 174 1.58 32.94 -56.33
N GLY C 175 1.11 31.84 -55.72
CA GLY C 175 1.98 30.79 -55.27
C GLY C 175 2.49 30.93 -53.86
N SER C 176 2.19 32.04 -53.18
CA SER C 176 2.66 32.26 -51.82
C SER C 176 1.65 31.66 -50.83
N VAL C 177 1.86 31.89 -49.55
CA VAL C 177 1.00 31.37 -48.49
C VAL C 177 0.62 32.52 -47.57
N GLN C 178 -0.69 32.73 -47.39
CA GLN C 178 -1.22 33.71 -46.46
C GLN C 178 -1.54 33.02 -45.15
N LEU C 179 -0.98 33.50 -44.06
CA LEU C 179 -1.14 32.83 -42.77
C LEU C 179 -2.27 33.48 -41.97
N ALA C 180 -2.68 32.80 -40.91
CA ALA C 180 -3.80 33.27 -40.09
C ALA C 180 -3.65 32.66 -38.70
N ASP C 181 -3.23 33.48 -37.74
CA ASP C 181 -3.08 32.99 -36.37
C ASP C 181 -4.40 33.08 -35.64
N HIS C 182 -4.82 31.97 -35.05
CA HIS C 182 -6.11 31.88 -34.36
C HIS C 182 -5.89 31.70 -32.87
N TYR C 183 -6.49 32.59 -32.07
CA TYR C 183 -6.45 32.52 -30.62
C TYR C 183 -7.88 32.54 -30.14
N GLN C 184 -8.37 31.44 -29.57
CA GLN C 184 -9.78 31.42 -29.20
C GLN C 184 -9.97 31.13 -27.72
N GLN C 185 -11.16 31.48 -27.25
CA GLN C 185 -11.58 31.29 -25.86
C GLN C 185 -13.00 30.79 -25.86
N ASN C 186 -13.27 29.73 -25.11
CA ASN C 186 -14.62 29.25 -24.90
C ASN C 186 -15.01 29.45 -23.45
N THR C 187 -16.28 29.80 -23.22
CA THR C 187 -16.79 30.07 -21.92
C THR C 187 -18.26 29.64 -21.96
N PRO C 188 -18.71 28.82 -21.03
CA PRO C 188 -20.12 28.40 -21.05
C PRO C 188 -21.04 29.55 -20.64
N ILE C 189 -22.27 29.46 -21.11
CA ILE C 189 -23.27 30.46 -20.76
C ILE C 189 -23.65 30.32 -19.29
N GLY C 190 -23.64 29.10 -18.76
CA GLY C 190 -23.84 28.88 -17.34
C GLY C 190 -24.96 27.90 -17.07
N ARG C 191 -24.98 27.29 -15.89
CA ARG C 191 -23.97 27.46 -14.85
C ARG C 191 -23.65 26.05 -14.32
N GLY C 192 -24.25 25.06 -14.98
CA GLY C 192 -23.98 23.67 -14.68
C GLY C 192 -22.53 23.32 -14.94
N PRO C 193 -21.90 22.65 -13.97
CA PRO C 193 -20.47 22.35 -14.08
C PRO C 193 -20.17 21.39 -15.23
N VAL C 194 -19.07 21.69 -15.93
CA VAL C 194 -18.75 21.03 -17.18
C VAL C 194 -17.44 20.26 -17.04
N LEU C 195 -17.04 19.59 -18.12
CA LEU C 195 -15.81 18.83 -18.14
C LEU C 195 -14.66 19.75 -18.56
N LEU C 196 -13.57 19.71 -17.81
CA LEU C 196 -12.39 20.47 -18.19
C LEU C 196 -11.33 19.52 -18.74
N PRO C 197 -10.97 19.62 -20.01
CA PRO C 197 -10.06 18.65 -20.62
C PRO C 197 -8.61 18.79 -20.17
N ARG C 198 -7.75 17.96 -20.73
CA ARG C 198 -6.31 18.02 -20.42
C ARG C 198 -5.53 17.88 -21.73
N ASN C 199 -5.32 19.01 -22.42
CA ASN C 199 -4.32 19.19 -23.45
C ASN C 199 -4.43 18.19 -24.61
N HIS C 200 -5.59 18.19 -25.26
CA HIS C 200 -5.77 17.39 -26.46
C HIS C 200 -5.83 18.33 -27.66
N TYR C 201 -6.11 17.78 -28.84
CA TYR C 201 -6.25 18.60 -30.02
C TYR C 201 -7.29 18.00 -30.94
N LEU C 202 -7.60 18.73 -32.01
CA LEU C 202 -8.64 18.33 -32.96
C LEU C 202 -8.04 18.24 -34.35
N SER C 203 -7.89 17.03 -34.87
CA SER C 203 -7.51 16.85 -36.26
C SER C 203 -8.70 17.18 -37.13
N THR C 204 -8.59 18.23 -37.93
CA THR C 204 -9.72 18.78 -38.67
C THR C 204 -9.36 19.07 -40.11
N ARG C 205 -10.28 18.76 -41.02
CA ARG C 205 -10.18 19.11 -42.43
C ARG C 205 -11.52 19.62 -42.91
N SER C 206 -11.50 20.65 -43.76
CA SER C 206 -12.71 21.11 -44.42
C SER C 206 -12.46 21.20 -45.92
N VAL C 207 -13.43 20.76 -46.69
CA VAL C 207 -13.36 20.72 -48.15
C VAL C 207 -14.42 21.67 -48.70
N LEU C 208 -14.00 22.60 -49.55
CA LEU C 208 -14.91 23.59 -50.10
C LEU C 208 -15.25 23.25 -51.54
N SER C 209 -16.52 23.45 -51.90
CA SER C 209 -16.99 23.22 -53.26
C SER C 209 -18.19 24.13 -53.51
N LYS C 210 -18.67 24.11 -54.74
CA LYS C 210 -19.78 24.95 -55.14
C LYS C 210 -20.95 24.11 -55.66
N ASP C 211 -22.10 24.77 -55.75
CA ASP C 211 -23.33 24.16 -56.22
C ASP C 211 -23.62 24.68 -57.61
N PRO C 212 -23.76 23.82 -58.63
CA PRO C 212 -23.96 24.34 -60.00
C PRO C 212 -25.39 24.73 -60.33
N LYS C 213 -26.24 24.86 -59.32
CA LYS C 213 -27.63 25.24 -59.51
C LYS C 213 -27.98 26.57 -58.85
N GLU C 214 -26.99 27.29 -58.32
CA GLU C 214 -27.22 28.54 -57.61
C GLU C 214 -26.78 29.74 -58.44
N LYS C 215 -27.23 30.90 -58.02
CA LYS C 215 -26.90 32.17 -58.65
C LYS C 215 -26.22 33.14 -57.70
N ARG C 216 -26.64 33.16 -56.44
CA ARG C 216 -26.03 34.03 -55.44
C ARG C 216 -24.64 33.53 -55.06
N ASP C 217 -23.86 34.42 -54.45
CA ASP C 217 -22.53 34.08 -53.99
C ASP C 217 -22.64 33.10 -52.84
N HIS C 218 -22.13 31.88 -53.03
CA HIS C 218 -22.43 30.78 -52.12
C HIS C 218 -21.19 29.93 -51.92
N MET C 219 -21.32 28.94 -51.04
CA MET C 219 -20.22 28.03 -50.71
C MET C 219 -20.81 26.79 -50.08
N VAL C 220 -20.35 25.62 -50.52
CA VAL C 220 -20.77 24.34 -49.97
C VAL C 220 -19.60 23.75 -49.22
N LEU C 221 -19.84 23.30 -47.99
CA LEU C 221 -18.76 22.92 -47.10
C LEU C 221 -18.94 21.48 -46.60
N LEU C 222 -17.82 20.78 -46.46
CA LEU C 222 -17.79 19.40 -45.97
C LEU C 222 -16.62 19.28 -45.00
N GLU C 223 -16.92 19.10 -43.72
CA GLU C 223 -15.92 19.16 -42.66
C GLU C 223 -15.84 17.82 -41.95
N PHE C 224 -14.61 17.42 -41.61
CA PHE C 224 -14.32 16.20 -40.87
C PHE C 224 -13.55 16.56 -39.62
N VAL C 225 -14.06 16.17 -38.45
CA VAL C 225 -13.45 16.53 -37.18
C VAL C 225 -13.22 15.26 -36.37
N THR C 226 -12.02 15.13 -35.80
CA THR C 226 -11.74 14.05 -34.85
C THR C 226 -10.68 14.55 -33.88
N ALA C 227 -10.45 13.79 -32.82
CA ALA C 227 -9.51 14.21 -31.79
C ALA C 227 -8.44 13.16 -31.54
N ALA C 228 -7.38 13.59 -30.85
CA ALA C 228 -6.23 12.76 -30.51
C ALA C 228 -5.50 13.45 -29.37
N GLY C 229 -4.29 13.00 -29.08
CA GLY C 229 -3.41 13.68 -28.15
C GLY C 229 -3.38 13.12 -26.75
N ILE C 230 -4.24 12.18 -26.41
CA ILE C 230 -4.26 11.56 -25.09
C ILE C 230 -4.08 10.06 -25.27
N LYS C 231 -3.16 9.48 -24.49
CA LYS C 231 -2.69 8.10 -24.66
C LYS C 231 -3.32 7.16 -23.66
N HIS C 232 -4.63 7.31 -23.39
CA HIS C 232 -5.32 6.39 -22.49
C HIS C 232 -5.38 4.98 -23.06
N GLY C 233 -5.98 4.82 -24.23
CA GLY C 233 -6.07 3.52 -24.88
C GLY C 233 -7.11 2.60 -24.28
N SER D 2 -18.68 41.53 19.11
CA SER D 2 -17.99 42.64 18.47
C SER D 2 -17.73 42.36 17.01
N LYS D 3 -17.69 41.08 16.65
CA LYS D 3 -17.44 40.67 15.29
C LYS D 3 -18.68 40.93 14.42
N GLY D 4 -18.44 41.40 13.20
CA GLY D 4 -19.51 41.61 12.25
C GLY D 4 -19.77 40.46 11.30
N GLU D 5 -19.06 39.35 11.47
CA GLU D 5 -19.23 38.21 10.58
C GLU D 5 -20.58 37.55 10.73
N GLU D 6 -21.13 37.54 11.95
CA GLU D 6 -22.40 36.85 12.18
C GLU D 6 -23.61 37.68 11.75
N LEU D 7 -23.42 38.95 11.39
CA LEU D 7 -24.51 39.76 10.90
C LEU D 7 -24.97 39.39 9.51
N PHE D 8 -24.26 38.52 8.81
CA PHE D 8 -24.57 38.14 7.44
C PHE D 8 -24.95 36.67 7.35
N THR D 9 -25.77 36.20 8.29
CA THR D 9 -26.27 34.84 8.28
C THR D 9 -27.68 34.84 7.70
N GLY D 10 -27.88 34.05 6.67
CA GLY D 10 -29.22 33.90 6.08
C GLY D 10 -29.45 34.90 4.96
N VAL D 11 -30.42 35.77 5.15
CA VAL D 11 -30.92 36.66 4.11
C VAL D 11 -31.00 38.06 4.68
N VAL D 12 -30.32 39.00 4.04
CA VAL D 12 -30.18 40.37 4.53
C VAL D 12 -30.88 41.31 3.54
N PRO D 13 -31.72 42.22 3.99
CA PRO D 13 -32.30 43.21 3.07
C PRO D 13 -31.26 44.22 2.60
N ILE D 14 -31.37 44.62 1.33
CA ILE D 14 -30.42 45.49 0.68
C ILE D 14 -31.17 46.71 0.15
N LEU D 15 -30.53 47.88 0.21
CA LEU D 15 -31.04 49.10 -0.40
C LEU D 15 -29.90 49.83 -1.08
N VAL D 16 -30.07 50.16 -2.37
CA VAL D 16 -29.04 50.80 -3.17
C VAL D 16 -29.59 52.11 -3.69
N GLU D 17 -28.81 53.18 -3.57
CA GLU D 17 -29.21 54.50 -4.05
C GLU D 17 -28.05 55.17 -4.77
N LEU D 18 -28.34 55.85 -5.88
CA LEU D 18 -27.31 56.49 -6.69
C LEU D 18 -27.76 57.89 -7.09
N ASP D 19 -26.79 58.80 -7.20
CA ASP D 19 -27.00 60.14 -7.75
C ASP D 19 -25.95 60.37 -8.83
N GLY D 20 -26.40 60.38 -10.08
CA GLY D 20 -25.46 60.46 -11.19
C GLY D 20 -25.35 61.82 -11.85
N ASP D 21 -24.22 62.07 -12.50
CA ASP D 21 -23.99 63.32 -13.21
C ASP D 21 -23.03 62.99 -14.35
N VAL D 22 -23.59 62.75 -15.54
CA VAL D 22 -22.82 62.32 -16.69
C VAL D 22 -22.99 63.38 -17.77
N ASN D 23 -21.96 64.21 -17.96
CA ASN D 23 -21.96 65.36 -18.88
C ASN D 23 -23.12 66.31 -18.62
N GLY D 24 -23.46 66.50 -17.34
CA GLY D 24 -24.57 67.34 -16.96
C GLY D 24 -25.90 66.64 -16.87
N HIS D 25 -26.04 65.45 -17.46
CA HIS D 25 -27.28 64.69 -17.36
C HIS D 25 -27.41 64.14 -15.95
N LYS D 26 -28.51 64.45 -15.29
CA LYS D 26 -28.72 64.05 -13.90
C LYS D 26 -29.75 62.94 -13.83
N PHE D 27 -29.45 61.91 -13.04
CA PHE D 27 -30.35 60.77 -12.92
C PHE D 27 -30.21 60.17 -11.53
N SER D 28 -31.01 59.14 -11.27
CA SER D 28 -31.00 58.46 -9.99
C SER D 28 -31.48 57.03 -10.19
N VAL D 29 -30.81 56.08 -9.56
CA VAL D 29 -31.13 54.67 -9.65
C VAL D 29 -31.37 54.16 -8.23
N ARG D 30 -32.46 53.42 -8.05
CA ARG D 30 -32.82 52.86 -6.75
C ARG D 30 -32.95 51.36 -6.88
N GLY D 31 -32.35 50.62 -5.96
CA GLY D 31 -32.36 49.17 -6.02
C GLY D 31 -32.70 48.55 -4.68
N GLU D 32 -33.45 47.45 -4.74
CA GLU D 32 -33.86 46.71 -3.56
C GLU D 32 -33.79 45.22 -3.85
N GLY D 33 -33.53 44.44 -2.81
CA GLY D 33 -33.44 43.00 -2.97
C GLY D 33 -33.02 42.29 -1.70
N GLU D 34 -32.24 41.22 -1.84
CA GLU D 34 -31.80 40.45 -0.68
C GLU D 34 -30.52 39.72 -1.04
N GLY D 35 -29.74 39.38 -0.01
CA GLY D 35 -28.44 38.77 -0.23
C GLY D 35 -28.19 37.62 0.74
N ASP D 36 -27.50 36.61 0.23
CA ASP D 36 -27.22 35.37 0.97
C ASP D 36 -25.71 35.17 1.03
N ALA D 37 -25.07 35.64 2.10
CA ALA D 37 -23.62 35.65 2.16
C ALA D 37 -23.01 34.29 2.48
N ASP D 38 -23.81 33.24 2.63
CA ASP D 38 -23.27 31.92 2.87
C ASP D 38 -23.00 31.16 1.58
N ASN D 39 -23.64 31.55 0.49
CA ASN D 39 -23.39 30.98 -0.81
C ASN D 39 -22.85 32.00 -1.80
N GLY D 40 -22.77 33.26 -1.41
CA GLY D 40 -22.50 34.32 -2.35
C GLY D 40 -23.69 34.73 -3.18
N LYS D 41 -24.84 34.12 -2.93
CA LYS D 41 -26.03 34.36 -3.73
C LYS D 41 -26.58 35.73 -3.44
N LEU D 42 -26.98 36.42 -4.50
CA LEU D 42 -27.34 37.82 -4.43
C LEU D 42 -28.40 38.09 -5.50
N ASP D 43 -29.44 38.83 -5.13
CA ASP D 43 -30.55 39.05 -6.05
C ASP D 43 -31.25 40.35 -5.70
N LEU D 44 -31.35 41.24 -6.68
CA LEU D 44 -31.91 42.57 -6.42
C LEU D 44 -32.35 43.16 -7.75
N LYS D 45 -33.07 44.29 -7.67
CA LYS D 45 -33.76 44.85 -8.82
C LYS D 45 -33.70 46.37 -8.79
N PHE D 46 -33.31 46.97 -9.91
CA PHE D 46 -33.09 48.40 -10.01
C PHE D 46 -34.17 49.05 -10.85
N ILE D 47 -34.48 50.31 -10.56
CA ILE D 47 -35.34 51.14 -11.40
C ILE D 47 -34.68 52.50 -11.54
N CYS D 48 -35.01 53.20 -12.61
CA CYS D 48 -34.47 54.53 -12.86
C CYS D 48 -35.59 55.53 -12.61
N THR D 49 -35.52 56.24 -11.50
CA THR D 49 -36.64 57.05 -11.02
C THR D 49 -36.74 58.41 -11.71
N THR D 50 -35.83 58.73 -12.62
CA THR D 50 -35.93 59.99 -13.34
C THR D 50 -36.12 59.77 -14.84
N GLY D 51 -36.87 58.74 -15.21
CA GLY D 51 -37.21 58.51 -16.61
C GLY D 51 -36.23 57.58 -17.31
N LYS D 52 -35.36 58.14 -18.13
CA LYS D 52 -34.43 57.39 -18.95
C LYS D 52 -33.05 57.37 -18.31
N LEU D 53 -32.17 56.53 -18.85
CA LEU D 53 -30.82 56.40 -18.31
C LEU D 53 -29.81 56.82 -19.37
N PRO D 54 -28.91 57.75 -19.09
CA PRO D 54 -27.93 58.19 -20.08
C PRO D 54 -26.90 57.14 -20.44
N VAL D 55 -26.30 56.48 -19.46
CA VAL D 55 -25.25 55.49 -19.68
C VAL D 55 -25.93 54.13 -19.83
N PRO D 56 -25.25 53.14 -20.40
CA PRO D 56 -25.85 51.81 -20.46
C PRO D 56 -25.86 51.15 -19.10
N TRP D 57 -26.74 50.16 -18.97
CA TRP D 57 -26.84 49.41 -17.72
C TRP D 57 -25.61 48.57 -17.35
N PRO D 58 -24.88 47.90 -18.26
CA PRO D 58 -23.69 47.17 -17.80
C PRO D 58 -22.54 48.06 -17.34
N THR D 59 -22.52 49.35 -17.62
CA THR D 59 -21.49 50.20 -17.04
C THR D 59 -21.72 50.45 -15.56
N LEU D 60 -22.97 50.37 -15.11
CA LEU D 60 -23.32 50.62 -13.71
C LEU D 60 -23.40 49.34 -12.90
N VAL D 61 -23.01 48.20 -13.46
CA VAL D 61 -23.02 46.98 -12.65
C VAL D 61 -21.84 46.97 -11.70
N THR D 62 -20.69 47.48 -12.15
CA THR D 62 -19.52 47.53 -11.28
C THR D 62 -19.61 48.61 -10.22
N THR D 63 -20.63 49.45 -10.25
CA THR D 63 -20.83 50.50 -9.27
C THR D 63 -22.00 50.24 -8.34
N LEU D 64 -23.08 49.64 -8.84
CA LEU D 64 -24.26 49.45 -7.99
C LEU D 64 -24.12 48.24 -7.08
N THR D 65 -24.20 47.03 -7.62
CA THR D 65 -24.04 45.86 -6.78
C THR D 65 -22.66 45.25 -6.95
N TYR D 66 -21.65 46.08 -6.78
CA TYR D 66 -20.31 45.58 -6.83
C TYR D 66 -19.45 46.36 -5.88
N GLY D 67 -20.02 47.36 -5.22
CA GLY D 67 -19.47 47.97 -4.04
C GLY D 67 -19.96 47.31 -2.77
N VAL D 68 -21.08 46.60 -2.84
CA VAL D 68 -21.48 45.75 -1.73
C VAL D 68 -20.83 44.40 -1.94
N GLN D 69 -19.55 44.32 -1.58
CA GLN D 69 -18.77 43.10 -1.71
C GLN D 69 -18.75 42.30 -0.43
N CYS D 70 -19.49 42.75 0.59
CA CYS D 70 -19.61 42.06 1.85
C CYS D 70 -20.40 40.77 1.73
N PHE D 71 -21.11 40.55 0.63
CA PHE D 71 -21.85 39.32 0.38
C PHE D 71 -21.01 38.29 -0.35
N SER D 72 -19.70 38.32 -0.17
CA SER D 72 -18.79 37.38 -0.83
C SER D 72 -18.64 36.13 0.02
N ARG D 73 -18.73 34.98 -0.64
CA ARG D 73 -18.68 33.70 0.05
C ARG D 73 -17.23 33.37 0.36
N TYR D 74 -16.78 33.73 1.56
CA TYR D 74 -15.41 33.28 1.76
C TYR D 74 -15.40 31.86 2.30
N PRO D 75 -14.48 31.02 1.85
CA PRO D 75 -14.35 29.67 2.40
C PRO D 75 -13.85 29.72 3.83
N ASP D 76 -13.96 28.57 4.50
CA ASP D 76 -13.72 28.50 5.94
C ASP D 76 -12.27 28.73 6.31
N HIS D 77 -11.34 28.48 5.40
CA HIS D 77 -9.92 28.73 5.66
C HIS D 77 -9.52 30.18 5.42
N MET D 78 -10.48 31.08 5.16
CA MET D 78 -10.15 32.49 4.98
C MET D 78 -11.17 33.41 5.64
N LYS D 79 -11.88 32.95 6.66
CA LYS D 79 -12.92 33.78 7.26
C LYS D 79 -12.35 34.95 8.07
N GLU D 80 -11.06 34.92 8.39
CA GLU D 80 -10.40 35.99 9.13
C GLU D 80 -9.72 37.01 8.23
N HIS D 81 -9.70 36.76 6.93
CA HIS D 81 -9.07 37.64 5.95
C HIS D 81 -10.12 38.45 5.21
N ASP D 82 -11.13 38.91 5.92
CA ASP D 82 -12.33 39.48 5.34
C ASP D 82 -12.45 40.93 5.80
N PHE D 83 -12.07 41.85 4.92
CA PHE D 83 -12.18 43.26 5.27
C PHE D 83 -13.63 43.72 5.29
N PHE D 84 -14.48 43.12 4.46
CA PHE D 84 -15.78 43.73 4.20
C PHE D 84 -16.80 43.37 5.27
N LYS D 85 -16.85 42.11 5.69
CA LYS D 85 -17.79 41.75 6.75
C LYS D 85 -17.32 42.26 8.11
N SER D 86 -16.01 42.43 8.29
CA SER D 86 -15.48 42.80 9.59
C SER D 86 -15.56 44.31 9.85
N ALA D 87 -15.78 45.11 8.82
CA ALA D 87 -15.91 46.55 9.03
C ALA D 87 -17.33 46.97 9.37
N MET D 88 -18.21 46.04 9.62
CA MET D 88 -19.62 46.13 9.91
C MET D 88 -19.87 46.00 11.40
N PRO D 89 -20.94 46.60 11.96
CA PRO D 89 -21.99 47.44 11.36
C PRO D 89 -21.63 48.90 11.24
N GLU D 90 -20.35 49.25 11.34
CA GLU D 90 -19.99 50.65 11.15
C GLU D 90 -19.93 51.01 9.68
N GLY D 91 -19.38 50.14 8.85
CA GLY D 91 -19.35 50.33 7.42
C GLY D 91 -18.01 50.82 6.91
N TYR D 92 -17.99 51.16 5.62
CA TYR D 92 -16.77 51.63 4.98
C TYR D 92 -17.10 52.59 3.87
N VAL D 93 -16.05 53.22 3.33
CA VAL D 93 -16.15 54.20 2.25
C VAL D 93 -15.39 53.63 1.05
N GLN D 94 -16.02 53.67 -0.13
CA GLN D 94 -15.44 53.08 -1.33
C GLN D 94 -15.41 54.11 -2.44
N GLU D 95 -14.21 54.51 -2.85
CA GLU D 95 -14.00 55.52 -3.87
C GLU D 95 -13.28 54.92 -5.07
N ARG D 96 -13.75 55.21 -6.28
CA ARG D 96 -13.16 54.62 -7.47
C ARG D 96 -12.78 55.70 -8.48
N THR D 97 -12.16 55.22 -9.56
CA THR D 97 -11.90 56.02 -10.76
C THR D 97 -11.93 55.02 -11.91
N ILE D 98 -13.06 54.95 -12.60
CA ILE D 98 -13.28 53.96 -13.64
C ILE D 98 -12.85 54.56 -14.97
N SER D 99 -11.76 54.06 -15.53
CA SER D 99 -11.17 54.65 -16.74
C SER D 99 -11.61 53.86 -17.95
N PHE D 100 -12.44 54.49 -18.78
CA PHE D 100 -12.89 53.89 -20.03
C PHE D 100 -11.84 54.07 -21.12
N LYS D 101 -11.65 53.02 -21.92
CA LYS D 101 -10.65 53.05 -22.97
C LYS D 101 -11.13 53.95 -24.12
N ASP D 102 -10.26 54.87 -24.53
CA ASP D 102 -10.50 55.84 -25.62
C ASP D 102 -11.71 56.74 -25.33
N ASP D 103 -12.00 56.97 -24.06
CA ASP D 103 -13.18 57.74 -23.69
C ASP D 103 -12.91 58.37 -22.32
N GLY D 104 -13.95 58.89 -21.68
CA GLY D 104 -13.78 59.58 -20.41
C GLY D 104 -13.72 58.67 -19.20
N THR D 105 -14.30 59.10 -18.08
CA THR D 105 -14.12 58.36 -16.84
C THR D 105 -15.28 58.60 -15.89
N TYR D 106 -15.37 57.74 -14.88
CA TYR D 106 -16.29 57.85 -13.77
C TYR D 106 -15.55 58.22 -12.50
N LYS D 107 -16.27 58.85 -11.57
CA LYS D 107 -15.74 59.16 -10.24
C LYS D 107 -16.84 58.85 -9.23
N THR D 108 -16.71 57.74 -8.53
CA THR D 108 -17.74 57.30 -7.60
C THR D 108 -17.25 57.45 -6.17
N ARG D 109 -18.20 57.50 -5.24
CA ARG D 109 -17.89 57.50 -3.81
C ARG D 109 -19.09 56.94 -3.07
N ALA D 110 -18.95 55.73 -2.53
CA ALA D 110 -20.05 55.05 -1.86
C ALA D 110 -19.74 54.89 -0.38
N GLU D 111 -20.79 54.81 0.42
CA GLU D 111 -20.67 54.61 1.87
C GLU D 111 -21.58 53.46 2.26
N VAL D 112 -21.07 52.24 2.16
CA VAL D 112 -21.84 51.05 2.51
C VAL D 112 -21.88 50.94 4.02
N LYS D 113 -23.07 50.78 4.58
CA LYS D 113 -23.22 50.58 6.03
C LYS D 113 -24.58 49.97 6.31
N PHE D 114 -24.81 49.64 7.58
CA PHE D 114 -26.13 49.27 8.08
C PHE D 114 -26.93 50.49 8.49
N GLU D 115 -28.21 50.48 8.16
CA GLU D 115 -29.19 51.43 8.68
C GLU D 115 -30.32 50.61 9.30
N GLY D 116 -30.17 50.28 10.58
CA GLY D 116 -31.11 49.42 11.24
C GLY D 116 -30.82 47.96 10.99
N ASP D 117 -31.58 47.35 10.09
CA ASP D 117 -31.37 45.96 9.72
C ASP D 117 -30.93 45.80 8.27
N THR D 118 -31.23 46.76 7.42
CA THR D 118 -30.90 46.65 6.01
C THR D 118 -29.53 47.24 5.72
N LEU D 119 -28.92 46.76 4.64
CA LEU D 119 -27.54 47.08 4.26
C LEU D 119 -27.60 48.10 3.13
N VAL D 120 -27.24 49.34 3.44
CA VAL D 120 -27.56 50.48 2.57
C VAL D 120 -26.30 50.93 1.83
N ASN D 121 -26.37 50.90 0.50
CA ASN D 121 -25.33 51.43 -0.37
C ASN D 121 -25.81 52.78 -0.86
N ARG D 122 -24.99 53.81 -0.67
CA ARG D 122 -25.32 55.18 -1.11
C ARG D 122 -24.20 55.71 -1.99
N ILE D 123 -24.38 55.64 -3.29
CA ILE D 123 -23.36 56.01 -4.27
C ILE D 123 -23.63 57.42 -4.74
N GLU D 124 -22.58 58.21 -4.92
CA GLU D 124 -22.66 59.49 -5.61
C GLU D 124 -21.67 59.47 -6.76
N LEU D 125 -22.19 59.34 -7.99
CA LEU D 125 -21.37 59.14 -9.18
C LEU D 125 -21.26 60.43 -9.97
N LYS D 126 -20.08 60.67 -10.54
CA LYS D 126 -19.85 61.80 -11.43
C LYS D 126 -18.99 61.33 -12.59
N GLY D 127 -19.41 61.63 -13.81
CA GLY D 127 -18.65 61.24 -14.98
C GLY D 127 -18.54 62.35 -16.01
N ILE D 128 -17.32 62.65 -16.45
CA ILE D 128 -17.08 63.72 -17.39
C ILE D 128 -16.24 63.19 -18.56
N ASP D 129 -15.98 64.07 -19.52
CA ASP D 129 -15.03 63.88 -20.63
C ASP D 129 -15.44 62.74 -21.56
N PHE D 130 -16.72 62.43 -21.62
CA PHE D 130 -17.18 61.39 -22.53
C PHE D 130 -17.26 61.90 -23.97
N LYS D 131 -17.36 60.95 -24.88
CA LYS D 131 -17.36 61.20 -26.31
C LYS D 131 -18.75 60.96 -26.88
N GLU D 132 -19.26 61.93 -27.64
CA GLU D 132 -20.52 61.74 -28.33
C GLU D 132 -20.35 60.71 -29.43
N ASP D 133 -21.41 59.91 -29.64
CA ASP D 133 -21.43 58.74 -30.52
C ASP D 133 -20.31 57.76 -30.17
N GLY D 134 -20.05 57.59 -28.88
CA GLY D 134 -19.11 56.60 -28.40
C GLY D 134 -19.83 55.30 -28.08
N ASN D 135 -19.09 54.40 -27.42
CA ASN D 135 -19.69 53.15 -27.01
C ASN D 135 -20.62 53.30 -25.83
N ILE D 136 -20.44 54.34 -25.02
CA ILE D 136 -21.22 54.53 -23.80
C ILE D 136 -22.44 55.38 -24.11
N LEU D 137 -22.24 56.62 -24.54
CA LEU D 137 -23.38 57.50 -24.75
C LEU D 137 -24.17 57.19 -26.01
N GLY D 138 -23.65 56.34 -26.89
CA GLY D 138 -24.39 55.89 -28.04
C GLY D 138 -25.20 54.63 -27.82
N HIS D 139 -25.12 54.06 -26.61
CA HIS D 139 -25.81 52.82 -26.22
C HIS D 139 -25.47 51.67 -27.17
N LYS D 140 -24.17 51.39 -27.28
CA LYS D 140 -23.66 50.38 -28.18
C LYS D 140 -23.12 49.16 -27.45
N LEU D 141 -23.49 48.97 -26.20
CA LEU D 141 -23.01 47.85 -25.41
C LEU D 141 -24.10 46.79 -25.28
N GLU D 142 -23.69 45.52 -25.32
CA GLU D 142 -24.66 44.45 -25.16
C GLU D 142 -25.10 44.35 -23.71
N TYR D 143 -26.23 43.69 -23.51
CA TYR D 143 -26.85 43.58 -22.19
C TYR D 143 -26.38 42.29 -21.54
N ASN D 144 -25.08 42.23 -21.26
CA ASN D 144 -24.50 41.12 -20.53
C ASN D 144 -23.23 41.58 -19.82
N PHE D 145 -22.82 40.80 -18.83
CA PHE D 145 -21.65 41.10 -18.04
C PHE D 145 -20.89 39.80 -17.83
N ASN D 146 -19.58 39.86 -17.96
CA ASN D 146 -18.77 38.64 -18.02
C ASN D 146 -18.37 38.18 -16.63
N SER D 147 -17.48 37.19 -16.56
CA SER D 147 -16.96 36.65 -15.31
C SER D 147 -15.54 37.14 -15.12
N HIS D 148 -15.27 37.77 -13.98
CA HIS D 148 -14.06 38.57 -13.78
C HIS D 148 -13.39 38.18 -12.48
N GLU D 149 -12.23 38.77 -12.22
CA GLU D 149 -11.48 38.54 -11.00
C GLU D 149 -10.95 39.86 -10.46
N VAL D 150 -10.97 40.01 -9.13
CA VAL D 150 -10.61 41.26 -8.46
C VAL D 150 -9.48 40.95 -7.49
N TYR D 151 -8.31 41.52 -7.74
CA TYR D 151 -7.15 41.27 -6.90
C TYR D 151 -7.10 42.31 -5.78
N ILE D 152 -7.50 41.90 -4.59
CA ILE D 152 -7.55 42.74 -3.40
C ILE D 152 -6.25 42.60 -2.63
N THR D 153 -5.60 43.73 -2.34
CA THR D 153 -4.37 43.74 -1.58
C THR D 153 -4.46 44.77 -0.46
N ALA D 154 -3.53 44.68 0.48
CA ALA D 154 -3.52 45.56 1.63
C ALA D 154 -2.92 46.91 1.28
N ASP D 155 -3.37 47.94 1.98
CA ASP D 155 -2.89 49.30 1.79
C ASP D 155 -2.66 49.96 3.15
N ASP D 156 -1.85 49.28 3.99
CA ASP D 156 -1.54 49.52 5.40
C ASP D 156 -1.44 50.98 5.82
N GLU D 157 -0.74 51.77 5.00
CA GLU D 157 -0.39 53.16 5.25
C GLU D 157 -1.55 54.12 5.13
N LYS D 158 -2.78 53.65 4.90
CA LYS D 158 -3.96 54.49 5.05
C LYS D 158 -5.09 53.80 5.77
N ASN D 159 -4.84 52.63 6.38
CA ASN D 159 -5.83 51.81 7.09
C ASN D 159 -6.99 51.43 6.15
N GLY D 160 -6.66 50.66 5.13
CA GLY D 160 -7.66 50.22 4.18
C GLY D 160 -7.05 49.30 3.16
N ILE D 161 -7.86 48.92 2.17
CA ILE D 161 -7.40 48.07 1.09
C ILE D 161 -7.59 48.77 -0.24
N LYS D 162 -7.21 48.10 -1.33
CA LYS D 162 -7.36 48.63 -2.67
C LYS D 162 -7.42 47.45 -3.63
N ALA D 163 -7.85 47.72 -4.85
CA ALA D 163 -7.98 46.68 -5.85
C ALA D 163 -7.86 47.29 -7.24
N GLU D 164 -7.24 46.54 -8.15
CA GLU D 164 -7.08 46.95 -9.53
C GLU D 164 -7.45 45.80 -10.44
N PHE D 165 -8.31 46.09 -11.42
CA PHE D 165 -8.81 45.06 -12.32
C PHE D 165 -9.36 45.74 -13.56
N LYS D 166 -9.58 44.93 -14.60
CA LYS D 166 -10.02 45.42 -15.89
C LYS D 166 -11.35 44.75 -16.24
N ILE D 167 -12.33 45.56 -16.61
CA ILE D 167 -13.67 45.08 -16.95
C ILE D 167 -13.83 45.13 -18.46
N ARG D 168 -14.15 44.01 -19.07
CA ARG D 168 -14.30 43.90 -20.51
C ARG D 168 -15.79 43.92 -20.86
N HIS D 169 -16.24 45.03 -21.44
CA HIS D 169 -17.63 45.15 -21.88
C HIS D 169 -17.76 44.68 -23.31
N ASN D 170 -18.91 44.09 -23.63
CA ASN D 170 -19.16 43.61 -24.98
C ASN D 170 -19.85 44.70 -25.79
N VAL D 171 -19.43 44.85 -27.04
CA VAL D 171 -19.95 45.90 -27.92
C VAL D 171 -20.87 45.22 -28.93
N GLU D 172 -21.84 45.99 -29.45
CA GLU D 172 -22.84 45.46 -30.37
C GLU D 172 -22.26 44.88 -31.65
N ASP D 173 -21.14 45.41 -32.13
CA ASP D 173 -20.62 44.98 -33.42
C ASP D 173 -19.62 43.84 -33.33
N GLY D 174 -19.09 43.53 -32.15
CA GLY D 174 -18.15 42.44 -31.97
C GLY D 174 -16.89 42.81 -31.21
N SER D 175 -16.55 44.08 -31.11
CA SER D 175 -15.35 44.53 -30.42
C SER D 175 -15.57 44.48 -28.90
N VAL D 176 -14.60 44.94 -28.14
CA VAL D 176 -14.63 44.87 -26.67
C VAL D 176 -14.27 46.26 -26.12
N GLN D 177 -15.13 46.78 -25.24
CA GLN D 177 -14.86 48.02 -24.54
C GLN D 177 -14.19 47.73 -23.20
N LEU D 178 -13.06 48.38 -22.96
CA LEU D 178 -12.27 48.16 -21.75
C LEU D 178 -12.53 49.26 -20.72
N ALA D 179 -12.68 48.84 -19.46
CA ALA D 179 -12.82 49.75 -18.33
C ALA D 179 -11.79 49.38 -17.29
N ASP D 180 -11.06 50.37 -16.79
CA ASP D 180 -10.00 50.16 -15.81
C ASP D 180 -10.47 50.71 -14.47
N HIS D 181 -10.54 49.84 -13.46
CA HIS D 181 -11.03 50.18 -12.14
C HIS D 181 -9.88 50.34 -11.16
N TYR D 182 -10.08 51.24 -10.19
CA TYR D 182 -9.09 51.49 -9.15
C TYR D 182 -9.85 51.96 -7.91
N GLN D 183 -10.12 51.04 -6.98
CA GLN D 183 -10.92 51.37 -5.81
C GLN D 183 -10.04 51.47 -4.56
N GLN D 184 -10.52 52.24 -3.59
CA GLN D 184 -9.82 52.44 -2.32
C GLN D 184 -10.85 52.35 -1.19
N ASN D 185 -10.79 51.29 -0.40
CA ASN D 185 -11.68 51.13 0.73
C ASN D 185 -11.04 51.69 2.00
N THR D 186 -11.88 52.14 2.91
CA THR D 186 -11.50 52.72 4.19
C THR D 186 -12.69 52.63 5.14
N PRO D 187 -12.53 52.05 6.33
CA PRO D 187 -13.68 51.91 7.22
C PRO D 187 -14.07 53.22 7.86
N ILE D 188 -15.29 53.24 8.41
CA ILE D 188 -15.83 54.46 9.01
C ILE D 188 -15.12 54.75 10.32
N GLY D 189 -15.22 53.85 11.28
CA GLY D 189 -14.60 54.06 12.57
C GLY D 189 -13.48 53.07 12.82
N ASP D 190 -13.78 52.04 13.61
CA ASP D 190 -12.83 50.97 13.87
C ASP D 190 -13.06 49.86 12.85
N GLY D 191 -12.04 49.55 12.07
CA GLY D 191 -12.15 48.55 11.03
C GLY D 191 -11.97 47.15 11.57
N PRO D 192 -11.31 46.30 10.78
CA PRO D 192 -11.06 44.92 11.25
C PRO D 192 -9.93 44.87 12.27
N ASP D 193 -9.53 43.66 12.65
CA ASP D 193 -8.37 43.52 13.53
C ASP D 193 -7.09 43.91 12.80
N LEU D 194 -6.74 43.17 11.75
CA LEU D 194 -5.60 43.52 10.92
C LEU D 194 -5.96 43.26 9.47
N LEU D 195 -5.31 44.00 8.57
CA LEU D 195 -5.67 43.98 7.16
C LEU D 195 -5.30 42.63 6.53
N PRO D 196 -6.09 42.15 5.57
CA PRO D 196 -5.92 40.79 5.09
C PRO D 196 -4.74 40.65 4.14
N ASP D 197 -4.40 39.41 3.84
CA ASP D 197 -3.42 39.08 2.82
C ASP D 197 -4.04 39.26 1.44
N GLU D 198 -3.21 39.15 0.40
CA GLU D 198 -3.71 39.34 -0.96
C GLU D 198 -4.46 38.10 -1.41
N HIS D 199 -5.68 38.29 -1.89
CA HIS D 199 -6.57 37.23 -2.31
C HIS D 199 -7.48 37.78 -3.39
N TYR D 200 -8.08 36.90 -4.18
CA TYR D 200 -8.85 37.36 -5.32
C TYR D 200 -10.30 36.93 -5.23
N LEU D 201 -11.20 37.87 -5.51
CA LEU D 201 -12.63 37.59 -5.61
C LEU D 201 -12.96 37.17 -7.03
N SER D 202 -13.87 36.21 -7.17
CA SER D 202 -14.25 35.69 -8.47
C SER D 202 -15.74 35.85 -8.66
N THR D 203 -16.14 36.69 -9.62
CA THR D 203 -17.54 37.07 -9.78
C THR D 203 -18.15 36.43 -11.02
N GLN D 204 -19.46 36.20 -10.96
CA GLN D 204 -20.29 35.85 -12.10
C GLN D 204 -21.60 36.59 -11.97
N SER D 205 -22.16 37.04 -13.08
CA SER D 205 -23.43 37.75 -13.03
C SER D 205 -24.30 37.38 -14.21
N VAL D 206 -25.61 37.38 -13.99
CA VAL D 206 -26.61 37.05 -15.01
C VAL D 206 -27.54 38.25 -15.12
N LEU D 207 -27.42 39.00 -16.19
CA LEU D 207 -28.28 40.14 -16.45
C LEU D 207 -29.58 39.67 -17.09
N SER D 208 -30.68 40.31 -16.74
CA SER D 208 -32.00 39.90 -17.23
C SER D 208 -32.95 41.09 -17.17
N LYS D 209 -34.24 40.83 -17.42
CA LYS D 209 -35.28 41.84 -17.41
C LYS D 209 -36.50 41.32 -16.65
N ASP D 210 -37.46 42.21 -16.47
CA ASP D 210 -38.75 41.91 -15.85
C ASP D 210 -39.84 42.21 -16.87
N PRO D 211 -40.66 41.23 -17.27
CA PRO D 211 -41.69 41.52 -18.29
C PRO D 211 -42.82 42.40 -17.80
N ASN D 212 -43.00 42.56 -16.49
CA ASN D 212 -44.12 43.32 -15.94
C ASN D 212 -43.70 44.72 -15.49
N GLU D 213 -42.76 45.34 -16.18
CA GLU D 213 -42.29 46.67 -15.82
C GLU D 213 -42.27 47.57 -17.05
N LYS D 214 -42.73 48.80 -16.87
CA LYS D 214 -42.69 49.82 -17.90
C LYS D 214 -41.59 50.85 -17.69
N ARG D 215 -40.91 50.81 -16.55
CA ARG D 215 -39.82 51.75 -16.29
C ARG D 215 -38.48 51.12 -16.66
N ASP D 216 -37.53 51.99 -16.96
CA ASP D 216 -36.19 51.56 -17.40
C ASP D 216 -35.49 50.91 -16.21
N HIS D 217 -35.36 49.58 -16.25
CA HIS D 217 -35.04 48.81 -15.07
C HIS D 217 -33.96 47.79 -15.40
N MET D 218 -33.57 47.02 -14.39
CA MET D 218 -32.51 46.02 -14.52
C MET D 218 -32.62 45.04 -13.38
N VAL D 219 -32.57 43.74 -13.70
CA VAL D 219 -32.64 42.68 -12.72
C VAL D 219 -31.31 41.95 -12.73
N LEU D 220 -30.70 41.79 -11.55
CA LEU D 220 -29.35 41.28 -11.45
C LEU D 220 -29.30 40.08 -10.51
N LEU D 221 -28.45 39.12 -10.86
CA LEU D 221 -28.23 37.91 -10.06
C LEU D 221 -26.74 37.61 -10.11
N GLU D 222 -26.07 37.71 -8.97
CA GLU D 222 -24.61 37.70 -8.96
C GLU D 222 -24.08 36.75 -7.90
N PHE D 223 -22.98 36.07 -8.22
CA PHE D 223 -22.40 35.01 -7.42
C PHE D 223 -20.92 35.30 -7.22
N VAL D 224 -20.51 35.60 -5.99
CA VAL D 224 -19.14 36.03 -5.70
C VAL D 224 -18.52 35.10 -4.68
N THR D 225 -17.40 34.47 -5.04
CA THR D 225 -16.59 33.70 -4.10
C THR D 225 -15.18 34.26 -4.10
N ALA D 226 -14.36 33.75 -3.19
CA ALA D 226 -12.97 34.19 -3.09
C ALA D 226 -12.04 33.01 -2.92
N ASP D 227 -10.83 33.18 -3.44
CA ASP D 227 -9.78 32.19 -3.31
C ASP D 227 -8.46 32.95 -3.29
N GLY D 228 -7.35 32.24 -3.49
CA GLY D 228 -6.05 32.86 -3.60
C GLY D 228 -5.13 32.58 -2.45
N ILE D 229 -5.61 31.93 -1.40
CA ILE D 229 -4.81 31.53 -0.26
C ILE D 229 -4.98 30.03 -0.08
N THR D 230 -3.86 29.31 -0.12
CA THR D 230 -3.86 27.85 -0.05
C THR D 230 -4.04 27.40 1.40
N GLU D 231 -3.91 26.09 1.62
CA GLU D 231 -4.14 25.52 2.94
C GLU D 231 -2.99 25.87 3.87
N GLY D 232 -3.33 26.35 5.07
CA GLY D 232 -2.33 26.73 6.05
C GLY D 232 -2.62 26.19 7.43
N SER E 3 -29.84 9.24 7.16
CA SER E 3 -30.58 8.42 8.09
C SER E 3 -32.09 8.60 7.90
N LYS E 4 -32.87 8.03 8.81
CA LYS E 4 -34.32 8.13 8.76
C LYS E 4 -34.86 9.34 9.51
N GLY E 5 -34.00 10.10 10.16
CA GLY E 5 -34.44 11.26 10.90
C GLY E 5 -34.38 12.54 10.09
N GLU E 6 -33.50 12.57 9.09
CA GLU E 6 -33.36 13.78 8.28
C GLU E 6 -34.55 13.98 7.37
N ARG E 7 -35.21 12.89 6.96
CA ARG E 7 -36.32 12.98 6.01
C ARG E 7 -37.57 13.57 6.64
N LEU E 8 -37.64 13.63 7.97
CA LEU E 8 -38.78 14.20 8.66
C LEU E 8 -38.82 15.72 8.57
N PHE E 9 -37.73 16.36 8.16
CA PHE E 9 -37.62 17.81 8.20
C PHE E 9 -37.76 18.46 6.83
N ARG E 10 -38.10 17.70 5.80
CA ARG E 10 -38.36 18.29 4.50
C ARG E 10 -39.69 19.02 4.50
N GLY E 11 -39.69 20.25 3.99
CA GLY E 11 -40.90 21.06 3.99
C GLY E 11 -41.10 21.76 5.31
N LYS E 12 -42.13 22.62 5.33
CA LYS E 12 -42.42 23.43 6.50
C LYS E 12 -43.06 22.57 7.59
N VAL E 13 -42.55 22.71 8.81
CA VAL E 13 -43.01 21.93 9.95
C VAL E 13 -43.51 22.90 11.01
N PRO E 14 -44.70 22.70 11.58
CA PRO E 14 -45.17 23.60 12.64
C PRO E 14 -44.38 23.37 13.94
N ILE E 15 -44.38 24.41 14.78
CA ILE E 15 -43.59 24.44 16.00
C ILE E 15 -44.49 24.85 17.16
N LEU E 16 -44.48 24.08 18.24
CA LEU E 16 -45.12 24.45 19.49
C LEU E 16 -44.06 24.57 20.57
N VAL E 17 -44.08 25.68 21.31
CA VAL E 17 -43.10 25.96 22.35
C VAL E 17 -43.84 26.34 23.62
N GLU E 18 -43.59 25.59 24.70
CA GLU E 18 -44.24 25.79 25.97
C GLU E 18 -43.19 25.92 27.07
N LEU E 19 -43.22 27.03 27.80
CA LEU E 19 -42.24 27.29 28.85
C LEU E 19 -42.98 27.56 30.16
N LYS E 20 -42.45 27.00 31.24
CA LYS E 20 -42.97 27.20 32.58
C LYS E 20 -41.82 27.71 33.44
N GLY E 21 -41.77 29.02 33.67
CA GLY E 21 -40.62 29.62 34.32
C GLY E 21 -40.85 29.99 35.76
N ASP E 22 -39.76 30.21 36.50
CA ASP E 22 -39.82 30.63 37.89
C ASP E 22 -38.53 31.40 38.19
N VAL E 23 -38.60 32.72 38.12
CA VAL E 23 -37.42 33.56 38.31
C VAL E 23 -37.59 34.33 39.61
N ASN E 24 -36.76 33.97 40.60
CA ASN E 24 -36.58 34.70 41.86
C ASN E 24 -37.90 34.81 42.63
N GLY E 25 -38.71 33.75 42.56
CA GLY E 25 -40.02 33.73 43.16
C GLY E 25 -41.13 34.10 42.20
N HIS E 26 -40.86 35.00 41.25
CA HIS E 26 -41.88 35.44 40.30
C HIS E 26 -42.05 34.37 39.24
N LYS E 27 -43.27 33.88 39.08
CA LYS E 27 -43.56 32.84 38.10
C LYS E 27 -44.17 33.44 36.85
N PHE E 28 -43.96 32.76 35.72
CA PHE E 28 -44.56 33.17 34.46
C PHE E 28 -44.69 31.96 33.56
N SER E 29 -45.30 32.17 32.40
CA SER E 29 -45.45 31.13 31.39
C SER E 29 -45.51 31.79 30.03
N VAL E 30 -44.86 31.19 29.05
CA VAL E 30 -44.78 31.71 27.69
C VAL E 30 -45.16 30.58 26.73
N ARG E 31 -46.14 30.85 25.88
CA ARG E 31 -46.55 29.91 24.84
C ARG E 31 -46.17 30.47 23.48
N GLY E 32 -45.64 29.62 22.62
CA GLY E 32 -45.23 30.04 21.29
C GLY E 32 -45.70 29.07 20.23
N LYS E 33 -45.90 29.60 19.03
CA LYS E 33 -46.38 28.80 17.93
C LYS E 33 -45.89 29.40 16.62
N GLY E 34 -45.84 28.58 15.59
CA GLY E 34 -45.37 29.01 14.29
C GLY E 34 -44.82 27.84 13.52
N LYS E 35 -44.11 28.15 12.45
CA LYS E 35 -43.59 27.14 11.54
C LYS E 35 -42.08 27.31 11.39
N GLY E 36 -41.43 26.26 10.91
CA GLY E 36 -39.99 26.30 10.75
C GLY E 36 -39.48 25.59 9.51
N ASP E 37 -38.73 26.29 8.69
CA ASP E 37 -38.14 25.75 7.48
C ASP E 37 -36.77 25.18 7.83
N ALA E 38 -36.55 23.91 7.52
CA ALA E 38 -35.28 23.27 7.79
C ALA E 38 -34.38 23.19 6.56
N THR E 39 -34.92 23.43 5.37
CA THR E 39 -34.10 23.40 4.16
C THR E 39 -33.25 24.66 4.07
N ASN E 40 -33.78 25.79 4.51
CA ASN E 40 -33.07 27.06 4.45
C ASN E 40 -32.52 27.48 5.80
N GLY E 41 -32.94 26.84 6.88
CA GLY E 41 -32.55 27.30 8.21
C GLY E 41 -33.24 28.57 8.63
N LYS E 42 -34.57 28.57 8.64
CA LYS E 42 -35.34 29.77 8.91
C LYS E 42 -36.50 29.43 9.85
N LEU E 43 -36.70 30.26 10.87
CA LEU E 43 -37.77 30.06 11.83
C LEU E 43 -38.60 31.33 11.91
N THR E 44 -39.91 31.16 12.05
CA THR E 44 -40.84 32.28 12.27
C THR E 44 -41.79 31.88 13.39
N LEU E 45 -41.61 32.46 14.58
CA LEU E 45 -42.44 32.15 15.72
C LEU E 45 -43.05 33.42 16.28
N LYS E 46 -44.15 33.25 17.00
CA LYS E 46 -44.79 34.34 17.72
C LYS E 46 -45.07 33.88 19.14
N PHE E 47 -44.65 34.68 20.12
CA PHE E 47 -44.74 34.32 21.52
C PHE E 47 -45.71 35.23 22.24
N ILE E 48 -46.38 34.68 23.26
CA ILE E 48 -47.31 35.42 24.10
C ILE E 48 -47.05 35.05 25.55
N CYS E 49 -47.26 36.00 26.44
CA CYS E 49 -47.07 35.80 27.88
C CYS E 49 -48.44 35.55 28.49
N THR E 50 -48.73 34.28 28.81
CA THR E 50 -50.05 33.88 29.24
C THR E 50 -50.41 34.38 30.64
N THR E 51 -49.42 34.66 31.48
CA THR E 51 -49.70 35.13 32.83
C THR E 51 -49.47 36.63 32.98
N GLY E 52 -49.81 37.41 31.95
CA GLY E 52 -49.77 38.84 32.05
C GLY E 52 -48.42 39.47 31.75
N LYS E 53 -47.82 40.11 32.76
CA LYS E 53 -46.53 40.77 32.58
C LYS E 53 -45.40 39.76 32.69
N LEU E 54 -44.19 40.24 32.44
CA LEU E 54 -43.02 39.37 32.42
C LEU E 54 -41.92 39.96 33.28
N PRO E 55 -41.33 39.20 34.20
CA PRO E 55 -40.34 39.77 35.11
C PRO E 55 -38.96 39.94 34.51
N VAL E 56 -38.63 39.20 33.45
CA VAL E 56 -37.31 39.28 32.84
C VAL E 56 -37.48 39.89 31.44
N PRO E 57 -36.44 40.46 30.84
CA PRO E 57 -36.61 41.01 29.49
C PRO E 57 -36.80 39.92 28.45
N TRP E 58 -37.51 40.28 27.40
CA TRP E 58 -37.63 39.40 26.24
C TRP E 58 -36.33 38.96 25.56
N PRO E 59 -35.26 39.78 25.44
CA PRO E 59 -34.04 39.25 24.81
C PRO E 59 -33.32 38.19 25.61
N THR E 60 -33.52 38.12 26.93
CA THR E 60 -32.82 37.09 27.70
C THR E 60 -33.42 35.71 27.50
N LEU E 61 -34.69 35.62 27.11
CA LEU E 61 -35.35 34.34 26.93
C LEU E 61 -35.26 33.83 25.50
N VAL E 62 -34.54 34.52 24.61
CA VAL E 62 -34.47 34.10 23.22
C VAL E 62 -33.64 32.82 23.09
N THR E 63 -32.56 32.74 23.86
CA THR E 63 -31.72 31.54 23.82
C THR E 63 -32.38 30.32 24.45
N THR E 64 -33.44 30.52 25.23
CA THR E 64 -34.15 29.40 25.84
C THR E 64 -35.25 28.88 24.92
N LEU E 65 -35.98 29.78 24.26
CA LEU E 65 -37.14 29.39 23.47
C LEU E 65 -36.73 28.79 22.12
N THR E 66 -36.09 29.58 21.26
CA THR E 66 -35.91 29.23 19.86
C THR E 66 -34.50 28.81 19.52
N TRP E 67 -33.53 29.06 20.38
CA TRP E 67 -32.21 28.51 20.25
C TRP E 67 -32.11 27.12 20.85
N GLY E 68 -33.25 26.56 21.26
CA GLY E 68 -33.34 25.20 21.73
C GLY E 68 -33.84 24.29 20.62
N VAL E 69 -34.58 24.85 19.66
CA VAL E 69 -34.98 24.08 18.47
C VAL E 69 -33.86 24.25 17.47
N GLN E 70 -32.81 23.46 17.66
CA GLN E 70 -31.64 23.47 16.79
C GLN E 70 -31.63 22.28 15.84
N CYS E 71 -32.73 21.54 15.78
CA CYS E 71 -32.92 20.54 14.74
C CYS E 71 -33.31 21.16 13.41
N PHE E 72 -33.55 22.47 13.39
CA PHE E 72 -33.86 23.22 12.18
C PHE E 72 -32.65 23.96 11.63
N ALA E 73 -31.48 23.34 11.73
CA ALA E 73 -30.23 23.93 11.26
C ALA E 73 -29.96 23.54 9.83
N ARG E 74 -29.48 24.49 9.04
CA ARG E 74 -29.19 24.23 7.63
C ARG E 74 -27.82 23.57 7.57
N TYR E 75 -27.80 22.24 7.70
CA TYR E 75 -26.45 21.73 7.47
C TYR E 75 -26.18 21.59 5.98
N PRO E 76 -24.99 21.98 5.52
CA PRO E 76 -24.71 21.97 4.08
C PRO E 76 -24.62 20.57 3.49
N LYS E 77 -24.39 20.52 2.17
CA LYS E 77 -24.35 19.25 1.47
C LYS E 77 -23.12 18.43 1.85
N HIS E 78 -22.04 19.09 2.25
CA HIS E 78 -20.76 18.43 2.38
C HIS E 78 -20.47 17.96 3.80
N MET E 79 -21.43 18.02 4.72
CA MET E 79 -21.23 17.42 6.03
C MET E 79 -22.18 16.24 6.25
N LYS E 80 -23.47 16.50 6.48
CA LYS E 80 -24.59 15.53 6.55
C LYS E 80 -24.32 14.31 7.44
N ARG E 81 -23.32 14.36 8.31
CA ARG E 81 -22.88 13.25 9.13
C ARG E 81 -22.54 13.73 10.52
N HIS E 82 -22.35 15.02 10.70
CA HIS E 82 -22.06 15.64 11.98
C HIS E 82 -23.31 16.22 12.61
N ASP E 83 -24.43 15.54 12.45
CA ASP E 83 -25.75 16.06 12.76
C ASP E 83 -26.31 15.28 13.94
N PHE E 84 -26.12 15.81 15.14
CA PHE E 84 -26.76 15.20 16.29
C PHE E 84 -28.24 15.56 16.38
N PHE E 85 -28.60 16.76 15.96
CA PHE E 85 -29.92 17.30 16.28
C PHE E 85 -31.03 16.62 15.49
N LYS E 86 -30.81 16.38 14.20
CA LYS E 86 -31.82 15.70 13.40
C LYS E 86 -31.79 14.20 13.63
N SER E 87 -30.64 13.64 14.01
CA SER E 87 -30.52 12.20 14.17
C SER E 87 -31.18 11.69 15.44
N ALA E 88 -31.46 12.55 16.40
CA ALA E 88 -32.09 12.11 17.64
C ALA E 88 -33.61 12.05 17.54
N MET E 89 -34.16 12.30 16.40
CA MET E 89 -35.56 12.34 16.03
C MET E 89 -35.99 11.00 15.42
N PRO E 90 -37.27 10.59 15.56
CA PRO E 90 -38.43 11.25 16.15
C PRO E 90 -38.56 11.02 17.65
N LYS E 91 -37.58 10.32 18.23
CA LYS E 91 -37.60 10.08 19.66
C LYS E 91 -37.43 11.38 20.45
N GLY E 92 -36.42 12.16 20.10
CA GLY E 92 -36.18 13.45 20.71
C GLY E 92 -34.87 13.47 21.48
N TYR E 93 -34.63 14.62 22.12
CA TYR E 93 -33.45 14.81 22.93
C TYR E 93 -33.75 15.77 24.07
N VAL E 94 -32.89 15.73 25.09
CA VAL E 94 -33.05 16.52 26.29
C VAL E 94 -31.95 17.55 26.33
N GLN E 95 -32.32 18.83 26.37
CA GLN E 95 -31.36 19.93 26.33
C GLN E 95 -31.40 20.69 27.64
N GLU E 96 -30.25 20.80 28.30
CA GLU E 96 -30.12 21.52 29.56
C GLU E 96 -29.06 22.59 29.41
N ARG E 97 -29.34 23.80 29.92
CA ARG E 97 -28.39 24.89 29.85
C ARG E 97 -28.09 25.41 31.25
N THR E 98 -27.09 26.28 31.31
CA THR E 98 -26.74 27.03 32.52
C THR E 98 -26.33 28.42 32.04
N ILE E 99 -27.24 29.37 32.07
CA ILE E 99 -27.05 30.68 31.50
C ILE E 99 -26.56 31.59 32.62
N SER E 100 -25.26 31.84 32.69
CA SER E 100 -24.67 32.58 33.80
C SER E 100 -24.39 34.00 33.36
N PHE E 101 -25.12 34.95 33.92
CA PHE E 101 -24.93 36.36 33.64
C PHE E 101 -23.73 36.90 34.42
N LYS E 102 -23.02 37.84 33.82
CA LYS E 102 -21.90 38.47 34.52
C LYS E 102 -22.41 39.45 35.55
N LYS E 103 -21.86 39.35 36.77
CA LYS E 103 -22.21 40.18 37.93
C LYS E 103 -23.69 40.08 38.27
N ASP E 104 -24.27 38.91 38.08
CA ASP E 104 -25.70 38.68 38.30
C ASP E 104 -25.89 37.17 38.45
N GLY E 105 -27.14 36.74 38.57
CA GLY E 105 -27.44 35.34 38.84
C GLY E 105 -27.40 34.47 37.59
N THR E 106 -28.15 33.38 37.63
CA THR E 106 -28.00 32.30 36.67
C THR E 106 -29.35 31.69 36.36
N TYR E 107 -29.59 31.36 35.09
CA TYR E 107 -30.72 30.50 34.74
C TYR E 107 -30.31 29.04 34.77
N LYS E 108 -31.30 28.18 35.05
CA LYS E 108 -31.15 26.73 34.97
C LYS E 108 -32.34 26.22 34.17
N THR E 109 -32.09 25.70 32.97
CA THR E 109 -33.15 25.23 32.11
C THR E 109 -33.00 23.74 31.84
N ARG E 110 -34.13 23.08 31.58
CA ARG E 110 -34.13 21.79 30.91
C ARG E 110 -35.26 21.80 29.90
N ALA E 111 -35.13 20.98 28.87
CA ALA E 111 -36.10 21.00 27.79
C ALA E 111 -36.18 19.61 27.16
N GLU E 112 -37.27 19.38 26.44
CA GLU E 112 -37.45 18.15 25.66
C GLU E 112 -37.98 18.55 24.30
N VAL E 113 -37.15 18.40 23.27
CA VAL E 113 -37.52 18.71 21.90
C VAL E 113 -37.80 17.41 21.21
N LYS E 114 -39.07 17.15 20.88
CA LYS E 114 -39.46 15.90 20.27
C LYS E 114 -40.76 16.10 19.50
N PHE E 115 -41.00 15.18 18.56
CA PHE E 115 -42.21 15.19 17.77
C PHE E 115 -43.41 14.71 18.56
N GLU E 116 -44.57 15.31 18.27
CA GLU E 116 -45.87 14.78 18.68
C GLU E 116 -46.69 14.61 17.41
N GLY E 117 -46.48 13.49 16.73
CA GLY E 117 -47.18 13.20 15.49
C GLY E 117 -46.55 13.94 14.33
N ARG E 118 -46.83 15.23 14.22
CA ARG E 118 -46.17 16.07 13.23
C ARG E 118 -45.68 17.40 13.79
N THR E 119 -46.34 17.96 14.79
CA THR E 119 -45.97 19.24 15.38
C THR E 119 -44.77 19.03 16.30
N LEU E 120 -43.66 19.71 15.98
CA LEU E 120 -42.47 19.65 16.80
C LEU E 120 -42.71 20.46 18.07
N VAL E 121 -42.74 19.79 19.21
CA VAL E 121 -43.14 20.38 20.49
C VAL E 121 -41.91 20.51 21.37
N ASN E 122 -41.67 21.72 21.86
CA ASN E 122 -40.59 22.02 22.79
C ASN E 122 -41.21 22.35 24.15
N ARG E 123 -40.71 21.71 25.19
CA ARG E 123 -41.29 21.84 26.53
C ARG E 123 -40.18 22.20 27.51
N ILE E 124 -40.14 23.47 27.92
CA ILE E 124 -39.04 24.02 28.71
C ILE E 124 -39.51 24.20 30.14
N LYS E 125 -38.70 23.73 31.09
CA LYS E 125 -38.80 24.14 32.48
C LYS E 125 -37.61 25.03 32.79
N LEU E 126 -37.87 26.22 33.35
CA LEU E 126 -36.83 27.18 33.65
C LEU E 126 -36.93 27.58 35.11
N LYS E 127 -35.78 27.87 35.72
CA LYS E 127 -35.75 28.28 37.11
C LYS E 127 -34.50 29.12 37.32
N GLY E 128 -34.67 30.39 37.62
CA GLY E 128 -33.55 31.27 37.86
C GLY E 128 -33.46 31.70 39.31
N ARG E 129 -32.28 32.13 39.74
CA ARG E 129 -32.06 32.54 41.11
C ARG E 129 -30.90 33.52 41.14
N ASP E 130 -30.65 34.07 42.34
CA ASP E 130 -29.52 34.94 42.65
C ASP E 130 -29.49 36.23 41.83
N PHE E 131 -30.63 36.63 41.25
CA PHE E 131 -30.73 37.91 40.56
C PHE E 131 -30.84 39.02 41.58
N LYS E 132 -29.92 39.98 41.53
CA LYS E 132 -30.00 41.13 42.41
C LYS E 132 -31.11 42.06 41.93
N GLU E 133 -31.79 42.68 42.89
CA GLU E 133 -32.85 43.62 42.59
C GLU E 133 -32.26 44.93 42.08
N LYS E 134 -33.05 45.62 41.23
CA LYS E 134 -32.64 46.83 40.51
C LYS E 134 -31.36 46.60 39.71
N GLY E 135 -31.26 45.42 39.09
CA GLY E 135 -30.18 45.11 38.18
C GLY E 135 -30.56 45.41 36.76
N ASN E 136 -29.79 44.88 35.82
CA ASN E 136 -30.14 45.04 34.42
C ASN E 136 -31.33 44.17 34.04
N ILE E 137 -31.35 42.92 34.50
CA ILE E 137 -32.39 41.99 34.10
C ILE E 137 -33.70 42.29 34.82
N LEU E 138 -33.68 42.32 36.16
CA LEU E 138 -34.92 42.57 36.88
C LEU E 138 -35.37 44.03 36.78
N GLY E 139 -34.47 44.95 36.46
CA GLY E 139 -34.85 46.33 36.27
C GLY E 139 -35.30 46.66 34.87
N HIS E 140 -35.33 45.68 33.96
CA HIS E 140 -35.67 45.85 32.54
C HIS E 140 -34.81 46.92 31.87
N LYS E 141 -33.51 46.90 32.19
CA LYS E 141 -32.57 47.84 31.62
C LYS E 141 -31.96 47.35 30.32
N LEU E 142 -32.46 46.25 29.77
CA LEU E 142 -31.96 45.71 28.51
C LEU E 142 -32.71 46.33 27.35
N ARG E 143 -32.00 46.59 26.26
CA ARG E 143 -32.66 47.06 25.06
C ARG E 143 -33.39 45.91 24.37
N TYR E 144 -34.33 46.26 23.51
CA TYR E 144 -35.07 45.27 22.73
C TYR E 144 -34.44 45.17 21.35
N ASN E 145 -33.26 44.58 21.32
CA ASN E 145 -32.56 44.30 20.07
C ASN E 145 -32.50 42.81 19.83
N GLY E 146 -31.95 42.44 18.68
CA GLY E 146 -31.79 41.05 18.32
C GLY E 146 -30.62 40.41 19.04
N ILE E 147 -30.12 39.34 18.44
CA ILE E 147 -29.12 38.49 19.09
C ILE E 147 -28.47 37.64 18.01
N SER E 148 -27.14 37.49 18.11
CA SER E 148 -26.37 36.73 17.14
C SER E 148 -24.97 36.41 17.63
N ASP E 149 -24.60 35.13 17.64
CA ASP E 149 -23.20 34.71 17.83
C ASP E 149 -23.09 33.29 17.29
N LYS E 150 -21.96 32.63 17.55
CA LYS E 150 -21.68 31.28 17.12
C LYS E 150 -21.89 30.33 18.28
N VAL E 151 -22.23 29.08 17.97
CA VAL E 151 -22.50 28.07 18.99
C VAL E 151 -21.46 26.97 18.79
N TYR E 152 -20.38 27.00 19.56
CA TYR E 152 -19.28 26.07 19.38
C TYR E 152 -19.65 24.70 19.92
N ILE E 153 -19.99 23.77 19.02
CA ILE E 153 -20.48 22.44 19.37
C ILE E 153 -19.32 21.45 19.36
N THR E 154 -19.15 20.71 20.45
CA THR E 154 -18.18 19.65 20.53
C THR E 154 -18.86 18.37 21.02
N ALA E 155 -18.24 17.24 20.71
CA ALA E 155 -18.86 15.95 20.97
C ALA E 155 -18.50 15.44 22.36
N ASP E 156 -19.39 14.61 22.91
CA ASP E 156 -19.22 14.00 24.22
C ASP E 156 -19.57 12.52 24.12
N LYS E 157 -18.54 11.67 24.15
CA LYS E 157 -18.74 10.25 23.90
C LYS E 157 -19.42 9.55 25.07
N ARG E 158 -19.23 10.06 26.28
CA ARG E 158 -19.67 9.34 27.49
C ARG E 158 -21.19 9.31 27.61
N LYS E 159 -21.83 10.47 27.54
CA LYS E 159 -23.27 10.55 27.67
C LYS E 159 -24.01 10.33 26.35
N ASN E 160 -23.29 9.93 25.30
CA ASN E 160 -23.84 9.67 23.96
C ASN E 160 -24.56 10.90 23.41
N GLY E 161 -24.01 12.08 23.68
CA GLY E 161 -24.61 13.32 23.26
C GLY E 161 -23.56 14.34 22.86
N ILE E 162 -23.92 15.61 22.85
CA ILE E 162 -22.99 16.67 22.55
C ILE E 162 -23.00 17.67 23.70
N LYS E 163 -22.12 18.64 23.61
CA LYS E 163 -22.12 19.78 24.53
C LYS E 163 -21.65 20.99 23.75
N ALA E 164 -22.30 22.13 23.98
CA ALA E 164 -21.92 23.36 23.31
C ALA E 164 -21.65 24.41 24.36
N LYS E 165 -21.02 25.50 23.93
CA LYS E 165 -20.42 26.44 24.86
C LYS E 165 -20.23 27.75 24.12
N PHE E 166 -20.94 28.78 24.53
CA PHE E 166 -20.87 30.06 23.83
C PHE E 166 -21.29 31.16 24.77
N LYS E 167 -21.13 32.39 24.31
CA LYS E 167 -21.47 33.55 25.12
C LYS E 167 -22.22 34.55 24.25
N ILE E 168 -23.05 35.36 24.89
CA ILE E 168 -24.01 36.21 24.21
C ILE E 168 -23.87 37.63 24.75
N ARG E 169 -23.84 38.61 23.85
CA ARG E 169 -23.68 40.01 24.22
C ARG E 169 -25.01 40.72 24.03
N HIS E 170 -25.65 41.09 25.13
CA HIS E 170 -26.90 41.83 25.13
C HIS E 170 -26.62 43.32 25.26
N ASN E 171 -27.39 44.13 24.55
CA ASN E 171 -27.22 45.58 24.57
C ASN E 171 -28.03 46.19 25.70
N VAL E 172 -27.44 47.20 26.35
CA VAL E 172 -28.05 47.86 27.50
C VAL E 172 -28.46 49.26 27.07
N LYS E 173 -29.51 49.79 27.71
CA LYS E 173 -29.98 51.15 27.44
C LYS E 173 -28.96 52.21 27.81
N ASP E 174 -28.06 51.93 28.74
CA ASP E 174 -27.04 52.88 29.17
C ASP E 174 -25.80 52.86 28.29
N GLY E 175 -25.81 52.10 27.20
CA GLY E 175 -24.67 52.02 26.31
C GLY E 175 -23.68 50.92 26.65
N SER E 176 -23.88 50.20 27.75
CA SER E 176 -22.96 49.12 28.14
C SER E 176 -23.40 47.82 27.47
N VAL E 177 -22.74 46.73 27.83
CA VAL E 177 -23.03 45.41 27.28
C VAL E 177 -23.21 44.42 28.42
N GLN E 178 -24.35 43.75 28.46
CA GLN E 178 -24.65 42.70 29.43
C GLN E 178 -24.32 41.36 28.79
N LEU E 179 -23.46 40.58 29.44
CA LEU E 179 -23.00 39.33 28.86
C LEU E 179 -23.82 38.16 29.39
N ALA E 180 -23.68 37.01 28.74
CA ALA E 180 -24.45 35.83 29.10
C ALA E 180 -23.68 34.60 28.64
N ASP E 181 -23.06 33.89 29.59
CA ASP E 181 -22.31 32.69 29.24
C ASP E 181 -23.26 31.49 29.17
N HIS E 182 -23.22 30.76 28.07
CA HIS E 182 -24.10 29.63 27.85
C HIS E 182 -23.30 28.34 27.82
N TYR E 183 -23.68 27.39 28.66
CA TYR E 183 -23.07 26.07 28.72
C TYR E 183 -24.20 25.06 28.56
N GLN E 184 -24.24 24.33 27.46
CA GLN E 184 -25.37 23.43 27.26
C GLN E 184 -24.92 22.00 27.06
N GLN E 185 -25.87 21.09 27.26
CA GLN E 185 -25.68 19.65 27.13
C GLN E 185 -26.90 19.08 26.42
N ASN E 186 -26.67 18.27 25.40
CA ASN E 186 -27.74 17.55 24.74
C ASN E 186 -27.57 16.05 25.00
N THR E 187 -28.68 15.36 25.17
CA THR E 187 -28.69 13.95 25.47
C THR E 187 -29.97 13.42 24.83
N PRO E 188 -29.89 12.36 24.02
CA PRO E 188 -31.10 11.83 23.40
C PRO E 188 -31.96 11.11 24.43
N ILE E 189 -33.26 11.05 24.12
CA ILE E 189 -34.19 10.35 24.99
C ILE E 189 -33.94 8.84 24.91
N GLY E 190 -33.53 8.35 23.75
CA GLY E 190 -33.12 6.97 23.61
C GLY E 190 -33.86 6.25 22.51
N ARG E 191 -33.33 5.15 21.99
CA ARG E 191 -32.04 4.59 22.39
C ARG E 191 -31.31 4.21 21.09
N GLY E 192 -31.94 4.57 19.97
CA GLY E 192 -31.36 4.39 18.67
C GLY E 192 -30.08 5.18 18.51
N PRO E 193 -29.02 4.54 18.02
CA PRO E 193 -27.72 5.19 17.93
C PRO E 193 -27.73 6.36 16.94
N VAL E 194 -27.05 7.43 17.33
CA VAL E 194 -27.13 8.70 16.63
C VAL E 194 -25.77 9.08 16.08
N LEU E 195 -25.71 10.22 15.40
CA LEU E 195 -24.47 10.72 14.83
C LEU E 195 -23.75 11.57 15.87
N LEU E 196 -22.46 11.30 16.04
CA LEU E 196 -21.66 12.13 16.94
C LEU E 196 -20.76 13.04 16.12
N PRO E 197 -20.94 14.35 16.17
CA PRO E 197 -20.18 15.25 15.30
C PRO E 197 -18.73 15.42 15.69
N ARG E 198 -18.01 16.26 14.95
CA ARG E 198 -16.61 16.54 15.25
C ARG E 198 -16.38 18.05 15.12
N ASN E 199 -16.64 18.77 16.21
CA ASN E 199 -16.16 20.13 16.46
C ASN E 199 -16.55 21.13 15.36
N HIS E 200 -17.85 21.27 15.14
CA HIS E 200 -18.34 22.29 14.23
C HIS E 200 -19.02 23.39 15.06
N TYR E 201 -19.63 24.35 14.38
CA TYR E 201 -20.35 25.39 15.07
C TYR E 201 -21.55 25.83 14.25
N LEU E 202 -22.37 26.69 14.83
CA LEU E 202 -23.61 27.14 14.22
C LEU E 202 -23.59 28.66 14.12
N SER E 203 -23.45 29.17 12.90
CA SER E 203 -23.61 30.60 12.67
C SER E 203 -25.08 30.94 12.76
N THR E 204 -25.46 31.74 13.75
CA THR E 204 -26.87 31.98 14.06
C THR E 204 -27.15 33.45 14.29
N ARG E 205 -28.29 33.91 13.77
CA ARG E 205 -28.79 35.26 14.03
C ARG E 205 -30.29 35.18 14.29
N SER E 206 -30.77 35.97 15.24
CA SER E 206 -32.19 36.12 15.47
C SER E 206 -32.56 37.60 15.48
N VAL E 207 -33.67 37.92 14.84
CA VAL E 207 -34.16 39.28 14.70
C VAL E 207 -35.49 39.38 15.43
N LEU E 208 -35.59 40.34 16.35
CA LEU E 208 -36.79 40.51 17.15
C LEU E 208 -37.60 41.69 16.64
N SER E 209 -38.93 41.52 16.62
CA SER E 209 -39.84 42.58 16.23
C SER E 209 -41.17 42.36 16.92
N LYS E 210 -42.08 43.30 16.73
CA LYS E 210 -43.39 43.24 17.37
C LYS E 210 -44.51 43.24 16.33
N ASP E 211 -45.70 42.89 16.81
CA ASP E 211 -46.89 42.82 15.99
C ASP E 211 -47.79 44.00 16.35
N PRO E 212 -48.16 44.86 15.40
CA PRO E 212 -48.95 46.06 15.77
C PRO E 212 -50.44 45.80 15.92
N LYS E 213 -50.85 44.54 16.00
CA LYS E 213 -52.24 44.18 16.17
C LYS E 213 -52.52 43.44 17.47
N GLU E 214 -51.55 43.37 18.37
CA GLU E 214 -51.69 42.64 19.62
C GLU E 214 -51.82 43.59 20.81
N LYS E 215 -52.25 43.03 21.92
CA LYS E 215 -52.40 43.76 23.17
C LYS E 215 -51.57 43.17 24.30
N ARG E 216 -51.47 41.84 24.36
CA ARG E 216 -50.68 41.18 25.38
C ARG E 216 -49.19 41.39 25.13
N ASP E 217 -48.40 41.13 26.17
CA ASP E 217 -46.95 41.24 26.06
C ASP E 217 -46.44 40.11 25.17
N HIS E 218 -45.86 40.48 24.03
CA HIS E 218 -45.59 39.51 22.98
C HIS E 218 -44.24 39.80 22.33
N MET E 219 -43.86 38.93 21.41
CA MET E 219 -42.58 39.03 20.70
C MET E 219 -42.67 38.20 19.43
N VAL E 220 -42.23 38.77 18.31
CA VAL E 220 -42.20 38.09 17.03
C VAL E 220 -40.73 37.85 16.68
N LEU E 221 -40.40 36.62 16.30
CA LEU E 221 -39.01 36.21 16.15
C LEU E 221 -38.76 35.67 14.75
N LEU E 222 -37.57 35.97 14.23
CA LEU E 222 -37.12 35.52 12.92
C LEU E 222 -35.66 35.09 13.04
N GLU E 223 -35.41 33.78 12.93
CA GLU E 223 -34.10 33.22 13.21
C GLU E 223 -33.53 32.57 11.96
N PHE E 224 -32.22 32.73 11.76
CA PHE E 224 -31.47 32.15 10.66
C PHE E 224 -30.34 31.31 11.24
N VAL E 225 -30.29 30.02 10.87
CA VAL E 225 -29.31 29.10 11.41
C VAL E 225 -28.58 28.43 10.25
N THR E 226 -27.25 28.38 10.33
CA THR E 226 -26.44 27.61 9.41
C THR E 226 -25.19 27.14 10.13
N ALA E 227 -24.45 26.23 9.49
CA ALA E 227 -23.26 25.67 10.12
C ALA E 227 -22.02 25.85 9.27
N ALA E 228 -20.88 25.63 9.90
CA ALA E 228 -19.56 25.76 9.28
C ALA E 228 -18.57 25.01 10.16
N GLY E 229 -17.28 25.21 9.91
CA GLY E 229 -16.25 24.72 10.79
C GLY E 229 -15.57 23.44 10.35
N ILE E 230 -16.08 22.78 9.32
CA ILE E 230 -15.48 21.55 8.81
C ILE E 230 -15.12 21.75 7.34
N LYS E 231 -13.90 21.40 6.97
CA LYS E 231 -13.31 21.72 5.67
C LYS E 231 -13.34 20.53 4.72
N HIS E 232 -14.45 19.78 4.70
CA HIS E 232 -14.58 18.66 3.76
C HIS E 232 -14.61 19.14 2.32
N GLY E 233 -15.59 19.98 1.98
CA GLY E 233 -15.70 20.52 0.63
C GLY E 233 -16.27 19.55 -0.38
N SER F 2 -16.47 -24.33 39.72
CA SER F 2 -16.26 -23.46 40.87
C SER F 2 -16.55 -22.01 40.50
N LYS F 3 -16.43 -21.69 39.22
CA LYS F 3 -16.68 -20.33 38.75
C LYS F 3 -18.17 -20.03 38.75
N GLY F 4 -18.51 -18.81 39.15
CA GLY F 4 -19.88 -18.35 39.14
C GLY F 4 -20.29 -17.60 37.89
N GLU F 5 -19.40 -17.49 36.90
CA GLU F 5 -19.70 -16.74 35.69
C GLU F 5 -20.77 -17.44 34.85
N GLU F 6 -20.80 -18.77 34.85
CA GLU F 6 -21.74 -19.49 34.01
C GLU F 6 -23.14 -19.57 34.61
N LEU F 7 -23.31 -19.13 35.86
CA LEU F 7 -24.63 -19.11 36.47
C LEU F 7 -25.53 -18.01 35.92
N PHE F 8 -25.00 -17.10 35.11
CA PHE F 8 -25.75 -15.97 34.59
C PHE F 8 -25.90 -16.06 33.07
N THR F 9 -26.18 -17.25 32.57
CA THR F 9 -26.42 -17.46 31.15
C THR F 9 -27.93 -17.49 30.90
N GLY F 10 -28.39 -16.63 30.01
CA GLY F 10 -29.78 -16.61 29.61
C GLY F 10 -30.60 -15.66 30.47
N VAL F 11 -31.56 -16.21 31.22
CA VAL F 11 -32.55 -15.44 31.93
C VAL F 11 -32.64 -15.97 33.35
N VAL F 12 -32.42 -15.11 34.33
CA VAL F 12 -32.35 -15.48 35.74
C VAL F 12 -33.50 -14.83 36.47
N PRO F 13 -34.26 -15.57 37.29
CA PRO F 13 -35.30 -14.93 38.11
C PRO F 13 -34.71 -14.07 39.21
N ILE F 14 -35.36 -12.94 39.49
CA ILE F 14 -34.89 -11.94 40.44
C ILE F 14 -35.98 -11.74 41.50
N LEU F 15 -35.56 -11.53 42.75
CA LEU F 15 -36.47 -11.15 43.82
C LEU F 15 -35.83 -10.06 44.66
N VAL F 16 -36.53 -8.96 44.86
CA VAL F 16 -36.00 -7.80 45.58
C VAL F 16 -36.92 -7.51 46.75
N GLU F 17 -36.35 -7.30 47.94
CA GLU F 17 -37.12 -7.00 49.13
C GLU F 17 -36.44 -5.87 49.91
N LEU F 18 -37.25 -4.95 50.45
CA LEU F 18 -36.74 -3.81 51.17
C LEU F 18 -37.54 -3.59 52.45
N ASP F 19 -36.84 -3.09 53.47
CA ASP F 19 -37.47 -2.66 54.73
C ASP F 19 -36.99 -1.24 55.02
N GLY F 20 -37.86 -0.25 54.87
CA GLY F 20 -37.46 1.13 55.00
C GLY F 20 -37.84 1.79 56.31
N ASP F 21 -37.11 2.84 56.67
CA ASP F 21 -37.38 3.61 57.89
C ASP F 21 -36.90 5.03 57.61
N VAL F 22 -37.82 5.89 57.19
CA VAL F 22 -37.49 7.26 56.79
C VAL F 22 -38.24 8.19 57.72
N ASN F 23 -37.52 8.78 58.69
CA ASN F 23 -38.07 9.65 59.74
C ASN F 23 -39.17 8.95 60.53
N GLY F 24 -39.02 7.66 60.76
CA GLY F 24 -40.02 6.88 61.47
C GLY F 24 -41.08 6.26 60.59
N HIS F 25 -41.23 6.74 59.34
CA HIS F 25 -42.20 6.14 58.42
C HIS F 25 -41.67 4.78 57.96
N LYS F 26 -42.47 3.74 58.16
CA LYS F 26 -42.05 2.39 57.85
C LYS F 26 -42.78 1.89 56.61
N PHE F 27 -42.04 1.27 55.70
CA PHE F 27 -42.61 0.80 54.46
C PHE F 27 -41.85 -0.43 54.00
N SER F 28 -42.31 -1.01 52.88
CA SER F 28 -41.69 -2.19 52.30
C SER F 28 -41.97 -2.21 50.82
N VAL F 29 -40.95 -2.54 50.03
CA VAL F 29 -41.04 -2.61 48.58
C VAL F 29 -40.64 -4.01 48.16
N ARG F 30 -41.43 -4.62 47.28
CA ARG F 30 -41.16 -5.96 46.78
C ARG F 30 -41.08 -5.92 45.26
N GLY F 31 -40.06 -6.53 44.70
CA GLY F 31 -39.85 -6.50 43.27
C GLY F 31 -39.54 -7.87 42.71
N GLU F 32 -40.05 -8.13 41.50
CA GLU F 32 -39.85 -9.39 40.81
C GLU F 32 -39.65 -9.12 39.33
N GLY F 33 -38.89 -10.00 38.68
CA GLY F 33 -38.63 -9.83 37.26
C GLY F 33 -37.65 -10.84 36.72
N GLU F 34 -36.80 -10.41 35.77
CA GLU F 34 -35.84 -11.32 35.16
C GLU F 34 -34.68 -10.50 34.60
N GLY F 35 -33.53 -11.14 34.46
CA GLY F 35 -32.33 -10.44 34.04
C GLY F 35 -31.54 -11.24 33.02
N ASP F 36 -30.94 -10.52 32.09
CA ASP F 36 -30.19 -11.10 30.97
C ASP F 36 -28.78 -10.56 31.00
N ALA F 37 -27.86 -11.30 31.62
CA ALA F 37 -26.51 -10.78 31.85
C ALA F 37 -25.62 -10.86 30.63
N ASP F 38 -26.12 -11.33 29.49
CA ASP F 38 -25.30 -11.35 28.28
C ASP F 38 -25.43 -10.07 27.48
N ASN F 39 -26.51 -9.32 27.68
CA ASN F 39 -26.68 -8.02 27.05
C ASN F 39 -26.74 -6.89 28.06
N GLY F 40 -26.72 -7.19 29.35
CA GLY F 40 -27.02 -6.21 30.36
C GLY F 40 -28.49 -5.92 30.52
N LYS F 41 -29.34 -6.61 29.76
CA LYS F 41 -30.76 -6.33 29.76
C LYS F 41 -31.39 -6.80 31.06
N LEU F 42 -32.26 -5.97 31.60
CA LEU F 42 -32.80 -6.15 32.93
C LEU F 42 -34.22 -5.58 32.95
N ASP F 43 -35.14 -6.31 33.57
CA ASP F 43 -36.54 -5.92 33.54
C ASP F 43 -37.25 -6.49 34.75
N LEU F 44 -37.87 -5.62 35.54
CA LEU F 44 -38.50 -6.05 36.79
C LEU F 44 -39.51 -4.99 37.21
N LYS F 45 -40.32 -5.34 38.21
CA LYS F 45 -41.49 -4.54 38.57
C LYS F 45 -41.66 -4.53 40.08
N PHE F 46 -41.84 -3.34 40.64
CA PHE F 46 -41.92 -3.14 42.08
C PHE F 46 -43.34 -2.78 42.50
N ILE F 47 -43.71 -3.16 43.72
CA ILE F 47 -44.95 -2.71 44.34
C ILE F 47 -44.63 -2.31 45.77
N CYS F 48 -45.46 -1.44 46.33
CA CYS F 48 -45.29 -0.97 47.70
C CYS F 48 -46.39 -1.62 48.54
N THR F 49 -46.01 -2.61 49.34
CA THR F 49 -46.98 -3.48 50.01
C THR F 49 -47.55 -2.87 51.28
N THR F 50 -47.13 -1.67 51.66
CA THR F 50 -47.71 -1.02 52.84
C THR F 50 -48.42 0.27 52.46
N GLY F 51 -49.07 0.30 51.31
CA GLY F 51 -49.88 1.45 50.92
C GLY F 51 -49.12 2.46 50.09
N LYS F 52 -48.74 3.58 50.72
CA LYS F 52 -48.08 4.69 50.05
C LYS F 52 -46.58 4.63 50.28
N LEU F 53 -45.84 5.46 49.53
CA LEU F 53 -44.40 5.50 49.66
C LEU F 53 -43.97 6.89 50.12
N PRO F 54 -43.19 6.98 51.21
CA PRO F 54 -42.76 8.30 51.70
C PRO F 54 -41.79 9.03 50.79
N VAL F 55 -40.75 8.34 50.31
CA VAL F 55 -39.73 8.93 49.47
C VAL F 55 -40.16 8.79 48.01
N PRO F 56 -39.61 9.57 47.09
CA PRO F 56 -39.95 9.37 45.68
C PRO F 56 -39.34 8.09 45.14
N TRP F 57 -39.91 7.62 44.05
CA TRP F 57 -39.39 6.42 43.39
C TRP F 57 -38.00 6.55 42.77
N PRO F 58 -37.58 7.67 42.15
CA PRO F 58 -36.19 7.71 41.64
C PRO F 58 -35.12 7.75 42.71
N THR F 59 -35.44 8.03 43.97
CA THR F 59 -34.40 7.92 45.00
C THR F 59 -34.10 6.46 45.34
N LEU F 60 -35.03 5.56 45.11
CA LEU F 60 -34.85 4.15 45.42
C LEU F 60 -34.40 3.34 44.21
N VAL F 61 -34.08 3.99 43.09
CA VAL F 61 -33.58 3.23 41.95
C VAL F 61 -32.13 2.83 42.20
N THR F 62 -31.35 3.69 42.83
CA THR F 62 -29.96 3.36 43.12
C THR F 62 -29.81 2.37 44.26
N THR F 63 -30.89 2.01 44.93
CA THR F 63 -30.86 1.04 46.02
C THR F 63 -31.52 -0.28 45.66
N LEU F 64 -32.59 -0.25 44.87
CA LEU F 64 -33.31 -1.50 44.58
C LEU F 64 -32.62 -2.30 43.47
N THR F 65 -32.71 -1.85 42.22
CA THR F 65 -32.04 -2.59 41.16
C THR F 65 -30.75 -1.89 40.75
N TYR F 66 -29.93 -1.63 41.73
CA TYR F 66 -28.63 -1.06 41.43
C TYR F 66 -27.61 -1.60 42.40
N GLY F 67 -28.05 -2.42 43.35
CA GLY F 67 -27.19 -3.27 44.13
C GLY F 67 -27.03 -4.64 43.50
N VAL F 68 -27.96 -5.02 42.63
CA VAL F 68 -27.76 -6.21 41.83
C VAL F 68 -27.02 -5.78 40.57
N GLN F 69 -25.70 -5.61 40.71
CA GLN F 69 -24.85 -5.21 39.61
C GLN F 69 -24.21 -6.39 38.92
N CYS F 70 -24.56 -7.60 39.35
CA CYS F 70 -24.06 -8.83 38.74
C CYS F 70 -24.61 -9.05 37.35
N PHE F 71 -25.64 -8.32 36.94
CA PHE F 71 -26.20 -8.39 35.59
C PHE F 71 -25.55 -7.41 34.64
N SER F 72 -24.30 -7.06 34.88
CA SER F 72 -23.59 -6.11 34.04
C SER F 72 -22.90 -6.84 32.89
N ARG F 73 -23.04 -6.29 31.69
CA ARG F 73 -22.54 -6.93 30.49
C ARG F 73 -21.04 -6.64 30.41
N TYR F 74 -20.22 -7.57 30.93
CA TYR F 74 -18.82 -7.21 30.69
C TYR F 74 -18.38 -7.73 29.33
N PRO F 75 -17.57 -6.96 28.61
CA PRO F 75 -17.02 -7.44 27.34
C PRO F 75 -16.01 -8.55 27.57
N ASP F 76 -15.67 -9.23 26.47
CA ASP F 76 -14.89 -10.46 26.56
C ASP F 76 -13.46 -10.22 27.02
N HIS F 77 -12.93 -9.02 26.84
CA HIS F 77 -11.59 -8.71 27.32
C HIS F 77 -11.55 -8.30 28.79
N MET F 78 -12.67 -8.43 29.51
CA MET F 78 -12.68 -8.12 30.95
C MET F 78 -13.50 -9.10 31.75
N LYS F 79 -13.68 -10.34 31.28
CA LYS F 79 -14.52 -11.29 31.99
C LYS F 79 -13.89 -11.78 33.28
N GLU F 80 -12.59 -11.57 33.47
CA GLU F 80 -11.89 -11.98 34.68
C GLU F 80 -11.78 -10.87 35.71
N HIS F 81 -12.22 -9.67 35.36
CA HIS F 81 -12.19 -8.51 36.25
C HIS F 81 -13.55 -8.23 36.84
N ASP F 82 -14.27 -9.27 37.20
CA ASP F 82 -15.69 -9.21 37.54
C ASP F 82 -15.85 -9.65 38.98
N PHE F 83 -16.00 -8.68 39.89
CA PHE F 83 -16.20 -9.03 41.29
C PHE F 83 -17.58 -9.61 41.53
N PHE F 84 -18.58 -9.19 40.75
CA PHE F 84 -19.95 -9.45 41.14
C PHE F 84 -20.41 -10.85 40.72
N LYS F 85 -20.08 -11.27 39.51
CA LYS F 85 -20.46 -12.62 39.09
C LYS F 85 -19.59 -13.67 39.76
N SER F 86 -18.37 -13.31 40.14
CA SER F 86 -17.46 -14.30 40.69
C SER F 86 -17.66 -14.54 42.18
N ALA F 87 -18.40 -13.69 42.87
CA ALA F 87 -18.68 -13.91 44.28
C ALA F 87 -19.91 -14.77 44.51
N MET F 88 -20.45 -15.34 43.49
CA MET F 88 -21.63 -16.17 43.38
C MET F 88 -21.26 -17.65 43.33
N PRO F 89 -22.11 -18.56 43.82
CA PRO F 89 -23.44 -18.42 44.44
C PRO F 89 -23.40 -18.15 45.93
N GLU F 90 -22.26 -17.74 46.47
CA GLU F 90 -22.24 -17.39 47.89
C GLU F 90 -22.82 -16.00 48.13
N GLY F 91 -22.48 -15.05 47.29
CA GLY F 91 -23.05 -13.72 47.37
C GLY F 91 -22.11 -12.72 48.01
N TYR F 92 -22.65 -11.52 48.24
CA TYR F 92 -21.86 -10.45 48.84
C TYR F 92 -22.76 -9.53 49.66
N VAL F 93 -22.12 -8.62 50.38
CA VAL F 93 -22.78 -7.66 51.25
C VAL F 93 -22.46 -6.26 50.71
N GLN F 94 -23.49 -5.43 50.57
CA GLN F 94 -23.33 -4.10 49.97
C GLN F 94 -23.91 -3.05 50.91
N GLU F 95 -23.04 -2.20 51.45
CA GLU F 95 -23.42 -1.16 52.40
C GLU F 95 -23.12 0.21 51.81
N ARG F 96 -24.06 1.14 51.93
CA ARG F 96 -23.90 2.47 51.34
C ARG F 96 -24.11 3.56 52.37
N THR F 97 -23.90 4.79 51.91
CA THR F 97 -24.24 6.00 52.64
C THR F 97 -24.55 7.05 51.58
N ILE F 98 -25.83 7.22 51.29
CA ILE F 98 -26.27 8.08 50.19
C ILE F 98 -26.50 9.47 50.74
N SER F 99 -25.64 10.42 50.37
CA SER F 99 -25.66 11.76 50.94
C SER F 99 -26.41 12.70 50.00
N PHE F 100 -27.59 13.15 50.43
CA PHE F 100 -28.38 14.11 49.67
C PHE F 100 -27.87 15.53 49.91
N LYS F 101 -27.83 16.31 48.85
CA LYS F 101 -27.34 17.67 48.95
C LYS F 101 -28.37 18.55 49.67
N ASP F 102 -27.88 19.30 50.67
CA ASP F 102 -28.68 20.21 51.51
C ASP F 102 -29.82 19.49 52.24
N ASP F 103 -29.64 18.20 52.53
CA ASP F 103 -30.69 17.41 53.13
C ASP F 103 -30.03 16.27 53.90
N GLY F 104 -30.80 15.28 54.32
CA GLY F 104 -30.28 14.19 55.13
C GLY F 104 -29.60 13.09 54.34
N THR F 105 -29.76 11.83 54.76
CA THR F 105 -29.00 10.76 54.16
C THR F 105 -29.73 9.43 54.30
N TYR F 106 -29.28 8.45 53.51
CA TYR F 106 -29.71 7.07 53.57
C TYR F 106 -28.59 6.20 54.15
N LYS F 107 -28.99 5.07 54.74
CA LYS F 107 -28.06 4.06 55.22
C LYS F 107 -28.61 2.70 54.84
N THR F 108 -28.05 2.08 53.81
CA THR F 108 -28.54 0.83 53.30
C THR F 108 -27.56 -0.30 53.64
N ARG F 109 -28.08 -1.52 53.61
CA ARG F 109 -27.25 -2.71 53.78
C ARG F 109 -27.95 -3.88 53.10
N ALA F 110 -27.42 -4.34 51.98
CA ALA F 110 -28.05 -5.39 51.20
C ALA F 110 -27.17 -6.63 51.20
N GLU F 111 -27.80 -7.79 51.02
CA GLU F 111 -27.09 -9.07 50.96
C GLU F 111 -27.58 -9.81 49.72
N VAL F 112 -26.97 -9.53 48.59
CA VAL F 112 -27.31 -10.17 47.32
C VAL F 112 -26.75 -11.58 47.34
N LYS F 113 -27.59 -12.57 47.04
CA LYS F 113 -27.15 -13.95 46.94
C LYS F 113 -28.17 -14.77 46.16
N PHE F 114 -27.82 -16.03 45.90
CA PHE F 114 -28.76 -17.00 45.38
C PHE F 114 -29.53 -17.69 46.50
N GLU F 115 -30.82 -17.89 46.27
CA GLU F 115 -31.67 -18.73 47.11
C GLU F 115 -32.32 -19.76 46.18
N GLY F 116 -31.63 -20.88 45.98
CA GLY F 116 -32.09 -21.88 45.05
C GLY F 116 -31.68 -21.55 43.63
N ASP F 117 -32.62 -21.04 42.84
CA ASP F 117 -32.34 -20.63 41.47
C ASP F 117 -32.48 -19.13 41.27
N THR F 118 -33.24 -18.44 42.11
CA THR F 118 -33.47 -17.02 41.93
C THR F 118 -32.42 -16.21 42.69
N LEU F 119 -32.22 -14.99 42.23
CA LEU F 119 -31.16 -14.09 42.72
C LEU F 119 -31.82 -13.06 43.62
N VAL F 120 -31.59 -13.18 44.93
CA VAL F 120 -32.39 -12.50 45.93
C VAL F 120 -31.62 -11.31 46.49
N ASN F 121 -32.18 -10.12 46.36
CA ASN F 121 -31.66 -8.91 46.96
C ASN F 121 -32.51 -8.61 48.20
N ARG F 122 -31.86 -8.45 49.35
CA ARG F 122 -32.56 -8.16 50.61
C ARG F 122 -31.97 -6.90 51.22
N ILE F 123 -32.63 -5.77 51.03
CA ILE F 123 -32.13 -4.48 51.46
C ILE F 123 -32.82 -4.12 52.78
N GLU F 124 -32.06 -3.53 53.69
CA GLU F 124 -32.60 -2.91 54.90
C GLU F 124 -32.15 -1.46 54.92
N LEU F 125 -33.07 -0.54 54.63
CA LEU F 125 -32.75 0.86 54.46
C LEU F 125 -33.17 1.66 55.69
N LYS F 126 -32.36 2.65 56.05
CA LYS F 126 -32.68 3.57 57.13
C LYS F 126 -32.26 4.97 56.70
N GLY F 127 -33.17 5.93 56.84
CA GLY F 127 -32.87 7.30 56.48
C GLY F 127 -33.36 8.31 57.49
N ILE F 128 -32.47 9.19 57.95
CA ILE F 128 -32.79 10.18 58.96
C ILE F 128 -32.39 11.57 58.46
N ASP F 129 -32.67 12.57 59.31
CA ASP F 129 -32.21 13.95 59.17
C ASP F 129 -32.75 14.64 57.92
N PHE F 130 -33.88 14.18 57.41
CA PHE F 130 -34.48 14.83 56.25
C PHE F 130 -35.19 16.11 56.62
N LYS F 131 -35.49 16.90 55.60
CA LYS F 131 -36.07 18.22 55.74
C LYS F 131 -37.51 18.19 55.25
N GLU F 132 -38.42 18.70 56.07
CA GLU F 132 -39.81 18.85 55.64
C GLU F 132 -39.91 19.91 54.56
N ASP F 133 -40.82 19.66 53.60
CA ASP F 133 -40.98 20.46 52.38
C ASP F 133 -39.66 20.56 51.60
N GLY F 134 -38.90 19.48 51.58
CA GLY F 134 -37.71 19.39 50.77
C GLY F 134 -38.01 18.79 49.41
N ASN F 135 -36.94 18.46 48.70
CA ASN F 135 -37.12 17.83 47.39
C ASN F 135 -37.53 16.38 47.50
N ILE F 136 -37.22 15.72 48.62
CA ILE F 136 -37.49 14.30 48.79
C ILE F 136 -38.86 14.12 49.41
N LEU F 137 -39.05 14.61 50.64
CA LEU F 137 -40.31 14.36 51.32
C LEU F 137 -41.46 15.21 50.80
N GLY F 138 -41.19 16.20 49.97
CA GLY F 138 -42.23 16.97 49.32
C GLY F 138 -42.67 16.43 47.99
N HIS F 139 -42.04 15.35 47.53
CA HIS F 139 -42.31 14.69 46.24
C HIS F 139 -42.17 15.68 45.08
N LYS F 140 -41.00 16.28 44.99
CA LYS F 140 -40.72 17.30 43.99
C LYS F 140 -39.73 16.84 42.93
N LEU F 141 -39.56 15.53 42.78
CA LEU F 141 -38.63 14.98 41.81
C LEU F 141 -39.39 14.42 40.62
N GLU F 142 -38.83 14.59 39.43
CA GLU F 142 -39.46 14.05 38.23
C GLU F 142 -39.29 12.54 38.19
N TYR F 143 -40.14 11.90 37.38
CA TYR F 143 -40.16 10.44 37.30
C TYR F 143 -39.27 10.02 36.13
N ASN F 144 -37.98 10.26 36.29
CA ASN F 144 -36.98 9.81 35.34
C ASN F 144 -35.63 9.66 36.04
N PHE F 145 -34.75 8.90 35.41
CA PHE F 145 -33.44 8.64 35.94
C PHE F 145 -32.45 8.73 34.78
N ASN F 146 -31.32 9.37 35.01
CA ASN F 146 -30.40 9.72 33.94
C ASN F 146 -29.42 8.60 33.65
N SER F 147 -28.43 8.87 32.80
CA SER F 147 -27.39 7.92 32.45
C SER F 147 -26.10 8.30 33.16
N HIS F 148 -25.52 7.37 33.90
CA HIS F 148 -24.48 7.68 34.88
C HIS F 148 -23.31 6.74 34.70
N GLU F 149 -22.25 6.97 35.49
CA GLU F 149 -21.06 6.14 35.46
C GLU F 149 -20.59 5.87 36.87
N VAL F 150 -20.12 4.64 37.13
CA VAL F 150 -19.75 4.18 38.46
C VAL F 150 -18.29 3.74 38.40
N TYR F 151 -17.42 4.43 39.12
CA TYR F 151 -16.00 4.11 39.11
C TYR F 151 -15.70 3.12 40.24
N ILE F 152 -15.53 1.86 39.86
CA ILE F 152 -15.26 0.76 40.77
C ILE F 152 -13.76 0.56 40.90
N THR F 153 -13.25 0.56 42.13
CA THR F 153 -11.83 0.35 42.38
C THR F 153 -11.65 -0.70 43.46
N ALA F 154 -10.43 -1.19 43.58
CA ALA F 154 -10.13 -2.24 44.54
C ALA F 154 -9.94 -1.66 45.93
N ASP F 155 -10.25 -2.46 46.93
CA ASP F 155 -10.11 -2.09 48.34
C ASP F 155 -9.48 -3.23 49.12
N ASP F 156 -8.31 -3.69 48.63
CA ASP F 156 -7.53 -4.87 49.04
C ASP F 156 -7.52 -5.18 50.53
N GLU F 157 -7.33 -4.15 51.34
CA GLU F 157 -7.15 -4.22 52.77
C GLU F 157 -8.43 -4.55 53.56
N LYS F 158 -9.53 -4.84 52.88
CA LYS F 158 -10.69 -5.41 53.55
C LYS F 158 -11.32 -6.54 52.75
N ASN F 159 -10.66 -7.02 51.69
CA ASN F 159 -11.15 -8.07 50.79
C ASN F 159 -12.50 -7.67 50.18
N GLY F 160 -12.47 -6.61 49.39
CA GLY F 160 -13.69 -6.14 48.74
C GLY F 160 -13.37 -4.97 47.83
N ILE F 161 -14.42 -4.39 47.26
CA ILE F 161 -14.27 -3.23 46.40
C ILE F 161 -15.07 -2.07 46.96
N LYS F 162 -15.03 -0.94 46.27
CA LYS F 162 -15.78 0.25 46.66
C LYS F 162 -16.01 1.09 45.42
N ALA F 163 -16.92 2.05 45.53
CA ALA F 163 -17.24 2.90 44.40
C ALA F 163 -17.77 4.24 44.92
N GLU F 164 -17.44 5.31 44.20
CA GLU F 164 -17.89 6.65 44.51
C GLU F 164 -18.40 7.32 43.25
N PHE F 165 -19.60 7.88 43.33
CA PHE F 165 -20.23 8.49 42.17
C PHE F 165 -21.32 9.43 42.66
N LYS F 166 -21.78 10.28 41.75
CA LYS F 166 -22.77 11.31 42.06
C LYS F 166 -23.99 11.10 41.19
N ILE F 167 -25.17 11.06 41.81
CA ILE F 167 -26.43 10.84 41.11
C ILE F 167 -27.17 12.17 41.03
N ARG F 168 -27.51 12.59 39.81
CA ARG F 168 -28.19 13.84 39.58
C ARG F 168 -29.67 13.58 39.36
N HIS F 169 -30.49 13.96 40.33
CA HIS F 169 -31.94 13.81 40.22
C HIS F 169 -32.54 15.07 39.62
N ASN F 170 -33.60 14.90 38.85
CA ASN F 170 -34.28 16.03 38.23
C ASN F 170 -35.39 16.53 39.13
N VAL F 171 -35.52 17.84 39.26
CA VAL F 171 -36.50 18.46 40.14
C VAL F 171 -37.61 19.02 39.26
N GLU F 172 -38.82 19.13 39.83
CA GLU F 172 -40.00 19.56 39.09
C GLU F 172 -39.87 20.97 38.50
N ASP F 173 -39.12 21.86 39.15
CA ASP F 173 -39.08 23.24 38.70
C ASP F 173 -37.94 23.53 37.72
N GLY F 174 -36.96 22.66 37.60
CA GLY F 174 -35.86 22.84 36.68
C GLY F 174 -34.48 22.65 37.28
N SER F 175 -34.35 22.71 38.60
CA SER F 175 -33.07 22.55 39.26
C SER F 175 -32.68 21.06 39.30
N VAL F 176 -31.57 20.75 39.97
CA VAL F 176 -31.02 19.39 40.01
C VAL F 176 -30.71 19.04 41.46
N GLN F 177 -31.24 17.91 41.92
CA GLN F 177 -30.93 17.38 43.25
C GLN F 177 -29.77 16.41 43.17
N LEU F 178 -28.75 16.64 43.99
CA LEU F 178 -27.52 15.84 43.99
C LEU F 178 -27.54 14.82 45.10
N ALA F 179 -27.12 13.60 44.77
CA ALA F 179 -26.97 12.52 45.72
C ALA F 179 -25.57 11.95 45.61
N ASP F 180 -24.88 11.80 46.73
CA ASP F 180 -23.51 11.30 46.75
C ASP F 180 -23.50 9.90 47.34
N HIS F 181 -23.03 8.94 46.55
CA HIS F 181 -23.03 7.54 46.92
C HIS F 181 -21.63 7.08 47.31
N TYR F 182 -21.58 6.13 48.25
CA TYR F 182 -20.33 5.56 48.72
C TYR F 182 -20.62 4.14 49.16
N GLN F 183 -20.36 3.16 48.30
CA GLN F 183 -20.67 1.77 48.59
C GLN F 183 -19.41 0.98 48.92
N GLN F 184 -19.60 -0.10 49.68
CA GLN F 184 -18.52 -0.99 50.08
C GLN F 184 -18.99 -2.42 49.95
N ASN F 185 -18.45 -3.14 48.96
CA ASN F 185 -18.80 -4.54 48.77
C ASN F 185 -17.82 -5.44 49.51
N THR F 186 -18.31 -6.61 49.89
CA THR F 186 -17.56 -7.62 50.62
C THR F 186 -18.26 -8.96 50.45
N PRO F 187 -17.58 -10.00 49.98
CA PRO F 187 -18.24 -11.28 49.74
C PRO F 187 -18.56 -12.01 51.03
N ILE F 188 -19.46 -12.98 50.92
CA ILE F 188 -19.92 -13.73 52.09
C ILE F 188 -18.82 -14.65 52.59
N GLY F 189 -18.39 -15.60 51.75
CA GLY F 189 -17.36 -16.53 52.14
C GLY F 189 -16.09 -16.33 51.35
N ASP F 190 -15.88 -17.18 50.36
CA ASP F 190 -14.74 -17.07 49.46
C ASP F 190 -15.17 -16.24 48.27
N GLY F 191 -14.48 -15.13 48.04
CA GLY F 191 -14.82 -14.24 46.96
C GLY F 191 -14.23 -14.67 45.64
N PRO F 192 -13.79 -13.71 44.83
CA PRO F 192 -13.15 -14.06 43.56
C PRO F 192 -11.72 -14.55 43.75
N ASP F 193 -11.00 -14.75 42.65
CA ASP F 193 -9.60 -15.10 42.75
C ASP F 193 -8.78 -13.93 43.27
N LEU F 194 -8.75 -12.83 42.51
CA LEU F 194 -8.09 -11.62 42.95
C LEU F 194 -8.94 -10.43 42.53
N LEU F 195 -8.81 -9.34 43.28
CA LEU F 195 -9.67 -8.18 43.10
C LEU F 195 -9.36 -7.49 41.78
N PRO F 196 -10.37 -6.92 41.12
CA PRO F 196 -10.17 -6.43 39.75
C PRO F 196 -9.45 -5.08 39.72
N ASP F 197 -9.05 -4.70 38.52
CA ASP F 197 -8.51 -3.38 38.27
C ASP F 197 -9.63 -2.36 38.24
N GLU F 198 -9.26 -1.08 38.18
CA GLU F 198 -10.26 -0.02 38.18
C GLU F 198 -10.91 0.08 36.81
N HIS F 199 -12.24 0.04 36.79
CA HIS F 199 -13.03 0.07 35.56
C HIS F 199 -14.37 0.71 35.88
N TYR F 200 -15.08 1.19 34.87
CA TYR F 200 -16.29 1.93 35.13
C TYR F 200 -17.50 1.28 34.49
N LEU F 201 -18.58 1.19 35.26
CA LEU F 201 -19.86 0.72 34.78
C LEU F 201 -20.63 1.88 34.19
N SER F 202 -21.36 1.64 33.12
CA SER F 202 -22.12 2.69 32.44
C SER F 202 -23.58 2.26 32.37
N THR F 203 -24.45 3.00 33.05
CA THR F 203 -25.84 2.61 33.21
C THR F 203 -26.77 3.50 32.40
N GLN F 204 -27.89 2.92 31.98
CA GLN F 204 -29.03 3.64 31.42
C GLN F 204 -30.30 3.02 31.97
N SER F 205 -31.32 3.82 32.24
CA SER F 205 -32.56 3.28 32.76
C SER F 205 -33.75 4.02 32.18
N VAL F 206 -34.85 3.30 32.00
CA VAL F 206 -36.09 3.84 31.45
C VAL F 206 -37.19 3.59 32.49
N LEU F 207 -37.60 4.64 33.16
CA LEU F 207 -38.68 4.56 34.14
C LEU F 207 -40.02 4.63 33.43
N SER F 208 -41.00 3.88 33.93
CA SER F 208 -42.31 3.80 33.29
C SER F 208 -43.34 3.39 34.33
N LYS F 209 -44.57 3.11 33.87
CA LYS F 209 -45.69 2.71 34.71
C LYS F 209 -46.40 1.52 34.08
N ASP F 210 -47.36 0.98 34.83
CA ASP F 210 -48.23 -0.09 34.39
C ASP F 210 -49.67 0.42 34.44
N PRO F 211 -50.40 0.45 33.33
CA PRO F 211 -51.78 0.99 33.39
C PRO F 211 -52.77 0.10 34.12
N ASN F 212 -52.45 -1.17 34.35
CA ASN F 212 -53.38 -2.10 34.99
C ASN F 212 -53.06 -2.34 36.46
N GLU F 213 -52.57 -1.32 37.16
CA GLU F 213 -52.23 -1.43 38.57
C GLU F 213 -52.83 -0.29 39.37
N LYS F 214 -53.38 -0.63 40.53
CA LYS F 214 -53.92 0.35 41.45
C LYS F 214 -53.00 0.60 42.65
N ARG F 215 -51.94 -0.17 42.79
CA ARG F 215 -51.01 0.04 43.89
C ARG F 215 -49.84 0.89 43.45
N ASP F 216 -49.23 1.56 44.42
CA ASP F 216 -48.12 2.47 44.16
C ASP F 216 -46.91 1.67 43.71
N HIS F 217 -46.60 1.72 42.42
CA HIS F 217 -45.71 0.75 41.81
C HIS F 217 -44.69 1.47 40.93
N MET F 218 -43.82 0.68 40.30
CA MET F 218 -42.74 1.21 39.48
C MET F 218 -42.24 0.10 38.57
N VAL F 219 -42.11 0.40 37.28
CA VAL F 219 -41.62 -0.55 36.29
C VAL F 219 -40.29 -0.03 35.77
N LEU F 220 -39.26 -0.88 35.79
CA LEU F 220 -37.90 -0.45 35.50
C LEU F 220 -37.29 -1.31 34.40
N LEU F 221 -36.50 -0.67 33.55
CA LEU F 221 -35.80 -1.33 32.44
C LEU F 221 -34.42 -0.70 32.36
N GLU F 222 -33.37 -1.49 32.65
CA GLU F 222 -32.05 -0.92 32.86
C GLU F 222 -31.01 -1.70 32.08
N PHE F 223 -30.01 -0.98 31.56
CA PHE F 223 -29.00 -1.50 30.65
C PHE F 223 -27.63 -1.10 31.18
N VAL F 224 -26.83 -2.07 31.62
CA VAL F 224 -25.55 -1.79 32.27
C VAL F 224 -24.44 -2.49 31.52
N THR F 225 -23.46 -1.73 31.05
CA THR F 225 -22.23 -2.28 30.48
C THR F 225 -21.04 -1.72 31.23
N ALA F 226 -19.86 -2.24 30.93
CA ALA F 226 -18.64 -1.79 31.57
C ALA F 226 -17.53 -1.59 30.55
N ASP F 227 -16.66 -0.63 30.86
CA ASP F 227 -15.50 -0.35 30.04
C ASP F 227 -14.42 0.16 30.99
N GLY F 228 -13.38 0.77 30.45
CA GLY F 228 -12.34 1.39 31.24
C GLY F 228 -11.00 0.70 31.18
N ILE F 229 -10.94 -0.47 30.55
CA ILE F 229 -9.69 -1.21 30.36
C ILE F 229 -9.53 -1.46 28.88
N THR F 230 -8.41 -0.99 28.33
CA THR F 230 -8.15 -1.08 26.90
C THR F 230 -7.68 -2.49 26.54
N GLU F 231 -7.25 -2.66 25.29
CA GLU F 231 -6.86 -3.97 24.80
C GLU F 231 -5.51 -4.37 25.38
N GLY F 232 -5.44 -5.59 25.90
CA GLY F 232 -4.22 -6.10 26.49
C GLY F 232 -3.86 -7.49 26.02
N SER G 3 -25.86 -18.21 5.29
CA SER G 3 -26.05 -19.38 4.43
C SER G 3 -27.51 -19.79 4.37
N LYS G 4 -27.78 -20.94 3.77
CA LYS G 4 -29.13 -21.46 3.65
C LYS G 4 -29.54 -22.34 4.82
N GLY G 5 -28.63 -22.60 5.76
CA GLY G 5 -28.93 -23.44 6.90
C GLY G 5 -29.40 -22.65 8.10
N GLU G 6 -29.00 -21.38 8.18
CA GLU G 6 -29.38 -20.57 9.33
C GLU G 6 -30.85 -20.19 9.27
N ARG G 7 -31.42 -20.08 8.08
CA ARG G 7 -32.80 -19.65 7.92
C ARG G 7 -33.79 -20.72 8.38
N LEU G 8 -33.35 -21.96 8.52
CA LEU G 8 -34.22 -23.03 8.98
C LEU G 8 -34.55 -22.95 10.46
N PHE G 9 -33.83 -22.13 11.22
CA PHE G 9 -33.94 -22.10 12.67
C PHE G 9 -34.71 -20.91 13.19
N ARG G 10 -35.29 -20.10 12.31
CA ARG G 10 -36.13 -18.99 12.76
C ARG G 10 -37.46 -19.51 13.28
N GLY G 11 -37.86 -19.02 14.45
CA GLY G 11 -39.08 -19.48 15.06
C GLY G 11 -38.87 -20.77 15.84
N LYS G 12 -39.94 -21.18 16.53
CA LYS G 12 -39.89 -22.36 17.38
C LYS G 12 -39.90 -23.61 16.52
N VAL G 13 -39.00 -24.54 16.82
CA VAL G 13 -38.84 -25.79 16.07
C VAL G 13 -39.04 -26.94 17.05
N PRO G 14 -39.87 -27.93 16.72
CA PRO G 14 -40.03 -29.08 17.61
C PRO G 14 -38.78 -29.97 17.61
N ILE G 15 -38.64 -30.73 18.69
CA ILE G 15 -37.45 -31.54 18.95
C ILE G 15 -37.89 -32.96 19.31
N LEU G 16 -37.32 -33.95 18.63
CA LEU G 16 -37.49 -35.35 19.00
C LEU G 16 -36.13 -35.92 19.36
N VAL G 17 -36.05 -36.59 20.51
CA VAL G 17 -34.81 -37.16 21.02
C VAL G 17 -35.05 -38.62 21.36
N GLU G 18 -34.28 -39.51 20.75
CA GLU G 18 -34.41 -40.95 20.96
C GLU G 18 -33.06 -41.53 21.33
N LEU G 19 -32.98 -42.20 22.47
CA LEU G 19 -31.73 -42.78 22.95
C LEU G 19 -31.94 -44.26 23.21
N LYS G 20 -30.95 -45.06 22.83
CA LYS G 20 -30.94 -46.50 23.05
C LYS G 20 -29.64 -46.83 23.79
N GLY G 21 -29.73 -47.00 25.10
CA GLY G 21 -28.54 -47.13 25.91
C GLY G 21 -28.24 -48.55 26.36
N ASP G 22 -27.01 -48.78 26.80
CA ASP G 22 -26.59 -50.09 27.31
C ASP G 22 -25.44 -49.84 28.28
N VAL G 23 -25.74 -49.79 29.56
CA VAL G 23 -24.75 -49.49 30.58
C VAL G 23 -24.53 -50.73 31.42
N ASN G 24 -23.33 -51.32 31.27
CA ASN G 24 -22.81 -52.40 32.11
C ASN G 24 -23.72 -53.63 32.07
N GLY G 25 -24.30 -53.90 30.91
CA GLY G 25 -25.26 -54.96 30.76
C GLY G 25 -26.70 -54.51 30.88
N HIS G 26 -26.97 -53.53 31.72
CA HIS G 26 -28.33 -53.04 31.93
C HIS G 26 -28.73 -52.15 30.77
N LYS G 27 -29.81 -52.50 30.10
CA LYS G 27 -30.28 -51.72 28.96
C LYS G 27 -31.41 -50.79 29.36
N PHE G 28 -31.55 -49.70 28.63
CA PHE G 28 -32.64 -48.76 28.85
C PHE G 28 -32.90 -48.00 27.56
N SER G 29 -33.94 -47.18 27.59
CA SER G 29 -34.30 -46.32 26.47
C SER G 29 -34.99 -45.09 27.01
N VAL G 30 -34.67 -43.94 26.42
CA VAL G 30 -35.22 -42.65 26.84
C VAL G 30 -35.75 -41.93 25.61
N ARG G 31 -37.01 -41.53 25.66
CA ARG G 31 -37.62 -40.75 24.59
C ARG G 31 -37.90 -39.34 25.10
N GLY G 32 -37.62 -38.35 24.26
CA GLY G 32 -37.82 -36.98 24.64
C GLY G 32 -38.49 -36.20 23.53
N LYS G 33 -39.22 -35.16 23.93
CA LYS G 33 -39.97 -34.35 22.99
C LYS G 33 -40.12 -32.95 23.55
N GLY G 34 -40.34 -32.00 22.65
CA GLY G 34 -40.49 -30.61 23.05
C GLY G 34 -40.08 -29.69 21.91
N LYS G 35 -39.90 -28.43 22.24
CA LYS G 35 -39.61 -27.40 21.26
C LYS G 35 -38.34 -26.67 21.64
N GLY G 36 -37.76 -25.98 20.66
CA GLY G 36 -36.52 -25.27 20.90
C GLY G 36 -36.42 -23.94 20.16
N ASP G 37 -36.17 -22.88 20.91
CA ASP G 37 -36.01 -21.53 20.36
C ASP G 37 -34.55 -21.33 20.04
N ALA G 38 -34.26 -20.99 18.79
CA ALA G 38 -32.88 -20.73 18.37
C ALA G 38 -32.53 -19.26 18.33
N THR G 39 -33.53 -18.37 18.39
CA THR G 39 -33.25 -16.94 18.39
C THR G 39 -32.70 -16.50 19.74
N ASN G 40 -33.21 -17.09 20.82
CA ASN G 40 -32.80 -16.75 22.17
C ASN G 40 -31.84 -17.76 22.77
N GLY G 41 -31.71 -18.93 22.17
CA GLY G 41 -30.92 -19.98 22.77
C GLY G 41 -31.58 -20.64 23.95
N LYS G 42 -32.79 -21.17 23.77
CA LYS G 42 -33.59 -21.70 24.86
C LYS G 42 -34.22 -23.02 24.43
N LEU G 43 -34.13 -24.03 25.29
CA LEU G 43 -34.71 -25.33 25.02
C LEU G 43 -35.65 -25.72 26.15
N THR G 44 -36.76 -26.37 25.80
CA THR G 44 -37.69 -26.92 26.77
C THR G 44 -38.06 -28.33 26.33
N LEU G 45 -37.53 -29.33 27.03
CA LEU G 45 -37.80 -30.73 26.69
C LEU G 45 -38.34 -31.45 27.90
N LYS G 46 -39.03 -32.55 27.63
CA LYS G 46 -39.53 -33.46 28.66
C LYS G 46 -39.14 -34.88 28.27
N PHE G 47 -38.51 -35.59 29.20
CA PHE G 47 -37.99 -36.93 28.94
C PHE G 47 -38.75 -37.96 29.75
N ILE G 48 -38.87 -39.16 29.20
CA ILE G 48 -39.51 -40.29 29.85
C ILE G 48 -38.66 -41.53 29.63
N CYS G 49 -38.66 -42.42 30.62
CA CYS G 49 -37.90 -43.66 30.56
C CYS G 49 -38.86 -44.78 30.16
N THR G 50 -38.79 -45.19 28.89
CA THR G 50 -39.76 -46.12 28.33
C THR G 50 -39.63 -47.53 28.89
N THR G 51 -38.45 -47.93 29.37
CA THR G 51 -38.26 -49.27 29.90
C THR G 51 -38.24 -49.28 31.42
N GLY G 52 -39.08 -48.47 32.05
CA GLY G 52 -39.24 -48.52 33.49
C GLY G 52 -38.23 -47.71 34.28
N LYS G 53 -37.41 -48.39 35.07
CA LYS G 53 -36.42 -47.71 35.90
C LYS G 53 -35.18 -47.38 35.08
N LEU G 54 -34.26 -46.66 35.72
CA LEU G 54 -33.07 -46.20 35.02
C LEU G 54 -31.83 -46.55 35.84
N PRO G 55 -30.81 -47.17 35.24
CA PRO G 55 -29.66 -47.61 36.04
C PRO G 55 -28.67 -46.51 36.35
N VAL G 56 -28.65 -45.42 35.59
CA VAL G 56 -27.71 -44.32 35.81
C VAL G 56 -28.50 -43.12 36.28
N PRO G 57 -27.89 -42.13 36.95
CA PRO G 57 -28.65 -40.95 37.36
C PRO G 57 -29.04 -40.08 36.18
N TRP G 58 -30.15 -39.39 36.35
CA TRP G 58 -30.56 -38.40 35.36
C TRP G 58 -29.57 -37.26 35.07
N PRO G 59 -28.79 -36.72 36.03
CA PRO G 59 -27.85 -35.67 35.63
C PRO G 59 -26.70 -36.13 34.75
N THR G 60 -26.35 -37.42 34.76
CA THR G 60 -25.26 -37.87 33.92
C THR G 60 -25.64 -37.95 32.45
N LEU G 61 -26.93 -38.09 32.14
CA LEU G 61 -27.39 -38.19 30.77
C LEU G 61 -27.78 -36.86 30.17
N VAL G 62 -27.58 -35.75 30.88
CA VAL G 62 -27.99 -34.45 30.36
C VAL G 62 -27.08 -34.02 29.23
N THR G 63 -25.78 -34.31 29.35
CA THR G 63 -24.84 -33.95 28.30
C THR G 63 -24.98 -34.80 27.05
N THR G 64 -25.68 -35.93 27.15
CA THR G 64 -25.90 -36.78 25.99
C THR G 64 -27.17 -36.39 25.24
N LEU G 65 -28.23 -36.06 25.96
CA LEU G 65 -29.53 -35.78 25.35
C LEU G 65 -29.58 -34.41 24.71
N THR G 66 -29.46 -33.35 25.52
CA THR G 66 -29.78 -32.00 25.10
C THR G 66 -28.56 -31.13 24.86
N TRP G 67 -27.40 -31.55 25.32
CA TRP G 67 -26.15 -30.90 24.96
C TRP G 67 -25.60 -31.44 23.65
N GLY G 68 -26.38 -32.27 22.96
CA GLY G 68 -26.07 -32.75 21.64
C GLY G 68 -26.80 -31.95 20.59
N VAL G 69 -27.92 -31.34 20.96
CA VAL G 69 -28.62 -30.43 20.05
C VAL G 69 -28.02 -29.05 20.30
N GLN G 70 -26.86 -28.83 19.69
CA GLN G 70 -26.15 -27.56 19.81
C GLN G 70 -26.30 -26.71 18.57
N CYS G 71 -27.20 -27.10 17.66
CA CYS G 71 -27.60 -26.23 16.57
C CYS G 71 -28.57 -25.16 17.02
N PHE G 72 -29.02 -25.21 18.26
CA PHE G 72 -29.90 -24.22 18.87
C PHE G 72 -29.13 -23.22 19.73
N ALA G 73 -27.92 -22.86 19.30
CA ALA G 73 -27.07 -21.93 20.04
C ALA G 73 -27.32 -20.51 19.57
N ARG G 74 -27.35 -19.58 20.52
CA ARG G 74 -27.58 -18.18 20.20
C ARG G 74 -26.25 -17.59 19.75
N TYR G 75 -25.96 -17.72 18.45
CA TYR G 75 -24.74 -16.99 18.13
C TYR G 75 -25.06 -15.52 17.91
N PRO G 76 -24.21 -14.62 18.42
CA PRO G 76 -24.50 -13.18 18.35
C PRO G 76 -24.42 -12.62 16.94
N LYS G 77 -24.72 -11.33 16.82
CA LYS G 77 -24.75 -10.68 15.51
C LYS G 77 -23.35 -10.55 14.92
N HIS G 78 -22.33 -10.48 15.76
CA HIS G 78 -21.00 -10.12 15.31
C HIS G 78 -20.11 -11.31 14.99
N MET G 79 -20.63 -12.53 14.98
CA MET G 79 -19.85 -13.67 14.53
C MET G 79 -20.42 -14.25 13.24
N LYS G 80 -21.56 -14.97 13.33
CA LYS G 80 -22.38 -15.50 12.22
C LYS G 80 -21.59 -16.23 11.11
N ARG G 81 -20.35 -16.62 11.39
CA ARG G 81 -19.45 -17.22 10.41
C ARG G 81 -18.69 -18.37 11.04
N HIS G 82 -18.66 -18.44 12.37
CA HIS G 82 -18.00 -19.49 13.11
C HIS G 82 -19.00 -20.55 13.55
N ASP G 83 -19.96 -20.86 12.70
CA ASP G 83 -21.13 -21.65 13.05
C ASP G 83 -21.05 -22.96 12.29
N PHE G 84 -20.51 -23.99 12.94
CA PHE G 84 -20.53 -25.31 12.33
C PHE G 84 -21.89 -25.96 12.47
N PHE G 85 -22.60 -25.70 13.57
CA PHE G 85 -23.76 -26.51 13.93
C PHE G 85 -24.95 -26.22 13.04
N LYS G 86 -25.21 -24.95 12.74
CA LYS G 86 -26.32 -24.64 11.85
C LYS G 86 -25.96 -24.85 10.39
N SER G 87 -24.67 -24.76 10.05
CA SER G 87 -24.27 -24.87 8.65
C SER G 87 -24.30 -26.31 8.15
N ALA G 88 -24.32 -27.30 9.03
CA ALA G 88 -24.33 -28.69 8.61
C ALA G 88 -25.74 -29.20 8.31
N MET G 89 -26.72 -28.36 8.39
CA MET G 89 -28.15 -28.57 8.19
C MET G 89 -28.54 -28.21 6.75
N PRO G 90 -29.59 -28.83 6.19
CA PRO G 90 -30.53 -29.83 6.70
C PRO G 90 -30.03 -31.26 6.57
N LYS G 91 -28.79 -31.42 6.08
CA LYS G 91 -28.22 -32.75 5.95
C LYS G 91 -27.97 -33.38 7.32
N GLY G 92 -27.32 -32.65 8.21
CA GLY G 92 -27.08 -33.11 9.56
C GLY G 92 -25.61 -33.30 9.84
N TYR G 93 -25.33 -33.77 11.06
CA TYR G 93 -23.97 -34.04 11.47
C TYR G 93 -23.96 -35.20 12.47
N VAL G 94 -22.78 -35.80 12.63
CA VAL G 94 -22.60 -36.96 13.48
C VAL G 94 -21.75 -36.54 14.67
N GLN G 95 -22.28 -36.71 15.88
CA GLN G 95 -21.61 -36.28 17.10
C GLN G 95 -21.27 -37.49 17.95
N GLU G 96 -19.99 -37.64 18.27
CA GLU G 96 -19.50 -38.73 19.09
C GLU G 96 -18.78 -38.16 20.30
N ARG G 97 -19.05 -38.72 21.49
CA ARG G 97 -18.38 -38.28 22.70
C ARG G 97 -17.66 -39.43 23.37
N THR G 98 -16.87 -39.09 24.38
CA THR G 98 -16.22 -40.05 25.26
C THR G 98 -16.25 -39.42 26.66
N ILE G 99 -17.22 -39.81 27.45
CA ILE G 99 -17.49 -39.18 28.74
C ILE G 99 -16.76 -40.01 29.79
N SER G 100 -15.60 -39.55 30.23
CA SER G 100 -14.76 -40.33 31.14
C SER G 100 -14.91 -39.79 32.55
N PHE G 101 -15.50 -40.59 33.42
CA PHE G 101 -15.68 -40.23 34.82
C PHE G 101 -14.38 -40.48 35.59
N LYS G 102 -14.12 -39.62 36.57
CA LYS G 102 -12.94 -39.81 37.41
C LYS G 102 -13.17 -40.96 38.37
N LYS G 103 -12.18 -41.85 38.47
CA LYS G 103 -12.18 -43.05 39.31
C LYS G 103 -13.38 -43.95 39.03
N ASP G 104 -13.79 -44.02 37.77
CA ASP G 104 -14.96 -44.78 37.35
C ASP G 104 -14.82 -45.01 35.85
N GLY G 105 -15.84 -45.63 35.25
CA GLY G 105 -15.79 -46.02 33.85
C GLY G 105 -16.07 -44.87 32.90
N THR G 106 -16.57 -45.21 31.71
CA THR G 106 -16.62 -44.28 30.60
C THR G 106 -17.86 -44.53 29.77
N TYR G 107 -18.51 -43.47 29.31
CA TYR G 107 -19.54 -43.60 28.27
C TYR G 107 -18.92 -43.49 26.89
N LYS G 108 -19.55 -44.15 25.93
CA LYS G 108 -19.22 -44.04 24.51
C LYS G 108 -20.51 -43.78 23.77
N THR G 109 -20.66 -42.59 23.20
CA THR G 109 -21.89 -42.22 22.51
C THR G 109 -21.60 -41.93 21.05
N ARG G 110 -22.62 -42.15 20.20
CA ARG G 110 -22.67 -41.55 18.88
C ARG G 110 -24.09 -41.07 18.65
N ALA G 111 -24.22 -40.08 17.78
CA ALA G 111 -25.53 -39.47 17.57
C ALA G 111 -25.61 -38.94 16.14
N GLU G 112 -26.84 -38.71 15.70
CA GLU G 112 -27.10 -38.08 14.40
C GLU G 112 -28.18 -37.04 14.61
N VAL G 113 -27.79 -35.76 14.50
CA VAL G 113 -28.71 -34.65 14.65
C VAL G 113 -29.02 -34.14 13.26
N LYS G 114 -30.25 -34.35 12.80
CA LYS G 114 -30.63 -33.94 11.46
C LYS G 114 -32.14 -33.75 11.40
N PHE G 115 -32.57 -33.00 10.40
CA PHE G 115 -33.98 -32.75 10.16
C PHE G 115 -34.68 -33.96 9.57
N GLU G 116 -35.94 -34.14 9.97
CA GLU G 116 -36.88 -35.04 9.29
C GLU G 116 -38.09 -34.19 8.90
N GLY G 117 -37.97 -33.51 7.77
CA GLY G 117 -39.03 -32.65 7.30
C GLY G 117 -39.03 -31.32 8.02
N ARG G 118 -39.54 -31.30 9.25
CA ARG G 118 -39.46 -30.12 10.09
C ARG G 118 -39.03 -30.43 11.52
N THR G 119 -39.34 -31.60 12.05
CA THR G 119 -38.98 -31.97 13.41
C THR G 119 -37.51 -32.35 13.46
N LEU G 120 -36.74 -31.62 14.26
CA LEU G 120 -35.32 -31.90 14.44
C LEU G 120 -35.19 -33.15 15.31
N VAL G 121 -34.66 -34.23 14.72
CA VAL G 121 -34.63 -35.54 15.35
C VAL G 121 -33.20 -35.86 15.73
N ASN G 122 -32.99 -36.21 17.00
CA ASN G 122 -31.71 -36.63 17.53
C ASN G 122 -31.80 -38.12 17.86
N ARG G 123 -30.84 -38.90 17.38
CA ARG G 123 -30.86 -40.35 17.54
C ARG G 123 -29.54 -40.80 18.14
N ILE G 124 -29.56 -41.15 19.42
CA ILE G 124 -28.34 -41.43 20.19
C ILE G 124 -28.24 -42.94 20.41
N LYS G 125 -27.06 -43.49 20.14
CA LYS G 125 -26.68 -44.80 20.64
C LYS G 125 -25.63 -44.61 21.72
N LEU G 126 -25.85 -45.20 22.89
CA LEU G 126 -24.95 -45.06 24.02
C LEU G 126 -24.54 -46.43 24.51
N LYS G 127 -23.31 -46.53 25.01
CA LYS G 127 -22.81 -47.80 25.53
C LYS G 127 -21.74 -47.48 26.56
N GLY G 128 -22.00 -47.82 27.80
CA GLY G 128 -21.03 -47.58 28.86
C GLY G 128 -20.46 -48.87 29.41
N ARG G 129 -19.29 -48.78 30.03
CA ARG G 129 -18.63 -49.97 30.58
C ARG G 129 -17.74 -49.52 31.72
N ASP G 130 -17.13 -50.50 32.39
CA ASP G 130 -16.12 -50.34 33.44
C ASP G 130 -16.64 -49.56 34.66
N PHE G 131 -17.96 -49.47 34.84
CA PHE G 131 -18.52 -48.85 36.03
C PHE G 131 -18.41 -49.82 37.19
N LYS G 132 -17.75 -49.39 38.26
CA LYS G 132 -17.70 -50.22 39.46
C LYS G 132 -19.03 -50.21 40.17
N GLU G 133 -19.38 -51.35 40.76
CA GLU G 133 -20.62 -51.47 41.51
C GLU G 133 -20.49 -50.75 42.85
N LYS G 134 -21.64 -50.28 43.34
CA LYS G 134 -21.76 -49.43 44.54
C LYS G 134 -20.86 -48.20 44.44
N GLY G 135 -20.82 -47.61 43.25
CA GLY G 135 -20.13 -46.35 43.02
C GLY G 135 -21.09 -45.20 43.15
N ASN G 136 -20.65 -44.04 42.67
CA ASN G 136 -21.55 -42.88 42.67
C ASN G 136 -22.62 -43.01 41.61
N ILE G 137 -22.26 -43.46 40.41
CA ILE G 137 -23.22 -43.51 39.30
C ILE G 137 -24.17 -44.69 39.47
N LEU G 138 -23.63 -45.91 39.60
CA LEU G 138 -24.53 -47.05 39.73
C LEU G 138 -25.22 -47.13 41.08
N GLY G 139 -24.67 -46.46 42.10
CA GLY G 139 -25.31 -46.41 43.39
C GLY G 139 -26.32 -45.30 43.56
N HIS G 140 -26.53 -44.50 42.51
CA HIS G 140 -27.42 -43.32 42.51
C HIS G 140 -27.07 -42.35 43.63
N LYS G 141 -25.78 -42.14 43.83
CA LYS G 141 -25.29 -41.22 44.86
C LYS G 141 -25.16 -39.80 44.35
N LEU G 142 -25.65 -39.50 43.16
CA LEU G 142 -25.59 -38.15 42.61
C LEU G 142 -26.83 -37.38 43.01
N ARG G 143 -26.64 -36.09 43.29
CA ARG G 143 -27.78 -35.23 43.56
C ARG G 143 -28.52 -34.91 42.26
N TYR G 144 -29.76 -34.49 42.41
CA TYR G 144 -30.57 -34.08 41.26
C TYR G 144 -30.52 -32.56 41.14
N ASN G 145 -29.36 -32.07 40.72
CA ASN G 145 -29.16 -30.66 40.47
C ASN G 145 -28.96 -30.43 38.98
N GLY G 146 -28.85 -29.16 38.61
CA GLY G 146 -28.60 -28.79 37.23
C GLY G 146 -27.16 -29.00 36.83
N ILE G 147 -26.75 -28.27 35.81
CA ILE G 147 -25.46 -28.49 35.16
C ILE G 147 -25.13 -27.25 34.33
N SER G 148 -23.87 -26.81 34.39
CA SER G 148 -23.42 -25.62 33.67
C SER G 148 -21.91 -25.53 33.61
N ASP G 149 -21.35 -25.41 32.40
CA ASP G 149 -19.96 -25.05 32.21
C ASP G 149 -19.81 -24.52 30.78
N LYS G 150 -18.58 -24.33 30.33
CA LYS G 150 -18.28 -23.84 28.99
C LYS G 150 -17.87 -25.00 28.12
N VAL G 151 -18.08 -24.87 26.81
CA VAL G 151 -17.76 -25.92 25.85
C VAL G 151 -16.71 -25.36 24.90
N TYR G 152 -15.44 -25.63 25.16
CA TYR G 152 -14.35 -25.04 24.38
C TYR G 152 -14.27 -25.71 23.02
N ILE G 153 -14.75 -25.03 21.98
CA ILE G 153 -14.84 -25.56 20.63
C ILE G 153 -13.64 -25.11 19.82
N THR G 154 -12.94 -26.06 19.21
CA THR G 154 -11.84 -25.76 18.30
C THR G 154 -12.06 -26.49 16.99
N ALA G 155 -11.43 -25.99 15.93
CA ALA G 155 -11.68 -26.49 14.59
C ALA G 155 -10.73 -27.63 14.25
N ASP G 156 -11.19 -28.49 13.35
CA ASP G 156 -10.42 -29.65 12.88
C ASP G 156 -10.54 -29.71 11.36
N LYS G 157 -9.45 -29.34 10.67
CA LYS G 157 -9.50 -29.21 9.22
C LYS G 157 -9.54 -30.56 8.52
N ARG G 158 -9.00 -31.60 9.14
CA ARG G 158 -8.81 -32.88 8.47
C ARG G 158 -10.12 -33.59 8.22
N LYS G 159 -10.93 -33.76 9.27
CA LYS G 159 -12.21 -34.45 9.14
C LYS G 159 -13.34 -33.54 8.71
N ASN G 160 -13.03 -32.29 8.35
CA ASN G 160 -14.01 -31.28 7.90
C ASN G 160 -15.08 -31.05 8.97
N GLY G 161 -14.66 -31.06 10.23
CA GLY G 161 -15.59 -30.89 11.33
C GLY G 161 -14.96 -30.10 12.46
N ILE G 162 -15.50 -30.21 13.66
CA ILE G 162 -14.93 -29.55 14.83
C ILE G 162 -14.67 -30.60 15.89
N LYS G 163 -14.06 -30.16 16.98
CA LYS G 163 -13.90 -30.98 18.17
C LYS G 163 -13.97 -30.06 19.37
N ALA G 164 -14.66 -30.52 20.41
CA ALA G 164 -14.78 -29.73 21.63
C ALA G 164 -14.30 -30.58 22.79
N LYS G 165 -14.08 -29.92 23.92
CA LYS G 165 -13.33 -30.53 25.01
C LYS G 165 -13.66 -29.75 26.27
N PHE G 166 -14.32 -30.39 27.22
CA PHE G 166 -14.73 -29.70 28.43
C PHE G 166 -14.94 -30.72 29.53
N LYS G 167 -15.18 -30.22 30.73
CA LYS G 167 -15.38 -31.07 31.88
C LYS G 167 -16.55 -30.56 32.69
N ILE G 168 -17.19 -31.46 33.42
CA ILE G 168 -18.47 -31.20 34.07
C ILE G 168 -18.36 -31.62 35.53
N ARG G 169 -18.85 -30.77 36.42
CA ARG G 169 -18.79 -31.03 37.86
C ARG G 169 -20.20 -31.37 38.34
N HIS G 170 -20.40 -32.63 38.70
CA HIS G 170 -21.66 -33.12 39.25
C HIS G 170 -21.60 -33.10 40.77
N ASN G 171 -22.71 -32.74 41.40
CA ASN G 171 -22.79 -32.67 42.85
C ASN G 171 -23.19 -34.01 43.44
N VAL G 172 -22.58 -34.37 44.55
CA VAL G 172 -22.79 -35.66 45.21
C VAL G 172 -23.57 -35.40 46.50
N LYS G 173 -24.36 -36.40 46.91
CA LYS G 173 -25.11 -36.31 48.17
C LYS G 173 -24.22 -36.24 49.40
N ASP G 174 -22.99 -36.74 49.32
CA ASP G 174 -22.07 -36.72 50.45
C ASP G 174 -21.27 -35.43 50.54
N GLY G 175 -21.58 -34.43 49.71
CA GLY G 175 -20.87 -33.18 49.72
C GLY G 175 -19.65 -33.10 48.81
N SER G 176 -19.29 -34.20 48.15
CA SER G 176 -18.14 -34.22 47.27
C SER G 176 -18.58 -33.80 45.87
N VAL G 177 -17.65 -33.89 44.90
CA VAL G 177 -17.91 -33.51 43.51
C VAL G 177 -17.47 -34.66 42.61
N GLN G 178 -18.39 -35.14 41.78
CA GLN G 178 -18.10 -36.16 40.78
C GLN G 178 -17.83 -35.46 39.45
N LEU G 179 -16.67 -35.73 38.87
CA LEU G 179 -16.27 -35.03 37.65
C LEU G 179 -16.61 -35.87 36.43
N ALA G 180 -16.54 -35.23 35.26
CA ALA G 180 -16.91 -35.88 34.01
C ALA G 180 -16.18 -35.17 32.87
N ASP G 181 -15.15 -35.80 32.34
CA ASP G 181 -14.39 -35.20 31.23
C ASP G 181 -15.08 -35.54 29.92
N HIS G 182 -15.36 -34.51 29.11
CA HIS G 182 -16.05 -34.68 27.85
C HIS G 182 -15.12 -34.35 26.69
N TYR G 183 -14.98 -35.30 25.76
CA TYR G 183 -14.18 -35.12 24.55
C TYR G 183 -15.10 -35.43 23.38
N GLN G 184 -15.45 -34.44 22.57
CA GLN G 184 -16.39 -34.72 21.50
C GLN G 184 -15.83 -34.38 20.14
N GLN G 185 -16.46 -34.96 19.12
CA GLN G 185 -16.10 -34.78 17.72
C GLN G 185 -17.39 -34.62 16.92
N ASN G 186 -17.45 -33.61 16.08
CA ASN G 186 -18.54 -33.42 15.15
C ASN G 186 -18.04 -33.61 13.73
N THR G 187 -18.88 -34.22 12.89
CA THR G 187 -18.54 -34.52 11.53
C THR G 187 -19.85 -34.44 10.76
N PRO G 188 -19.92 -33.68 9.68
CA PRO G 188 -21.16 -33.60 8.92
C PRO G 188 -21.43 -34.88 8.17
N ILE G 189 -22.72 -35.12 7.89
CA ILE G 189 -23.10 -36.30 7.13
C ILE G 189 -22.67 -36.14 5.66
N GLY G 190 -22.66 -34.92 5.16
CA GLY G 190 -22.11 -34.66 3.84
C GLY G 190 -23.10 -33.95 2.94
N ARG G 191 -22.62 -33.28 1.89
CA ARG G 191 -21.21 -33.15 1.57
C ARG G 191 -20.99 -31.67 1.20
N GLY G 192 -22.05 -30.88 1.37
CA GLY G 192 -22.00 -29.46 1.17
C GLY G 192 -21.03 -28.80 2.14
N PRO G 193 -20.15 -27.93 1.62
CA PRO G 193 -19.11 -27.33 2.45
C PRO G 193 -19.69 -26.41 3.51
N VAL G 194 -19.11 -26.50 4.71
CA VAL G 194 -19.66 -25.86 5.90
C VAL G 194 -18.71 -24.81 6.42
N LEU G 195 -19.10 -24.14 7.50
CA LEU G 195 -18.28 -23.13 8.12
C LEU G 195 -17.36 -23.79 9.15
N LEU G 196 -16.09 -23.44 9.10
CA LEU G 196 -15.15 -23.93 10.10
C LEU G 196 -14.80 -22.81 11.06
N PRO G 197 -15.16 -22.91 12.33
CA PRO G 197 -14.96 -21.81 13.27
C PRO G 197 -13.52 -21.59 13.67
N ARG G 198 -13.29 -20.61 14.55
CA ARG G 198 -11.95 -20.32 15.06
C ARG G 198 -12.04 -20.10 16.56
N ASN G 199 -11.98 -21.19 17.32
CA ASN G 199 -11.67 -21.21 18.76
C ASN G 199 -12.61 -20.34 19.60
N HIS G 200 -13.90 -20.65 19.53
CA HIS G 200 -14.87 -20.00 20.39
C HIS G 200 -15.34 -21.00 21.45
N TYR G 201 -16.32 -20.60 22.25
CA TYR G 201 -16.88 -21.52 23.22
C TYR G 201 -18.35 -21.23 23.41
N LEU G 202 -19.02 -22.08 24.19
CA LEU G 202 -20.46 -22.00 24.41
C LEU G 202 -20.73 -21.87 25.89
N SER G 203 -21.17 -20.69 26.33
CA SER G 203 -21.62 -20.52 27.70
C SER G 203 -22.99 -21.18 27.81
N THR G 204 -23.08 -22.23 28.63
CA THR G 204 -24.28 -23.06 28.67
C THR G 204 -24.68 -23.36 30.11
N ARG G 205 -26.00 -23.33 30.36
CA ARG G 205 -26.57 -23.74 31.62
C ARG G 205 -27.82 -24.57 31.35
N SER G 206 -28.02 -25.62 32.15
CA SER G 206 -29.25 -26.39 32.09
C SER G 206 -29.82 -26.53 33.49
N VAL G 207 -31.14 -26.37 33.60
CA VAL G 207 -31.86 -26.43 34.86
C VAL G 207 -32.79 -27.62 34.82
N LEU G 208 -32.70 -28.48 35.82
CA LEU G 208 -33.51 -29.68 35.87
C LEU G 208 -34.63 -29.53 36.88
N SER G 209 -35.81 -30.04 36.52
CA SER G 209 -36.96 -30.01 37.40
C SER G 209 -37.86 -31.19 37.04
N LYS G 210 -38.93 -31.36 37.82
CA LYS G 210 -39.86 -32.45 37.61
C LYS G 210 -41.27 -31.95 37.37
N ASP G 211 -42.11 -32.85 36.88
CA ASP G 211 -43.51 -32.57 36.58
C ASP G 211 -44.36 -33.23 37.63
N PRO G 212 -45.22 -32.50 38.37
CA PRO G 212 -45.98 -33.14 39.45
C PRO G 212 -47.23 -33.87 38.99
N LYS G 213 -47.37 -34.12 37.69
CA LYS G 213 -48.51 -34.82 37.14
C LYS G 213 -48.13 -36.14 36.48
N GLU G 214 -46.89 -36.58 36.62
CA GLU G 214 -46.41 -37.80 35.97
C GLU G 214 -46.23 -38.92 36.99
N LYS G 215 -46.10 -40.13 36.46
CA LYS G 215 -45.87 -41.33 37.26
C LYS G 215 -44.60 -42.05 36.89
N ARG G 216 -44.26 -42.09 35.60
CA ARG G 216 -43.04 -42.72 35.14
C ARG G 216 -41.82 -41.89 35.53
N ASP G 217 -40.65 -42.53 35.49
CA ASP G 217 -39.39 -41.87 35.79
C ASP G 217 -39.09 -40.86 34.70
N HIS G 218 -39.07 -39.58 35.05
CA HIS G 218 -39.07 -38.52 34.05
C HIS G 218 -38.15 -37.40 34.49
N MET G 219 -38.02 -36.40 33.61
CA MET G 219 -37.14 -35.26 33.85
C MET G 219 -37.57 -34.14 32.92
N VAL G 220 -37.70 -32.93 33.46
CA VAL G 220 -38.05 -31.74 32.69
C VAL G 220 -36.82 -30.85 32.64
N LEU G 221 -36.46 -30.38 31.45
CA LEU G 221 -35.19 -29.71 31.24
C LEU G 221 -35.41 -28.32 30.63
N LEU G 222 -34.58 -27.37 31.06
CA LEU G 222 -34.60 -26.00 30.57
C LEU G 222 -33.17 -25.54 30.37
N GLU G 223 -32.76 -25.36 29.12
CA GLU G 223 -31.38 -25.11 28.77
C GLU G 223 -31.23 -23.75 28.12
N PHE G 224 -30.14 -23.06 28.46
CA PHE G 224 -29.79 -21.76 27.91
C PHE G 224 -28.41 -21.85 27.28
N VAL G 225 -28.29 -21.51 26.01
CA VAL G 225 -27.04 -21.63 25.28
C VAL G 225 -26.71 -20.29 24.64
N THR G 226 -25.46 -19.84 24.79
CA THR G 226 -24.96 -18.68 24.07
C THR G 226 -23.46 -18.86 23.86
N ALA G 227 -22.89 -18.00 23.02
CA ALA G 227 -21.48 -18.12 22.68
C ALA G 227 -20.71 -16.84 22.98
N ALA G 228 -19.39 -16.97 22.98
CA ALA G 228 -18.47 -15.88 23.25
C ALA G 228 -17.09 -16.30 22.72
N GLY G 229 -16.06 -15.57 23.10
CA GLY G 229 -14.70 -15.97 22.83
C GLY G 229 -14.05 -15.32 21.63
N ILE G 230 -14.79 -14.57 20.83
CA ILE G 230 -14.23 -13.90 19.65
C ILE G 230 -14.53 -12.41 19.80
N LYS G 231 -13.49 -11.58 19.60
CA LYS G 231 -13.52 -10.15 19.90
C LYS G 231 -13.72 -9.30 18.65
N HIS G 232 -14.60 -9.73 17.74
CA HIS G 232 -14.89 -8.94 16.55
C HIS G 232 -15.56 -7.62 16.91
N GLY G 233 -16.71 -7.68 17.57
CA GLY G 233 -17.42 -6.49 17.98
C GLY G 233 -18.17 -5.78 16.85
N SER H 2 4.43 -43.24 -23.28
CA SER H 2 4.91 -44.22 -22.30
C SER H 2 4.27 -43.98 -20.94
N LYS H 3 3.82 -42.75 -20.72
CA LYS H 3 3.19 -42.39 -19.45
C LYS H 3 1.80 -42.99 -19.37
N GLY H 4 1.44 -43.48 -18.18
CA GLY H 4 0.11 -44.00 -17.94
C GLY H 4 -0.87 -43.01 -17.36
N GLU H 5 -0.47 -41.75 -17.20
CA GLU H 5 -1.34 -40.74 -16.60
C GLU H 5 -2.51 -40.41 -17.50
N GLU H 6 -2.31 -40.43 -18.82
CA GLU H 6 -3.38 -40.04 -19.74
C GLU H 6 -4.39 -41.14 -19.97
N LEU H 7 -4.14 -42.36 -19.47
CA LEU H 7 -5.10 -43.44 -19.60
C LEU H 7 -6.31 -43.28 -18.69
N PHE H 8 -6.29 -42.32 -17.78
CA PHE H 8 -7.38 -42.12 -16.82
C PHE H 8 -8.08 -40.79 -17.04
N THR H 9 -8.34 -40.45 -18.30
CA THR H 9 -9.08 -39.25 -18.66
C THR H 9 -10.53 -39.61 -18.92
N GLY H 10 -11.43 -38.96 -18.21
CA GLY H 10 -12.86 -39.15 -18.44
C GLY H 10 -13.42 -40.26 -17.55
N VAL H 11 -13.91 -41.33 -18.18
CA VAL H 11 -14.66 -42.38 -17.51
C VAL H 11 -14.09 -43.71 -17.94
N VAL H 12 -13.66 -44.51 -16.98
CA VAL H 12 -12.98 -45.78 -17.22
C VAL H 12 -13.85 -46.91 -16.70
N PRO H 13 -14.10 -47.96 -17.48
CA PRO H 13 -14.83 -49.12 -16.95
C PRO H 13 -14.00 -49.89 -15.93
N ILE H 14 -14.68 -50.39 -14.90
CA ILE H 14 -14.04 -51.07 -13.77
C ILE H 14 -14.66 -52.47 -13.64
N LEU H 15 -13.84 -53.45 -13.28
CA LEU H 15 -14.31 -54.79 -12.96
C LEU H 15 -13.57 -55.29 -11.73
N VAL H 16 -14.31 -55.74 -10.72
CA VAL H 16 -13.75 -56.18 -9.45
C VAL H 16 -14.18 -57.62 -9.22
N GLU H 17 -13.23 -58.48 -8.83
CA GLU H 17 -13.51 -59.88 -8.56
C GLU H 17 -12.80 -60.31 -7.29
N LEU H 18 -13.47 -61.12 -6.46
CA LEU H 18 -12.92 -61.56 -5.20
C LEU H 18 -13.19 -63.05 -5.00
N ASP H 19 -12.24 -63.72 -4.33
CA ASP H 19 -12.39 -65.10 -3.89
C ASP H 19 -12.06 -65.17 -2.41
N GLY H 20 -13.09 -65.35 -1.58
CA GLY H 20 -12.90 -65.31 -0.15
C GLY H 20 -12.86 -66.65 0.55
N ASP H 21 -12.22 -66.68 1.71
CA ASP H 21 -12.12 -67.89 2.53
C ASP H 21 -12.04 -67.43 3.97
N VAL H 22 -13.18 -67.40 4.66
CA VAL H 22 -13.26 -66.89 6.02
C VAL H 22 -13.74 -68.04 6.90
N ASN H 23 -12.81 -68.63 7.67
CA ASN H 23 -13.04 -69.80 8.53
C ASN H 23 -13.62 -70.98 7.74
N GLY H 24 -13.18 -71.14 6.50
CA GLY H 24 -13.68 -72.18 5.65
C GLY H 24 -14.87 -71.81 4.80
N HIS H 25 -15.57 -70.73 5.15
CA HIS H 25 -16.71 -70.27 4.35
C HIS H 25 -16.18 -69.65 3.06
N LYS H 26 -16.65 -70.17 1.93
CA LYS H 26 -16.17 -69.73 0.63
C LYS H 26 -17.23 -68.88 -0.06
N PHE H 27 -16.81 -67.76 -0.63
CA PHE H 27 -17.73 -66.85 -1.28
C PHE H 27 -17.01 -66.13 -2.42
N SER H 28 -17.76 -65.30 -3.14
CA SER H 28 -17.24 -64.55 -4.26
C SER H 28 -18.07 -63.28 -4.43
N VAL H 29 -17.38 -62.17 -4.67
CA VAL H 29 -18.02 -60.87 -4.86
C VAL H 29 -17.58 -60.34 -6.21
N ARG H 30 -18.54 -59.86 -7.00
CA ARG H 30 -18.27 -59.30 -8.31
C ARG H 30 -18.79 -57.88 -8.38
N GLY H 31 -17.99 -56.97 -8.88
CA GLY H 31 -18.36 -55.57 -8.93
C GLY H 31 -18.06 -54.94 -10.27
N GLU H 32 -18.95 -54.04 -10.69
CA GLU H 32 -18.83 -53.35 -11.96
C GLU H 32 -19.27 -51.91 -11.78
N GLY H 33 -18.69 -51.01 -12.57
CA GLY H 33 -19.03 -49.61 -12.48
C GLY H 33 -18.17 -48.72 -13.37
N GLU H 34 -17.85 -47.53 -12.90
CA GLU H 34 -17.06 -46.59 -13.70
C GLU H 34 -16.38 -45.60 -12.76
N GLY H 35 -15.28 -45.03 -13.23
CA GLY H 35 -14.47 -44.15 -12.39
C GLY H 35 -14.01 -42.92 -13.15
N ASP H 36 -13.96 -41.81 -12.41
CA ASP H 36 -13.63 -40.50 -12.96
C ASP H 36 -12.41 -39.96 -12.22
N ALA H 37 -11.22 -40.18 -12.76
CA ALA H 37 -9.99 -39.86 -12.02
C ALA H 37 -9.64 -38.38 -12.06
N ASP H 38 -10.46 -37.53 -12.69
CA ASP H 38 -10.19 -36.10 -12.68
C ASP H 38 -10.84 -35.40 -11.50
N ASN H 39 -11.86 -36.00 -10.90
CA ASN H 39 -12.48 -35.48 -9.69
C ASN H 39 -12.33 -36.41 -8.51
N GLY H 40 -11.75 -37.59 -8.71
CA GLY H 40 -11.79 -38.63 -7.70
C GLY H 40 -13.11 -39.36 -7.63
N LYS H 41 -14.07 -39.01 -8.49
CA LYS H 41 -15.41 -39.57 -8.44
C LYS H 41 -15.39 -41.01 -8.89
N LEU H 42 -16.11 -41.85 -8.16
CA LEU H 42 -16.05 -43.28 -8.32
C LEU H 42 -17.41 -43.85 -7.97
N ASP H 43 -17.89 -44.79 -8.77
CA ASP H 43 -19.24 -45.32 -8.60
C ASP H 43 -19.31 -46.71 -9.17
N LEU H 44 -19.71 -47.68 -8.36
CA LEU H 44 -19.72 -49.08 -8.77
C LEU H 44 -20.65 -49.86 -7.85
N LYS H 45 -20.95 -51.09 -8.24
CA LYS H 45 -21.99 -51.88 -7.60
C LYS H 45 -21.57 -53.33 -7.50
N PHE H 46 -21.71 -53.91 -6.31
CA PHE H 46 -21.26 -55.26 -6.01
C PHE H 46 -22.44 -56.19 -5.84
N ILE H 47 -22.24 -57.47 -6.17
CA ILE H 47 -23.19 -58.52 -5.86
C ILE H 47 -22.42 -59.71 -5.30
N CYS H 48 -23.10 -60.54 -4.53
CA CYS H 48 -22.49 -61.73 -3.95
C CYS H 48 -23.04 -62.94 -4.68
N THR H 49 -22.22 -63.54 -5.54
CA THR H 49 -22.70 -64.54 -6.49
C THR H 49 -22.83 -65.93 -5.88
N THR H 50 -22.51 -66.10 -4.60
CA THR H 50 -22.68 -67.41 -3.96
C THR H 50 -23.68 -67.34 -2.82
N GLY H 51 -24.73 -66.53 -2.98
CA GLY H 51 -25.81 -66.48 -1.99
C GLY H 51 -25.60 -65.40 -0.95
N LYS H 52 -25.20 -65.81 0.26
CA LYS H 52 -25.04 -64.92 1.40
C LYS H 52 -23.58 -64.54 1.59
N LEU H 53 -23.35 -63.56 2.46
CA LEU H 53 -22.01 -63.10 2.72
C LEU H 53 -21.66 -63.34 4.18
N PRO H 54 -20.55 -64.02 4.48
CA PRO H 54 -20.19 -64.30 5.87
C PRO H 54 -19.78 -63.06 6.66
N VAL H 55 -18.92 -62.22 6.11
CA VAL H 55 -18.42 -61.03 6.79
C VAL H 55 -19.36 -59.87 6.47
N PRO H 56 -19.34 -58.80 7.25
CA PRO H 56 -20.16 -57.64 6.89
C PRO H 56 -19.60 -56.91 5.68
N TRP H 57 -20.48 -56.15 5.04
CA TRP H 57 -20.05 -55.35 3.89
C TRP H 57 -19.06 -54.23 4.18
N PRO H 58 -19.10 -53.48 5.30
CA PRO H 58 -18.05 -52.46 5.50
C PRO H 58 -16.67 -53.02 5.78
N THR H 59 -16.51 -54.30 6.12
CA THR H 59 -15.17 -54.85 6.24
C THR H 59 -14.51 -55.04 4.88
N LEU H 60 -15.29 -55.22 3.82
CA LEU H 60 -14.78 -55.43 2.48
C LEU H 60 -14.70 -54.16 1.67
N VAL H 61 -14.95 -53.00 2.26
CA VAL H 61 -14.81 -51.76 1.51
C VAL H 61 -13.34 -51.41 1.34
N THR H 62 -12.53 -51.68 2.37
CA THR H 62 -11.10 -51.40 2.26
C THR H 62 -10.35 -52.40 1.39
N THR H 63 -11.01 -53.45 0.93
CA THR H 63 -10.40 -54.45 0.06
C THR H 63 -10.92 -54.40 -1.36
N LEU H 64 -12.20 -54.09 -1.56
CA LEU H 64 -12.76 -54.12 -2.91
C LEU H 64 -12.44 -52.84 -3.69
N THR H 65 -13.07 -51.74 -3.36
CA THR H 65 -12.76 -50.49 -4.06
C THR H 65 -11.86 -49.60 -3.22
N TYR H 66 -10.77 -50.17 -2.75
CA TYR H 66 -9.81 -49.37 -2.03
C TYR H 66 -8.42 -49.86 -2.33
N GLY H 67 -8.31 -50.92 -3.12
CA GLY H 67 -7.09 -51.30 -3.78
C GLY H 67 -6.97 -50.69 -5.15
N VAL H 68 -8.08 -50.25 -5.74
CA VAL H 68 -8.00 -49.45 -6.95
C VAL H 68 -7.89 -47.99 -6.51
N GLN H 69 -6.69 -47.60 -6.14
CA GLN H 69 -6.40 -46.25 -5.69
C GLN H 69 -5.89 -45.38 -6.81
N CYS H 70 -5.84 -45.92 -8.03
CA CYS H 70 -5.43 -45.18 -9.20
C CYS H 70 -6.42 -44.12 -9.63
N PHE H 71 -7.64 -44.15 -9.07
CA PHE H 71 -8.66 -43.14 -9.34
C PHE H 71 -8.61 -42.00 -8.34
N SER H 72 -7.43 -41.71 -7.79
CA SER H 72 -7.27 -40.65 -6.82
C SER H 72 -6.98 -39.34 -7.52
N ARG H 73 -7.67 -38.29 -7.10
CA ARG H 73 -7.56 -36.98 -7.74
C ARG H 73 -6.29 -36.31 -7.24
N TYR H 74 -5.19 -36.47 -7.99
CA TYR H 74 -4.07 -35.70 -7.45
C TYR H 74 -4.11 -34.28 -8.00
N PRO H 75 -3.79 -33.30 -7.17
CA PRO H 75 -3.70 -31.92 -7.66
C PRO H 75 -2.52 -31.74 -8.59
N ASP H 76 -2.52 -30.60 -9.29
CA ASP H 76 -1.58 -30.39 -10.38
C ASP H 76 -0.14 -30.24 -9.90
N HIS H 77 0.07 -29.85 -8.64
CA HIS H 77 1.42 -29.76 -8.10
C HIS H 77 1.95 -31.10 -7.59
N MET H 78 1.25 -32.20 -7.82
CA MET H 78 1.74 -33.50 -7.41
C MET H 78 1.48 -34.59 -8.44
N LYS H 79 1.34 -34.23 -9.72
CA LYS H 79 1.01 -35.24 -10.72
C LYS H 79 2.16 -36.19 -11.02
N GLU H 80 3.38 -35.83 -10.61
CA GLU H 80 4.56 -36.67 -10.81
C GLU H 80 4.86 -37.56 -9.62
N HIS H 81 4.13 -37.41 -8.53
CA HIS H 81 4.32 -38.19 -7.31
C HIS H 81 3.26 -39.26 -7.19
N ASP H 82 2.92 -39.89 -8.31
CA ASP H 82 1.77 -40.77 -8.43
C ASP H 82 2.24 -42.17 -8.77
N PHE H 83 2.31 -43.04 -7.77
CA PHE H 83 2.73 -44.41 -8.04
C PHE H 83 1.66 -45.18 -8.79
N PHE H 84 0.39 -44.85 -8.59
CA PHE H 84 -0.66 -45.76 -9.03
C PHE H 84 -1.01 -45.58 -10.50
N LYS H 85 -1.11 -44.33 -10.96
CA LYS H 85 -1.40 -44.12 -12.38
C LYS H 85 -0.17 -44.41 -13.24
N SER H 86 1.03 -44.27 -12.67
CA SER H 86 2.24 -44.42 -13.47
C SER H 86 2.67 -45.87 -13.63
N ALA H 87 2.12 -46.78 -12.83
CA ALA H 87 2.46 -48.19 -12.99
C ALA H 87 1.58 -48.90 -14.00
N MET H 88 0.78 -48.18 -14.74
CA MET H 88 -0.20 -48.57 -15.73
C MET H 88 0.38 -48.39 -17.14
N PRO H 89 -0.06 -49.18 -18.13
CA PRO H 89 -1.03 -50.28 -18.13
C PRO H 89 -0.47 -51.63 -17.75
N GLU H 90 0.70 -51.67 -17.12
CA GLU H 90 1.22 -52.96 -16.68
C GLU H 90 0.56 -53.40 -15.38
N GLY H 91 0.37 -52.48 -14.45
CA GLY H 91 -0.33 -52.76 -13.22
C GLY H 91 0.60 -52.96 -12.04
N TYR H 92 0.00 -53.38 -10.92
CA TYR H 92 0.77 -53.60 -9.71
C TYR H 92 0.12 -54.70 -8.87
N VAL H 93 0.84 -55.10 -7.82
CA VAL H 93 0.41 -56.14 -6.90
C VAL H 93 0.25 -55.51 -5.53
N GLN H 94 -0.87 -55.77 -4.86
CA GLN H 94 -1.19 -55.15 -3.58
C GLN H 94 -1.52 -56.23 -2.56
N GLU H 95 -0.67 -56.37 -1.54
CA GLU H 95 -0.81 -57.38 -0.51
C GLU H 95 -1.00 -56.71 0.84
N ARG H 96 -1.97 -57.19 1.63
CA ARG H 96 -2.26 -56.56 2.92
C ARG H 96 -2.24 -57.58 4.04
N THR H 97 -2.43 -57.06 5.25
CA THR H 97 -2.66 -57.85 6.45
C THR H 97 -3.53 -56.98 7.34
N ILE H 98 -4.83 -57.22 7.31
CA ILE H 98 -5.80 -56.38 8.01
C ILE H 98 -6.02 -56.95 9.39
N SER H 99 -5.55 -56.26 10.42
CA SER H 99 -5.58 -56.78 11.78
C SER H 99 -6.77 -56.20 12.52
N PHE H 100 -7.75 -57.07 12.82
CA PHE H 100 -8.92 -56.67 13.59
C PHE H 100 -8.60 -56.68 15.08
N LYS H 101 -9.11 -55.67 15.79
CA LYS H 101 -8.86 -55.55 17.21
C LYS H 101 -9.66 -56.61 17.97
N ASP H 102 -8.96 -57.33 18.86
CA ASP H 102 -9.51 -58.41 19.70
C ASP H 102 -10.12 -59.54 18.88
N ASP H 103 -9.63 -59.74 17.66
CA ASP H 103 -10.22 -60.73 16.76
C ASP H 103 -9.13 -61.18 15.80
N GLY H 104 -9.51 -61.89 14.74
CA GLY H 104 -8.53 -62.43 13.81
C GLY H 104 -8.04 -61.44 12.76
N THR H 105 -7.83 -61.92 11.54
CA THR H 105 -7.19 -61.07 10.54
C THR H 105 -7.56 -61.50 9.13
N TYR H 106 -7.30 -60.61 8.18
CA TYR H 106 -7.43 -60.85 6.76
C TYR H 106 -6.06 -60.96 6.11
N LYS H 107 -5.99 -61.66 4.99
CA LYS H 107 -4.80 -61.75 4.16
C LYS H 107 -5.21 -61.64 2.71
N THR H 108 -5.00 -60.47 2.12
CA THR H 108 -5.44 -60.22 0.75
C THR H 108 -4.23 -60.15 -0.18
N ARG H 109 -4.50 -60.34 -1.47
CA ARG H 109 -3.49 -60.18 -2.51
C ARG H 109 -4.19 -59.86 -3.81
N ALA H 110 -4.07 -58.62 -4.27
CA ALA H 110 -4.76 -58.16 -5.46
C ALA H 110 -3.76 -57.82 -6.55
N GLU H 111 -4.21 -57.93 -7.81
CA GLU H 111 -3.38 -57.61 -8.96
C GLU H 111 -4.18 -56.67 -9.86
N VAL H 112 -4.11 -55.38 -9.58
CA VAL H 112 -4.81 -54.37 -10.36
C VAL H 112 -4.06 -54.18 -11.66
N LYS H 113 -4.77 -54.25 -12.79
CA LYS H 113 -4.17 -53.99 -14.10
C LYS H 113 -5.26 -53.68 -15.11
N PHE H 114 -4.84 -53.33 -16.31
CA PHE H 114 -5.74 -53.24 -17.46
C PHE H 114 -5.88 -54.58 -18.16
N GLU H 115 -7.10 -54.89 -18.58
CA GLU H 115 -7.40 -56.00 -19.47
C GLU H 115 -8.18 -55.41 -20.64
N GLY H 116 -7.45 -54.97 -21.66
CA GLY H 116 -8.07 -54.30 -22.79
C GLY H 116 -8.29 -52.84 -22.51
N ASP H 117 -9.54 -52.48 -22.21
CA ASP H 117 -9.89 -51.10 -21.87
C ASP H 117 -10.35 -50.96 -20.42
N THR H 118 -10.82 -52.02 -19.80
CA THR H 118 -11.34 -51.93 -18.44
C THR H 118 -10.22 -52.21 -17.43
N LEU H 119 -10.42 -51.69 -16.23
CA LEU H 119 -9.43 -51.70 -15.16
C LEU H 119 -9.84 -52.79 -14.17
N VAL H 120 -9.11 -53.89 -14.15
CA VAL H 120 -9.56 -55.13 -13.51
C VAL H 120 -8.84 -55.33 -12.19
N ASN H 121 -9.61 -55.40 -11.11
CA ASN H 121 -9.10 -55.75 -9.79
C ASN H 121 -9.44 -57.21 -9.54
N ARG H 122 -8.43 -58.01 -9.19
CA ARG H 122 -8.63 -59.43 -8.92
C ARG H 122 -8.06 -59.76 -7.54
N ILE H 123 -8.92 -59.83 -6.54
CA ILE H 123 -8.52 -60.01 -5.14
C ILE H 123 -8.69 -61.48 -4.80
N GLU H 124 -7.73 -62.02 -4.03
CA GLU H 124 -7.87 -63.33 -3.42
C GLU H 124 -7.70 -63.16 -1.91
N LEU H 125 -8.78 -63.25 -1.17
CA LEU H 125 -8.81 -62.95 0.26
C LEU H 125 -8.85 -64.23 1.07
N LYS H 126 -8.14 -64.23 2.19
CA LYS H 126 -8.16 -65.34 3.14
C LYS H 126 -8.18 -64.77 4.55
N GLY H 127 -9.11 -65.24 5.37
CA GLY H 127 -9.21 -64.77 6.74
C GLY H 127 -9.42 -65.89 7.74
N ILE H 128 -8.59 -65.94 8.78
CA ILE H 128 -8.65 -66.99 9.78
C ILE H 128 -8.71 -66.36 11.16
N ASP H 129 -8.81 -67.23 12.18
CA ASP H 129 -8.68 -66.91 13.60
C ASP H 129 -9.76 -65.96 14.10
N PHE H 130 -10.92 -65.95 13.44
CA PHE H 130 -12.01 -65.11 13.90
C PHE H 130 -12.73 -65.73 15.09
N LYS H 131 -13.52 -64.89 15.75
CA LYS H 131 -14.22 -65.25 16.97
C LYS H 131 -15.71 -65.37 16.69
N GLU H 132 -16.30 -66.47 17.11
CA GLU H 132 -17.75 -66.62 17.02
C GLU H 132 -18.44 -65.66 17.97
N ASP H 133 -19.59 -65.14 17.52
CA ASP H 133 -20.35 -64.07 18.18
C ASP H 133 -19.47 -62.84 18.42
N GLY H 134 -18.61 -62.53 17.46
CA GLY H 134 -17.83 -61.31 17.50
C GLY H 134 -18.53 -60.19 16.76
N ASN H 135 -17.79 -59.11 16.54
CA ASN H 135 -18.35 -58.00 15.79
C ASN H 135 -18.44 -58.27 14.30
N ILE H 136 -17.61 -59.19 13.79
CA ILE H 136 -17.56 -59.47 12.36
C ILE H 136 -18.53 -60.59 12.02
N LEU H 137 -18.30 -61.78 12.57
CA LEU H 137 -19.14 -62.91 12.19
C LEU H 137 -20.52 -62.88 12.82
N GLY H 138 -20.75 -62.00 13.77
CA GLY H 138 -22.09 -61.80 14.33
C GLY H 138 -22.91 -60.76 13.62
N HIS H 139 -22.34 -60.10 12.61
CA HIS H 139 -22.97 -59.02 11.83
C HIS H 139 -23.47 -57.90 12.73
N LYS H 140 -22.54 -57.34 13.50
CA LYS H 140 -22.85 -56.30 14.47
C LYS H 140 -22.29 -54.94 14.07
N LEU H 141 -21.97 -54.76 12.80
CA LEU H 141 -21.42 -53.50 12.32
C LEU H 141 -22.47 -52.72 11.56
N GLU H 142 -22.46 -51.40 11.73
CA GLU H 142 -23.40 -50.56 11.01
C GLU H 142 -23.02 -50.47 9.55
N TYR H 143 -23.98 -50.07 8.73
CA TYR H 143 -23.80 -50.02 7.28
C TYR H 143 -23.37 -48.59 6.89
N ASN H 144 -22.17 -48.23 7.35
CA ASN H 144 -21.57 -46.96 6.98
C ASN H 144 -20.05 -47.07 7.08
N PHE H 145 -19.38 -46.16 6.42
CA PHE H 145 -17.93 -46.12 6.40
C PHE H 145 -17.50 -44.67 6.55
N ASN H 146 -16.48 -44.42 7.36
CA ASN H 146 -16.15 -43.07 7.76
C ASN H 146 -15.17 -42.43 6.77
N SER H 147 -14.65 -41.27 7.13
CA SER H 147 -13.69 -40.53 6.32
C SER H 147 -12.31 -40.68 6.95
N HIS H 148 -11.34 -41.14 6.17
CA HIS H 148 -10.07 -41.62 6.71
C HIS H 148 -8.91 -41.00 5.94
N GLU H 149 -7.69 -41.30 6.39
CA GLU H 149 -6.48 -40.81 5.74
C GLU H 149 -5.46 -41.93 5.66
N VAL H 150 -4.73 -41.99 4.54
CA VAL H 150 -3.80 -43.07 4.24
C VAL H 150 -2.43 -42.45 4.01
N TYR H 151 -1.48 -42.75 4.89
CA TYR H 151 -0.14 -42.18 4.78
C TYR H 151 0.74 -43.10 3.94
N ILE H 152 0.95 -42.71 2.69
CA ILE H 152 1.74 -43.46 1.72
C ILE H 152 3.18 -42.97 1.75
N THR H 153 4.12 -43.90 1.92
CA THR H 153 5.54 -43.57 1.95
C THR H 153 6.30 -44.51 1.02
N ALA H 154 7.53 -44.14 0.73
CA ALA H 154 8.36 -44.92 -0.19
C ALA H 154 8.98 -46.11 0.52
N ASP H 155 9.22 -47.17 -0.25
CA ASP H 155 9.82 -48.40 0.26
C ASP H 155 10.88 -48.87 -0.72
N ASP H 156 11.83 -47.97 -1.04
CA ASP H 156 12.89 -48.04 -2.05
C ASP H 156 13.54 -49.41 -2.24
N GLU H 157 13.84 -50.07 -1.14
CA GLU H 157 14.59 -51.32 -1.07
C GLU H 157 13.79 -52.54 -1.52
N LYS H 158 12.57 -52.37 -2.03
CA LYS H 158 11.88 -53.44 -2.72
C LYS H 158 11.19 -52.98 -3.98
N ASN H 159 11.44 -51.74 -4.44
CA ASN H 159 10.83 -51.12 -5.61
C ASN H 159 9.30 -51.10 -5.47
N GLY H 160 8.84 -50.34 -4.48
CA GLY H 160 7.42 -50.21 -4.25
C GLY H 160 7.16 -49.25 -3.12
N ILE H 161 5.88 -49.13 -2.74
CA ILE H 161 5.49 -48.27 -1.64
C ILE H 161 4.78 -49.10 -0.57
N LYS H 162 4.37 -48.44 0.50
CA LYS H 162 3.64 -49.08 1.58
C LYS H 162 2.81 -48.02 2.28
N ALA H 163 1.87 -48.47 3.10
CA ALA H 163 1.00 -47.55 3.82
C ALA H 163 0.49 -48.22 5.08
N GLU H 164 0.33 -47.41 6.13
CA GLU H 164 -0.18 -47.87 7.41
C GLU H 164 -1.24 -46.90 7.90
N PHE H 165 -2.39 -47.44 8.29
CA PHE H 165 -3.52 -46.63 8.70
C PHE H 165 -4.47 -47.50 9.50
N LYS H 166 -5.38 -46.83 10.22
CA LYS H 166 -6.33 -47.49 11.10
C LYS H 166 -7.74 -47.18 10.63
N ILE H 167 -8.55 -48.21 10.47
CA ILE H 167 -9.93 -48.08 10.02
C ILE H 167 -10.86 -48.27 11.21
N ARG H 168 -11.71 -47.29 11.47
CA ARG H 168 -12.62 -47.33 12.60
C ARG H 168 -14.01 -47.72 12.10
N HIS H 169 -14.44 -48.93 12.42
CA HIS H 169 -15.76 -49.41 12.05
C HIS H 169 -16.76 -49.07 13.16
N ASN H 170 -17.99 -48.79 12.77
CA ASN H 170 -19.03 -48.49 13.74
C ASN H 170 -19.77 -49.74 14.13
N VAL H 171 -20.06 -49.89 15.41
CA VAL H 171 -20.70 -51.08 15.94
C VAL H 171 -22.15 -50.71 16.27
N GLU H 172 -23.04 -51.71 16.24
CA GLU H 172 -24.48 -51.50 16.43
C GLU H 172 -24.81 -50.88 17.78
N ASP H 173 -24.04 -51.18 18.83
CA ASP H 173 -24.40 -50.73 20.16
C ASP H 173 -23.81 -49.39 20.54
N GLY H 174 -22.81 -48.88 19.82
CA GLY H 174 -22.21 -47.60 20.10
C GLY H 174 -20.70 -47.61 20.16
N SER H 175 -20.07 -48.77 20.34
CA SER H 175 -18.62 -48.87 20.42
C SER H 175 -18.01 -48.77 19.02
N VAL H 176 -16.69 -48.94 18.93
CA VAL H 176 -15.95 -48.78 17.68
C VAL H 176 -15.06 -50.00 17.48
N GLN H 177 -15.16 -50.65 16.32
CA GLN H 177 -14.28 -51.75 15.95
C GLN H 177 -13.09 -51.22 15.16
N LEU H 178 -11.88 -51.57 15.61
CA LEU H 178 -10.65 -51.10 15.00
C LEU H 178 -10.06 -52.13 14.06
N ALA H 179 -9.61 -51.68 12.90
CA ALA H 179 -8.91 -52.51 11.94
C ALA H 179 -7.59 -51.84 11.58
N ASP H 180 -6.51 -52.61 11.61
CA ASP H 180 -5.18 -52.10 11.33
C ASP H 180 -4.70 -52.64 9.99
N HIS H 181 -4.43 -51.75 9.06
CA HIS H 181 -4.04 -52.10 7.71
C HIS H 181 -2.55 -51.91 7.49
N TYR H 182 -1.99 -52.76 6.63
CA TYR H 182 -0.56 -52.71 6.30
C TYR H 182 -0.42 -53.25 4.88
N GLN H 183 -0.36 -52.35 3.90
CA GLN H 183 -0.29 -52.76 2.50
C GLN H 183 1.11 -52.58 1.94
N GLN H 184 1.42 -53.37 0.90
CA GLN H 184 2.70 -53.32 0.22
C GLN H 184 2.45 -53.39 -1.28
N ASN H 185 2.68 -52.29 -1.98
CA ASN H 185 2.53 -52.25 -3.42
C ASN H 185 3.85 -52.56 -4.11
N THR H 186 3.76 -53.12 -5.31
CA THR H 186 4.89 -53.50 -6.15
C THR H 186 4.41 -53.64 -7.58
N PRO H 187 5.02 -52.95 -8.54
CA PRO H 187 4.54 -53.01 -9.91
C PRO H 187 4.87 -54.33 -10.58
N ILE H 188 4.17 -54.59 -11.69
CA ILE H 188 4.34 -55.85 -12.41
C ILE H 188 5.68 -55.88 -13.11
N GLY H 189 5.90 -54.96 -14.04
CA GLY H 189 7.15 -54.93 -14.77
C GLY H 189 7.95 -53.69 -14.45
N ASP H 190 7.90 -52.71 -15.34
CA ASP H 190 8.57 -51.44 -15.12
C ASP H 190 7.58 -50.48 -14.47
N GLY H 191 7.92 -50.00 -13.28
CA GLY H 191 7.05 -49.14 -12.53
C GLY H 191 7.15 -47.70 -12.97
N PRO H 192 7.07 -46.77 -12.02
CA PRO H 192 7.21 -45.35 -12.36
C PRO H 192 8.66 -44.96 -12.62
N ASP H 193 8.92 -43.67 -12.81
CA ASP H 193 10.30 -43.21 -12.93
C ASP H 193 11.03 -43.35 -11.60
N LEU H 194 10.58 -42.63 -10.59
CA LEU H 194 11.15 -42.75 -9.26
C LEU H 194 10.03 -42.70 -8.24
N LEU H 195 10.25 -43.32 -7.09
CA LEU H 195 9.20 -43.49 -6.10
C LEU H 195 8.85 -42.14 -5.46
N PRO H 196 7.59 -41.92 -5.11
CA PRO H 196 7.16 -40.59 -4.69
C PRO H 196 7.58 -40.26 -3.26
N ASP H 197 7.40 -38.99 -2.93
CA ASP H 197 7.57 -38.52 -1.56
C ASP H 197 6.38 -38.93 -0.72
N GLU H 198 6.47 -38.71 0.59
CA GLU H 198 5.40 -39.10 1.49
C GLU H 198 4.25 -38.09 1.38
N HIS H 199 3.04 -38.61 1.15
CA HIS H 199 1.85 -37.79 0.96
C HIS H 199 0.66 -38.62 1.42
N TYR H 200 -0.45 -37.96 1.71
CA TYR H 200 -1.59 -38.66 2.28
C TYR H 200 -2.81 -38.57 1.40
N LEU H 201 -3.49 -39.70 1.22
CA LEU H 201 -4.75 -39.78 0.52
C LEU H 201 -5.87 -39.53 1.51
N SER H 202 -6.92 -38.83 1.08
CA SER H 202 -8.04 -38.50 1.95
C SER H 202 -9.32 -39.01 1.31
N THR H 203 -9.97 -39.98 1.96
CA THR H 203 -11.10 -40.68 1.38
C THR H 203 -12.41 -40.29 2.06
N GLN H 204 -13.49 -40.36 1.29
CA GLN H 204 -14.86 -40.28 1.79
C GLN H 204 -15.68 -41.30 1.02
N SER H 205 -16.64 -41.95 1.69
CA SER H 205 -17.47 -42.92 1.00
C SER H 205 -18.90 -42.85 1.52
N VAL H 206 -19.84 -43.12 0.63
CA VAL H 206 -21.26 -43.11 0.93
C VAL H 206 -21.82 -44.49 0.59
N LEU H 207 -22.11 -45.27 1.63
CA LEU H 207 -22.69 -46.59 1.46
C LEU H 207 -24.20 -46.47 1.27
N SER H 208 -24.76 -47.34 0.43
CA SER H 208 -26.19 -47.27 0.11
C SER H 208 -26.65 -48.63 -0.38
N LYS H 209 -27.89 -48.68 -0.87
CA LYS H 209 -28.51 -49.92 -1.37
C LYS H 209 -29.21 -49.63 -2.69
N ASP H 210 -29.69 -50.71 -3.31
CA ASP H 210 -30.48 -50.66 -4.53
C ASP H 210 -31.84 -51.28 -4.24
N PRO H 211 -32.95 -50.54 -4.40
CA PRO H 211 -34.26 -51.14 -4.08
C PRO H 211 -34.72 -52.22 -5.04
N ASN H 212 -34.13 -52.32 -6.23
CA ASN H 212 -34.56 -53.27 -7.24
C ASN H 212 -33.66 -54.50 -7.31
N GLU H 213 -33.12 -54.93 -6.18
CA GLU H 213 -32.24 -56.10 -6.13
C GLU H 213 -32.68 -57.06 -5.03
N LYS H 214 -32.66 -58.34 -5.36
CA LYS H 214 -32.96 -59.39 -4.40
C LYS H 214 -31.70 -60.12 -3.93
N ARG H 215 -30.56 -59.85 -4.52
CA ARG H 215 -29.32 -60.49 -4.10
C ARG H 215 -28.58 -59.60 -3.11
N ASP H 216 -27.75 -60.25 -2.29
CA ASP H 216 -27.00 -59.56 -1.24
C ASP H 216 -25.94 -58.68 -1.89
N HIS H 217 -26.17 -57.37 -1.88
CA HIS H 217 -25.44 -56.46 -2.76
C HIS H 217 -24.99 -55.25 -1.97
N MET H 218 -24.30 -54.34 -2.66
CA MET H 218 -23.74 -53.14 -2.04
C MET H 218 -23.45 -52.12 -3.13
N VAL H 219 -23.89 -50.88 -2.92
CA VAL H 219 -23.66 -49.79 -3.85
C VAL H 219 -22.76 -48.77 -3.18
N LEU H 220 -21.67 -48.40 -3.86
CA LEU H 220 -20.62 -47.59 -3.26
C LEU H 220 -20.36 -46.35 -4.10
N LEU H 221 -20.08 -45.25 -3.42
CA LEU H 221 -19.76 -43.97 -4.05
C LEU H 221 -18.64 -43.34 -3.23
N GLU H 222 -17.45 -43.20 -3.82
CA GLU H 222 -16.28 -42.85 -3.04
C GLU H 222 -15.49 -41.74 -3.72
N PHE H 223 -14.92 -40.85 -2.91
CA PHE H 223 -14.26 -39.63 -3.34
C PHE H 223 -12.88 -39.56 -2.70
N VAL H 224 -11.83 -39.67 -3.50
CA VAL H 224 -10.47 -39.76 -2.99
C VAL H 224 -9.63 -38.63 -3.57
N THR H 225 -9.05 -37.80 -2.71
CA THR H 225 -8.08 -36.80 -3.11
C THR H 225 -6.80 -37.01 -2.32
N ALA H 226 -5.75 -36.28 -2.68
CA ALA H 226 -4.48 -36.37 -2.01
C ALA H 226 -3.90 -35.00 -1.72
N ASP H 227 -3.16 -34.92 -0.63
CA ASP H 227 -2.46 -33.71 -0.24
C ASP H 227 -1.20 -34.15 0.50
N GLY H 228 -0.58 -33.22 1.22
CA GLY H 228 0.58 -33.53 2.04
C GLY H 228 1.88 -32.96 1.55
N ILE H 229 1.89 -32.37 0.36
CA ILE H 229 3.06 -31.71 -0.19
C ILE H 229 2.67 -30.29 -0.52
N THR H 230 3.40 -29.34 0.06
CA THR H 230 3.09 -27.92 -0.11
C THR H 230 3.62 -27.42 -1.45
N GLU H 231 3.54 -26.11 -1.66
CA GLU H 231 3.93 -25.51 -2.92
C GLU H 231 5.45 -25.52 -3.08
N GLY H 232 5.92 -25.98 -4.23
CA GLY H 232 7.34 -26.05 -4.49
C GLY H 232 7.72 -25.49 -5.85
N SER I 3 19.05 -0.55 25.74
CA SER I 3 19.27 0.70 26.44
C SER I 3 20.58 0.68 27.22
N LYS I 4 20.80 1.70 28.04
CA LYS I 4 22.00 1.81 28.85
C LYS I 4 21.85 1.16 30.22
N GLY I 5 20.67 0.65 30.53
CA GLY I 5 20.44 0.03 31.83
C GLY I 5 20.66 -1.47 31.79
N GLU I 6 20.49 -2.09 30.62
CA GLU I 6 20.65 -3.53 30.51
C GLU I 6 22.11 -3.94 30.63
N ARG I 7 23.02 -3.07 30.22
CA ARG I 7 24.44 -3.40 30.22
C ARG I 7 25.03 -3.47 31.62
N LEU I 8 24.34 -2.91 32.61
CA LEU I 8 24.82 -2.93 33.98
C LEU I 8 24.67 -4.31 34.63
N PHE I 9 23.92 -5.21 34.02
CA PHE I 9 23.58 -6.49 34.64
C PHE I 9 24.37 -7.66 34.07
N ARG I 10 25.33 -7.41 33.18
CA ARG I 10 26.17 -8.48 32.68
C ARG I 10 27.16 -8.92 33.76
N GLY I 11 27.25 -10.22 33.95
CA GLY I 11 28.12 -10.76 34.98
C GLY I 11 27.46 -10.77 36.34
N LYS I 12 28.15 -11.35 37.30
CA LYS I 12 27.63 -11.51 38.65
C LYS I 12 27.67 -10.16 39.37
N VAL I 13 26.56 -9.81 40.01
CA VAL I 13 26.41 -8.54 40.71
C VAL I 13 26.09 -8.84 42.17
N PRO I 14 26.77 -8.24 43.13
CA PRO I 14 26.43 -8.48 44.54
C PRO I 14 25.11 -7.82 44.91
N ILE I 15 24.49 -8.35 45.97
CA ILE I 15 23.15 -7.95 46.39
C ILE I 15 23.19 -7.66 47.89
N LEU I 16 22.69 -6.49 48.29
CA LEU I 16 22.47 -6.16 49.69
C LEU I 16 20.98 -5.94 49.91
N VAL I 17 20.43 -6.58 50.94
CA VAL I 17 19.01 -6.51 51.25
C VAL I 17 18.85 -6.15 52.72
N GLU I 18 18.16 -5.04 52.99
CA GLU I 18 17.95 -4.56 54.34
C GLU I 18 16.47 -4.33 54.57
N LEU I 19 15.92 -4.99 55.60
CA LEU I 19 14.50 -4.88 55.92
C LEU I 19 14.33 -4.43 57.35
N LYS I 20 13.38 -3.52 57.58
CA LYS I 20 13.03 -3.02 58.89
C LYS I 20 11.53 -3.25 59.08
N GLY I 21 11.18 -4.31 59.80
CA GLY I 21 9.79 -4.70 59.88
C GLY I 21 9.11 -4.36 61.19
N ASP I 22 7.78 -4.38 61.19
CA ASP I 22 6.99 -4.11 62.40
C ASP I 22 5.67 -4.84 62.23
N VAL I 23 5.56 -6.03 62.82
CA VAL I 23 4.38 -6.86 62.67
C VAL I 23 3.67 -6.93 64.02
N ASN I 24 2.49 -6.29 64.09
CA ASN I 24 1.55 -6.39 65.20
C ASN I 24 2.18 -5.95 66.51
N GLY I 25 3.04 -4.93 66.45
CA GLY I 25 3.78 -4.45 67.58
C GLY I 25 5.17 -5.05 67.70
N HIS I 26 5.34 -6.30 67.29
CA HIS I 26 6.63 -6.97 67.38
C HIS I 26 7.53 -6.47 66.25
N LYS I 27 8.69 -5.93 66.60
CA LYS I 27 9.61 -5.42 65.61
C LYS I 27 10.72 -6.42 65.34
N PHE I 28 11.28 -6.36 64.14
CA PHE I 28 12.41 -7.20 63.77
C PHE I 28 13.19 -6.52 62.66
N SER I 29 14.31 -7.13 62.29
CA SER I 29 15.13 -6.65 61.20
C SER I 29 15.84 -7.85 60.58
N VAL I 30 15.96 -7.84 59.26
CA VAL I 30 16.57 -8.92 58.50
C VAL I 30 17.57 -8.31 57.54
N ARG I 31 18.81 -8.78 57.60
CA ARG I 31 19.86 -8.36 56.68
C ARG I 31 20.22 -9.53 55.77
N GLY I 32 20.40 -9.23 54.49
CA GLY I 32 20.74 -10.27 53.53
C GLY I 32 21.85 -9.81 52.61
N LYS I 33 22.60 -10.80 52.12
CA LYS I 33 23.74 -10.52 51.25
C LYS I 33 23.97 -11.71 50.35
N GLY I 34 24.62 -11.45 49.22
CA GLY I 34 24.90 -12.48 48.25
C GLY I 34 25.05 -11.87 46.88
N LYS I 35 25.00 -12.74 45.86
CA LYS I 35 25.23 -12.34 44.48
C LYS I 35 24.06 -12.77 43.63
N GLY I 36 23.95 -12.16 42.46
CA GLY I 36 22.85 -12.47 41.56
C GLY I 36 23.23 -12.47 40.09
N ASP I 37 22.97 -13.58 39.41
CA ASP I 37 23.24 -13.73 37.99
C ASP I 37 22.01 -13.28 37.23
N ALA I 38 22.19 -12.32 36.32
CA ALA I 38 21.09 -11.83 35.51
C ALA I 38 21.05 -12.45 34.12
N THR I 39 22.13 -13.11 33.69
CA THR I 39 22.13 -13.76 32.38
C THR I 39 21.29 -15.02 32.40
N ASN I 40 21.32 -15.75 33.51
CA ASN I 40 20.58 -17.00 33.65
C ASN I 40 19.32 -16.84 34.48
N GLY I 41 19.16 -15.73 35.19
CA GLY I 41 18.04 -15.59 36.09
C GLY I 41 18.17 -16.41 37.34
N LYS I 42 19.25 -16.23 38.09
CA LYS I 42 19.56 -17.04 39.25
C LYS I 42 20.04 -16.16 40.40
N LEU I 43 19.50 -16.39 41.59
CA LEU I 43 19.89 -15.63 42.78
C LEU I 43 20.34 -16.58 43.86
N THR I 44 21.36 -16.18 44.62
CA THR I 44 21.84 -16.93 45.78
C THR I 44 22.04 -15.93 46.91
N LEU I 45 21.14 -15.95 47.90
CA LEU I 45 21.24 -15.03 49.02
C LEU I 45 21.23 -15.81 50.33
N LYS I 46 21.77 -15.18 51.37
CA LYS I 46 21.74 -15.72 52.72
C LYS I 46 21.23 -14.63 53.65
N PHE I 47 20.23 -14.96 54.46
CA PHE I 47 19.58 -14.00 55.33
C PHE I 47 19.83 -14.34 56.78
N ILE I 48 19.90 -13.29 57.62
CA ILE I 48 20.08 -13.44 59.06
C ILE I 48 19.12 -12.49 59.77
N CYS I 49 18.65 -12.90 60.94
CA CYS I 49 17.73 -12.10 61.74
C CYS I 49 18.54 -11.41 62.82
N THR I 50 18.79 -10.12 62.62
CA THR I 50 19.71 -9.37 63.49
C THR I 50 19.14 -9.13 64.89
N THR I 51 17.82 -9.14 65.06
CA THR I 51 17.22 -8.89 66.37
C THR I 51 16.74 -10.19 67.02
N GLY I 52 17.47 -11.28 66.84
CA GLY I 52 17.17 -12.51 67.53
C GLY I 52 16.15 -13.40 66.85
N LYS I 53 15.00 -13.59 67.51
CA LYS I 53 13.95 -14.44 66.97
C LYS I 53 13.11 -13.68 65.96
N LEU I 54 12.18 -14.38 65.33
CA LEU I 54 11.38 -13.80 64.27
C LEU I 54 9.91 -14.10 64.53
N PRO I 55 9.03 -13.10 64.51
CA PRO I 55 7.63 -13.34 64.85
C PRO I 55 6.81 -13.97 63.73
N VAL I 56 7.22 -13.84 62.48
CA VAL I 56 6.49 -14.38 61.35
C VAL I 56 7.30 -15.52 60.75
N PRO I 57 6.71 -16.44 60.01
CA PRO I 57 7.52 -17.51 59.40
C PRO I 57 8.40 -16.99 58.29
N TRP I 58 9.51 -17.67 58.10
CA TRP I 58 10.40 -17.39 56.97
C TRP I 58 9.76 -17.51 55.57
N PRO I 59 8.85 -18.45 55.26
CA PRO I 59 8.28 -18.44 53.91
C PRO I 59 7.40 -17.25 53.59
N THR I 60 6.83 -16.56 54.58
CA THR I 60 5.99 -15.42 54.28
C THR I 60 6.78 -14.20 53.85
N LEU I 61 8.05 -14.11 54.24
CA LEU I 61 8.88 -12.97 53.91
C LEU I 61 9.68 -13.17 52.64
N VAL I 62 9.49 -14.29 51.92
CA VAL I 62 10.26 -14.55 50.72
C VAL I 62 9.84 -13.61 49.60
N THR I 63 8.54 -13.34 49.48
CA THR I 63 8.05 -12.43 48.46
C THR I 63 8.42 -10.98 48.72
N THR I 64 8.82 -10.64 49.94
CA THR I 64 9.23 -9.29 50.25
C THR I 64 10.72 -9.07 50.00
N LEU I 65 11.56 -10.05 50.35
CA LEU I 65 13.00 -9.89 50.26
C LEU I 65 13.51 -10.03 48.82
N THR I 66 13.34 -11.20 48.22
CA THR I 66 14.02 -11.56 46.99
C THR I 66 13.12 -11.55 45.76
N TRP I 67 11.82 -11.52 45.95
CA TRP I 67 10.88 -11.30 44.87
C TRP I 67 10.68 -9.81 44.62
N GLY I 68 11.45 -8.97 45.28
CA GLY I 68 11.48 -7.55 45.04
C GLY I 68 12.64 -7.17 44.15
N VAL I 69 13.69 -7.99 44.13
CA VAL I 69 14.79 -7.78 43.18
C VAL I 69 14.40 -8.56 41.92
N GLN I 70 13.56 -7.93 41.12
CA GLN I 70 13.09 -8.50 39.86
C GLN I 70 13.78 -7.88 38.66
N CYS I 71 14.82 -7.09 38.91
CA CYS I 71 15.70 -6.65 37.83
C CYS I 71 16.66 -7.74 37.39
N PHE I 72 16.69 -8.86 38.10
CA PHE I 72 17.51 -10.02 37.78
C PHE I 72 16.71 -11.09 37.05
N ALA I 73 15.78 -10.68 36.17
CA ALA I 73 14.93 -11.59 35.44
C ALA I 73 15.57 -11.93 34.10
N ARG I 74 15.48 -13.20 33.71
CA ARG I 74 16.05 -13.65 32.45
C ARG I 74 15.07 -13.29 31.35
N TYR I 75 15.16 -12.07 30.83
CA TYR I 75 14.27 -11.91 29.68
C TYR I 75 14.90 -12.50 28.43
N PRO I 76 14.12 -13.22 27.62
CA PRO I 76 14.69 -13.90 26.46
C PRO I 76 15.15 -12.96 25.36
N LYS I 77 15.71 -13.54 24.30
CA LYS I 77 16.26 -12.73 23.20
C LYS I 77 15.16 -12.02 22.42
N HIS I 78 13.96 -12.58 22.40
CA HIS I 78 12.93 -12.13 21.48
C HIS I 78 11.97 -11.12 22.10
N MET I 79 12.24 -10.62 23.30
CA MET I 79 11.44 -9.54 23.84
C MET I 79 12.26 -8.25 23.99
N LYS I 80 13.16 -8.19 24.99
CA LYS I 80 14.17 -7.14 25.23
C LYS I 80 13.64 -5.70 25.14
N ARG I 81 12.32 -5.51 25.22
CA ARG I 81 11.68 -4.22 25.05
C ARG I 81 10.55 -4.07 26.05
N HIS I 82 10.11 -5.16 26.66
CA HIS I 82 9.06 -5.17 27.66
C HIS I 82 9.66 -5.21 29.06
N ASP I 83 10.76 -4.52 29.26
CA ASP I 83 11.59 -4.64 30.45
C ASP I 83 11.51 -3.34 31.24
N PHE I 84 10.61 -3.31 32.21
CA PHE I 84 10.59 -2.15 33.10
C PHE I 84 11.69 -2.21 34.13
N PHE I 85 12.05 -3.41 34.58
CA PHE I 85 12.87 -3.55 35.78
C PHE I 85 14.32 -3.13 35.54
N LYS I 86 14.89 -3.54 34.41
CA LYS I 86 16.25 -3.14 34.10
C LYS I 86 16.32 -1.73 33.57
N SER I 87 15.26 -1.23 32.95
CA SER I 87 15.28 0.09 32.35
C SER I 87 15.19 1.21 33.38
N ALA I 88 14.76 0.92 34.59
CA ALA I 88 14.65 1.96 35.61
C ALA I 88 15.95 2.19 36.35
N MET I 89 17.00 1.54 35.98
CA MET I 89 18.36 1.55 36.51
C MET I 89 19.23 2.52 35.72
N PRO I 90 20.27 3.12 36.35
CA PRO I 90 20.80 2.98 37.71
C PRO I 90 20.10 3.88 38.72
N LYS I 91 19.08 4.61 38.27
CA LYS I 91 18.34 5.48 39.18
C LYS I 91 17.56 4.66 40.20
N GLY I 92 16.82 3.66 39.75
CA GLY I 92 16.10 2.77 40.63
C GLY I 92 14.59 2.89 40.45
N TYR I 93 13.88 2.14 41.29
CA TYR I 93 12.42 2.16 41.27
C TYR I 93 11.90 1.87 42.67
N VAL I 94 10.63 2.24 42.89
CA VAL I 94 9.98 2.12 44.18
C VAL I 94 8.90 1.05 44.05
N GLN I 95 8.99 0.00 44.86
CA GLN I 95 8.08 -1.13 44.79
C GLN I 95 7.26 -1.21 46.07
N GLU I 96 5.94 -1.17 45.94
CA GLU I 96 5.03 -1.26 47.07
C GLU I 96 4.09 -2.43 46.87
N ARG I 97 3.87 -3.21 47.92
CA ARG I 97 2.95 -4.34 47.84
C ARG I 97 1.86 -4.22 48.89
N THR I 98 0.89 -5.12 48.76
CA THR I 98 -0.18 -5.29 49.75
C THR I 98 -0.47 -6.78 49.80
N ILE I 99 0.13 -7.46 50.77
CA ILE I 99 0.09 -8.91 50.85
C ILE I 99 -1.07 -9.27 51.77
N SER I 100 -2.20 -9.65 51.21
CA SER I 100 -3.41 -9.89 51.99
C SER I 100 -3.61 -11.39 52.16
N PHE I 101 -3.46 -11.86 53.39
CA PHE I 101 -3.67 -13.26 53.72
C PHE I 101 -5.15 -13.56 53.84
N LYS I 102 -5.55 -14.77 53.45
CA LYS I 102 -6.95 -15.17 53.59
C LYS I 102 -7.25 -15.49 55.05
N LYS I 103 -8.36 -14.94 55.54
CA LYS I 103 -8.84 -15.10 56.92
C LYS I 103 -7.81 -14.64 57.94
N ASP I 104 -7.05 -13.61 57.60
CA ASP I 104 -5.97 -13.10 58.44
C ASP I 104 -5.67 -11.67 57.98
N GLY I 105 -4.66 -11.05 58.57
CA GLY I 105 -4.35 -9.66 58.29
C GLY I 105 -3.57 -9.46 57.01
N THR I 106 -2.81 -8.37 56.96
CA THR I 106 -2.25 -7.87 55.71
C THR I 106 -0.87 -7.27 55.98
N TYR I 107 0.08 -7.51 55.07
CA TYR I 107 1.32 -6.76 55.07
C TYR I 107 1.19 -5.51 54.22
N LYS I 108 1.96 -4.49 54.57
CA LYS I 108 2.10 -3.27 53.78
C LYS I 108 3.59 -3.01 53.65
N THR I 109 4.12 -3.11 52.44
CA THR I 109 5.55 -2.93 52.22
C THR I 109 5.80 -1.77 51.27
N ARG I 110 6.95 -1.14 51.42
CA ARG I 110 7.52 -0.30 50.38
C ARG I 110 9.01 -0.59 50.30
N ALA I 111 9.59 -0.35 49.14
CA ALA I 111 10.98 -0.71 48.93
C ALA I 111 11.60 0.23 47.91
N GLU I 112 12.92 0.28 47.91
CA GLU I 112 13.69 1.02 46.91
C GLU I 112 14.82 0.14 46.42
N VAL I 113 14.74 -0.30 45.19
CA VAL I 113 15.75 -1.15 44.57
C VAL I 113 16.57 -0.26 43.65
N LYS I 114 17.81 0.00 44.02
CA LYS I 114 18.67 0.89 43.24
C LYS I 114 20.12 0.56 43.50
N PHE I 115 20.98 0.98 42.58
CA PHE I 115 22.42 0.79 42.71
C PHE I 115 23.03 1.75 43.72
N GLU I 116 24.05 1.26 44.43
CA GLU I 116 24.95 2.10 45.19
C GLU I 116 26.36 1.79 44.68
N GLY I 117 26.73 2.46 43.59
CA GLY I 117 28.02 2.25 42.98
C GLY I 117 28.05 0.99 42.15
N ARG I 118 28.15 -0.15 42.81
CA ARG I 118 28.03 -1.43 42.12
C ARG I 118 27.13 -2.42 42.85
N THR I 119 27.03 -2.37 44.17
CA THR I 119 26.22 -3.30 44.94
C THR I 119 24.76 -2.88 44.83
N LEU I 120 23.93 -3.78 44.29
CA LEU I 120 22.50 -3.53 44.17
C LEU I 120 21.87 -3.64 45.57
N VAL I 121 21.36 -2.52 46.07
CA VAL I 121 20.89 -2.43 47.45
C VAL I 121 19.38 -2.32 47.45
N ASN I 122 18.73 -3.20 48.20
CA ASN I 122 17.29 -3.20 48.40
C ASN I 122 16.99 -2.79 49.83
N ARG I 123 16.10 -1.83 50.00
CA ARG I 123 15.80 -1.26 51.31
C ARG I 123 14.30 -1.30 51.54
N ILE I 124 13.85 -2.23 52.38
CA ILE I 124 12.44 -2.53 52.57
C ILE I 124 12.00 -1.98 53.91
N LYS I 125 10.87 -1.25 53.92
CA LYS I 125 10.12 -0.99 55.13
C LYS I 125 8.84 -1.80 55.08
N LEU I 126 8.58 -2.55 56.15
CA LEU I 126 7.41 -3.42 56.21
C LEU I 126 6.62 -3.10 57.47
N LYS I 127 5.30 -3.25 57.38
CA LYS I 127 4.44 -2.99 58.52
C LYS I 127 3.18 -3.82 58.35
N GLY I 128 2.97 -4.78 59.24
CA GLY I 128 1.79 -5.61 59.18
C GLY I 128 0.85 -5.36 60.33
N ARG I 129 -0.42 -5.71 60.16
CA ARG I 129 -1.42 -5.49 61.20
C ARG I 129 -2.53 -6.51 61.01
N ASP I 130 -3.48 -6.49 61.95
CA ASP I 130 -4.71 -7.29 61.93
C ASP I 130 -4.46 -8.80 61.93
N PHE I 131 -3.27 -9.24 62.33
CA PHE I 131 -3.00 -10.66 62.48
C PHE I 131 -3.64 -11.16 63.76
N LYS I 132 -4.50 -12.16 63.63
CA LYS I 132 -5.08 -12.78 64.81
C LYS I 132 -4.05 -13.65 65.52
N GLU I 133 -4.13 -13.67 66.84
CA GLU I 133 -3.22 -14.48 67.65
C GLU I 133 -3.62 -15.94 67.54
N LYS I 134 -2.60 -16.81 67.71
CA LYS I 134 -2.72 -18.26 67.51
C LYS I 134 -3.28 -18.61 66.14
N GLY I 135 -2.86 -17.86 65.12
CA GLY I 135 -3.19 -18.15 63.75
C GLY I 135 -2.12 -19.01 63.11
N ASN I 136 -2.16 -19.07 61.78
CA ASN I 136 -1.11 -19.79 61.06
C ASN I 136 0.20 -19.03 61.07
N ILE I 137 0.14 -17.71 60.84
CA ILE I 137 1.36 -16.92 60.72
C ILE I 137 1.98 -16.66 62.08
N LEU I 138 1.22 -16.10 63.01
CA LEU I 138 1.79 -15.81 64.33
C LEU I 138 2.01 -17.07 65.16
N GLY I 139 1.30 -18.15 64.86
CA GLY I 139 1.52 -19.40 65.54
C GLY I 139 2.61 -20.27 64.98
N HIS I 140 3.29 -19.80 63.91
CA HIS I 140 4.33 -20.53 63.19
C HIS I 140 3.84 -21.91 62.72
N LYS I 141 2.62 -21.94 62.22
CA LYS I 141 2.01 -23.16 61.71
C LYS I 141 2.32 -23.40 60.24
N LEU I 142 3.19 -22.61 59.64
CA LEU I 142 3.55 -22.78 58.24
C LEU I 142 4.73 -23.73 58.14
N ARG I 143 4.72 -24.55 57.09
CA ARG I 143 5.86 -25.41 56.82
C ARG I 143 7.00 -24.60 56.23
N TYR I 144 8.21 -25.16 56.32
CA TYR I 144 9.38 -24.53 55.73
C TYR I 144 9.65 -25.15 54.37
N ASN I 145 8.79 -24.82 53.42
CA ASN I 145 8.95 -25.24 52.04
C ASN I 145 9.26 -24.04 51.17
N GLY I 146 9.50 -24.31 49.89
CA GLY I 146 9.77 -23.27 48.92
C GLY I 146 8.51 -22.56 48.50
N ILE I 147 8.58 -21.95 47.31
CA ILE I 147 7.54 -21.06 46.83
C ILE I 147 7.72 -20.89 45.33
N SER I 148 6.60 -20.91 44.59
CA SER I 148 6.63 -20.79 43.14
C SER I 148 5.26 -20.49 42.57
N ASP I 149 5.13 -19.42 41.79
CA ASP I 149 3.95 -19.17 40.97
C ASP I 149 4.36 -18.18 39.88
N LYS I 150 3.39 -17.65 39.14
CA LYS I 150 3.61 -16.70 38.07
C LYS I 150 3.28 -15.30 38.58
N VAL I 151 3.90 -14.28 37.99
CA VAL I 151 3.71 -12.89 38.40
C VAL I 151 3.14 -12.17 37.19
N TYR I 152 1.81 -12.01 37.14
CA TYR I 152 1.14 -11.43 35.97
C TYR I 152 1.36 -9.93 35.95
N ILE I 153 2.26 -9.47 35.09
CA ILE I 153 2.66 -8.06 35.01
C ILE I 153 1.88 -7.37 33.92
N THR I 154 1.24 -6.26 34.25
CA THR I 154 0.55 -5.43 33.28
C THR I 154 1.02 -3.98 33.43
N ALA I 155 0.85 -3.21 32.37
CA ALA I 155 1.41 -1.87 32.31
C ALA I 155 0.42 -0.84 32.86
N ASP I 156 0.97 0.26 33.36
CA ASP I 156 0.17 1.37 33.91
C ASP I 156 0.73 2.68 33.37
N LYS I 157 0.01 3.28 32.43
CA LYS I 157 0.52 4.45 31.73
C LYS I 157 0.54 5.70 32.61
N ARG I 158 -0.37 5.77 33.59
CA ARG I 158 -0.58 7.00 34.35
C ARG I 158 0.61 7.31 35.26
N LYS I 159 1.00 6.34 36.09
CA LYS I 159 2.09 6.55 37.02
C LYS I 159 3.46 6.26 36.41
N ASN I 160 3.52 6.03 35.10
CA ASN I 160 4.74 5.74 34.35
C ASN I 160 5.47 4.51 34.91
N GLY I 161 4.69 3.52 35.32
CA GLY I 161 5.24 2.32 35.93
C GLY I 161 4.44 1.10 35.53
N ILE I 162 4.56 0.02 36.29
CA ILE I 162 3.80 -1.19 36.04
C ILE I 162 3.03 -1.54 37.30
N LYS I 163 2.21 -2.58 37.18
CA LYS I 163 1.55 -3.16 38.32
C LYS I 163 1.40 -4.65 38.07
N ALA I 164 1.64 -5.46 39.10
CA ALA I 164 1.53 -6.89 38.98
C ALA I 164 0.56 -7.39 40.04
N LYS I 165 0.13 -8.63 39.87
CA LYS I 165 -1.02 -9.13 40.61
C LYS I 165 -0.95 -10.64 40.57
N PHE I 166 -0.75 -11.26 41.73
CA PHE I 166 -0.61 -12.71 41.77
C PHE I 166 -0.96 -13.20 43.16
N LYS I 167 -1.01 -14.52 43.30
CA LYS I 167 -1.34 -15.12 44.58
C LYS I 167 -0.40 -16.28 44.83
N ILE I 168 -0.20 -16.59 46.10
CA ILE I 168 0.85 -17.50 46.54
C ILE I 168 0.22 -18.53 47.48
N ARG I 169 0.55 -19.80 47.28
CA ARG I 169 0.01 -20.89 48.08
C ARG I 169 1.11 -21.40 49.01
N HIS I 170 0.95 -21.15 50.29
CA HIS I 170 1.87 -21.62 51.32
C HIS I 170 1.34 -22.91 51.92
N ASN I 171 2.25 -23.84 52.22
CA ASN I 171 1.89 -25.12 52.79
C ASN I 171 1.83 -25.04 54.31
N VAL I 172 0.85 -25.72 54.89
CA VAL I 172 0.61 -25.69 56.33
C VAL I 172 0.98 -27.06 56.89
N LYS I 173 1.41 -27.09 58.15
CA LYS I 173 1.75 -28.34 58.84
C LYS I 173 0.54 -29.26 59.02
N ASP I 174 -0.68 -28.72 59.03
CA ASP I 174 -1.89 -29.52 59.20
C ASP I 174 -2.42 -30.07 57.88
N GLY I 175 -1.68 -29.90 56.78
CA GLY I 175 -2.11 -30.39 55.49
C GLY I 175 -2.95 -29.42 54.68
N SER I 176 -3.30 -28.26 55.23
CA SER I 176 -4.10 -27.28 54.52
C SER I 176 -3.18 -26.36 53.71
N VAL I 177 -3.76 -25.32 53.10
CA VAL I 177 -3.02 -24.37 52.28
C VAL I 177 -3.37 -22.96 52.75
N GLN I 178 -2.34 -22.18 53.10
CA GLN I 178 -2.50 -20.79 53.47
C GLN I 178 -2.21 -19.93 52.24
N LEU I 179 -3.16 -19.09 51.86
CA LEU I 179 -3.03 -18.31 50.64
C LEU I 179 -2.48 -16.93 50.94
N ALA I 180 -2.06 -16.22 49.89
CA ALA I 180 -1.45 -14.91 50.04
C ALA I 180 -1.65 -14.14 48.74
N ASP I 181 -2.57 -13.19 48.73
CA ASP I 181 -2.82 -12.39 47.54
C ASP I 181 -1.84 -11.22 47.48
N HIS I 182 -1.14 -11.08 46.36
CA HIS I 182 -0.13 -10.06 46.19
C HIS I 182 -0.59 -9.06 45.14
N TYR I 183 -0.61 -7.78 45.51
CA TYR I 183 -0.93 -6.68 44.62
C TYR I 183 0.22 -5.70 44.68
N GLN I 184 0.98 -5.55 43.59
CA GLN I 184 2.14 -4.68 43.68
C GLN I 184 2.10 -3.57 42.65
N GLN I 185 2.90 -2.54 42.92
CA GLN I 185 3.03 -1.36 42.08
C GLN I 185 4.50 -1.00 42.00
N ASN I 186 5.00 -0.77 40.79
CA ASN I 186 6.35 -0.26 40.60
C ASN I 186 6.28 1.14 40.02
N THR I 187 7.20 1.99 40.45
CA THR I 187 7.25 3.36 40.03
C THR I 187 8.72 3.73 40.04
N PRO I 188 9.26 4.28 38.96
CA PRO I 188 10.67 4.66 38.96
C PRO I 188 10.93 5.88 39.84
N ILE I 189 12.16 5.98 40.31
CA ILE I 189 12.54 7.14 41.12
C ILE I 189 12.61 8.38 40.25
N GLY I 190 12.99 8.23 38.99
CA GLY I 190 12.94 9.34 38.05
C GLY I 190 14.26 9.57 37.37
N ARG I 191 14.28 10.24 36.21
CA ARG I 191 13.07 10.72 35.53
C ARG I 191 13.26 10.36 34.05
N GLY I 192 14.35 9.63 33.77
CA GLY I 192 14.62 9.12 32.45
C GLY I 192 13.54 8.17 31.99
N PRO I 193 13.05 8.36 30.76
CA PRO I 193 11.93 7.54 30.27
C PRO I 193 12.31 6.08 30.11
N VAL I 194 11.38 5.21 30.49
CA VAL I 194 11.65 3.79 30.62
C VAL I 194 10.79 3.00 29.65
N LEU I 195 10.95 1.68 29.65
CA LEU I 195 10.18 0.81 28.78
C LEU I 195 8.89 0.42 29.49
N LEU I 196 7.78 0.55 28.78
CA LEU I 196 6.50 0.09 29.33
C LEU I 196 6.09 -1.21 28.66
N PRO I 197 6.01 -2.30 29.39
CA PRO I 197 5.75 -3.61 28.76
C PRO I 197 4.32 -3.79 28.30
N ARG I 198 4.01 -4.97 27.76
CA ARG I 198 2.66 -5.29 27.32
C ARG I 198 2.33 -6.71 27.78
N ASN I 199 1.83 -6.82 29.01
CA ASN I 199 1.10 -7.98 29.53
C ASN I 199 1.87 -9.29 29.43
N HIS I 200 3.03 -9.32 30.07
CA HIS I 200 3.80 -10.55 30.17
C HIS I 200 3.73 -11.06 31.61
N TYR I 201 4.47 -12.12 31.90
CA TYR I 201 4.51 -12.61 33.26
C TYR I 201 5.89 -13.20 33.54
N LEU I 202 6.11 -13.57 34.80
CA LEU I 202 7.40 -14.06 35.26
C LEU I 202 7.22 -15.45 35.86
N SER I 203 7.71 -16.46 35.16
CA SER I 203 7.76 -17.80 35.73
C SER I 203 8.86 -17.85 36.77
N THR I 204 8.51 -18.05 38.03
CA THR I 204 9.45 -17.92 39.13
C THR I 204 9.33 -19.08 40.11
N ARG I 205 10.48 -19.54 40.60
CA ARG I 205 10.55 -20.54 41.65
C ARG I 205 11.64 -20.14 42.63
N SER I 206 11.39 -20.34 43.93
CA SER I 206 12.41 -20.15 44.94
C SER I 206 12.48 -21.39 45.81
N VAL I 207 13.71 -21.80 46.13
CA VAL I 207 13.98 -22.99 46.92
C VAL I 207 14.65 -22.55 48.21
N LEU I 208 14.09 -22.97 49.34
CA LEU I 208 14.60 -22.58 50.64
C LEU I 208 15.37 -23.74 51.27
N SER I 209 16.48 -23.41 51.92
CA SER I 209 17.30 -24.38 52.63
C SER I 209 18.02 -23.68 53.75
N LYS I 210 18.75 -24.46 54.55
CA LYS I 210 19.47 -23.92 55.69
C LYS I 210 20.95 -24.23 55.59
N ASP I 211 21.72 -23.52 56.43
CA ASP I 211 23.17 -23.66 56.49
C ASP I 211 23.52 -24.40 57.76
N PRO I 212 24.22 -25.54 57.70
CA PRO I 212 24.49 -26.31 58.92
C PRO I 212 25.66 -25.80 59.75
N LYS I 213 26.14 -24.59 59.46
CA LYS I 213 27.25 -23.99 60.19
C LYS I 213 26.85 -22.72 60.93
N GLU I 214 25.57 -22.39 60.98
CA GLU I 214 25.10 -21.16 61.61
C GLU I 214 24.40 -21.45 62.93
N LYS I 215 24.22 -20.39 63.71
CA LYS I 215 23.53 -20.45 65.00
C LYS I 215 22.33 -19.54 65.06
N ARG I 216 22.40 -18.37 64.45
CA ARG I 216 21.29 -17.44 64.42
C ARG I 216 20.18 -17.95 63.51
N ASP I 217 18.99 -17.38 63.68
CA ASP I 217 17.85 -17.72 62.85
C ASP I 217 18.09 -17.22 61.44
N HIS I 218 18.19 -18.13 60.48
CA HIS I 218 18.71 -17.79 59.16
C HIS I 218 17.92 -18.54 58.10
N MET I 219 18.25 -18.24 56.84
CA MET I 219 17.57 -18.84 55.69
C MET I 219 18.47 -18.66 54.47
N VAL I 220 18.64 -19.74 53.70
CA VAL I 220 19.43 -19.71 52.48
C VAL I 220 18.47 -19.87 51.31
N LEU I 221 18.59 -19.02 50.31
CA LEU I 221 17.60 -18.93 49.24
C LEU I 221 18.24 -19.11 47.88
N LEU I 222 17.51 -19.79 47.00
CA LEU I 222 17.95 -20.04 45.62
C LEU I 222 16.75 -19.82 44.71
N GLU I 223 16.79 -18.77 43.90
CA GLU I 223 15.66 -18.33 43.11
C GLU I 223 15.98 -18.41 41.63
N PHE I 224 14.99 -18.83 40.85
CA PHE I 224 15.07 -18.92 39.40
C PHE I 224 13.96 -18.08 38.79
N VAL I 225 14.31 -17.13 37.94
CA VAL I 225 13.34 -16.20 37.34
C VAL I 225 13.47 -16.25 35.83
N THR I 226 12.35 -16.36 35.13
CA THR I 226 12.32 -16.22 33.68
C THR I 226 10.96 -15.67 33.27
N ALA I 227 10.84 -15.26 32.02
CA ALA I 227 9.61 -14.65 31.55
C ALA I 227 9.05 -15.39 30.33
N ALA I 228 7.79 -15.08 30.04
CA ALA I 228 7.04 -15.66 28.94
C ALA I 228 5.84 -14.76 28.66
N GLY I 229 4.91 -15.24 27.86
CA GLY I 229 3.63 -14.55 27.68
C GLY I 229 3.52 -13.73 26.42
N ILE I 230 4.60 -13.53 25.68
CA ILE I 230 4.58 -12.76 24.44
C ILE I 230 5.08 -13.65 23.31
N LYS I 231 4.34 -13.69 22.21
CA LYS I 231 4.52 -14.64 21.12
C LYS I 231 5.26 -14.02 19.94
N HIS I 232 6.28 -13.20 20.20
CA HIS I 232 7.06 -12.61 19.11
C HIS I 232 7.84 -13.69 18.34
N GLY I 233 8.69 -14.44 19.03
CA GLY I 233 9.45 -15.50 18.40
C GLY I 233 10.62 -15.01 17.55
N SER J 2 -5.02 41.64 25.96
CA SER J 2 -5.95 41.37 27.04
C SER J 2 -5.73 39.97 27.61
N LYS J 3 -5.16 39.09 26.79
CA LYS J 3 -4.90 37.72 27.21
C LYS J 3 -3.72 37.68 28.17
N GLY J 4 -3.84 36.83 29.19
CA GLY J 4 -2.77 36.63 30.15
C GLY J 4 -1.86 35.47 29.85
N GLU J 5 -2.06 34.80 28.71
CA GLU J 5 -1.24 33.64 28.37
C GLU J 5 0.19 34.03 28.07
N GLU J 6 0.41 35.20 27.47
CA GLU J 6 1.76 35.60 27.09
C GLU J 6 2.57 36.14 28.25
N LEU J 7 1.96 36.36 29.41
CA LEU J 7 2.71 36.81 30.58
C LEU J 7 3.58 35.73 31.19
N PHE J 8 3.46 34.48 30.75
CA PHE J 8 4.20 33.37 31.31
C PHE J 8 5.18 32.78 30.29
N THR J 9 5.87 33.64 29.56
CA THR J 9 6.88 33.23 28.61
C THR J 9 8.25 33.35 29.25
N GLY J 10 8.99 32.26 29.27
CA GLY J 10 10.36 32.28 29.78
C GLY J 10 10.41 31.95 31.26
N VAL J 11 10.87 32.91 32.07
CA VAL J 11 11.18 32.70 33.48
C VAL J 11 10.53 33.83 34.27
N VAL J 12 9.69 33.48 35.22
CA VAL J 12 8.89 34.43 35.99
C VAL J 12 9.34 34.37 37.45
N PRO J 13 9.61 35.50 38.09
CA PRO J 13 9.91 35.46 39.53
C PRO J 13 8.68 35.12 40.36
N ILE J 14 8.91 34.35 41.43
CA ILE J 14 7.85 33.84 42.29
C ILE J 14 8.12 34.28 43.71
N LEU J 15 7.06 34.61 44.46
CA LEU J 15 7.15 34.89 45.88
C LEU J 15 6.00 34.22 46.60
N VAL J 16 6.30 33.43 47.63
CA VAL J 16 5.30 32.67 48.36
C VAL J 16 5.36 33.09 49.83
N GLU J 17 4.20 33.35 50.43
CA GLU J 17 4.12 33.74 51.83
C GLU J 17 2.99 33.00 52.51
N LEU J 18 3.20 32.56 53.75
CA LEU J 18 2.21 31.79 54.49
C LEU J 18 2.12 32.30 55.92
N ASP J 19 0.92 32.21 56.49
CA ASP J 19 0.67 32.49 57.90
C ASP J 19 -0.10 31.31 58.48
N GLY J 20 0.56 30.51 59.30
CA GLY J 20 -0.05 29.29 59.80
C GLY J 20 -0.55 29.36 61.22
N ASP J 21 -1.51 28.49 61.54
CA ASP J 21 -2.08 28.41 62.89
C ASP J 21 -2.52 26.95 63.08
N VAL J 22 -1.66 26.15 63.68
CA VAL J 22 -1.90 24.72 63.84
C VAL J 22 -1.95 24.43 65.32
N ASN J 23 -3.16 24.23 65.87
CA ASN J 23 -3.42 24.03 67.30
C ASN J 23 -2.85 25.16 68.16
N GLY J 24 -2.92 26.39 67.64
CA GLY J 24 -2.38 27.53 68.33
C GLY J 24 -0.93 27.84 68.02
N HIS J 25 -0.19 26.88 67.46
CA HIS J 25 1.20 27.14 67.08
C HIS J 25 1.23 28.04 65.86
N LYS J 26 1.92 29.17 65.96
CA LYS J 26 1.95 30.16 64.91
C LYS J 26 3.31 30.14 64.21
N PHE J 27 3.30 30.16 62.89
CA PHE J 27 4.53 30.10 62.12
C PHE J 27 4.34 30.87 60.82
N SER J 28 5.41 30.94 60.03
CA SER J 28 5.41 31.63 58.76
C SER J 28 6.46 31.01 57.86
N VAL J 29 6.12 30.80 56.60
CA VAL J 29 7.00 30.21 55.62
C VAL J 29 7.11 31.19 54.45
N ARG J 30 8.33 31.45 54.00
CA ARG J 30 8.59 32.37 52.90
C ARG J 30 9.36 31.63 51.82
N GLY J 31 8.92 31.77 50.58
CA GLY J 31 9.54 31.06 49.47
C GLY J 31 9.81 31.96 48.29
N GLU J 32 10.93 31.72 47.62
CA GLU J 32 11.33 32.49 46.46
C GLU J 32 11.95 31.56 45.43
N GLY J 33 11.81 31.91 44.16
CA GLY J 33 12.35 31.08 43.10
C GLY J 33 12.01 31.58 41.72
N GLU J 34 11.79 30.66 40.78
CA GLU J 34 11.46 31.03 39.41
C GLU J 34 10.71 29.89 38.75
N GLY J 35 9.94 30.21 37.72
CA GLY J 35 9.09 29.23 37.07
C GLY J 35 9.13 29.36 35.56
N ASP J 36 9.04 28.21 34.90
CA ASP J 36 9.14 28.11 33.44
C ASP J 36 7.89 27.43 32.93
N ALA J 37 6.88 28.23 32.53
CA ALA J 37 5.59 27.67 32.17
C ALA J 37 5.54 27.05 30.79
N ASP J 38 6.65 27.02 30.05
CA ASP J 38 6.66 26.38 28.75
C ASP J 38 7.03 24.92 28.83
N ASN J 39 7.69 24.50 29.92
CA ASN J 39 7.99 23.11 30.16
C ASN J 39 7.31 22.57 31.41
N GLY J 40 6.62 23.42 32.16
CA GLY J 40 6.16 23.05 33.48
C GLY J 40 7.23 23.09 34.54
N LYS J 41 8.45 23.48 34.17
CA LYS J 41 9.58 23.45 35.08
C LYS J 41 9.43 24.55 36.12
N LEU J 42 9.73 24.19 37.36
CA LEU J 42 9.46 25.03 38.51
C LEU J 42 10.52 24.75 39.56
N ASP J 43 11.04 25.81 40.17
CA ASP J 43 12.15 25.65 41.11
C ASP J 43 12.14 26.81 42.09
N LEU J 44 12.09 26.51 43.38
CA LEU J 44 11.96 27.53 44.41
C LEU J 44 12.41 26.95 45.74
N LYS J 45 12.57 27.82 46.72
CA LYS J 45 13.21 27.46 47.99
C LYS J 45 12.51 28.16 49.15
N PHE J 46 12.17 27.39 50.18
CA PHE J 46 11.41 27.87 51.32
C PHE J 46 12.29 27.96 52.56
N ILE J 47 11.96 28.90 53.44
CA ILE J 47 12.57 28.97 54.77
C ILE J 47 11.46 29.21 55.78
N CYS J 48 11.70 28.82 57.02
CA CYS J 48 10.73 29.01 58.09
C CYS J 48 11.26 30.12 58.99
N THR J 49 10.65 31.30 58.89
CA THR J 49 11.19 32.50 59.49
C THR J 49 10.87 32.64 60.98
N THR J 50 10.14 31.68 61.56
CA THR J 50 9.86 31.73 62.99
C THR J 50 10.47 30.53 63.72
N GLY J 51 11.64 30.08 63.29
CA GLY J 51 12.34 29.02 63.99
C GLY J 51 12.03 27.64 63.44
N LYS J 52 11.21 26.89 64.17
CA LYS J 52 10.88 25.51 63.84
C LYS J 52 9.53 25.43 63.14
N LEU J 53 9.23 24.26 62.60
CA LEU J 53 7.97 24.06 61.89
C LEU J 53 7.15 22.99 62.60
N PRO J 54 5.90 23.28 62.97
CA PRO J 54 5.08 22.29 63.68
C PRO J 54 4.68 21.09 62.83
N VAL J 55 4.21 21.32 61.61
CA VAL J 55 3.75 20.27 60.72
C VAL J 55 4.92 19.80 59.88
N PRO J 56 4.87 18.61 59.29
CA PRO J 56 5.97 18.20 58.41
C PRO J 56 5.95 18.99 57.10
N TRP J 57 7.09 19.00 56.45
CA TRP J 57 7.21 19.68 55.16
C TRP J 57 6.39 19.08 54.01
N PRO J 58 6.23 17.75 53.85
CA PRO J 58 5.38 17.28 52.74
C PRO J 58 3.89 17.57 52.92
N THR J 59 3.42 17.93 54.10
CA THR J 59 2.02 18.35 54.20
C THR J 59 1.79 19.73 53.61
N LEU J 60 2.81 20.57 53.55
CA LEU J 60 2.70 21.91 53.03
C LEU J 60 3.12 22.01 51.57
N VAL J 61 3.39 20.89 50.90
CA VAL J 61 3.72 20.97 49.48
C VAL J 61 2.46 21.21 48.67
N THR J 62 1.33 20.62 49.06
CA THR J 62 0.09 20.84 48.35
C THR J 62 -0.53 22.21 48.62
N THR J 63 0.04 23.00 49.52
CA THR J 63 -0.45 24.32 49.83
C THR J 63 0.49 25.42 49.34
N LEU J 64 1.81 25.21 49.39
CA LEU J 64 2.73 26.27 49.02
C LEU J 64 2.90 26.38 47.51
N THR J 65 3.60 25.43 46.89
CA THR J 65 3.75 25.49 45.44
C THR J 65 2.81 24.51 44.76
N TYR J 66 1.56 24.59 45.10
CA TYR J 66 0.58 23.77 44.43
C TYR J 66 -0.72 24.53 44.30
N GLY J 67 -0.77 25.74 44.84
CA GLY J 67 -1.77 26.71 44.52
C GLY J 67 -1.35 27.61 43.38
N VAL J 68 -0.05 27.69 43.11
CA VAL J 68 0.40 28.35 41.90
C VAL J 68 0.43 27.29 40.80
N GLN J 69 -0.74 27.01 40.24
CA GLN J 69 -0.89 26.03 39.19
C GLN J 69 -0.87 26.66 37.82
N CYS J 70 -0.64 27.98 37.76
CA CYS J 70 -0.53 28.70 36.51
C CYS J 70 0.73 28.35 35.74
N PHE J 71 1.69 27.68 36.36
CA PHE J 71 2.90 27.22 35.70
C PHE J 71 2.76 25.83 35.12
N SER J 72 1.55 25.44 34.74
CA SER J 72 1.29 24.11 34.19
C SER J 72 1.48 24.14 32.69
N ARG J 73 2.18 23.14 32.17
CA ARG J 73 2.52 23.08 30.76
C ARG J 73 1.31 22.56 30.00
N TYR J 74 0.48 23.49 29.49
CA TYR J 74 -0.59 22.86 28.71
C TYR J 74 -0.12 22.64 27.28
N PRO J 75 -0.50 21.51 26.68
CA PRO J 75 -0.17 21.28 25.27
C PRO J 75 -0.96 22.21 24.38
N ASP J 76 -0.54 22.26 23.11
CA ASP J 76 -1.04 23.26 22.17
C ASP J 76 -2.50 23.05 21.81
N HIS J 77 -3.02 21.84 21.94
CA HIS J 77 -4.42 21.58 21.68
C HIS J 77 -5.32 21.88 22.86
N MET J 78 -4.80 22.49 23.94
CA MET J 78 -5.62 22.86 25.07
C MET J 78 -5.26 24.22 25.65
N LYS J 79 -4.67 25.11 24.84
CA LYS J 79 -4.24 26.40 25.40
C LYS J 79 -5.39 27.32 25.72
N GLU J 80 -6.60 27.02 25.22
CA GLU J 80 -7.79 27.83 25.50
C GLU J 80 -8.59 27.30 26.65
N HIS J 81 -8.22 26.15 27.21
CA HIS J 81 -8.92 25.52 28.33
C HIS J 81 -8.17 25.74 29.62
N ASP J 82 -7.62 26.94 29.80
CA ASP J 82 -6.66 27.24 30.85
C ASP J 82 -7.27 28.30 31.76
N PHE J 83 -7.79 27.88 32.90
CA PHE J 83 -8.36 28.85 33.84
C PHE J 83 -7.27 29.68 34.51
N PHE J 84 -6.08 29.11 34.70
CA PHE J 84 -5.14 29.72 35.62
C PHE J 84 -4.32 30.82 34.95
N LYS J 85 -3.85 30.60 33.72
CA LYS J 85 -3.11 31.66 33.05
C LYS J 85 -4.04 32.76 32.56
N SER J 86 -5.31 32.43 32.30
CA SER J 86 -6.22 33.41 31.73
C SER J 86 -6.84 34.33 32.77
N ALA J 87 -6.75 33.99 34.05
CA ALA J 87 -7.27 34.86 35.09
C ALA J 87 -6.26 35.91 35.55
N MET J 88 -5.17 36.04 34.87
CA MET J 88 -4.01 36.90 35.08
C MET J 88 -4.08 38.13 34.17
N PRO J 89 -3.52 39.28 34.57
CA PRO J 89 -2.80 39.62 35.80
C PRO J 89 -3.69 40.05 36.93
N GLU J 90 -4.99 39.76 36.88
CA GLU J 90 -5.84 40.10 38.01
C GLU J 90 -5.72 39.08 39.12
N GLY J 91 -5.66 37.80 38.78
CA GLY J 91 -5.43 36.75 39.76
C GLY J 91 -6.70 36.02 40.14
N TYR J 92 -6.57 35.15 41.14
CA TYR J 92 -7.70 34.36 41.61
C TYR J 92 -7.55 34.06 43.09
N VAL J 93 -8.61 33.49 43.65
CA VAL J 93 -8.70 33.12 45.06
C VAL J 93 -8.86 31.62 45.14
N GLN J 94 -8.06 30.97 45.99
CA GLN J 94 -8.05 29.51 46.09
C GLN J 94 -8.26 29.09 47.54
N GLU J 95 -9.38 28.45 47.82
CA GLU J 95 -9.76 28.03 49.16
C GLU J 95 -9.87 26.51 49.20
N ARG J 96 -9.31 25.89 50.24
CA ARG J 96 -9.31 24.44 50.32
C ARG J 96 -9.87 23.97 51.66
N THR J 97 -9.97 22.65 51.77
CA THR J 97 -10.27 21.97 53.03
C THR J 97 -9.57 20.62 52.92
N ILE J 98 -8.39 20.51 53.52
CA ILE J 98 -7.55 19.34 53.39
C ILE J 98 -7.88 18.39 54.53
N SER J 99 -8.50 17.26 54.22
CA SER J 99 -9.00 16.35 55.24
C SER J 99 -8.00 15.21 55.42
N PHE J 100 -7.35 15.18 56.57
CA PHE J 100 -6.43 14.12 56.92
C PHE J 100 -7.17 12.90 57.45
N LYS J 101 -6.73 11.72 57.03
CA LYS J 101 -7.39 10.49 57.46
C LYS J 101 -7.08 10.20 58.92
N ASP J 102 -8.13 9.92 59.70
CA ASP J 102 -8.08 9.63 61.14
C ASP J 102 -7.46 10.75 61.94
N ASP J 103 -7.58 11.98 61.47
CA ASP J 103 -6.93 13.12 62.11
C ASP J 103 -7.74 14.37 61.76
N GLY J 104 -7.19 15.55 62.04
CA GLY J 104 -7.90 16.79 61.81
C GLY J 104 -7.86 17.29 60.39
N THR J 105 -7.77 18.61 60.21
CA THR J 105 -7.91 19.18 58.87
C THR J 105 -7.20 20.52 58.78
N TYR J 106 -6.98 20.96 57.53
CA TYR J 106 -6.47 22.26 57.19
C TYR J 106 -7.57 23.12 56.58
N LYS J 107 -7.41 24.44 56.70
CA LYS J 107 -8.30 25.41 56.07
C LYS J 107 -7.43 26.52 55.49
N THR J 108 -7.23 26.50 54.18
CA THR J 108 -6.36 27.46 53.52
C THR J 108 -7.18 28.46 52.71
N ARG J 109 -6.56 29.60 52.42
CA ARG J 109 -7.17 30.60 51.54
C ARG J 109 -6.04 31.42 50.94
N ALA J 110 -5.79 31.23 49.64
CA ALA J 110 -4.68 31.90 48.97
C ALA J 110 -5.22 32.86 47.92
N GLU J 111 -4.44 33.90 47.62
CA GLU J 111 -4.80 34.88 46.61
C GLU J 111 -3.60 35.05 45.68
N VAL J 112 -3.52 34.20 44.67
CA VAL J 112 -2.43 34.25 43.70
C VAL J 112 -2.70 35.41 42.76
N LYS J 113 -1.70 36.27 42.56
CA LYS J 113 -1.81 37.39 41.62
C LYS J 113 -0.43 37.89 41.27
N PHE J 114 -0.37 38.84 40.34
CA PHE J 114 0.83 39.60 40.05
C PHE J 114 0.93 40.81 40.95
N GLU J 115 2.15 41.09 41.41
CA GLU J 115 2.50 42.33 42.09
C GLU J 115 3.69 42.92 41.33
N GLY J 116 3.41 43.70 40.31
CA GLY J 116 4.46 44.23 39.45
C GLY J 116 4.85 43.24 38.38
N ASP J 117 5.98 42.57 38.59
CA ASP J 117 6.45 41.55 37.66
C ASP J 117 6.47 40.16 38.27
N THR J 118 6.52 40.05 39.60
CA THR J 118 6.59 38.75 40.24
C THR J 118 5.20 38.23 40.56
N LEU J 119 5.10 36.91 40.67
CA LEU J 119 3.84 36.19 40.84
C LEU J 119 3.73 35.79 42.30
N VAL J 120 2.83 36.45 43.03
CA VAL J 120 2.84 36.43 44.49
C VAL J 120 1.71 35.52 44.99
N ASN J 121 2.08 34.49 45.74
CA ASN J 121 1.15 33.62 46.43
C ASN J 121 1.10 34.05 47.89
N ARG J 122 -0.09 34.33 48.41
CA ARG J 122 -0.25 34.74 49.81
C ARG J 122 -1.27 33.83 50.47
N ILE J 123 -0.78 32.85 51.22
CA ILE J 123 -1.62 31.83 51.84
C ILE J 123 -1.85 32.21 53.29
N GLU J 124 -3.07 31.99 53.78
CA GLU J 124 -3.37 32.07 55.20
C GLU J 124 -3.97 30.74 55.62
N LEU J 125 -3.19 29.94 56.34
CA LEU J 125 -3.55 28.58 56.69
C LEU J 125 -4.01 28.49 58.14
N LYS J 126 -5.02 27.67 58.39
CA LYS J 126 -5.50 27.38 59.74
C LYS J 126 -5.80 25.90 59.84
N GLY J 127 -5.28 25.26 60.88
CA GLY J 127 -5.52 23.85 61.08
C GLY J 127 -5.84 23.48 62.51
N ILE J 128 -6.94 22.78 62.74
CA ILE J 128 -7.39 22.42 64.07
C ILE J 128 -7.64 20.92 64.13
N ASP J 129 -8.03 20.46 65.32
CA ASP J 129 -8.53 19.11 65.61
C ASP J 129 -7.50 18.02 65.33
N PHE J 130 -6.22 18.36 65.41
CA PHE J 130 -5.18 17.37 65.22
C PHE J 130 -4.99 16.50 66.46
N LYS J 131 -4.30 15.39 66.26
CA LYS J 131 -4.09 14.38 67.29
C LYS J 131 -2.63 14.41 67.73
N GLU J 132 -2.42 14.46 69.04
CA GLU J 132 -1.07 14.35 69.57
C GLU J 132 -0.54 12.94 69.35
N ASP J 133 0.77 12.85 69.07
CA ASP J 133 1.47 11.63 68.67
C ASP J 133 0.81 10.99 67.44
N GLY J 134 0.36 11.83 66.51
CA GLY J 134 -0.17 11.35 65.24
C GLY J 134 0.92 11.31 64.19
N ASN J 135 0.50 11.12 62.96
CA ASN J 135 1.47 11.11 61.86
C ASN J 135 1.94 12.51 61.50
N ILE J 136 1.17 13.54 61.82
CA ILE J 136 1.51 14.90 61.44
C ILE J 136 2.31 15.56 62.56
N LEU J 137 1.71 15.71 63.74
CA LEU J 137 2.40 16.41 64.81
C LEU J 137 3.51 15.62 65.46
N GLY J 138 3.60 14.31 65.18
CA GLY J 138 4.69 13.50 65.65
C GLY J 138 5.88 13.44 64.72
N HIS J 139 5.78 14.10 63.55
CA HIS J 139 6.81 14.12 62.51
C HIS J 139 7.20 12.71 62.07
N LYS J 140 6.19 11.96 61.63
CA LYS J 140 6.38 10.57 61.24
C LYS J 140 6.22 10.36 59.74
N LEU J 141 6.36 11.42 58.95
CA LEU J 141 6.21 11.33 57.50
C LEU J 141 7.58 11.39 56.84
N GLU J 142 7.77 10.61 55.78
CA GLU J 142 9.01 10.65 55.06
C GLU J 142 9.12 11.93 54.25
N TYR J 143 10.35 12.26 53.86
CA TYR J 143 10.64 13.49 53.15
C TYR J 143 10.62 13.22 51.65
N ASN J 144 9.43 12.88 51.16
CA ASN J 144 9.21 12.70 49.73
C ASN J 144 7.75 12.95 49.41
N PHE J 145 7.48 13.20 48.13
CA PHE J 145 6.14 13.47 47.65
C PHE J 145 5.97 12.72 46.34
N ASN J 146 4.82 12.10 46.17
CA ASN J 146 4.62 11.16 45.07
C ASN J 146 4.14 11.89 43.81
N SER J 147 3.75 11.10 42.80
CA SER J 147 3.25 11.63 41.54
C SER J 147 1.74 11.42 41.50
N HIS J 148 0.98 12.49 41.27
CA HIS J 148 -0.45 12.51 41.52
C HIS J 148 -1.18 13.07 40.32
N GLU J 149 -2.52 13.07 40.38
CA GLU J 149 -3.36 13.61 39.33
C GLU J 149 -4.48 14.41 39.93
N VAL J 150 -4.83 15.54 39.30
CA VAL J 150 -5.81 16.49 39.81
C VAL J 150 -6.90 16.64 38.77
N TYR J 151 -8.12 16.22 39.09
CA TYR J 151 -9.24 16.29 38.15
C TYR J 151 -9.96 17.62 38.33
N ILE J 152 -9.69 18.54 37.39
CA ILE J 152 -10.27 19.88 37.39
C ILE J 152 -11.54 19.88 36.55
N THR J 153 -12.64 20.36 37.12
CA THR J 153 -13.90 20.44 36.43
C THR J 153 -14.49 21.83 36.60
N ALA J 154 -15.50 22.14 35.78
CA ALA J 154 -16.13 23.45 35.82
C ALA J 154 -17.14 23.53 36.94
N ASP J 155 -17.33 24.74 37.45
CA ASP J 155 -18.26 25.03 38.53
C ASP J 155 -19.05 26.29 38.21
N ASP J 156 -19.67 26.31 37.01
CA ASP J 156 -20.36 27.41 36.32
C ASP J 156 -21.15 28.35 37.21
N GLU J 157 -21.90 27.77 38.15
CA GLU J 157 -22.84 28.47 39.02
C GLU J 157 -22.19 29.30 40.12
N LYS J 158 -20.86 29.41 40.13
CA LYS J 158 -20.19 30.39 40.98
C LYS J 158 -19.08 31.12 40.26
N ASN J 159 -18.95 30.97 38.94
CA ASN J 159 -17.90 31.55 38.10
C ASN J 159 -16.51 31.14 38.61
N GLY J 160 -16.25 29.83 38.52
CA GLY J 160 -14.97 29.31 38.94
C GLY J 160 -14.90 27.82 38.67
N ILE J 161 -13.80 27.21 39.12
CA ILE J 161 -13.61 25.78 38.96
C ILE J 161 -13.44 25.13 40.32
N LYS J 162 -13.26 23.81 40.33
CA LYS J 162 -13.04 23.07 41.56
C LYS J 162 -12.27 21.80 41.20
N ALA J 163 -11.74 21.14 42.21
CA ALA J 163 -10.98 19.93 41.99
C ALA J 163 -11.02 19.06 43.24
N GLU J 164 -11.05 17.75 43.04
CA GLU J 164 -11.05 16.78 44.13
C GLU J 164 -10.03 15.70 43.83
N PHE J 165 -9.18 15.41 44.80
CA PHE J 165 -8.10 14.45 44.62
C PHE J 165 -7.62 14.00 45.99
N LYS J 166 -6.87 12.91 46.01
CA LYS J 166 -6.37 12.30 47.23
C LYS J 166 -4.86 12.28 47.20
N ILE J 167 -4.24 12.76 48.27
CA ILE J 167 -2.79 12.82 48.38
C ILE J 167 -2.33 11.73 49.33
N ARG J 168 -1.43 10.87 48.86
CA ARG J 168 -0.94 9.75 49.65
C ARG J 168 0.44 10.10 50.20
N HIS J 169 0.53 10.34 51.50
CA HIS J 169 1.78 10.63 52.16
C HIS J 169 2.42 9.34 52.64
N ASN J 170 3.75 9.31 52.62
CA ASN J 170 4.48 8.14 53.07
C ASN J 170 4.82 8.28 54.55
N VAL J 171 4.67 7.18 55.29
CA VAL J 171 4.88 7.20 56.73
C VAL J 171 6.20 6.47 56.99
N GLU J 172 6.86 6.81 58.11
CA GLU J 172 8.18 6.27 58.46
C GLU J 172 8.18 4.75 58.58
N ASP J 173 7.08 4.15 59.04
CA ASP J 173 7.10 2.73 59.32
C ASP J 173 6.67 1.85 58.14
N GLY J 174 6.05 2.42 57.11
CA GLY J 174 5.64 1.68 55.94
C GLY J 174 4.20 1.92 55.51
N SER J 175 3.36 2.43 56.38
CA SER J 175 1.96 2.69 56.07
C SER J 175 1.84 3.95 55.21
N VAL J 176 0.61 4.36 54.91
CA VAL J 176 0.34 5.49 54.03
C VAL J 176 -0.67 6.41 54.71
N GLN J 177 -0.33 7.70 54.81
CA GLN J 177 -1.24 8.71 55.33
C GLN J 177 -2.01 9.35 54.19
N LEU J 178 -3.34 9.37 54.31
CA LEU J 178 -4.21 9.88 53.27
C LEU J 178 -4.67 11.30 53.58
N ALA J 179 -4.65 12.17 52.56
CA ALA J 179 -5.15 13.52 52.66
C ALA J 179 -6.15 13.76 51.54
N ASP J 180 -7.31 14.30 51.88
CA ASP J 180 -8.38 14.54 50.92
C ASP J 180 -8.50 16.03 50.67
N HIS J 181 -8.31 16.44 49.43
CA HIS J 181 -8.32 17.84 49.05
C HIS J 181 -9.61 18.22 48.34
N TYR J 182 -10.02 19.47 48.55
CA TYR J 182 -11.23 20.00 47.93
C TYR J 182 -11.03 21.50 47.76
N GLN J 183 -10.63 21.92 46.55
CA GLN J 183 -10.33 23.32 46.30
C GLN J 183 -11.42 23.98 45.48
N GLN J 184 -11.53 25.30 45.63
CA GLN J 184 -12.51 26.11 44.90
C GLN J 184 -11.84 27.37 44.41
N ASN J 185 -11.63 27.48 43.11
CA ASN J 185 -11.04 28.67 42.53
C ASN J 185 -12.11 29.65 42.09
N THR J 186 -11.75 30.93 42.11
CA THR J 186 -12.63 32.04 41.75
C THR J 186 -11.75 33.25 41.41
N PRO J 187 -11.91 33.84 40.22
CA PRO J 187 -11.04 34.96 39.85
C PRO J 187 -11.39 36.24 40.61
N ILE J 188 -10.45 37.17 40.58
CA ILE J 188 -10.61 38.43 41.30
C ILE J 188 -11.66 39.30 40.63
N GLY J 189 -11.40 39.69 39.38
CA GLY J 189 -12.34 40.53 38.67
C GLY J 189 -12.96 39.81 37.50
N ASP J 190 -12.46 40.08 36.30
CA ASP J 190 -12.91 39.41 35.10
C ASP J 190 -12.01 38.20 34.87
N GLY J 191 -12.61 37.02 34.84
CA GLY J 191 -11.86 35.80 34.68
C GLY J 191 -11.57 35.49 33.23
N PRO J 192 -11.61 34.21 32.86
CA PRO J 192 -11.38 33.84 31.46
C PRO J 192 -12.58 34.15 30.58
N ASP J 193 -12.52 33.73 29.31
CA ASP J 193 -13.69 33.88 28.45
C ASP J 193 -14.80 32.95 28.89
N LEU J 194 -14.57 31.65 28.84
CA LEU J 194 -15.54 30.67 29.33
C LEU J 194 -14.79 29.57 30.04
N LEU J 195 -15.47 28.93 30.99
CA LEU J 195 -14.83 27.96 31.87
C LEU J 195 -14.45 26.70 31.09
N PRO J 196 -13.34 26.06 31.44
CA PRO J 196 -12.82 24.97 30.60
C PRO J 196 -13.59 23.67 30.78
N ASP J 197 -13.30 22.74 29.90
CA ASP J 197 -13.79 21.38 30.02
C ASP J 197 -13.02 20.62 31.08
N GLU J 198 -13.47 19.43 31.42
CA GLU J 198 -12.81 18.64 32.45
C GLU J 198 -11.52 18.03 31.90
N HIS J 199 -10.42 18.25 32.60
CA HIS J 199 -9.09 17.81 32.20
C HIS J 199 -8.28 17.58 33.46
N TYR J 200 -7.21 16.80 33.36
CA TYR J 200 -6.46 16.44 34.55
C TYR J 200 -5.02 16.92 34.47
N LEU J 201 -4.56 17.51 35.57
CA LEU J 201 -3.16 17.90 35.73
C LEU J 201 -2.38 16.72 36.29
N SER J 202 -1.15 16.55 35.82
CA SER J 202 -0.31 15.44 36.25
C SER J 202 0.99 15.99 36.81
N THR J 203 1.21 15.78 38.11
CA THR J 203 2.32 16.41 38.81
C THR J 203 3.41 15.39 39.16
N GLN J 204 4.64 15.88 39.23
CA GLN J 204 5.78 15.16 39.80
C GLN J 204 6.60 16.15 40.60
N SER J 205 7.16 15.72 41.72
CA SER J 205 7.98 16.62 42.52
C SER J 205 9.16 15.87 43.11
N VAL J 206 10.27 16.60 43.27
CA VAL J 206 11.51 16.06 43.82
C VAL J 206 11.87 16.91 45.03
N LEU J 207 11.68 16.36 46.23
CA LEU J 207 12.04 17.03 47.46
C LEU J 207 13.52 16.85 47.74
N SER J 208 14.15 17.87 48.30
CA SER J 208 15.59 17.86 48.54
C SER J 208 15.93 18.84 49.65
N LYS J 209 17.22 19.06 49.87
CA LYS J 209 17.73 19.96 50.89
C LYS J 209 18.84 20.83 50.32
N ASP J 210 19.28 21.78 51.13
CA ASP J 210 20.40 22.66 50.83
C ASP J 210 21.47 22.45 51.88
N PRO J 211 22.69 22.03 51.54
CA PRO J 211 23.70 21.79 52.58
C PRO J 211 24.23 23.05 53.24
N ASN J 212 24.03 24.23 52.65
CA ASN J 212 24.57 25.46 53.19
C ASN J 212 23.53 26.28 53.93
N GLU J 213 22.59 25.64 54.61
CA GLU J 213 21.55 26.33 55.35
C GLU J 213 21.43 25.77 56.76
N LYS J 214 21.28 26.68 57.72
CA LYS J 214 21.07 26.31 59.11
C LYS J 214 19.62 26.49 59.55
N ARG J 215 18.78 27.08 58.71
CA ARG J 215 17.38 27.26 59.07
C ARG J 215 16.54 26.13 58.49
N ASP J 216 15.39 25.89 59.13
CA ASP J 216 14.50 24.81 58.75
C ASP J 216 13.88 25.14 57.40
N HIS J 217 14.33 24.45 56.35
CA HIS J 217 14.09 24.89 54.98
C HIS J 217 13.64 23.72 54.14
N MET J 218 13.39 24.00 52.85
CA MET J 218 12.89 23.00 51.91
C MET J 218 13.15 23.49 50.51
N VAL J 219 13.71 22.62 49.67
CA VAL J 219 13.99 22.94 48.27
C VAL J 219 13.13 22.04 47.41
N LEU J 220 12.39 22.64 46.48
CA LEU J 220 11.37 21.94 45.71
C LEU J 220 11.62 22.11 44.22
N LEU J 221 11.35 21.04 43.47
CA LEU J 221 11.48 21.01 42.02
C LEU J 221 10.30 20.22 41.47
N GLU J 222 9.40 20.89 40.74
CA GLU J 222 8.12 20.28 40.41
C GLU J 222 7.81 20.46 38.93
N PHE J 223 7.18 19.44 38.35
CA PHE J 223 6.94 19.34 36.90
C PHE J 223 5.46 19.02 36.70
N VAL J 224 4.70 19.96 36.13
CA VAL J 224 3.25 19.81 36.00
C VAL J 224 2.86 19.93 34.54
N THR J 225 2.21 18.90 34.01
CA THR J 225 1.61 18.94 32.69
C THR J 225 0.13 18.60 32.81
N ALA J 226 -0.60 18.75 31.71
CA ALA J 226 -2.01 18.47 31.68
C ALA J 226 -2.39 17.66 30.45
N ASP J 227 -3.41 16.83 30.61
CA ASP J 227 -3.95 16.04 29.52
C ASP J 227 -5.44 15.86 29.82
N GLY J 228 -6.08 14.92 29.13
CA GLY J 228 -7.45 14.57 29.39
C GLY J 228 -8.42 14.97 28.30
N ILE J 229 -7.94 15.69 27.30
CA ILE J 229 -8.76 16.08 26.14
C ILE J 229 -8.04 15.59 24.90
N THR J 230 -8.71 14.78 24.11
CA THR J 230 -8.12 14.16 22.93
C THR J 230 -8.10 15.17 21.77
N GLU J 231 -7.72 14.69 20.59
CA GLU J 231 -7.58 15.57 19.43
C GLU J 231 -8.95 15.98 18.91
N GLY J 232 -9.12 17.28 18.68
CA GLY J 232 -10.38 17.81 18.19
C GLY J 232 -10.21 18.77 17.03
N SER K 3 20.88 22.22 9.89
CA SER K 3 21.68 22.89 8.87
C SER K 3 22.97 23.44 9.47
N LYS K 4 23.69 24.23 8.67
CA LYS K 4 24.94 24.83 9.10
C LYS K 4 24.75 26.19 9.75
N GLY K 5 23.52 26.70 9.78
CA GLY K 5 23.27 28.00 10.37
C GLY K 5 22.86 27.91 11.83
N GLU K 6 22.30 26.77 12.23
CA GLU K 6 21.86 26.62 13.61
C GLU K 6 23.04 26.49 14.56
N ARG K 7 24.16 25.94 14.09
CA ARG K 7 25.31 25.70 14.94
C ARG K 7 26.02 26.98 15.34
N LEU K 8 25.77 28.09 14.63
CA LEU K 8 26.38 29.36 14.95
C LEU K 8 25.81 29.99 16.20
N PHE K 9 24.67 29.51 16.70
CA PHE K 9 23.96 30.16 17.79
C PHE K 9 24.13 29.44 19.12
N ARG K 10 24.97 28.43 19.19
CA ARG K 10 25.24 27.77 20.47
C ARG K 10 26.12 28.66 21.33
N GLY K 11 25.73 28.81 22.60
CA GLY K 11 26.45 29.68 23.50
C GLY K 11 26.04 31.13 23.35
N LYS K 12 26.59 31.95 24.24
CA LYS K 12 26.25 33.37 24.28
C LYS K 12 26.93 34.10 23.12
N VAL K 13 26.15 34.92 22.41
CA VAL K 13 26.62 35.65 21.24
C VAL K 13 26.42 37.13 21.52
N PRO K 14 27.42 37.98 21.30
CA PRO K 14 27.22 39.41 21.49
C PRO K 14 26.34 40.02 20.41
N ILE K 15 25.72 41.16 20.73
CA ILE K 15 24.74 41.81 19.89
C ILE K 15 25.10 43.27 19.75
N LEU K 16 25.15 43.77 18.51
CA LEU K 16 25.29 45.19 18.24
C LEU K 16 24.06 45.66 17.48
N VAL K 17 23.46 46.75 17.94
CA VAL K 17 22.24 47.30 17.34
C VAL K 17 22.46 48.77 17.06
N GLU K 18 22.31 49.17 15.81
CA GLU K 18 22.50 50.55 15.38
C GLU K 18 21.28 51.02 14.62
N LEU K 19 20.68 52.12 15.08
CA LEU K 19 19.48 52.67 14.47
C LEU K 19 19.71 54.12 14.10
N LYS K 20 19.25 54.50 12.92
CA LYS K 20 19.32 55.88 12.42
C LYS K 20 17.89 56.30 12.07
N GLY K 21 17.27 57.06 12.96
CA GLY K 21 15.86 57.37 12.79
C GLY K 21 15.57 58.77 12.32
N ASP K 22 14.35 58.99 11.83
CA ASP K 22 13.92 60.31 11.37
C ASP K 22 12.41 60.36 11.51
N VAL K 23 11.93 60.94 12.61
CA VAL K 23 10.51 60.99 12.91
C VAL K 23 10.05 62.43 12.80
N ASN K 24 9.23 62.69 11.77
CA ASN K 24 8.50 63.95 11.59
C ASN K 24 9.44 65.15 11.52
N GLY K 25 10.61 64.95 10.90
CA GLY K 25 11.64 65.96 10.84
C GLY K 25 12.68 65.84 11.94
N HIS K 26 12.29 65.39 13.13
CA HIS K 26 13.21 65.24 14.24
C HIS K 26 14.05 63.99 14.05
N LYS K 27 15.37 64.16 14.03
CA LYS K 27 16.26 63.03 13.83
C LYS K 27 16.84 62.57 15.17
N PHE K 28 17.18 61.29 15.23
CA PHE K 28 17.83 60.73 16.41
C PHE K 28 18.64 59.52 15.99
N SER K 29 19.36 58.95 16.96
CA SER K 29 20.14 57.75 16.76
C SER K 29 20.22 57.00 18.07
N VAL K 30 20.13 55.68 18.01
CA VAL K 30 20.15 54.81 19.17
C VAL K 30 21.16 53.71 18.94
N ARG K 31 22.12 53.55 19.85
CA ARG K 31 23.09 52.48 19.79
C ARG K 31 22.83 51.51 20.93
N GLY K 32 22.91 50.22 20.64
CA GLY K 32 22.67 49.20 21.64
C GLY K 32 23.73 48.13 21.58
N LYS K 33 23.95 47.49 22.74
CA LYS K 33 24.96 46.46 22.86
C LYS K 33 24.56 45.50 23.96
N GLY K 34 25.09 44.30 23.89
CA GLY K 34 24.80 43.28 24.87
C GLY K 34 24.97 41.91 24.26
N LYS K 35 24.44 40.91 24.96
CA LYS K 35 24.60 39.51 24.57
C LYS K 35 23.24 38.86 24.46
N GLY K 36 23.21 37.73 23.76
CA GLY K 36 21.97 37.01 23.56
C GLY K 36 22.09 35.51 23.59
N ASP K 37 21.32 34.87 24.45
CA ASP K 37 21.30 33.41 24.59
C ASP K 37 20.24 32.89 23.62
N ALA K 38 20.65 31.96 22.75
CA ALA K 38 19.73 31.35 21.81
C ALA K 38 19.25 29.98 22.25
N THR K 39 19.89 29.37 23.24
CA THR K 39 19.45 28.08 23.73
C THR K 39 18.20 28.21 24.57
N ASN K 40 18.10 29.30 25.34
CA ASN K 40 16.96 29.54 26.21
C ASN K 40 15.99 30.57 25.65
N GLY K 41 16.39 31.31 24.62
CA GLY K 41 15.56 32.38 24.13
C GLY K 41 15.54 33.59 25.03
N LYS K 42 16.71 34.15 25.34
CA LYS K 42 16.84 35.23 26.30
C LYS K 42 17.78 36.29 25.76
N LEU K 43 17.38 37.55 25.86
CA LEU K 43 18.21 38.67 25.41
C LEU K 43 18.40 39.64 26.54
N THR K 44 19.59 40.23 26.62
CA THR K 44 19.90 41.29 27.58
C THR K 44 20.65 42.39 26.83
N LEU K 45 19.98 43.51 26.58
CA LEU K 45 20.59 44.61 25.86
C LEU K 45 20.47 45.89 26.69
N LYS K 46 21.35 46.84 26.39
CA LYS K 46 21.31 48.16 26.97
C LYS K 46 21.41 49.19 25.86
N PHE K 47 20.50 50.15 25.83
CA PHE K 47 20.41 51.12 24.76
C PHE K 47 20.72 52.51 25.29
N ILE K 48 21.32 53.34 24.42
CA ILE K 48 21.64 54.72 24.73
C ILE K 48 21.25 55.60 23.55
N CYS K 49 20.83 56.82 23.84
CA CYS K 49 20.42 57.77 22.81
C CYS K 49 21.59 58.72 22.57
N THR K 50 22.30 58.50 21.47
CA THR K 50 23.55 59.21 21.19
C THR K 50 23.34 60.69 20.87
N THR K 51 22.17 61.07 20.38
CA THR K 51 21.91 62.47 20.03
C THR K 51 21.05 63.16 21.07
N GLY K 52 21.27 62.85 22.36
CA GLY K 52 20.60 63.57 23.43
C GLY K 52 19.23 63.05 23.78
N LYS K 53 18.21 63.88 23.58
CA LYS K 53 16.85 63.52 23.92
C LYS K 53 16.23 62.68 22.79
N LEU K 54 15.02 62.19 23.05
CA LEU K 54 14.37 61.30 22.12
C LEU K 54 12.95 61.79 21.84
N PRO K 55 12.55 61.93 20.58
CA PRO K 55 11.23 62.50 20.29
C PRO K 55 10.07 61.53 20.46
N VAL K 56 10.32 60.22 20.41
CA VAL K 56 9.27 59.22 20.52
C VAL K 56 9.48 58.48 21.84
N PRO K 57 8.46 57.82 22.41
CA PRO K 57 8.68 57.08 23.65
C PRO K 57 9.52 55.85 23.43
N TRP K 58 10.25 55.46 24.48
CA TRP K 58 10.99 54.21 24.47
C TRP K 58 10.16 52.94 24.22
N PRO K 59 8.92 52.77 24.70
CA PRO K 59 8.20 51.53 24.37
C PRO K 59 7.82 51.38 22.91
N THR K 60 7.72 52.46 22.14
CA THR K 60 7.37 52.32 20.74
C THR K 60 8.51 51.79 19.90
N LEU K 61 9.75 51.96 20.33
CA LEU K 61 10.90 51.50 19.58
C LEU K 61 11.36 50.11 19.97
N VAL K 62 10.64 49.43 20.86
CA VAL K 62 11.08 48.11 21.31
C VAL K 62 10.89 47.08 20.20
N THR K 63 9.81 47.20 19.44
CA THR K 63 9.56 46.28 18.34
C THR K 63 10.51 46.50 17.17
N THR K 64 11.19 47.63 17.11
CA THR K 64 12.14 47.90 16.05
C THR K 64 13.53 47.40 16.40
N LEU K 65 13.96 47.59 17.65
CA LEU K 65 15.32 47.26 18.06
C LEU K 65 15.51 45.77 18.26
N THR K 66 14.80 45.18 19.23
CA THR K 66 15.10 43.84 19.72
C THR K 66 14.11 42.79 19.27
N TRP K 67 12.97 43.19 18.76
CA TRP K 67 12.05 42.28 18.10
C TRP K 67 12.41 42.09 16.65
N GLY K 68 13.55 42.62 16.22
CA GLY K 68 14.09 42.40 14.90
C GLY K 68 15.16 41.34 14.94
N VAL K 69 15.79 41.14 16.09
CA VAL K 69 16.74 40.02 16.26
C VAL K 69 15.90 38.84 16.72
N GLN K 70 15.26 38.19 15.74
CA GLN K 70 14.42 37.02 16.00
C GLN K 70 15.11 35.74 15.60
N CYS K 71 16.40 35.80 15.29
CA CYS K 71 17.22 34.61 15.14
C CYS K 71 17.60 34.01 16.48
N PHE K 72 17.28 34.69 17.57
CA PHE K 72 17.52 34.21 18.93
C PHE K 72 16.27 33.61 19.55
N ALA K 73 15.47 32.91 18.75
CA ALA K 73 14.23 32.31 19.19
C ALA K 73 14.47 30.88 19.66
N ARG K 74 13.83 30.49 20.75
CA ARG K 74 13.99 29.15 21.28
C ARG K 74 13.07 28.23 20.50
N TYR K 75 13.57 27.71 19.36
CA TYR K 75 12.65 26.74 18.79
C TYR K 75 12.81 25.39 19.47
N PRO K 76 11.69 24.72 19.77
CA PRO K 76 11.78 23.46 20.53
C PRO K 76 12.41 22.32 19.75
N LYS K 77 12.53 21.16 20.41
CA LYS K 77 13.18 20.01 19.80
C LYS K 77 12.35 19.43 18.67
N HIS K 78 11.03 19.60 18.72
CA HIS K 78 10.14 18.88 17.83
C HIS K 78 9.77 19.66 16.58
N MET K 79 10.38 20.81 16.32
CA MET K 79 10.16 21.49 15.05
C MET K 79 11.43 21.51 14.21
N LYS K 80 12.42 22.34 14.58
CA LYS K 80 13.79 22.44 14.02
C LYS K 80 13.86 22.46 12.48
N ARG K 81 12.76 22.76 11.81
CA ARG K 81 12.64 22.71 10.36
C ARG K 81 11.83 23.89 9.86
N HIS K 82 11.09 24.54 10.74
CA HIS K 82 10.28 25.71 10.42
C HIS K 82 11.01 26.99 10.80
N ASP K 83 12.31 27.01 10.60
CA ASP K 83 13.19 28.04 11.14
C ASP K 83 13.75 28.85 9.98
N PHE K 84 13.09 29.96 9.66
CA PHE K 84 13.65 30.85 8.67
C PHE K 84 14.78 31.70 9.22
N PHE K 85 14.70 32.06 10.51
CA PHE K 85 15.57 33.10 11.03
C PHE K 85 17.01 32.63 11.20
N LYS K 86 17.20 31.42 11.71
CA LYS K 86 18.55 30.90 11.84
C LYS K 86 19.09 30.38 10.52
N SER K 87 18.23 29.95 9.61
CA SER K 87 18.68 29.37 8.36
C SER K 87 19.20 30.41 7.38
N ALA K 88 18.87 31.69 7.56
CA ALA K 88 19.33 32.72 6.65
C ALA K 88 20.72 33.25 7.00
N MET K 89 21.35 32.69 7.97
CA MET K 89 22.66 32.99 8.54
C MET K 89 23.72 32.08 7.91
N PRO K 90 24.99 32.53 7.82
CA PRO K 90 25.61 33.79 8.25
C PRO K 90 25.49 34.90 7.23
N LYS K 91 24.78 34.65 6.14
CA LYS K 91 24.58 35.68 5.13
C LYS K 91 23.71 36.81 5.65
N GLY K 92 22.58 36.47 6.25
CA GLY K 92 21.70 37.45 6.86
C GLY K 92 20.36 37.52 6.15
N TYR K 93 19.53 38.44 6.63
CA TYR K 93 18.21 38.68 6.05
C TYR K 93 17.83 40.13 6.21
N VAL K 94 16.86 40.56 5.41
CA VAL K 94 16.41 41.95 5.38
C VAL K 94 14.99 41.99 5.93
N GLN K 95 14.78 42.76 6.99
CA GLN K 95 13.50 42.82 7.67
C GLN K 95 12.91 44.22 7.53
N GLU K 96 11.71 44.31 6.97
CA GLU K 96 11.02 45.57 6.79
C GLU K 96 9.67 45.51 7.49
N ARG K 97 9.31 46.57 8.21
CA ARG K 97 8.03 46.62 8.88
C ARG K 97 7.24 47.83 8.44
N THR K 98 5.99 47.87 8.86
CA THR K 98 5.10 49.01 8.68
C THR K 98 4.25 49.09 9.95
N ILE K 99 4.67 49.95 10.89
CA ILE K 99 4.07 50.01 12.21
C ILE K 99 3.02 51.10 12.18
N SER K 100 1.75 50.72 12.04
CA SER K 100 0.68 51.70 11.86
C SER K 100 -0.07 51.88 13.17
N PHE K 101 0.07 53.06 13.75
CA PHE K 101 -0.62 53.40 14.98
C PHE K 101 -2.07 53.76 14.69
N LYS K 102 -2.97 53.43 15.63
CA LYS K 102 -4.36 53.79 15.47
C LYS K 102 -4.55 55.27 15.76
N LYS K 103 -5.28 55.95 14.86
CA LYS K 103 -5.58 57.39 14.92
C LYS K 103 -4.31 58.23 14.99
N ASP K 104 -3.26 57.79 14.30
CA ASP K 104 -1.96 58.44 14.31
C ASP K 104 -1.19 57.95 13.09
N GLY K 105 0.07 58.37 12.95
CA GLY K 105 0.85 58.07 11.76
C GLY K 105 1.44 56.68 11.78
N THR K 106 2.56 56.52 11.07
CA THR K 106 3.08 55.21 10.73
C THR K 106 4.60 55.25 10.74
N TYR K 107 5.23 54.19 11.26
CA TYR K 107 6.65 53.99 11.04
C TYR K 107 6.91 53.18 9.78
N LYS K 108 8.06 53.43 9.17
CA LYS K 108 8.55 52.64 8.04
C LYS K 108 9.99 52.27 8.35
N THR K 109 10.25 50.99 8.57
CA THR K 109 11.58 50.54 8.94
C THR K 109 12.13 49.58 7.88
N ARG K 110 13.45 49.55 7.76
CA ARG K 110 14.14 48.43 7.14
C ARG K 110 15.36 48.10 7.97
N ALA K 111 15.82 46.86 7.89
CA ALA K 111 16.90 46.41 8.74
C ALA K 111 17.69 45.32 8.02
N GLU K 112 18.91 45.10 8.50
CA GLU K 112 19.75 44.01 8.02
C GLU K 112 20.36 43.33 9.23
N VAL K 113 19.92 42.11 9.52
CA VAL K 113 20.43 41.34 10.63
C VAL K 113 21.38 40.30 10.06
N LYS K 114 22.67 40.46 10.33
CA LYS K 114 23.67 39.56 9.78
C LYS K 114 24.90 39.58 10.66
N PHE K 115 25.71 38.53 10.54
CA PHE K 115 26.96 38.41 11.27
C PHE K 115 28.04 39.32 10.72
N GLU K 116 28.87 39.84 11.60
CA GLU K 116 30.14 40.46 11.25
C GLU K 116 31.22 39.72 12.03
N GLY K 117 31.66 38.60 11.49
CA GLY K 117 32.67 37.78 12.12
C GLY K 117 32.07 36.94 13.23
N ARG K 118 31.80 37.55 14.38
CA ARG K 118 31.09 36.87 15.45
C ARG K 118 29.99 37.72 16.07
N THR K 119 30.11 39.04 16.09
CA THR K 119 29.13 39.93 16.68
C THR K 119 27.95 40.07 15.72
N LEU K 120 26.77 39.66 16.18
CA LEU K 120 25.54 39.79 15.40
C LEU K 120 25.14 41.25 15.36
N VAL K 121 25.19 41.86 14.17
CA VAL K 121 25.01 43.30 14.02
C VAL K 121 23.67 43.55 13.34
N ASN K 122 22.85 44.39 13.95
CA ASN K 122 21.57 44.81 13.42
C ASN K 122 21.67 46.29 13.04
N ARG K 123 21.26 46.62 11.82
CA ARG K 123 21.41 47.97 11.29
C ARG K 123 20.07 48.45 10.76
N ILE K 124 19.42 49.33 11.51
CA ILE K 124 18.05 49.74 11.25
C ILE K 124 18.06 51.15 10.67
N LYS K 125 17.32 51.35 9.59
CA LYS K 125 16.92 52.68 9.13
C LYS K 125 15.43 52.83 9.39
N LEU K 126 15.06 53.91 10.06
CA LEU K 126 13.66 54.16 10.41
C LEU K 126 13.26 55.53 9.92
N LYS K 127 11.99 55.66 9.53
CA LYS K 127 11.48 56.94 9.05
C LYS K 127 9.98 56.96 9.32
N GLY K 128 9.55 57.86 10.18
CA GLY K 128 8.14 57.99 10.49
C GLY K 128 7.55 59.28 9.98
N ARG K 129 6.24 59.32 9.81
CA ARG K 129 5.58 60.50 9.28
C ARG K 129 4.14 60.50 9.79
N ASP K 130 3.42 61.57 9.49
CA ASP K 130 1.98 61.76 9.73
C ASP K 130 1.62 61.68 11.21
N PHE K 131 2.58 61.88 12.11
CA PHE K 131 2.29 61.95 13.53
C PHE K 131 1.70 63.31 13.85
N LYS K 132 0.51 63.33 14.44
CA LYS K 132 -0.09 64.58 14.86
C LYS K 132 0.61 65.09 16.12
N GLU K 133 0.72 66.41 16.20
CA GLU K 133 1.35 67.03 17.36
C GLU K 133 0.40 66.99 18.55
N LYS K 134 1.00 66.95 19.75
CA LYS K 134 0.29 66.76 21.03
C LYS K 134 -0.56 65.50 21.02
N GLY K 135 -0.03 64.44 20.42
CA GLY K 135 -0.65 63.14 20.45
C GLY K 135 -0.11 62.32 21.60
N ASN K 136 -0.36 61.01 21.54
CA ASN K 136 0.20 60.12 22.55
C ASN K 136 1.70 59.93 22.35
N ILE K 137 2.13 59.73 21.10
CA ILE K 137 3.53 59.42 20.84
C ILE K 137 4.39 60.66 20.94
N LEU K 138 4.06 61.72 20.21
CA LEU K 138 4.88 62.91 20.26
C LEU K 138 4.71 63.68 21.57
N GLY K 139 3.60 63.49 22.28
CA GLY K 139 3.40 64.11 23.56
C GLY K 139 3.98 63.36 24.73
N HIS K 140 4.61 62.21 24.48
CA HIS K 140 5.16 61.30 25.51
C HIS K 140 4.11 60.89 26.53
N LYS K 141 2.91 60.60 26.04
CA LYS K 141 1.81 60.20 26.90
C LYS K 141 1.77 58.70 27.13
N LEU K 142 2.79 57.97 26.68
CA LEU K 142 2.84 56.53 26.87
C LEU K 142 3.52 56.20 28.19
N ARG K 143 3.03 55.17 28.86
CA ARG K 143 3.69 54.70 30.08
C ARG K 143 4.95 53.94 29.72
N TYR K 144 5.84 53.82 30.71
CA TYR K 144 7.07 53.06 30.53
C TYR K 144 6.87 51.66 31.11
N ASN K 145 6.09 50.88 30.39
CA ASN K 145 5.86 49.49 30.74
C ASN K 145 6.49 48.58 29.69
N GLY K 146 6.41 47.28 29.92
CA GLY K 146 6.92 46.30 29.00
C GLY K 146 5.99 46.09 27.83
N ILE K 147 6.13 44.93 27.20
CA ILE K 147 5.46 44.63 25.94
C ILE K 147 5.48 43.13 25.73
N SER K 148 4.34 42.58 25.28
CA SER K 148 4.19 41.15 25.06
C SER K 148 2.98 40.82 24.21
N ASP K 149 3.18 40.09 23.11
CA ASP K 149 2.09 39.47 22.36
C ASP K 149 2.69 38.35 21.53
N LYS K 150 1.91 37.79 20.60
CA LYS K 150 2.33 36.72 19.73
C LYS K 150 2.65 37.28 18.35
N VAL K 151 3.53 36.62 17.62
CA VAL K 151 3.96 37.07 16.30
C VAL K 151 3.55 35.98 15.32
N TYR K 152 2.39 36.15 14.66
CA TYR K 152 1.86 35.13 13.78
C TYR K 152 2.63 35.09 12.48
N ILE K 153 3.51 34.10 12.33
CA ILE K 153 4.42 33.98 11.19
C ILE K 153 3.81 33.03 10.17
N THR K 154 3.72 33.49 8.92
CA THR K 154 3.29 32.65 7.81
C THR K 154 4.30 32.74 6.68
N ALA K 155 4.30 31.73 5.82
CA ALA K 155 5.32 31.61 4.79
C ALA K 155 4.91 32.33 3.52
N ASP K 156 5.91 32.74 2.75
CA ASP K 156 5.72 33.43 1.48
C ASP K 156 6.66 32.83 0.45
N LYS K 157 6.10 32.04 -0.47
CA LYS K 157 6.92 31.27 -1.40
C LYS K 157 7.55 32.15 -2.46
N ARG K 158 6.90 33.27 -2.81
CA ARG K 158 7.31 34.07 -3.96
C ARG K 158 8.64 34.78 -3.72
N LYS K 159 8.74 35.51 -2.61
CA LYS K 159 9.95 36.25 -2.30
C LYS K 159 10.99 35.43 -1.56
N ASN K 160 10.76 34.12 -1.42
CA ASN K 160 11.64 33.17 -0.74
C ASN K 160 11.90 33.60 0.70
N GLY K 161 10.87 34.11 1.35
CA GLY K 161 10.97 34.59 2.71
C GLY K 161 9.72 34.31 3.50
N ILE K 162 9.51 35.03 4.59
CA ILE K 162 8.31 34.90 5.40
C ILE K 162 7.65 36.26 5.52
N LYS K 163 6.48 36.27 6.14
CA LYS K 163 5.82 37.50 6.51
C LYS K 163 5.06 37.25 7.81
N ALA K 164 5.11 38.21 8.71
CA ALA K 164 4.43 38.09 9.99
C ALA K 164 3.51 39.29 10.15
N LYS K 165 2.61 39.18 11.11
CA LYS K 165 1.48 40.10 11.18
C LYS K 165 0.94 40.02 12.60
N PHE K 166 1.05 41.11 13.34
CA PHE K 166 0.61 41.11 14.73
C PHE K 166 0.31 42.54 15.16
N LYS K 167 -0.24 42.66 16.35
CA LYS K 167 -0.59 43.96 16.88
C LYS K 167 -0.16 44.05 18.33
N ILE K 168 0.10 45.27 18.79
CA ILE K 168 0.74 45.51 20.07
C ILE K 168 -0.08 46.52 20.84
N ARG K 169 -0.32 46.25 22.12
CA ARG K 169 -1.12 47.12 22.97
C ARG K 169 -0.20 47.84 23.95
N HIS K 170 -0.04 49.14 23.75
CA HIS K 170 0.75 50.00 24.61
C HIS K 170 -0.14 50.66 25.65
N ASN K 171 0.37 50.79 26.87
CA ASN K 171 -0.39 51.39 27.96
C ASN K 171 -0.18 52.91 27.98
N VAL K 172 -1.26 53.63 28.27
CA VAL K 172 -1.26 55.08 28.26
C VAL K 172 -1.38 55.55 29.71
N LYS K 173 -0.81 56.73 30.00
CA LYS K 173 -0.90 57.33 31.33
C LYS K 173 -2.33 57.70 31.73
N ASP K 174 -3.22 57.92 30.76
CA ASP K 174 -4.61 58.27 31.04
C ASP K 174 -5.50 57.05 31.25
N GLY K 175 -4.93 55.85 31.28
CA GLY K 175 -5.70 54.64 31.46
C GLY K 175 -6.19 54.00 30.18
N SER K 176 -5.97 54.61 29.03
CA SER K 176 -6.41 54.05 27.77
C SER K 176 -5.34 53.12 27.21
N VAL K 177 -5.55 52.63 25.99
CA VAL K 177 -4.62 51.72 25.33
C VAL K 177 -4.31 52.24 23.94
N GLN K 178 -3.03 52.43 23.65
CA GLN K 178 -2.55 52.84 22.33
C GLN K 178 -2.15 51.60 21.57
N LEU K 179 -2.73 51.40 20.40
CA LEU K 179 -2.49 50.18 19.63
C LEU K 179 -1.39 50.41 18.59
N ALA K 180 -0.90 49.31 18.03
CA ALA K 180 0.20 49.39 17.06
C ALA K 180 0.13 48.13 16.18
N ASP K 181 -0.34 48.29 14.94
CA ASP K 181 -0.42 47.18 14.02
C ASP K 181 0.91 46.97 13.33
N HIS K 182 1.44 45.75 13.39
CA HIS K 182 2.74 45.43 12.81
C HIS K 182 2.57 44.48 11.63
N TYR K 183 3.10 44.88 10.48
CA TYR K 183 3.11 44.06 9.27
C TYR K 183 4.55 43.95 8.82
N GLN K 184 5.14 42.76 8.89
CA GLN K 184 6.55 42.66 8.55
C GLN K 184 6.80 41.66 7.43
N GLN K 185 7.97 41.82 6.81
CA GLN K 185 8.43 40.98 5.72
C GLN K 185 9.89 40.66 5.94
N ASN K 186 10.26 39.40 5.84
CA ASN K 186 11.65 38.98 5.88
C ASN K 186 12.06 38.44 4.53
N THR K 187 13.29 38.71 4.13
CA THR K 187 13.81 38.32 2.85
C THR K 187 15.29 38.10 3.08
N PRO K 188 15.84 36.95 2.71
CA PRO K 188 17.27 36.72 2.90
C PRO K 188 18.11 37.55 1.95
N ILE K 189 19.34 37.83 2.36
CA ILE K 189 20.26 38.58 1.51
C ILE K 189 20.69 37.73 0.32
N GLY K 190 20.79 36.41 0.51
CA GLY K 190 21.03 35.52 -0.59
C GLY K 190 22.23 34.63 -0.36
N ARG K 191 22.34 33.50 -1.05
CA ARG K 191 21.33 33.03 -2.01
C ARG K 191 21.14 31.53 -1.73
N GLY K 192 21.80 31.07 -0.66
CA GLY K 192 21.66 29.71 -0.19
C GLY K 192 20.23 29.42 0.23
N PRO K 193 19.68 28.29 -0.22
CA PRO K 193 18.27 27.99 0.06
C PRO K 193 18.02 27.74 1.53
N VAL K 194 16.90 28.26 2.00
CA VAL K 194 16.59 28.32 3.43
C VAL K 194 15.36 27.48 3.74
N LEU K 195 14.99 27.44 5.01
CA LEU K 195 13.81 26.71 5.45
C LEU K 195 12.59 27.61 5.35
N LEU K 196 11.53 27.10 4.77
CA LEU K 196 10.28 27.85 4.73
C LEU K 196 9.29 27.23 5.71
N PRO K 197 8.90 27.96 6.75
CA PRO K 197 8.06 27.37 7.79
C PRO K 197 6.61 27.15 7.38
N ARG K 198 5.80 26.65 8.31
CA ARG K 198 4.37 26.43 8.04
C ARG K 198 3.58 26.92 9.24
N ASN K 199 3.27 28.21 9.26
CA ASN K 199 2.22 28.83 10.08
C ASN K 199 2.39 28.59 11.57
N HIS K 200 3.54 29.02 12.11
CA HIS K 200 3.75 28.97 13.54
C HIS K 200 3.71 30.39 14.09
N TYR K 201 4.00 30.55 15.38
CA TYR K 201 4.05 31.88 15.96
C TYR K 201 5.11 31.92 17.03
N LEU K 202 5.34 33.12 17.57
CA LEU K 202 6.39 33.35 18.55
C LEU K 202 5.77 33.95 19.80
N SER K 203 5.71 33.17 20.87
CA SER K 203 5.31 33.70 22.17
C SER K 203 6.45 34.54 22.72
N THR K 204 6.23 35.84 22.86
CA THR K 204 7.30 36.78 23.19
C THR K 204 6.88 37.74 24.28
N ARG K 205 7.81 38.01 25.20
CA ARG K 205 7.64 39.04 26.22
C ARG K 205 8.93 39.83 26.35
N SER K 206 8.81 41.13 26.54
CA SER K 206 9.96 41.98 26.84
C SER K 206 9.67 42.81 28.07
N VAL K 207 10.66 42.91 28.95
CA VAL K 207 10.56 43.63 30.21
C VAL K 207 11.52 44.80 30.16
N LEU K 208 11.01 46.00 30.43
CA LEU K 208 11.83 47.20 30.36
C LEU K 208 12.16 47.68 31.77
N SER K 209 13.40 48.13 31.94
CA SER K 209 13.86 48.69 33.21
C SER K 209 14.97 49.69 32.94
N LYS K 210 15.42 50.34 33.99
CA LYS K 210 16.45 51.35 33.88
C LYS K 210 17.68 51.00 34.72
N ASP K 211 18.76 51.71 34.44
CA ASP K 211 20.04 51.52 35.12
C ASP K 211 20.25 52.71 36.05
N PRO K 212 20.44 52.53 37.36
CA PRO K 212 20.56 53.68 38.26
C PRO K 212 21.94 54.30 38.31
N LYS K 213 22.80 53.95 37.35
CA LYS K 213 24.15 54.50 37.29
C LYS K 213 24.41 55.31 36.03
N GLU K 214 23.38 55.58 35.23
CA GLU K 214 23.52 56.29 33.97
C GLU K 214 22.97 57.71 34.07
N LYS K 215 23.33 58.52 33.09
CA LYS K 215 22.89 59.90 32.98
C LYS K 215 22.15 60.18 31.68
N ARG K 216 22.59 59.58 30.58
CA ARG K 216 21.94 59.75 29.30
C ARG K 216 20.61 59.02 29.27
N ASP K 217 19.77 59.40 28.29
CA ASP K 217 18.48 58.77 28.11
C ASP K 217 18.70 57.34 27.62
N HIS K 218 18.28 56.37 28.44
CA HIS K 218 18.69 54.99 28.22
C HIS K 218 17.52 54.05 28.51
N MET K 219 17.76 52.76 28.28
CA MET K 219 16.75 51.73 28.47
C MET K 219 17.46 50.39 28.56
N VAL K 220 17.08 49.58 29.55
CA VAL K 220 17.62 48.25 29.74
C VAL K 220 16.50 47.26 29.43
N LEU K 221 16.81 46.27 28.60
CA LEU K 221 15.79 45.38 28.06
C LEU K 221 16.09 43.93 28.36
N LEU K 222 15.04 43.16 28.63
CA LEU K 222 15.13 41.74 28.92
C LEU K 222 13.99 41.03 28.20
N GLU K 223 14.34 40.25 27.18
CA GLU K 223 13.35 39.66 26.27
C GLU K 223 13.40 38.14 26.35
N PHE K 224 12.22 37.53 26.29
CA PHE K 224 12.05 36.08 26.30
C PHE K 224 11.27 35.69 25.05
N VAL K 225 11.84 34.79 24.25
CA VAL K 225 11.24 34.39 22.98
C VAL K 225 11.13 32.87 22.96
N THR K 226 9.95 32.36 22.57
CA THR K 226 9.78 30.94 22.32
C THR K 226 8.70 30.78 21.25
N ALA K 227 8.57 29.56 20.74
CA ALA K 227 7.61 29.31 19.66
C ALA K 227 6.64 28.20 20.01
N ALA K 228 5.57 28.12 19.22
CA ALA K 228 4.50 27.15 19.39
C ALA K 228 3.74 27.09 18.07
N GLY K 229 2.57 26.46 18.09
CA GLY K 229 1.66 26.49 16.96
C GLY K 229 1.70 25.28 16.05
N ILE K 230 2.64 24.37 16.24
CA ILE K 230 2.75 23.17 15.42
C ILE K 230 2.69 21.96 16.34
N LYS K 231 1.83 21.00 16.01
CA LYS K 231 1.47 19.87 16.87
C LYS K 231 2.21 18.59 16.49
N HIS K 232 3.50 18.69 16.15
CA HIS K 232 4.29 17.50 15.83
C HIS K 232 4.44 16.60 17.05
N GLY K 233 5.03 17.12 18.13
CA GLY K 233 5.20 16.36 19.35
C GLY K 233 6.34 15.34 19.29
N SER L 2 15.69 27.05 -38.22
CA SER L 2 14.90 28.27 -38.24
C SER L 2 14.63 28.77 -36.83
N LYS L 3 14.68 27.85 -35.87
CA LYS L 3 14.44 28.20 -34.48
C LYS L 3 15.62 28.95 -33.90
N GLY L 4 15.33 29.97 -33.09
CA GLY L 4 16.36 30.73 -32.41
C GLY L 4 16.69 30.27 -31.01
N GLU L 5 16.08 29.17 -30.57
CA GLU L 5 16.31 28.67 -29.22
C GLU L 5 17.72 28.14 -29.04
N GLU L 6 18.29 27.54 -30.09
CA GLU L 6 19.62 26.94 -29.96
C GLU L 6 20.75 27.97 -30.04
N LEU L 7 20.44 29.21 -30.39
CA LEU L 7 21.46 30.26 -30.42
C LEU L 7 21.91 30.70 -29.04
N PHE L 8 21.25 30.26 -27.98
CA PHE L 8 21.57 30.67 -26.61
C PHE L 8 22.06 29.49 -25.79
N THR L 9 22.94 28.67 -26.37
CA THR L 9 23.55 27.56 -25.67
C THR L 9 24.94 27.97 -25.21
N GLY L 10 25.19 27.85 -23.92
CA GLY L 10 26.51 28.12 -23.37
C GLY L 10 26.64 29.57 -22.93
N VAL L 11 27.55 30.31 -23.57
CA VAL L 11 27.95 31.64 -23.14
C VAL L 11 27.92 32.54 -24.36
N VAL L 12 27.15 33.63 -24.29
CA VAL L 12 26.92 34.53 -25.41
C VAL L 12 27.50 35.89 -25.06
N PRO L 13 28.29 36.51 -25.94
CA PRO L 13 28.77 37.87 -25.67
C PRO L 13 27.64 38.89 -25.76
N ILE L 14 27.69 39.88 -24.89
CA ILE L 14 26.65 40.90 -24.76
C ILE L 14 27.28 42.27 -24.95
N LEU L 15 26.55 43.19 -25.59
CA LEU L 15 26.96 44.58 -25.70
C LEU L 15 25.74 45.46 -25.48
N VAL L 16 25.86 46.42 -24.56
CA VAL L 16 24.75 47.30 -24.17
C VAL L 16 25.19 48.73 -24.42
N GLU L 17 24.32 49.52 -25.06
CA GLU L 17 24.61 50.93 -25.34
C GLU L 17 23.38 51.77 -25.04
N LEU L 18 23.59 52.95 -24.45
CA LEU L 18 22.49 53.83 -24.07
C LEU L 18 22.82 55.27 -24.45
N ASP L 19 21.78 56.02 -24.79
CA ASP L 19 21.86 57.46 -25.04
C ASP L 19 20.78 58.13 -24.20
N GLY L 20 21.18 58.82 -23.14
CA GLY L 20 20.22 59.39 -22.22
C GLY L 20 19.99 60.87 -22.36
N ASP L 21 18.83 61.34 -21.90
CA ASP L 21 18.48 62.75 -21.93
C ASP L 21 17.53 62.99 -20.76
N VAL L 22 18.07 63.44 -19.64
CA VAL L 22 17.31 63.60 -18.41
C VAL L 22 17.38 65.08 -18.04
N ASN L 23 16.28 65.80 -18.28
CA ASN L 23 16.17 67.25 -18.08
C ASN L 23 17.25 68.03 -18.83
N GLY L 24 17.60 67.55 -20.03
CA GLY L 24 18.64 68.16 -20.81
C GLY L 24 20.03 67.62 -20.56
N HIS L 25 20.25 66.93 -19.44
CA HIS L 25 21.55 66.33 -19.17
C HIS L 25 21.76 65.14 -20.09
N LYS L 26 22.84 65.14 -20.85
CA LYS L 26 23.11 64.11 -21.83
C LYS L 26 24.24 63.21 -21.34
N PHE L 27 24.04 61.91 -21.47
CA PHE L 27 25.03 60.94 -21.01
C PHE L 27 24.97 59.70 -21.89
N SER L 28 25.86 58.75 -21.60
CA SER L 28 25.94 57.50 -22.34
C SER L 28 26.52 56.44 -21.44
N VAL L 29 25.94 55.25 -21.48
CA VAL L 29 26.37 54.11 -20.68
C VAL L 29 26.69 52.97 -21.63
N ARG L 30 27.84 52.33 -21.43
CA ARG L 30 28.27 51.22 -22.26
C ARG L 30 28.52 50.01 -21.37
N GLY L 31 28.01 48.86 -21.77
CA GLY L 31 28.13 47.66 -20.97
C GLY L 31 28.55 46.46 -21.79
N GLU L 32 29.38 45.61 -21.19
CA GLU L 32 29.88 44.41 -21.84
C GLU L 32 29.92 43.29 -20.82
N GLY L 33 29.76 42.06 -21.30
CA GLY L 33 29.77 40.91 -20.43
C GLY L 33 29.45 39.61 -21.12
N GLU L 34 28.74 38.71 -20.44
CA GLU L 34 28.40 37.41 -21.02
C GLU L 34 27.18 36.87 -20.31
N GLY L 35 26.45 35.99 -20.99
CA GLY L 35 25.20 35.48 -20.47
C GLY L 35 25.06 33.99 -20.69
N ASP L 36 24.45 33.32 -19.72
CA ASP L 36 24.28 31.87 -19.71
C ASP L 36 22.80 31.55 -19.62
N ALA L 37 22.15 31.33 -20.76
CA ALA L 37 20.71 31.19 -20.78
C ALA L 37 20.22 29.82 -20.35
N ASP L 38 21.11 28.91 -19.96
CA ASP L 38 20.67 27.61 -19.46
C ASP L 38 20.44 27.62 -17.96
N ASN L 39 21.03 28.57 -17.25
CA ASN L 39 20.78 28.73 -15.82
C ASN L 39 20.14 30.06 -15.49
N GLY L 40 19.96 30.93 -16.48
CA GLY L 40 19.59 32.31 -16.20
C GLY L 40 20.72 33.17 -15.76
N LYS L 41 21.93 32.62 -15.67
CA LYS L 41 23.08 33.33 -15.13
C LYS L 41 23.52 34.40 -16.10
N LEU L 42 23.83 35.56 -15.57
CA LEU L 42 24.09 36.75 -16.35
C LEU L 42 25.09 37.61 -15.59
N ASP L 43 26.07 38.15 -16.31
CA ASP L 43 27.15 38.89 -15.67
C ASP L 43 27.75 39.87 -16.66
N LEU L 44 27.76 41.16 -16.29
CA LEU L 44 28.20 42.19 -17.20
C LEU L 44 28.56 43.43 -16.39
N LYS L 45 29.20 44.40 -17.04
CA LYS L 45 29.82 45.53 -16.36
C LYS L 45 29.63 46.80 -17.18
N PHE L 46 29.16 47.86 -16.53
CA PHE L 46 28.83 49.11 -17.17
C PHE L 46 29.85 50.19 -16.81
N ILE L 47 30.05 51.14 -17.72
CA ILE L 47 30.81 52.35 -17.45
C ILE L 47 30.04 53.53 -18.02
N CYS L 48 30.29 54.71 -17.47
CA CYS L 48 29.64 55.93 -17.93
C CYS L 48 30.69 56.74 -18.68
N THR L 49 30.58 56.77 -20.00
CA THR L 49 31.65 57.30 -20.85
C THR L 49 31.62 58.81 -20.97
N THR L 50 30.67 59.49 -20.33
CA THR L 50 30.64 60.95 -20.37
C THR L 50 30.82 61.55 -18.98
N GLY L 51 31.64 60.92 -18.15
CA GLY L 51 31.96 61.48 -16.84
C GLY L 51 31.05 60.96 -15.74
N LYS L 52 30.12 61.80 -15.30
CA LYS L 52 29.23 61.50 -14.19
C LYS L 52 27.87 61.04 -14.70
N LEU L 53 27.05 60.54 -13.79
CA LEU L 53 25.74 60.04 -14.15
C LEU L 53 24.68 60.86 -13.43
N PRO L 54 23.70 61.44 -14.14
CA PRO L 54 22.67 62.24 -13.48
C PRO L 54 21.72 61.45 -12.61
N VAL L 55 21.19 60.34 -13.10
CA VAL L 55 20.23 59.52 -12.38
C VAL L 55 21.00 58.49 -11.56
N PRO L 56 20.40 57.89 -10.54
CA PRO L 56 21.10 56.83 -9.82
C PRO L 56 21.21 55.56 -10.65
N TRP L 57 22.16 54.73 -10.27
CA TRP L 57 22.34 53.45 -10.95
C TRP L 57 21.20 52.45 -10.81
N PRO L 58 20.50 52.29 -9.67
CA PRO L 58 19.38 51.33 -9.66
C PRO L 58 18.17 51.75 -10.48
N THR L 59 18.06 53.00 -10.91
CA THR L 59 16.97 53.34 -11.81
C THR L 59 17.22 52.81 -13.23
N LEU L 60 18.48 52.61 -13.60
CA LEU L 60 18.82 52.13 -14.93
C LEU L 60 19.03 50.63 -14.97
N VAL L 61 18.73 49.91 -13.89
CA VAL L 61 18.86 48.46 -13.95
C VAL L 61 17.70 47.86 -14.74
N THR L 62 16.50 48.43 -14.59
CA THR L 62 15.35 47.93 -15.33
C THR L 62 15.38 48.31 -16.80
N THR L 63 16.33 49.12 -17.23
CA THR L 63 16.45 49.54 -18.62
C THR L 63 17.68 48.93 -19.30
N LEU L 64 18.78 48.75 -18.59
CA LEU L 64 19.99 48.25 -19.24
C LEU L 64 19.97 46.74 -19.40
N THR L 65 20.15 46.00 -18.31
CA THR L 65 20.10 44.54 -18.41
C THR L 65 18.76 44.01 -17.93
N TYR L 66 17.70 44.55 -18.47
CA TYR L 66 16.39 44.03 -18.15
C TYR L 66 15.50 44.14 -19.35
N GLY L 67 16.00 44.70 -20.44
CA GLY L 67 15.43 44.56 -21.75
C GLY L 67 16.01 43.39 -22.51
N VAL L 68 17.17 42.90 -22.10
CA VAL L 68 17.67 41.64 -22.63
C VAL L 68 17.11 40.54 -21.73
N GLN L 69 15.86 40.19 -21.97
CA GLN L 69 15.18 39.15 -21.21
C GLN L 69 15.26 37.81 -21.90
N CYS L 70 15.98 37.73 -23.02
CA CYS L 70 16.19 36.49 -23.75
C CYS L 70 17.08 35.51 -23.00
N PHE L 71 17.77 35.96 -21.95
CA PHE L 71 18.60 35.09 -21.13
C PHE L 71 17.84 34.53 -19.94
N SER L 72 16.52 34.35 -20.09
CA SER L 72 15.69 33.83 -19.02
C SER L 72 15.66 32.31 -19.09
N ARG L 73 15.82 31.67 -17.94
CA ARG L 73 15.90 30.22 -17.87
C ARG L 73 14.48 29.67 -17.93
N TYR L 74 14.03 29.31 -19.14
CA TYR L 74 12.70 28.71 -19.03
C TYR L 74 12.82 27.22 -18.77
N PRO L 75 11.96 26.67 -17.92
CA PRO L 75 11.96 25.22 -17.70
C PRO L 75 11.48 24.48 -18.93
N ASP L 76 11.71 23.16 -18.92
CA ASP L 76 11.51 22.34 -20.11
C ASP L 76 10.05 22.23 -20.51
N HIS L 77 9.11 22.41 -19.58
CA HIS L 77 7.70 22.38 -19.91
C HIS L 77 7.17 23.70 -20.44
N MET L 78 8.04 24.68 -20.70
CA MET L 78 7.61 25.95 -21.27
C MET L 78 8.56 26.48 -22.33
N LYS L 79 9.32 25.61 -22.99
CA LYS L 79 10.31 26.10 -23.95
C LYS L 79 9.66 26.63 -25.23
N GLU L 80 8.39 26.34 -25.46
CA GLU L 80 7.67 26.81 -26.64
C GLU L 80 6.89 28.08 -26.37
N HIS L 81 6.85 28.54 -25.13
CA HIS L 81 6.13 29.75 -24.73
C HIS L 81 7.09 30.91 -24.54
N ASP L 82 8.09 31.01 -25.41
CA ASP L 82 9.22 31.89 -25.24
C ASP L 82 9.23 32.91 -26.37
N PHE L 83 8.75 34.12 -26.10
CA PHE L 83 8.76 35.14 -27.13
C PHE L 83 10.17 35.65 -27.41
N PHE L 84 11.04 35.63 -26.41
CA PHE L 84 12.28 36.39 -26.54
C PHE L 84 13.35 35.62 -27.29
N LYS L 85 13.52 34.33 -27.00
CA LYS L 85 14.51 33.56 -27.74
C LYS L 85 14.02 33.25 -29.15
N SER L 86 12.71 33.20 -29.36
CA SER L 86 12.18 32.80 -30.66
C SER L 86 12.14 33.94 -31.66
N ALA L 87 12.27 35.19 -31.20
CA ALA L 87 12.30 36.32 -32.13
C ALA L 87 13.69 36.62 -32.67
N MET L 88 14.64 35.77 -32.42
CA MET L 88 16.05 35.80 -32.74
C MET L 88 16.34 34.93 -33.96
N PRO L 89 17.37 35.25 -34.77
CA PRO L 89 18.33 36.35 -34.72
C PRO L 89 17.86 37.63 -35.36
N GLU L 90 16.56 37.78 -35.60
CA GLU L 90 16.08 39.04 -36.15
C GLU L 90 15.95 40.11 -35.08
N GLY L 91 15.46 39.74 -33.90
CA GLY L 91 15.38 40.64 -32.78
C GLY L 91 14.00 41.21 -32.57
N TYR L 92 13.92 42.17 -31.64
CA TYR L 92 12.65 42.80 -31.31
C TYR L 92 12.87 44.23 -30.86
N VAL L 93 11.77 44.96 -30.70
CA VAL L 93 11.75 46.35 -30.27
C VAL L 93 11.03 46.43 -28.95
N GLN L 94 11.61 47.12 -27.98
CA GLN L 94 11.06 47.19 -26.63
C GLN L 94 10.92 48.65 -26.21
N GLU L 95 9.69 49.10 -26.02
CA GLU L 95 9.37 50.48 -25.68
C GLU L 95 8.67 50.52 -24.32
N ARG L 96 9.10 51.42 -23.45
CA ARG L 96 8.53 51.49 -22.11
C ARG L 96 8.03 52.89 -21.79
N THR L 97 7.44 53.00 -20.60
CA THR L 97 7.08 54.27 -19.99
C THR L 97 7.16 54.03 -18.49
N ILE L 98 8.28 54.42 -17.89
CA ILE L 98 8.56 54.12 -16.49
C ILE L 98 8.06 55.29 -15.65
N SER L 99 7.00 55.07 -14.89
CA SER L 99 6.33 56.13 -14.15
C SER L 99 6.81 56.13 -12.71
N PHE L 100 7.56 57.17 -12.34
CA PHE L 100 8.03 57.34 -10.98
C PHE L 100 6.94 57.96 -10.11
N LYS L 101 6.82 57.46 -8.88
CA LYS L 101 5.80 57.96 -7.97
C LYS L 101 6.18 59.34 -7.47
N ASP L 102 5.22 60.28 -7.56
CA ASP L 102 5.36 61.69 -7.15
C ASP L 102 6.50 62.40 -7.88
N ASP L 103 6.80 61.97 -9.10
CA ASP L 103 7.93 62.53 -9.84
C ASP L 103 7.64 62.34 -11.32
N GLY L 104 8.64 62.53 -12.17
CA GLY L 104 8.45 62.45 -13.61
C GLY L 104 8.48 61.05 -14.17
N THR L 105 9.05 60.88 -15.36
CA THR L 105 8.96 59.60 -16.04
C THR L 105 10.12 59.41 -17.01
N TYR L 106 10.31 58.16 -17.42
CA TYR L 106 11.25 57.75 -18.46
C TYR L 106 10.49 57.36 -19.72
N LYS L 107 11.18 57.47 -20.86
CA LYS L 107 10.67 57.01 -22.14
C LYS L 107 11.81 56.31 -22.87
N THR L 108 11.79 54.99 -22.89
CA THR L 108 12.87 54.21 -23.48
C THR L 108 12.39 53.56 -24.78
N ARG L 109 13.37 53.20 -25.61
CA ARG L 109 13.09 52.45 -26.84
C ARG L 109 14.34 51.68 -27.21
N ALA L 110 14.31 50.36 -27.05
CA ALA L 110 15.48 49.52 -27.29
C ALA L 110 15.21 48.60 -28.46
N GLU L 111 16.29 48.19 -29.13
CA GLU L 111 16.21 47.26 -30.26
C GLU L 111 17.23 46.16 -30.02
N VAL L 112 16.83 45.13 -29.29
CA VAL L 112 17.68 43.99 -28.99
C VAL L 112 17.76 43.13 -30.24
N LYS L 113 18.98 42.78 -30.66
CA LYS L 113 19.19 41.90 -31.80
C LYS L 113 20.60 41.33 -31.76
N PHE L 114 20.87 40.42 -32.69
CA PHE L 114 22.23 39.95 -32.94
C PHE L 114 22.93 40.84 -33.95
N GLU L 115 24.21 41.10 -33.70
CA GLU L 115 25.12 41.73 -34.64
C GLU L 115 26.32 40.81 -34.78
N GLY L 116 26.23 39.85 -35.70
CA GLY L 116 27.27 38.85 -35.84
C GLY L 116 27.08 37.71 -34.87
N ASP L 117 27.87 37.71 -33.80
CA ASP L 117 27.76 36.71 -32.75
C ASP L 117 27.31 37.28 -31.43
N THR L 118 27.51 38.57 -31.20
CA THR L 118 27.15 39.17 -29.92
C THR L 118 25.73 39.71 -29.95
N LEU L 119 25.14 39.82 -28.77
CA LEU L 119 23.74 40.18 -28.59
C LEU L 119 23.68 41.63 -28.15
N VAL L 120 23.23 42.50 -29.04
CA VAL L 120 23.44 43.94 -28.89
C VAL L 120 22.14 44.61 -28.46
N ASN L 121 22.18 45.26 -27.31
CA ASN L 121 21.08 46.09 -26.82
C ASN L 121 21.42 47.54 -27.10
N ARG L 122 20.53 48.25 -27.79
CA ARG L 122 20.74 49.66 -28.11
C ARG L 122 19.56 50.48 -27.62
N ILE L 123 19.72 51.12 -26.47
CA ILE L 123 18.64 51.85 -25.80
C ILE L 123 18.80 53.32 -26.12
N GLU L 124 17.68 53.99 -26.35
CA GLU L 124 17.64 55.45 -26.43
C GLU L 124 16.63 55.95 -25.40
N LEU L 125 17.12 56.52 -24.31
CA LEU L 125 16.30 56.89 -23.17
C LEU L 125 16.07 58.39 -23.16
N LYS L 126 14.86 58.80 -22.76
CA LYS L 126 14.52 60.20 -22.58
C LYS L 126 13.67 60.33 -21.32
N GLY L 127 14.04 61.25 -20.45
CA GLY L 127 13.29 61.46 -19.22
C GLY L 127 13.06 62.91 -18.91
N ILE L 128 11.82 63.31 -18.67
CA ILE L 128 11.46 64.70 -18.40
C ILE L 128 10.65 64.77 -17.11
N ASP L 129 10.30 66.00 -16.74
CA ASP L 129 9.34 66.34 -15.67
C ASP L 129 9.81 65.88 -14.29
N PHE L 130 11.12 65.75 -14.11
CA PHE L 130 11.65 65.37 -12.81
C PHE L 130 11.64 66.55 -11.84
N LYS L 131 11.81 66.22 -10.57
CA LYS L 131 11.75 67.18 -9.48
C LYS L 131 13.14 67.38 -8.91
N GLU L 132 13.55 68.64 -8.76
CA GLU L 132 14.81 68.93 -8.10
C GLU L 132 14.70 68.61 -6.61
N ASP L 133 15.81 68.12 -6.05
CA ASP L 133 15.91 67.58 -4.69
C ASP L 133 14.88 66.47 -4.45
N GLY L 134 14.67 65.64 -5.48
CA GLY L 134 13.83 64.47 -5.34
C GLY L 134 14.65 63.26 -4.97
N ASN L 135 14.00 62.09 -5.06
CA ASN L 135 14.71 60.86 -4.77
C ASN L 135 15.65 60.45 -5.89
N ILE L 136 15.40 60.90 -7.11
CA ILE L 136 16.19 60.50 -8.26
C ILE L 136 17.33 61.48 -8.46
N LEU L 137 17.02 62.75 -8.73
CA LEU L 137 18.09 63.70 -9.04
C LEU L 137 18.87 64.15 -7.82
N GLY L 138 18.40 63.84 -6.62
CA GLY L 138 19.14 64.11 -5.41
C GLY L 138 20.06 63.00 -4.97
N HIS L 139 20.06 61.87 -5.70
CA HIS L 139 20.84 60.67 -5.41
C HIS L 139 20.58 60.14 -4.00
N LYS L 140 19.31 59.86 -3.74
CA LYS L 140 18.87 59.43 -2.42
C LYS L 140 18.43 57.97 -2.41
N LEU L 141 18.85 57.19 -3.39
CA LEU L 141 18.48 55.78 -3.47
C LEU L 141 19.65 54.91 -3.07
N GLU L 142 19.35 53.82 -2.36
CA GLU L 142 20.40 52.89 -1.97
C GLU L 142 20.88 52.10 -3.17
N TYR L 143 22.08 51.52 -3.03
CA TYR L 143 22.72 50.80 -4.12
C TYR L 143 22.38 49.31 -3.99
N ASN L 144 21.09 49.02 -4.18
CA ASN L 144 20.62 47.65 -4.22
C ASN L 144 19.34 47.57 -5.03
N PHE L 145 19.02 46.36 -5.46
CA PHE L 145 17.84 46.12 -6.27
C PHE L 145 17.20 44.84 -5.76
N ASN L 146 15.88 44.84 -5.64
CA ASN L 146 15.18 43.78 -4.95
C ASN L 146 14.83 42.63 -5.90
N SER L 147 14.03 41.68 -5.42
CA SER L 147 13.60 40.53 -6.20
C SER L 147 12.14 40.75 -6.59
N HIS L 148 11.84 40.66 -7.88
CA HIS L 148 10.59 41.14 -8.43
C HIS L 148 9.97 40.08 -9.33
N GLU L 149 8.77 40.36 -9.84
CA GLU L 149 8.08 39.47 -10.75
C GLU L 149 7.45 40.28 -11.87
N VAL L 150 7.50 39.72 -13.09
CA VAL L 150 7.05 40.39 -14.30
C VAL L 150 5.97 39.56 -14.95
N TYR L 151 4.75 40.07 -15.00
CA TYR L 151 3.62 39.33 -15.57
C TYR L 151 3.52 39.64 -17.06
N ILE L 152 3.98 38.70 -17.87
CA ILE L 152 4.00 38.81 -19.33
C ILE L 152 2.73 38.19 -19.89
N THR L 153 2.00 38.95 -20.71
CA THR L 153 0.78 38.47 -21.34
C THR L 153 0.81 38.77 -22.83
N ALA L 154 -0.09 38.12 -23.56
CA ALA L 154 -0.14 38.29 -25.01
C ALA L 154 -0.86 39.57 -25.39
N ASP L 155 -0.48 40.12 -26.53
CA ASP L 155 -1.07 41.34 -27.07
C ASP L 155 -1.33 41.17 -28.56
N ASP L 156 -2.06 40.10 -28.91
CA ASP L 156 -2.35 39.55 -30.24
C ASP L 156 -2.57 40.58 -31.34
N GLU L 157 -3.33 41.61 -31.03
CA GLU L 157 -3.79 42.64 -31.96
C GLU L 157 -2.71 43.63 -32.37
N LYS L 158 -1.46 43.43 -31.97
CA LYS L 158 -0.34 44.17 -32.54
C LYS L 158 0.85 43.29 -32.85
N ASN L 159 0.72 41.96 -32.75
CA ASN L 159 1.78 40.98 -32.95
C ASN L 159 2.95 41.24 -31.99
N GLY L 160 2.66 41.08 -30.70
CA GLY L 160 3.67 41.28 -29.69
C GLY L 160 3.11 40.97 -28.32
N ILE L 161 3.93 41.23 -27.30
CA ILE L 161 3.50 41.01 -25.92
C ILE L 161 3.61 42.32 -25.14
N LYS L 162 3.25 42.28 -23.87
CA LYS L 162 3.34 43.44 -23.00
C LYS L 162 3.49 42.93 -21.57
N ALA L 163 3.85 43.84 -20.67
CA ALA L 163 4.03 43.47 -19.27
C ALA L 163 3.84 44.70 -18.40
N GLU L 164 3.26 44.48 -17.23
CA GLU L 164 3.03 45.53 -16.25
C GLU L 164 3.49 45.05 -14.88
N PHE L 165 4.29 45.87 -14.21
CA PHE L 165 4.86 45.49 -12.92
C PHE L 165 5.32 46.75 -12.22
N LYS L 166 5.57 46.62 -10.93
CA LYS L 166 5.96 47.74 -10.07
C LYS L 166 7.32 47.46 -9.47
N ILE L 167 8.23 48.42 -9.59
CA ILE L 167 9.59 48.29 -9.07
C ILE L 167 9.71 49.14 -7.81
N ARG L 168 10.11 48.51 -6.71
CA ARG L 168 10.24 49.18 -5.44
C ARG L 168 11.71 49.50 -5.18
N HIS L 169 12.06 50.78 -5.26
CA HIS L 169 13.41 51.23 -4.99
C HIS L 169 13.56 51.57 -3.52
N ASN L 170 14.74 51.34 -2.98
CA ASN L 170 15.00 51.64 -1.57
C ASN L 170 15.58 53.04 -1.46
N VAL L 171 15.12 53.78 -0.45
CA VAL L 171 15.53 55.16 -0.26
C VAL L 171 16.47 55.19 0.94
N GLU L 172 17.37 56.20 0.97
CA GLU L 172 18.39 56.30 2.01
C GLU L 172 17.83 56.41 3.41
N ASP L 173 16.66 57.03 3.58
CA ASP L 173 16.15 57.28 4.91
C ASP L 173 15.25 56.18 5.45
N GLY L 174 14.77 55.27 4.61
CA GLY L 174 13.93 54.16 5.04
C GLY L 174 12.66 53.98 4.23
N SER L 175 12.22 55.00 3.50
CA SER L 175 11.01 54.91 2.70
C SER L 175 11.27 54.12 1.42
N VAL L 176 10.27 54.03 0.54
CA VAL L 176 10.34 53.23 -0.67
C VAL L 176 9.90 54.08 -1.85
N GLN L 177 10.72 54.14 -2.89
CA GLN L 177 10.38 54.82 -4.13
C GLN L 177 9.76 53.83 -5.11
N LEU L 178 8.58 54.16 -5.63
CA LEU L 178 7.84 53.29 -6.53
C LEU L 178 8.03 53.71 -7.99
N ALA L 179 8.24 52.71 -8.85
CA ALA L 179 8.34 52.92 -10.28
C ALA L 179 7.36 51.98 -10.97
N ASP L 180 6.57 52.51 -11.89
CA ASP L 180 5.56 51.74 -12.60
C ASP L 180 5.99 51.56 -14.04
N HIS L 181 6.16 50.30 -14.45
CA HIS L 181 6.65 49.95 -15.77
C HIS L 181 5.53 49.48 -16.67
N TYR L 182 5.67 49.77 -17.96
CA TYR L 182 4.69 49.37 -18.97
C TYR L 182 5.44 49.18 -20.28
N GLN L 183 5.80 47.94 -20.60
CA GLN L 183 6.59 47.67 -21.80
C GLN L 183 5.73 47.06 -22.90
N GLN L 184 6.18 47.24 -24.15
CA GLN L 184 5.50 46.70 -25.32
C GLN L 184 6.55 46.13 -26.26
N ASN L 185 6.59 44.81 -26.38
CA ASN L 185 7.51 44.16 -27.29
C ASN L 185 6.86 43.93 -28.65
N THR L 186 7.69 43.91 -29.69
CA THR L 186 7.29 43.71 -31.07
C THR L 186 8.50 43.25 -31.87
N PRO L 187 8.42 42.12 -32.57
CA PRO L 187 9.60 41.63 -33.29
C PRO L 187 9.90 42.45 -34.54
N ILE L 188 11.12 42.29 -35.03
CA ILE L 188 11.57 43.06 -36.19
C ILE L 188 10.86 42.57 -37.46
N GLY L 189 11.08 41.31 -37.82
CA GLY L 189 10.45 40.77 -39.00
C GLY L 189 9.43 39.71 -38.68
N ASP L 190 9.82 38.46 -38.83
CA ASP L 190 8.98 37.32 -38.48
C ASP L 190 9.28 36.93 -37.04
N GLY L 191 8.27 36.98 -36.19
CA GLY L 191 8.44 36.68 -34.79
C GLY L 191 8.38 35.19 -34.52
N PRO L 192 7.78 34.81 -33.39
CA PRO L 192 7.63 33.39 -33.07
C PRO L 192 6.54 32.72 -33.89
N ASP L 193 6.25 31.46 -33.59
CA ASP L 193 5.13 30.80 -34.24
C ASP L 193 3.81 31.41 -33.78
N LEU L 194 3.50 31.29 -32.50
CA LEU L 194 2.31 31.92 -31.95
C LEU L 194 2.66 32.48 -30.58
N LEU L 195 1.93 33.51 -30.18
CA LEU L 195 2.25 34.26 -28.96
C LEU L 195 1.99 33.41 -27.73
N PRO L 196 2.78 33.55 -26.69
CA PRO L 196 2.71 32.62 -25.55
C PRO L 196 1.52 32.91 -24.64
N ASP L 197 1.29 31.96 -23.74
CA ASP L 197 0.32 32.14 -22.68
C ASP L 197 0.89 33.06 -21.60
N GLU L 198 0.05 33.44 -20.64
CA GLU L 198 0.49 34.33 -19.59
C GLU L 198 1.33 33.57 -18.57
N HIS L 199 2.52 34.09 -18.29
CA HIS L 199 3.49 33.46 -17.39
C HIS L 199 4.32 34.56 -16.77
N TYR L 200 4.97 34.27 -15.65
CA TYR L 200 5.68 35.32 -14.94
C TYR L 200 7.17 35.02 -14.82
N LEU L 201 7.98 36.04 -15.09
CA LEU L 201 9.42 35.97 -14.90
C LEU L 201 9.75 36.37 -13.47
N SER L 202 10.73 35.70 -12.88
CA SER L 202 11.12 35.96 -11.49
C SER L 202 12.60 36.32 -11.45
N THR L 203 12.90 37.55 -11.07
CA THR L 203 14.25 38.08 -11.16
C THR L 203 14.89 38.23 -9.78
N GLN L 204 16.21 38.10 -9.75
CA GLN L 204 17.05 38.45 -8.60
C GLN L 204 18.29 39.13 -9.14
N SER L 205 18.79 40.14 -8.42
CA SER L 205 20.00 40.81 -8.88
C SER L 205 20.87 41.18 -7.68
N VAL L 206 22.18 41.16 -7.90
CA VAL L 206 23.17 41.50 -6.89
C VAL L 206 24.01 42.65 -7.43
N LEU L 207 23.80 43.84 -6.89
CA LEU L 207 24.56 45.02 -7.28
C LEU L 207 25.88 45.04 -6.51
N SER L 208 26.94 45.51 -7.17
CA SER L 208 28.27 45.51 -6.58
C SER L 208 29.12 46.57 -7.26
N LYS L 209 30.41 46.57 -6.94
CA LYS L 209 31.38 47.53 -7.50
C LYS L 209 32.64 46.78 -7.91
N ASP L 210 33.55 47.53 -8.55
CA ASP L 210 34.86 47.06 -8.93
C ASP L 210 35.90 47.92 -8.26
N PRO L 211 36.79 47.37 -7.42
CA PRO L 211 37.76 48.23 -6.73
C PRO L 211 38.84 48.82 -7.62
N ASN L 212 39.04 48.28 -8.83
CA ASN L 212 40.10 48.75 -9.72
C ASN L 212 39.58 49.67 -10.82
N GLU L 213 38.57 50.48 -10.53
CA GLU L 213 38.00 51.39 -11.50
C GLU L 213 37.88 52.79 -10.92
N LYS L 214 38.24 53.78 -11.73
CA LYS L 214 38.11 55.18 -11.37
C LYS L 214 36.93 55.86 -12.06
N ARG L 215 36.27 55.18 -12.99
CA ARG L 215 35.13 55.76 -13.66
C ARG L 215 33.84 55.31 -13.00
N ASP L 216 32.80 56.13 -13.18
CA ASP L 216 31.50 55.88 -12.55
C ASP L 216 30.87 54.66 -13.20
N HIS L 217 30.86 53.53 -12.49
CA HIS L 217 30.62 52.24 -13.10
C HIS L 217 29.62 51.46 -12.26
N MET L 218 29.32 50.24 -12.72
CA MET L 218 28.34 49.37 -12.07
C MET L 218 28.56 47.95 -12.53
N VAL L 219 28.60 47.02 -11.58
CA VAL L 219 28.79 45.60 -11.89
C VAL L 219 27.52 44.87 -11.46
N LEU L 220 26.96 44.08 -12.37
CA LEU L 220 25.64 43.49 -12.19
C LEU L 220 25.71 41.98 -12.36
N LEU L 221 24.94 41.27 -11.55
CA LEU L 221 24.84 39.81 -11.60
C LEU L 221 23.38 39.46 -11.37
N GLU L 222 22.72 38.90 -12.38
CA GLU L 222 21.27 38.77 -12.34
C GLU L 222 20.85 37.36 -12.76
N PHE L 223 19.78 36.87 -12.11
CA PHE L 223 19.32 35.50 -12.23
C PHE L 223 17.83 35.52 -12.52
N VAL L 224 17.43 35.11 -13.72
CA VAL L 224 16.03 35.22 -14.16
C VAL L 224 15.51 33.84 -14.54
N THR L 225 14.44 33.41 -13.88
CA THR L 225 13.72 32.21 -14.25
C THR L 225 12.27 32.56 -14.51
N ALA L 226 11.51 31.59 -15.02
CA ALA L 226 10.10 31.80 -15.31
C ALA L 226 9.27 30.63 -14.81
N ASP L 227 8.04 30.94 -14.43
CA ASP L 227 7.07 29.94 -14.00
C ASP L 227 5.69 30.47 -14.39
N GLY L 228 4.64 29.89 -13.83
CA GLY L 228 3.30 30.37 -14.02
C GLY L 228 2.42 29.46 -14.84
N ILE L 229 2.98 28.40 -15.41
CA ILE L 229 2.24 27.40 -16.16
C ILE L 229 2.52 26.05 -15.54
N THR L 230 1.47 25.36 -15.11
CA THR L 230 1.60 24.09 -14.43
C THR L 230 1.84 22.97 -15.44
N GLU L 231 1.83 21.73 -14.95
CA GLU L 231 2.13 20.58 -15.79
C GLU L 231 0.98 20.30 -16.74
N GLY L 232 1.31 20.12 -18.02
CA GLY L 232 0.30 19.86 -19.03
C GLY L 232 0.66 18.71 -19.94
N SER M 3 29.14 6.60 -11.58
CA SER M 3 29.99 5.47 -11.97
C SER M 3 31.46 5.84 -11.93
N LYS M 4 32.31 4.95 -12.44
CA LYS M 4 33.75 5.18 -12.47
C LYS M 4 34.21 5.87 -13.75
N GLY M 5 33.30 6.12 -14.69
CA GLY M 5 33.66 6.76 -15.93
C GLY M 5 33.48 8.26 -15.90
N GLU M 6 32.58 8.74 -15.04
CA GLU M 6 32.31 10.17 -14.97
C GLU M 6 33.48 10.91 -14.31
N ARG M 7 34.20 10.25 -13.41
CA ARG M 7 35.27 10.89 -12.67
C ARG M 7 36.49 11.18 -13.55
N LEU M 8 36.58 10.54 -14.71
CA LEU M 8 37.69 10.78 -15.62
C LEU M 8 37.61 12.11 -16.33
N PHE M 9 36.46 12.79 -16.28
CA PHE M 9 36.23 13.99 -17.07
C PHE M 9 36.29 15.27 -16.25
N ARG M 10 36.67 15.18 -14.97
CA ARG M 10 36.84 16.39 -14.17
C ARG M 10 38.12 17.11 -14.58
N GLY M 11 38.00 18.42 -14.78
CA GLY M 11 39.14 19.20 -15.22
C GLY M 11 39.32 19.14 -16.72
N LYS M 12 40.27 19.94 -17.20
CA LYS M 12 40.53 20.05 -18.63
C LYS M 12 41.25 18.81 -19.12
N VAL M 13 40.77 18.25 -20.23
CA VAL M 13 41.31 17.03 -20.82
C VAL M 13 41.76 17.35 -22.24
N PRO M 14 42.96 16.99 -22.65
CA PRO M 14 43.38 17.24 -24.03
C PRO M 14 42.65 16.31 -25.01
N ILE M 15 42.59 16.76 -26.26
CA ILE M 15 41.82 16.10 -27.32
C ILE M 15 42.72 15.92 -28.53
N LEU M 16 42.78 14.70 -29.06
CA LEU M 16 43.42 14.43 -30.34
C LEU M 16 42.38 13.89 -31.30
N VAL M 17 42.33 14.46 -32.50
CA VAL M 17 41.36 14.09 -33.52
C VAL M 17 42.10 13.79 -34.82
N GLU M 18 41.92 12.59 -35.34
CA GLU M 18 42.59 12.15 -36.57
C GLU M 18 41.55 11.62 -37.53
N LEU M 19 41.50 12.18 -38.74
CA LEU M 19 40.54 11.78 -39.76
C LEU M 19 41.27 11.40 -41.03
N LYS M 20 40.82 10.32 -41.65
CA LYS M 20 41.36 9.84 -42.93
C LYS M 20 40.18 9.73 -43.89
N GLY M 21 40.04 10.73 -44.76
CA GLY M 21 38.86 10.81 -45.60
C GLY M 21 39.08 10.40 -47.03
N ASP M 22 37.99 10.12 -47.74
CA ASP M 22 38.06 9.76 -49.16
C ASP M 22 36.72 10.16 -49.78
N VAL M 23 36.67 11.32 -50.41
CA VAL M 23 35.45 11.85 -50.97
C VAL M 23 35.58 11.85 -52.49
N ASN M 24 34.80 10.97 -53.13
CA ASN M 24 34.60 10.92 -54.58
C ASN M 24 35.92 10.72 -55.33
N GLY M 25 36.80 9.92 -54.75
CA GLY M 25 38.12 9.71 -55.27
C GLY M 25 39.18 10.61 -54.67
N HIS M 26 38.82 11.83 -54.32
CA HIS M 26 39.77 12.78 -53.75
C HIS M 26 40.01 12.43 -52.29
N LYS M 27 41.26 12.20 -51.93
CA LYS M 27 41.61 11.84 -50.56
C LYS M 27 42.14 13.05 -49.81
N PHE M 28 41.96 13.03 -48.50
CA PHE M 28 42.49 14.09 -47.65
C PHE M 28 42.70 13.52 -46.25
N SER M 29 43.27 14.35 -45.38
CA SER M 29 43.47 14.00 -43.98
C SER M 29 43.45 15.28 -43.17
N VAL M 30 42.84 15.21 -41.99
CA VAL M 30 42.69 16.35 -41.09
C VAL M 30 43.13 15.93 -39.71
N ARG M 31 44.07 16.67 -39.13
CA ARG M 31 44.52 16.43 -37.77
C ARG M 31 44.07 17.59 -36.89
N GLY M 32 43.60 17.26 -35.69
CA GLY M 32 43.13 18.27 -34.77
C GLY M 32 43.65 18.03 -33.38
N LYS M 33 43.77 19.12 -32.63
CA LYS M 33 44.30 19.06 -31.28
C LYS M 33 43.72 20.20 -30.46
N GLY M 34 43.73 20.01 -29.15
CA GLY M 34 43.20 21.02 -28.25
C GLY M 34 42.72 20.37 -26.96
N LYS M 35 41.95 21.13 -26.20
CA LYS M 35 41.50 20.71 -24.89
C LYS M 35 39.98 20.81 -24.81
N GLY M 36 39.41 20.11 -23.84
CA GLY M 36 37.96 20.11 -23.69
C GLY M 36 37.49 20.10 -22.26
N ASP M 37 36.67 21.06 -21.90
CA ASP M 37 36.09 21.18 -20.55
C ASP M 37 34.79 20.40 -20.54
N ALA M 38 34.67 19.46 -19.62
CA ALA M 38 33.44 18.67 -19.48
C ALA M 38 32.53 19.17 -18.38
N THR M 39 33.03 20.03 -17.49
CA THR M 39 32.19 20.56 -16.43
C THR M 39 31.23 21.61 -16.98
N ASN M 40 31.68 22.39 -17.95
CA ASN M 40 30.87 23.44 -18.54
C ASN M 40 30.32 23.06 -19.90
N GLY M 41 30.82 22.00 -20.51
CA GLY M 41 30.42 21.67 -21.86
C GLY M 41 31.01 22.58 -22.91
N LYS M 42 32.33 22.69 -22.94
CA LYS M 42 33.01 23.64 -23.81
C LYS M 42 34.21 22.96 -24.46
N LEU M 43 34.36 23.15 -25.77
CA LEU M 43 35.47 22.58 -26.51
C LEU M 43 36.21 23.68 -27.25
N THR M 44 37.54 23.57 -27.32
CA THR M 44 38.37 24.47 -28.10
C THR M 44 39.37 23.63 -28.87
N LEU M 45 39.16 23.51 -30.18
CA LEU M 45 40.05 22.72 -31.02
C LEU M 45 40.56 23.56 -32.17
N LYS M 46 41.70 23.14 -32.73
CA LYS M 46 42.27 23.75 -33.93
C LYS M 46 42.60 22.64 -34.90
N PHE M 47 42.14 22.78 -36.14
CA PHE M 47 42.29 21.75 -37.16
C PHE M 47 43.20 22.24 -38.28
N ILE M 48 43.93 21.31 -38.87
CA ILE M 48 44.82 21.57 -40.00
C ILE M 48 44.63 20.49 -41.04
N CYS M 49 44.78 20.86 -42.31
CA CYS M 49 44.64 19.93 -43.43
C CYS M 49 46.03 19.51 -43.85
N THR M 50 46.43 18.30 -43.47
CA THR M 50 47.79 17.83 -43.67
C THR M 50 48.14 17.57 -45.12
N THR M 51 47.15 17.28 -45.97
CA THR M 51 47.42 17.00 -47.38
C THR M 51 47.07 18.20 -48.27
N GLY M 52 47.33 19.41 -47.80
CA GLY M 52 47.17 20.59 -48.63
C GLY M 52 45.77 21.16 -48.67
N LYS M 53 45.15 21.14 -49.84
CA LYS M 53 43.81 21.69 -50.00
C LYS M 53 42.76 20.68 -49.55
N LEU M 54 41.51 21.12 -49.56
CA LEU M 54 40.43 20.29 -49.06
C LEU M 54 39.29 20.27 -50.08
N PRO M 55 38.80 19.09 -50.46
CA PRO M 55 37.78 19.04 -51.52
C PRO M 55 36.37 19.38 -51.05
N VAL M 56 36.07 19.26 -49.76
CA VAL M 56 34.74 19.55 -49.24
C VAL M 56 34.83 20.80 -48.38
N PRO M 57 33.74 21.52 -48.12
CA PRO M 57 33.83 22.69 -47.26
C PRO M 57 34.08 22.31 -45.81
N TRP M 58 34.73 23.23 -45.10
CA TRP M 58 34.90 23.07 -43.66
C TRP M 58 33.63 22.95 -42.84
N PRO M 59 32.50 23.63 -43.12
CA PRO M 59 31.32 23.39 -42.28
C PRO M 59 30.70 22.02 -42.41
N THR M 60 30.92 21.29 -43.50
CA THR M 60 30.34 19.97 -43.62
C THR M 60 31.03 18.94 -42.75
N LEU M 61 32.29 19.16 -42.40
CA LEU M 61 33.05 18.23 -41.58
C LEU M 61 32.98 18.53 -40.10
N VAL M 62 32.18 19.51 -39.69
CA VAL M 62 32.12 19.86 -38.27
C VAL M 62 31.39 18.78 -37.49
N THR M 63 30.33 18.21 -38.07
CA THR M 63 29.60 17.15 -37.40
C THR M 63 30.36 15.85 -37.33
N THR M 64 31.42 15.69 -38.11
CA THR M 64 32.23 14.48 -38.07
C THR M 64 33.35 14.60 -37.04
N LEU M 65 33.99 15.76 -36.97
CA LEU M 65 35.17 15.94 -36.11
C LEU M 65 34.78 16.08 -34.64
N THR M 66 34.05 17.16 -34.30
CA THR M 66 33.87 17.56 -32.92
C THR M 66 32.48 17.27 -32.37
N TRP M 67 31.53 16.96 -33.22
CA TRP M 67 30.24 16.45 -32.79
C TRP M 67 30.28 14.95 -32.58
N GLY M 68 31.46 14.35 -32.67
CA GLY M 68 31.68 12.96 -32.36
C GLY M 68 32.23 12.80 -30.97
N VAL M 69 32.90 13.84 -30.45
CA VAL M 69 33.33 13.82 -29.05
C VAL M 69 32.17 14.39 -28.24
N GLN M 70 31.19 13.53 -27.97
CA GLN M 70 30.01 13.91 -27.21
C GLN M 70 30.07 13.38 -25.79
N CYS M 71 31.23 12.86 -25.37
CA CYS M 71 31.47 12.56 -23.97
C CYS M 71 31.78 13.80 -23.17
N PHE M 72 31.92 14.95 -23.83
CA PHE M 72 32.15 16.24 -23.19
C PHE M 72 30.86 17.06 -23.08
N ALA M 73 29.74 16.39 -22.81
CA ALA M 73 28.44 17.03 -22.69
C ALA M 73 28.18 17.42 -21.26
N ARG M 74 27.61 18.60 -21.06
CA ARG M 74 27.30 19.07 -19.71
C ARG M 74 25.99 18.44 -19.29
N TYR M 75 26.07 17.23 -18.71
CA TYR M 75 24.77 16.81 -18.22
C TYR M 75 24.49 17.44 -16.87
N PRO M 76 23.25 17.91 -16.65
CA PRO M 76 22.93 18.61 -15.40
C PRO M 76 22.94 17.73 -14.18
N LYS M 77 22.70 18.35 -13.01
CA LYS M 77 22.75 17.62 -11.75
C LYS M 77 21.60 16.63 -11.63
N HIS M 78 20.48 16.91 -12.29
CA HIS M 78 19.26 16.16 -12.03
C HIS M 78 19.03 15.00 -12.99
N MET M 79 20.01 14.66 -13.84
CA MET M 79 19.89 13.46 -14.64
C MET M 79 20.93 12.42 -14.24
N LYS M 80 22.21 12.63 -14.60
CA LYS M 80 23.40 11.84 -14.20
C LYS M 80 23.25 10.32 -14.31
N ARG M 81 22.26 9.84 -15.06
CA ARG M 81 21.93 8.43 -15.18
C ARG M 81 21.59 8.09 -16.61
N HIS M 82 21.30 9.10 -17.43
CA HIS M 82 20.99 8.93 -18.84
C HIS M 82 22.21 9.21 -19.71
N ASP M 83 23.37 8.79 -19.24
CA ASP M 83 24.65 9.19 -19.81
C ASP M 83 25.30 7.97 -20.43
N PHE M 84 25.10 7.78 -21.72
CA PHE M 84 25.80 6.72 -22.40
C PHE M 84 27.25 7.09 -22.70
N PHE M 85 27.51 8.37 -22.97
CA PHE M 85 28.79 8.76 -23.55
C PHE M 85 29.92 8.68 -22.54
N LYS M 86 29.69 9.13 -21.31
CA LYS M 86 30.74 9.04 -20.31
C LYS M 86 30.84 7.63 -19.72
N SER M 87 29.74 6.88 -19.74
CA SER M 87 29.75 5.56 -19.12
C SER M 87 30.48 4.52 -19.95
N ALA M 88 30.71 4.77 -21.24
CA ALA M 88 31.39 3.82 -22.09
C ALA M 88 32.91 3.93 -22.00
N MET M 89 33.42 4.78 -21.17
CA MET M 89 34.80 5.12 -20.89
C MET M 89 35.32 4.32 -19.71
N PRO M 90 36.63 4.02 -19.63
CA PRO M 90 37.76 4.36 -20.52
C PRO M 90 37.94 3.40 -21.67
N LYS M 91 37.02 2.43 -21.79
CA LYS M 91 37.10 1.48 -22.90
C LYS M 91 36.84 2.17 -24.23
N GLY M 92 35.77 2.93 -24.31
CA GLY M 92 35.44 3.69 -25.50
C GLY M 92 34.15 3.22 -26.14
N TYR M 93 33.84 3.85 -27.27
CA TYR M 93 32.65 3.49 -28.03
C TYR M 93 32.90 3.74 -29.51
N VAL M 94 32.07 3.11 -30.35
CA VAL M 94 32.19 3.18 -31.80
C VAL M 94 31.01 3.96 -32.34
N GLN M 95 31.27 5.04 -33.04
CA GLN M 95 30.23 5.93 -33.55
C GLN M 95 30.24 5.90 -35.06
N GLU M 96 29.10 5.56 -35.65
CA GLU M 96 28.93 5.51 -37.10
C GLU M 96 27.79 6.42 -37.50
N ARG M 97 28.00 7.21 -38.56
CA ARG M 97 26.95 8.09 -39.05
C ARG M 97 26.65 7.80 -40.51
N THR M 98 25.58 8.42 -40.99
CA THR M 98 25.20 8.41 -42.40
C THR M 98 24.65 9.81 -42.70
N ILE M 99 25.50 10.67 -43.25
CA ILE M 99 25.18 12.08 -43.43
C ILE M 99 24.65 12.23 -44.85
N SER M 100 23.34 12.30 -45.00
CA SER M 100 22.72 12.31 -46.32
C SER M 100 22.30 13.73 -46.67
N PHE M 101 22.97 14.30 -47.66
CA PHE M 101 22.66 15.64 -48.14
C PHE M 101 21.45 15.60 -49.06
N LYS M 102 20.64 16.66 -49.02
CA LYS M 102 19.49 16.74 -49.92
C LYS M 102 19.95 17.08 -51.33
N LYS M 103 19.42 16.33 -52.30
CA LYS M 103 19.73 16.45 -53.73
C LYS M 103 21.23 16.33 -54.01
N ASP M 104 21.90 15.46 -53.25
CA ASP M 104 23.34 15.28 -53.35
C ASP M 104 23.66 13.93 -52.69
N GLY M 105 24.94 13.59 -52.61
CA GLY M 105 25.37 12.29 -52.12
C GLY M 105 25.36 12.18 -50.62
N THR M 106 26.21 11.30 -50.09
CA THR M 106 26.11 10.86 -48.71
C THR M 106 27.50 10.61 -48.15
N TYR M 107 27.75 11.00 -46.90
CA TYR M 107 28.92 10.55 -46.18
C TYR M 107 28.65 9.25 -45.45
N LYS M 108 29.70 8.46 -45.27
CA LYS M 108 29.67 7.25 -44.45
C LYS M 108 30.87 7.32 -43.53
N THR M 109 30.64 7.47 -42.22
CA THR M 109 31.72 7.60 -41.27
C THR M 109 31.69 6.46 -40.26
N ARG M 110 32.85 6.12 -39.73
CA ARG M 110 32.95 5.38 -38.48
C ARG M 110 34.06 5.99 -37.65
N ALA M 111 33.96 5.82 -36.34
CA ALA M 111 34.90 6.47 -35.45
C ALA M 111 35.07 5.62 -34.20
N GLU M 112 36.16 5.88 -33.48
CA GLU M 112 36.43 5.25 -32.19
C GLU M 112 36.89 6.34 -31.24
N VAL M 113 36.05 6.67 -30.26
CA VAL M 113 36.37 7.68 -29.27
C VAL M 113 36.75 6.94 -28.00
N LYS M 114 38.02 7.00 -27.63
CA LYS M 114 38.48 6.28 -26.45
C LYS M 114 39.75 6.95 -25.93
N PHE M 115 40.04 6.67 -24.66
CA PHE M 115 41.24 7.19 -24.01
C PHE M 115 42.50 6.47 -24.46
N GLU M 116 43.59 7.22 -24.56
CA GLU M 116 44.94 6.66 -24.67
C GLU M 116 45.74 7.25 -23.50
N GLY M 117 45.60 6.61 -22.34
CA GLY M 117 46.29 7.07 -21.16
C GLY M 117 45.58 8.25 -20.52
N ARG M 118 45.76 9.43 -21.11
CA ARG M 118 45.00 10.60 -20.67
C ARG M 118 44.42 11.40 -21.83
N THR M 119 45.07 11.41 -22.99
CA THR M 119 44.60 12.18 -24.14
C THR M 119 43.44 11.43 -24.80
N LEU M 120 42.28 12.08 -24.84
CA LEU M 120 41.11 11.51 -25.50
C LEU M 120 41.31 11.56 -27.00
N VAL M 121 41.43 10.39 -27.64
CA VAL M 121 41.80 10.28 -29.04
C VAL M 121 40.59 9.84 -29.83
N ASN M 122 40.26 10.60 -30.88
CA ASN M 122 39.19 10.29 -31.80
C ASN M 122 39.81 9.91 -33.14
N ARG M 123 39.39 8.78 -33.70
CA ARG M 123 39.97 8.25 -34.93
C ARG M 123 38.86 7.97 -35.92
N ILE M 124 38.73 8.83 -36.93
CA ILE M 124 37.62 8.81 -37.86
C ILE M 124 38.10 8.25 -39.20
N LYS M 125 37.34 7.31 -39.76
CA LYS M 125 37.44 6.94 -41.16
C LYS M 125 36.19 7.45 -41.86
N LEU M 126 36.36 8.19 -42.94
CA LEU M 126 35.26 8.77 -43.68
C LEU M 126 35.36 8.37 -45.14
N LYS M 127 34.20 8.21 -45.78
CA LYS M 127 34.17 7.83 -47.19
C LYS M 127 32.86 8.34 -47.76
N GLY M 128 32.95 9.28 -48.70
CA GLY M 128 31.76 9.82 -49.32
C GLY M 128 31.67 9.42 -50.78
N ARG M 129 30.46 9.48 -51.34
CA ARG M 129 30.25 9.09 -52.73
C ARG M 129 29.02 9.83 -53.23
N ASP M 130 28.74 9.66 -54.53
CA ASP M 130 27.55 10.14 -55.22
C ASP M 130 27.41 11.67 -55.19
N PHE M 131 28.49 12.40 -54.93
CA PHE M 131 28.46 13.85 -54.99
C PHE M 131 28.51 14.28 -56.45
N LYS M 132 27.51 15.05 -56.88
CA LYS M 132 27.53 15.60 -58.22
C LYS M 132 28.56 16.72 -58.32
N GLU M 133 29.19 16.80 -59.48
CA GLU M 133 30.17 17.86 -59.73
C GLU M 133 29.46 19.19 -59.96
N LYS M 134 30.17 20.26 -59.61
CA LYS M 134 29.65 21.64 -59.60
C LYS M 134 28.38 21.75 -58.77
N GLY M 135 28.36 21.06 -57.64
CA GLY M 135 27.28 21.17 -56.67
C GLY M 135 27.62 22.20 -55.62
N ASN M 136 26.86 22.16 -54.52
CA ASN M 136 27.17 23.05 -53.42
C ASN M 136 28.41 22.60 -52.67
N ILE M 137 28.54 21.31 -52.41
CA ILE M 137 29.66 20.81 -51.60
C ILE M 137 30.95 20.80 -52.41
N LEU M 138 30.95 20.13 -53.57
CA LEU M 138 32.18 20.08 -54.35
C LEU M 138 32.52 21.39 -55.02
N GLY M 139 31.53 22.27 -55.21
CA GLY M 139 31.79 23.58 -55.76
C GLY M 139 32.18 24.63 -54.76
N HIS M 140 32.27 24.26 -53.48
CA HIS M 140 32.56 25.16 -52.35
C HIS M 140 31.60 26.34 -52.30
N LYS M 141 30.33 26.06 -52.54
CA LYS M 141 29.29 27.09 -52.51
C LYS M 141 28.70 27.28 -51.13
N LEU M 142 29.28 26.68 -50.10
CA LEU M 142 28.79 26.84 -48.75
C LEU M 142 29.47 28.02 -48.08
N ARG M 143 28.72 28.75 -47.26
CA ARG M 143 29.31 29.82 -46.50
C ARG M 143 30.10 29.25 -45.33
N TYR M 144 31.01 30.07 -44.80
CA TYR M 144 31.80 29.69 -43.64
C TYR M 144 31.15 30.27 -42.39
N ASN M 145 30.02 29.68 -42.02
CA ASN M 145 29.32 30.04 -40.81
C ASN M 145 29.38 28.89 -39.82
N GLY M 146 28.84 29.12 -38.63
CA GLY M 146 28.78 28.10 -37.61
C GLY M 146 27.68 27.10 -37.86
N ILE M 147 27.24 26.45 -36.79
CA ILE M 147 26.34 25.30 -36.88
C ILE M 147 25.73 25.07 -35.50
N SER M 148 24.42 24.80 -35.48
CA SER M 148 23.69 24.59 -34.23
C SER M 148 22.34 23.95 -34.46
N ASP M 149 22.07 22.83 -33.81
CA ASP M 149 20.73 22.26 -33.72
C ASP M 149 20.70 21.32 -32.52
N LYS M 150 19.64 20.53 -32.38
CA LYS M 150 19.47 19.58 -31.30
C LYS M 150 19.78 18.19 -31.81
N VAL M 151 20.21 17.31 -30.91
CA VAL M 151 20.59 15.94 -31.26
C VAL M 151 19.63 15.02 -30.50
N TYR M 152 18.57 14.57 -31.16
CA TYR M 152 17.53 13.77 -30.49
C TYR M 152 18.04 12.36 -30.25
N ILE M 153 18.42 12.06 -29.02
CA ILE M 153 19.03 10.79 -28.65
C ILE M 153 17.96 9.86 -28.08
N THR M 154 17.88 8.65 -28.64
CA THR M 154 16.99 7.62 -28.13
C THR M 154 17.78 6.34 -27.91
N ALA M 155 17.25 5.47 -27.05
CA ALA M 155 17.98 4.29 -26.63
C ALA M 155 17.70 3.11 -27.53
N ASP M 156 18.66 2.20 -27.59
CA ASP M 156 18.56 0.98 -28.41
C ASP M 156 19.03 -0.20 -27.57
N LYS M 157 18.08 -1.03 -27.12
CA LYS M 157 18.39 -2.09 -26.18
C LYS M 157 19.15 -3.24 -26.83
N ARG M 158 18.95 -3.44 -28.13
CA ARG M 158 19.47 -4.64 -28.80
C ARG M 158 20.98 -4.61 -28.93
N LYS M 159 21.53 -3.52 -29.47
CA LYS M 159 22.97 -3.41 -29.66
C LYS M 159 23.68 -2.87 -28.44
N ASN M 160 22.98 -2.70 -27.32
CA ASN M 160 23.51 -2.20 -26.04
C ASN M 160 24.13 -0.81 -26.23
N GLY M 161 23.48 0.01 -27.06
CA GLY M 161 23.98 1.34 -27.35
C GLY M 161 22.84 2.32 -27.51
N ILE M 162 23.10 3.44 -28.17
CA ILE M 162 22.06 4.43 -28.44
C ILE M 162 22.03 4.69 -29.94
N LYS M 163 21.07 5.49 -30.36
CA LYS M 163 21.00 5.99 -31.71
C LYS M 163 20.40 7.38 -31.66
N ALA M 164 20.97 8.28 -32.46
CA ALA M 164 20.48 9.65 -32.51
C ALA M 164 20.14 9.98 -33.95
N LYS M 165 19.43 11.08 -34.13
CA LYS M 165 18.77 11.35 -35.40
C LYS M 165 18.47 12.84 -35.43
N PHE M 166 19.10 13.57 -36.34
CA PHE M 166 18.91 15.01 -36.39
C PHE M 166 19.25 15.49 -37.78
N LYS M 167 18.98 16.77 -38.02
CA LYS M 167 19.26 17.37 -39.31
C LYS M 167 19.90 18.73 -39.10
N ILE M 168 20.67 19.15 -40.09
CA ILE M 168 21.55 20.31 -39.97
C ILE M 168 21.30 21.23 -41.16
N ARG M 169 21.17 22.53 -40.90
CA ARG M 169 20.91 23.51 -41.93
C ARG M 169 22.18 24.32 -42.16
N HIS M 170 22.80 24.12 -43.33
CA HIS M 170 23.99 24.85 -43.73
C HIS M 170 23.59 26.03 -44.60
N ASN M 171 24.28 27.16 -44.44
CA ASN M 171 23.99 28.37 -45.20
C ASN M 171 24.77 28.38 -46.49
N VAL M 172 24.13 28.84 -47.55
CA VAL M 172 24.70 28.86 -48.89
C VAL M 172 24.99 30.31 -49.26
N LYS M 173 26.01 30.52 -50.11
CA LYS M 173 26.36 31.85 -50.58
C LYS M 173 25.26 32.49 -51.43
N ASP M 174 24.40 31.70 -52.06
CA ASP M 174 23.33 32.21 -52.90
C ASP M 174 22.07 32.53 -52.11
N GLY M 175 22.12 32.47 -50.78
CA GLY M 175 20.97 32.74 -49.95
C GLY M 175 20.08 31.56 -49.64
N SER M 176 20.36 30.40 -50.23
CA SER M 176 19.54 29.21 -49.98
C SER M 176 20.07 28.47 -48.76
N VAL M 177 19.50 27.29 -48.47
CA VAL M 177 19.89 26.48 -47.33
C VAL M 177 20.18 25.06 -47.81
N GLN M 178 21.38 24.57 -47.51
CA GLN M 178 21.76 23.20 -47.80
C GLN M 178 21.54 22.35 -46.56
N LEU M 179 20.75 21.29 -46.69
CA LEU M 179 20.39 20.49 -45.54
C LEU M 179 21.31 19.28 -45.42
N ALA M 180 21.26 18.63 -44.26
CA ALA M 180 22.13 17.49 -43.97
C ALA M 180 21.44 16.62 -42.92
N ASP M 181 20.91 15.48 -43.35
CA ASP M 181 20.26 14.57 -42.41
C ASP M 181 21.28 13.66 -41.77
N HIS M 182 21.29 13.61 -40.45
CA HIS M 182 22.25 12.82 -39.69
C HIS M 182 21.55 11.68 -38.98
N TYR M 183 22.03 10.45 -39.22
CA TYR M 183 21.53 9.25 -38.57
C TYR M 183 22.73 8.57 -37.94
N GLN M 184 22.81 8.52 -36.62
CA GLN M 184 24.00 7.95 -36.02
C GLN M 184 23.66 6.79 -35.09
N GLN M 185 24.69 5.99 -34.83
CA GLN M 185 24.62 4.82 -33.95
C GLN M 185 25.86 4.80 -33.09
N ASN M 186 25.68 4.62 -31.79
CA ASN M 186 26.79 4.42 -30.87
C ASN M 186 26.74 3.01 -30.32
N THR M 187 27.91 2.42 -30.13
CA THR M 187 28.04 1.07 -29.66
C THR M 187 29.33 1.04 -28.87
N PRO M 188 29.32 0.56 -27.62
CA PRO M 188 30.56 0.51 -26.85
C PRO M 188 31.50 -0.55 -27.37
N ILE M 189 32.79 -0.35 -27.11
CA ILE M 189 33.79 -1.32 -27.51
C ILE M 189 33.68 -2.58 -26.66
N GLY M 190 33.28 -2.43 -25.40
CA GLY M 190 32.97 -3.58 -24.56
C GLY M 190 33.76 -3.55 -23.27
N ARG M 191 33.29 -4.28 -22.24
CA ARG M 191 32.07 -5.05 -22.27
C ARG M 191 31.35 -4.77 -20.94
N GLY M 192 31.91 -3.84 -20.18
CA GLY M 192 31.32 -3.36 -18.95
C GLY M 192 29.98 -2.71 -19.21
N PRO M 193 28.97 -3.09 -18.42
CA PRO M 193 27.61 -2.58 -18.66
C PRO M 193 27.50 -1.09 -18.42
N VAL M 194 26.75 -0.43 -19.30
CA VAL M 194 26.71 1.03 -19.35
C VAL M 194 25.32 1.52 -19.04
N LEU M 195 25.14 2.84 -19.04
CA LEU M 195 23.85 3.47 -18.79
C LEU M 195 23.09 3.58 -20.10
N LEU M 196 21.84 3.17 -20.09
CA LEU M 196 20.98 3.35 -21.26
C LEU M 196 20.00 4.47 -21.00
N PRO M 197 20.07 5.58 -21.73
CA PRO M 197 19.23 6.74 -21.43
C PRO M 197 17.77 6.56 -21.81
N ARG M 198 16.97 7.60 -21.61
CA ARG M 198 15.56 7.57 -21.97
C ARG M 198 15.21 8.90 -22.63
N ASN M 199 15.44 8.99 -23.95
CA ASN M 199 14.84 9.97 -24.85
C ASN M 199 15.13 11.41 -24.44
N HIS M 200 16.41 11.76 -24.35
CA HIS M 200 16.80 13.14 -24.11
C HIS M 200 17.40 13.71 -25.40
N TYR M 201 17.92 14.93 -25.32
CA TYR M 201 18.57 15.51 -26.49
C TYR M 201 19.71 16.39 -26.03
N LEU M 202 20.47 16.90 -26.99
CA LEU M 202 21.66 17.71 -26.73
C LEU M 202 21.52 19.05 -27.43
N SER M 203 21.31 20.11 -26.64
CA SER M 203 21.34 21.45 -27.19
C SER M 203 22.79 21.82 -27.47
N THR M 204 23.13 22.02 -28.74
CA THR M 204 24.51 22.17 -29.16
C THR M 204 24.68 23.33 -30.12
N ARG M 205 25.76 24.09 -29.95
CA ARG M 205 26.15 25.14 -30.88
C ARG M 205 27.66 25.06 -31.10
N SER M 206 28.09 25.29 -32.33
CA SER M 206 29.51 25.40 -32.63
C SER M 206 29.75 26.69 -33.41
N VAL M 207 30.82 27.39 -33.05
CA VAL M 207 31.20 28.65 -33.65
C VAL M 207 32.52 28.47 -34.36
N LEU M 208 32.58 28.83 -35.63
CA LEU M 208 33.78 28.65 -36.43
C LEU M 208 34.48 29.98 -36.63
N SER M 209 35.81 29.96 -36.56
CA SER M 209 36.62 31.15 -36.78
C SER M 209 37.98 30.70 -37.30
N LYS M 210 38.82 31.68 -37.65
CA LYS M 210 40.13 31.40 -38.18
C LYS M 210 41.22 32.02 -37.33
N ASP M 211 42.45 31.58 -37.58
CA ASP M 211 43.63 32.05 -36.86
C ASP M 211 44.43 32.94 -37.80
N PRO M 212 44.71 34.19 -37.45
CA PRO M 212 45.40 35.07 -38.40
C PRO M 212 46.91 34.90 -38.43
N LYS M 213 47.43 33.82 -37.85
CA LYS M 213 48.85 33.53 -37.83
C LYS M 213 49.21 32.26 -38.58
N GLU M 214 48.28 31.65 -39.30
CA GLU M 214 48.50 30.39 -39.99
C GLU M 214 48.57 30.60 -41.49
N LYS M 215 49.08 29.58 -42.18
CA LYS M 215 49.19 29.58 -43.63
C LYS M 215 48.46 28.42 -44.27
N ARG M 216 48.46 27.25 -43.64
CA ARG M 216 47.75 26.10 -44.15
C ARG M 216 46.24 26.28 -44.00
N ASP M 217 45.49 25.46 -44.75
CA ASP M 217 44.04 25.49 -44.67
C ASP M 217 43.60 24.96 -43.31
N HIS M 218 42.97 25.81 -42.51
CA HIS M 218 42.76 25.50 -41.10
C HIS M 218 41.38 25.98 -40.67
N MET M 219 41.04 25.68 -39.42
CA MET M 219 39.74 26.03 -38.85
C MET M 219 39.87 25.99 -37.34
N VAL M 220 39.35 27.01 -36.66
CA VAL M 220 39.35 27.09 -35.20
C VAL M 220 37.91 26.95 -34.75
N LEU M 221 37.66 26.07 -33.79
CA LEU M 221 36.31 25.69 -33.42
C LEU M 221 36.07 25.93 -31.94
N LEU M 222 34.85 26.36 -31.61
CA LEU M 222 34.41 26.61 -30.24
C LEU M 222 33.00 26.06 -30.09
N GLU M 223 32.84 24.99 -29.32
CA GLU M 223 31.60 24.26 -29.24
C GLU M 223 31.05 24.30 -27.82
N PHE M 224 29.73 24.43 -27.71
CA PHE M 224 29.00 24.44 -26.45
C PHE M 224 27.96 23.34 -26.48
N VAL M 225 28.01 22.44 -25.50
CA VAL M 225 27.12 21.28 -25.46
C VAL M 225 26.41 21.25 -24.12
N THR M 226 25.09 21.06 -24.13
CA THR M 226 24.33 20.82 -22.92
C THR M 226 23.13 19.94 -23.27
N ALA M 227 22.45 19.44 -22.24
CA ALA M 227 21.34 18.53 -22.45
C ALA M 227 20.06 19.03 -21.79
N ALA M 228 18.95 18.43 -22.19
CA ALA M 228 17.62 18.75 -21.69
C ALA M 228 16.71 17.58 -22.04
N GLY M 229 15.41 17.78 -21.90
CA GLY M 229 14.43 16.82 -22.37
C GLY M 229 13.86 15.90 -21.33
N ILE M 230 14.38 15.91 -20.10
CA ILE M 230 13.88 15.07 -19.02
C ILE M 230 13.49 15.98 -17.86
N LYS M 231 12.27 15.77 -17.33
CA LYS M 231 11.64 16.66 -16.37
C LYS M 231 11.75 16.15 -14.94
N HIS M 232 12.91 15.61 -14.56
CA HIS M 232 13.10 15.14 -13.19
C HIS M 232 13.07 16.31 -12.20
N GLY M 233 13.96 17.28 -12.37
CA GLY M 233 14.00 18.44 -11.50
C GLY M 233 14.61 18.18 -10.14
N SER N 2 19.28 -39.91 -21.80
CA SER N 2 19.03 -39.78 -23.24
C SER N 2 19.19 -38.33 -23.68
N LYS N 3 19.02 -37.42 -22.74
CA LYS N 3 19.14 -36.00 -23.04
C LYS N 3 20.60 -35.62 -23.24
N GLY N 4 20.85 -34.75 -24.22
CA GLY N 4 22.19 -34.24 -24.47
C GLY N 4 22.51 -32.93 -23.81
N GLU N 5 21.58 -32.40 -22.99
CA GLU N 5 21.79 -31.11 -22.34
C GLU N 5 22.90 -31.18 -21.30
N GLU N 6 23.02 -32.31 -20.60
CA GLU N 6 24.01 -32.42 -19.54
C GLU N 6 25.42 -32.68 -20.05
N LEU N 7 25.59 -32.94 -21.34
CA LEU N 7 26.92 -33.13 -21.91
C LEU N 7 27.71 -31.84 -22.03
N PHE N 8 27.08 -30.68 -21.80
CA PHE N 8 27.74 -29.39 -21.94
C PHE N 8 27.85 -28.67 -20.61
N THR N 9 28.23 -29.40 -19.56
CA THR N 9 28.45 -28.83 -18.24
C THR N 9 29.94 -28.60 -18.05
N GLY N 10 30.31 -27.38 -17.75
CA GLY N 10 31.70 -27.04 -17.44
C GLY N 10 32.45 -26.61 -18.69
N VAL N 11 33.47 -27.38 -19.06
CA VAL N 11 34.42 -27.01 -20.10
C VAL N 11 34.57 -28.19 -21.04
N VAL N 12 34.31 -27.98 -22.32
CA VAL N 12 34.29 -29.03 -23.33
C VAL N 12 35.41 -28.76 -24.33
N PRO N 13 36.24 -29.75 -24.66
CA PRO N 13 37.25 -29.55 -25.71
C PRO N 13 36.60 -29.44 -27.08
N ILE N 14 37.17 -28.57 -27.91
CA ILE N 14 36.65 -28.25 -29.24
C ILE N 14 37.73 -28.52 -30.27
N LEU N 15 37.34 -29.02 -31.44
CA LEU N 15 38.24 -29.18 -32.58
C LEU N 15 37.52 -28.75 -33.84
N VAL N 16 38.13 -27.85 -34.60
CA VAL N 16 37.53 -27.27 -35.80
C VAL N 16 38.46 -27.57 -36.98
N GLU N 17 37.89 -28.04 -38.09
CA GLU N 17 38.66 -28.34 -39.29
C GLU N 17 37.93 -27.83 -40.52
N LEU N 18 38.67 -27.27 -41.47
CA LEU N 18 38.07 -26.70 -42.67
C LEU N 18 38.88 -27.10 -43.90
N ASP N 19 38.18 -27.26 -45.02
CA ASP N 19 38.79 -27.49 -46.33
C ASP N 19 38.20 -26.48 -47.30
N GLY N 20 38.98 -25.49 -47.69
CA GLY N 20 38.47 -24.42 -48.51
C GLY N 20 38.84 -24.50 -49.98
N ASP N 21 38.03 -23.85 -50.82
CA ASP N 21 38.26 -23.80 -52.26
C ASP N 21 37.67 -22.48 -52.75
N VAL N 22 38.51 -21.46 -52.86
CA VAL N 22 38.05 -20.12 -53.21
C VAL N 22 38.75 -19.74 -54.51
N ASN N 23 38.00 -19.79 -55.62
CA ASN N 23 38.50 -19.55 -56.99
C ASN N 23 39.68 -20.46 -57.33
N GLY N 24 39.63 -21.70 -56.85
CA GLY N 24 40.70 -22.64 -57.08
C GLY N 24 41.80 -22.63 -56.02
N HIS N 25 41.89 -21.58 -55.21
CA HIS N 25 42.87 -21.53 -54.14
C HIS N 25 42.44 -22.48 -53.03
N LYS N 26 43.33 -23.42 -52.68
CA LYS N 26 43.02 -24.44 -51.70
C LYS N 26 43.76 -24.16 -50.40
N PHE N 27 43.04 -24.28 -49.30
CA PHE N 27 43.63 -24.00 -47.99
C PHE N 27 42.96 -24.87 -46.94
N SER N 28 43.43 -24.75 -45.71
CA SER N 28 42.90 -25.51 -44.58
C SER N 28 43.15 -24.73 -43.31
N VAL N 29 42.14 -24.69 -42.45
CA VAL N 29 42.20 -24.00 -41.17
C VAL N 29 41.90 -25.00 -40.07
N ARG N 30 42.73 -25.01 -39.03
CA ARG N 30 42.55 -25.90 -37.90
C ARG N 30 42.44 -25.09 -36.62
N GLY N 31 41.45 -25.42 -35.80
CA GLY N 31 41.21 -24.67 -34.58
C GLY N 31 41.00 -25.57 -33.38
N GLU N 32 41.50 -25.12 -32.23
CA GLU N 32 41.40 -25.86 -30.99
C GLU N 32 41.14 -24.87 -29.85
N GLY N 33 40.44 -25.34 -28.83
CA GLY N 33 40.12 -24.50 -27.70
C GLY N 33 39.22 -25.15 -26.69
N GLU N 34 38.32 -24.38 -26.08
CA GLU N 34 37.42 -24.90 -25.06
C GLU N 34 36.20 -24.01 -24.97
N GLY N 35 35.09 -24.58 -24.51
CA GLY N 35 33.83 -23.87 -24.47
C GLY N 35 33.08 -24.08 -23.17
N ASP N 36 32.40 -23.03 -22.73
CA ASP N 36 31.69 -23.02 -21.45
C ASP N 36 30.23 -22.69 -21.73
N ALA N 37 29.39 -23.71 -21.86
CA ALA N 37 28.02 -23.49 -22.30
C ALA N 37 27.10 -23.00 -21.20
N ASP N 38 27.61 -22.77 -19.98
CA ASP N 38 26.76 -22.23 -18.92
C ASP N 38 26.78 -20.71 -18.90
N ASN N 39 27.79 -20.09 -19.49
CA ASN N 39 27.85 -18.65 -19.61
C ASN N 39 27.83 -18.19 -21.07
N GLY N 40 27.87 -19.12 -22.01
CA GLY N 40 28.11 -18.78 -23.39
C GLY N 40 29.55 -18.50 -23.72
N LYS N 41 30.44 -18.63 -22.74
CA LYS N 41 31.84 -18.27 -22.90
C LYS N 41 32.53 -19.30 -23.79
N LEU N 42 33.34 -18.80 -24.70
CA LEU N 42 33.93 -19.60 -25.76
C LEU N 42 35.29 -19.01 -26.09
N ASP N 43 36.28 -19.87 -26.27
CA ASP N 43 37.65 -19.40 -26.48
C ASP N 43 38.43 -20.46 -27.23
N LEU N 44 39.00 -20.08 -28.38
CA LEU N 44 39.68 -21.04 -29.24
C LEU N 44 40.61 -20.28 -30.17
N LYS N 45 41.48 -21.02 -30.85
CA LYS N 45 42.58 -20.44 -31.61
C LYS N 45 42.79 -21.18 -32.91
N PHE N 46 42.89 -20.46 -34.01
CA PHE N 46 42.98 -21.02 -35.35
C PHE N 46 44.37 -20.81 -35.92
N ILE N 47 44.80 -21.73 -36.78
CA ILE N 47 46.02 -21.57 -37.58
C ILE N 47 45.69 -21.98 -39.00
N CYS N 48 46.46 -21.46 -39.95
CA CYS N 48 46.29 -21.80 -41.36
C CYS N 48 47.45 -22.70 -41.76
N THR N 49 47.17 -23.99 -41.92
CA THR N 49 48.22 -24.98 -42.07
C THR N 49 48.77 -25.09 -43.49
N THR N 50 48.28 -24.29 -44.43
CA THR N 50 48.81 -24.29 -45.78
C THR N 50 49.41 -22.95 -46.15
N GLY N 51 50.04 -22.27 -45.19
CA GLY N 51 50.74 -21.02 -45.48
C GLY N 51 49.87 -19.79 -45.26
N LYS N 52 49.42 -19.21 -46.37
CA LYS N 52 48.66 -17.97 -46.35
C LYS N 52 47.17 -18.24 -46.49
N LEU N 53 46.36 -17.21 -46.26
CA LEU N 53 44.92 -17.36 -46.35
C LEU N 53 44.38 -16.46 -47.46
N PRO N 54 43.62 -17.00 -48.41
CA PRO N 54 43.10 -16.17 -49.51
C PRO N 54 42.05 -15.17 -49.08
N VAL N 55 41.07 -15.58 -48.30
CA VAL N 55 39.98 -14.71 -47.86
C VAL N 55 40.39 -14.05 -46.55
N PRO N 56 39.76 -12.95 -46.15
CA PRO N 56 40.08 -12.37 -44.85
C PRO N 56 39.56 -13.23 -43.71
N TRP N 57 40.16 -13.02 -42.54
CA TRP N 57 39.71 -13.75 -41.36
C TRP N 57 38.30 -13.42 -40.86
N PRO N 58 37.77 -12.19 -40.90
CA PRO N 58 36.38 -12.01 -40.45
C PRO N 58 35.33 -12.61 -41.35
N THR N 59 35.66 -13.00 -42.60
CA THR N 59 34.67 -13.70 -43.39
C THR N 59 34.48 -15.14 -42.92
N LEU N 60 35.48 -15.72 -42.27
CA LEU N 60 35.41 -17.09 -41.81
C LEU N 60 35.01 -17.19 -40.35
N VAL N 61 34.61 -16.09 -39.73
CA VAL N 61 34.15 -16.19 -38.34
C VAL N 61 32.74 -16.78 -38.30
N THR N 62 31.90 -16.43 -39.29
CA THR N 62 30.55 -16.97 -39.32
C THR N 62 30.51 -18.43 -39.78
N THR N 63 31.63 -19.00 -40.19
CA THR N 63 31.70 -20.38 -40.63
C THR N 63 32.47 -21.27 -39.66
N LEU N 64 33.52 -20.75 -39.01
CA LEU N 64 34.31 -21.60 -38.14
C LEU N 64 33.68 -21.77 -36.76
N THR N 65 33.70 -20.74 -35.93
CA THR N 65 33.07 -20.86 -34.62
C THR N 65 31.72 -20.17 -34.61
N TYR N 66 30.89 -20.52 -35.55
CA TYR N 66 29.55 -19.99 -35.57
C TYR N 66 28.60 -21.02 -36.10
N GLY N 67 29.12 -22.17 -36.50
CA GLY N 67 28.35 -23.37 -36.70
C GLY N 67 28.31 -24.23 -35.46
N VAL N 68 29.23 -24.03 -34.53
CA VAL N 68 29.11 -24.65 -33.23
C VAL N 68 28.30 -23.69 -32.36
N GLN N 69 26.99 -23.73 -32.52
CA GLN N 69 26.08 -22.88 -31.78
C GLN N 69 25.52 -23.59 -30.57
N CYS N 70 25.97 -24.82 -30.31
CA CYS N 70 25.57 -25.58 -29.15
C CYS N 70 26.10 -25.01 -27.85
N PHE N 71 27.06 -24.09 -27.90
CA PHE N 71 27.59 -23.42 -26.73
C PHE N 71 26.85 -22.13 -26.41
N SER N 72 25.57 -22.06 -26.76
CA SER N 72 24.76 -20.88 -26.52
C SER N 72 24.12 -20.97 -25.15
N ARG N 73 24.19 -19.87 -24.41
CA ARG N 73 23.70 -19.83 -23.03
C ARG N 73 22.19 -19.66 -23.08
N TYR N 74 21.46 -20.79 -23.03
CA TYR N 74 20.04 -20.47 -22.98
C TYR N 74 19.60 -20.25 -21.53
N PRO N 75 18.73 -19.29 -21.30
CA PRO N 75 18.18 -19.08 -19.95
C PRO N 75 17.27 -20.23 -19.55
N ASP N 76 16.96 -20.27 -18.25
CA ASP N 76 16.29 -21.42 -17.67
C ASP N 76 14.86 -21.58 -18.16
N HIS N 77 14.21 -20.50 -18.61
CA HIS N 77 12.87 -20.59 -19.16
C HIS N 77 12.84 -21.01 -20.62
N MET N 78 13.98 -21.41 -21.20
CA MET N 78 13.99 -21.88 -22.58
C MET N 78 14.90 -23.06 -22.79
N LYS N 79 15.17 -23.86 -21.75
CA LYS N 79 16.11 -24.97 -21.89
C LYS N 79 15.55 -26.10 -22.72
N GLU N 80 14.24 -26.12 -22.96
CA GLU N 80 13.60 -27.16 -23.76
C GLU N 80 13.42 -26.75 -25.22
N HIS N 81 13.77 -25.51 -25.56
CA HIS N 81 13.65 -24.98 -26.92
C HIS N 81 15.00 -24.93 -27.59
N ASP N 82 15.81 -25.96 -27.37
CA ASP N 82 17.22 -25.96 -27.73
C ASP N 82 17.46 -27.07 -28.75
N PHE N 83 17.54 -26.71 -30.02
CA PHE N 83 17.81 -27.71 -31.04
C PHE N 83 19.24 -28.21 -30.99
N PHE N 84 20.17 -27.37 -30.55
CA PHE N 84 21.57 -27.69 -30.78
C PHE N 84 22.13 -28.62 -29.73
N LYS N 85 21.82 -28.38 -28.45
CA LYS N 85 22.30 -29.28 -27.41
C LYS N 85 21.54 -30.60 -27.43
N SER N 86 20.29 -30.59 -27.90
CA SER N 86 19.47 -31.79 -27.85
C SER N 86 19.73 -32.75 -28.99
N ALA N 87 20.41 -32.31 -30.05
CA ALA N 87 20.74 -33.20 -31.15
C ALA N 87 22.04 -33.96 -30.93
N MET N 88 22.60 -33.88 -29.76
CA MET N 88 23.85 -34.44 -29.27
C MET N 88 23.59 -35.70 -28.46
N PRO N 89 24.53 -36.66 -28.42
CA PRO N 89 25.84 -36.76 -29.05
C PRO N 89 25.83 -37.30 -30.47
N GLU N 90 24.67 -37.32 -31.12
CA GLU N 90 24.65 -37.76 -32.51
C GLU N 90 25.12 -36.66 -33.46
N GLY N 91 24.69 -35.43 -33.21
CA GLY N 91 25.14 -34.30 -33.98
C GLY N 91 24.15 -33.85 -35.03
N TYR N 92 24.59 -32.90 -35.87
CA TYR N 92 23.73 -32.36 -36.90
C TYR N 92 24.57 -31.93 -38.10
N VAL N 93 23.87 -31.58 -39.18
CA VAL N 93 24.47 -31.14 -40.44
C VAL N 93 24.04 -29.72 -40.68
N GLN N 94 24.98 -28.84 -41.01
CA GLN N 94 24.72 -27.42 -41.19
C GLN N 94 25.23 -26.96 -42.55
N GLU N 95 24.30 -26.57 -43.43
CA GLU N 95 24.61 -26.15 -44.79
C GLU N 95 24.19 -24.70 -44.98
N ARG N 96 25.07 -23.90 -45.59
CA ARG N 96 24.77 -22.48 -45.76
C ARG N 96 24.91 -22.07 -47.22
N THR N 97 24.59 -20.79 -47.46
CA THR N 97 24.86 -20.11 -48.71
C THR N 97 25.06 -18.65 -48.34
N ILE N 98 26.31 -18.24 -48.22
CA ILE N 98 26.66 -16.91 -47.73
C ILE N 98 26.79 -15.98 -48.93
N SER N 99 25.85 -15.06 -49.08
CA SER N 99 25.78 -14.21 -50.26
C SER N 99 26.42 -12.86 -49.96
N PHE N 100 27.56 -12.60 -50.59
CA PHE N 100 28.25 -11.33 -50.45
C PHE N 100 27.65 -10.29 -51.38
N LYS N 101 27.52 -9.07 -50.88
CA LYS N 101 26.92 -8.00 -51.65
C LYS N 101 27.88 -7.55 -52.74
N ASP N 102 27.38 -7.47 -53.98
CA ASP N 102 28.11 -7.06 -55.18
C ASP N 102 29.31 -7.96 -55.46
N ASP N 103 29.24 -9.22 -55.04
CA ASP N 103 30.38 -10.11 -55.17
C ASP N 103 29.82 -11.54 -55.22
N GLY N 104 30.68 -12.55 -55.09
CA GLY N 104 30.26 -13.93 -55.21
C GLY N 104 29.66 -14.51 -53.94
N THR N 105 29.94 -15.78 -53.66
CA THR N 105 29.26 -16.45 -52.57
C THR N 105 30.09 -17.60 -52.02
N TYR N 106 29.70 -18.06 -50.84
CA TYR N 106 30.24 -19.24 -50.17
C TYR N 106 29.21 -20.37 -50.21
N LYS N 107 29.71 -21.60 -50.13
CA LYS N 107 28.88 -22.79 -50.01
C LYS N 107 29.53 -23.71 -48.98
N THR N 108 29.00 -23.74 -47.78
CA THR N 108 29.57 -24.52 -46.69
C THR N 108 28.71 -25.73 -46.38
N ARG N 109 29.32 -26.71 -45.74
CA ARG N 109 28.58 -27.88 -45.25
C ARG N 109 29.38 -28.47 -44.09
N ALA N 110 28.86 -28.32 -42.88
CA ALA N 110 29.54 -28.77 -41.68
C ALA N 110 28.77 -29.90 -41.02
N GLU N 111 29.48 -30.74 -40.28
CA GLU N 111 28.89 -31.85 -39.55
C GLU N 111 29.41 -31.80 -38.12
N VAL N 112 28.74 -31.03 -37.28
CA VAL N 112 29.11 -30.90 -35.88
C VAL N 112 28.66 -32.15 -35.15
N LYS N 113 29.58 -32.78 -34.39
CA LYS N 113 29.24 -33.94 -33.59
C LYS N 113 30.30 -34.15 -32.52
N PHE N 114 30.06 -35.12 -31.65
CA PHE N 114 31.07 -35.60 -30.71
C PHE N 114 31.90 -36.70 -31.34
N GLU N 115 33.20 -36.66 -31.07
CA GLU N 115 34.14 -37.74 -31.37
C GLU N 115 34.85 -38.08 -30.06
N GLY N 116 34.25 -38.98 -29.29
CA GLY N 116 34.77 -39.32 -27.99
C GLY N 116 34.30 -38.34 -26.93
N ASP N 117 35.17 -37.41 -26.55
CA ASP N 117 34.83 -36.38 -25.58
C ASP N 117 34.84 -34.99 -26.18
N THR N 118 35.57 -34.78 -27.27
CA THR N 118 35.67 -33.45 -27.86
C THR N 118 34.59 -33.24 -28.91
N LEU N 119 34.27 -31.97 -29.14
CA LEU N 119 33.16 -31.56 -30.00
C LEU N 119 33.75 -31.09 -31.33
N VAL N 120 33.55 -31.88 -32.37
CA VAL N 120 34.33 -31.75 -33.59
C VAL N 120 33.47 -31.10 -34.68
N ASN N 121 33.94 -29.96 -35.18
CA ASN N 121 33.34 -29.28 -36.32
C ASN N 121 34.18 -29.60 -37.55
N ARG N 122 33.55 -30.11 -38.60
CA ARG N 122 34.25 -30.45 -39.84
C ARG N 122 33.57 -29.76 -41.00
N ILE N 123 34.14 -28.64 -41.44
CA ILE N 123 33.55 -27.79 -42.47
C ILE N 123 34.22 -28.12 -43.79
N GLU N 124 33.44 -28.15 -44.86
CA GLU N 124 33.96 -28.20 -46.23
C GLU N 124 33.39 -27.01 -46.99
N LEU N 125 34.23 -26.00 -47.23
CA LEU N 125 33.80 -24.74 -47.81
C LEU N 125 34.18 -24.67 -49.27
N LYS N 126 33.30 -24.07 -50.08
CA LYS N 126 33.57 -23.82 -51.49
C LYS N 126 33.03 -22.43 -51.84
N GLY N 127 33.86 -21.62 -52.47
CA GLY N 127 33.44 -20.28 -52.86
C GLY N 127 33.86 -19.91 -54.26
N ILE N 128 32.91 -19.46 -55.08
CA ILE N 128 33.18 -19.13 -56.48
C ILE N 128 32.66 -17.71 -56.76
N ASP N 129 32.88 -17.27 -58.00
CA ASP N 129 32.31 -16.05 -58.59
C ASP N 129 32.76 -14.78 -57.88
N PHE N 130 33.92 -14.81 -57.24
CA PHE N 130 34.43 -13.62 -56.59
C PHE N 130 35.04 -12.66 -57.59
N LYS N 131 35.25 -11.43 -57.13
CA LYS N 131 35.73 -10.34 -57.94
C LYS N 131 37.15 -9.99 -57.54
N GLU N 132 38.04 -9.91 -58.53
CA GLU N 132 39.40 -9.46 -58.26
C GLU N 132 39.39 -7.97 -57.89
N ASP N 133 40.29 -7.62 -56.97
CA ASP N 133 40.36 -6.30 -56.34
C ASP N 133 39.03 -5.91 -55.69
N GLY N 134 38.35 -6.89 -55.09
CA GLY N 134 37.15 -6.64 -54.33
C GLY N 134 37.47 -6.42 -52.87
N ASN N 135 36.42 -6.42 -52.05
CA ASN N 135 36.62 -6.26 -50.62
C ASN N 135 37.14 -7.54 -49.97
N ILE N 136 36.92 -8.70 -50.59
CA ILE N 136 37.31 -9.97 -50.00
C ILE N 136 38.71 -10.34 -50.47
N LEU N 137 38.88 -10.54 -51.78
CA LEU N 137 40.17 -11.01 -52.27
C LEU N 137 41.23 -9.91 -52.28
N GLY N 138 40.86 -8.66 -52.08
CA GLY N 138 41.82 -7.60 -51.94
C GLY N 138 42.27 -7.33 -50.53
N HIS N 139 41.72 -8.06 -49.56
CA HIS N 139 42.01 -7.93 -48.13
C HIS N 139 41.78 -6.50 -47.64
N LYS N 140 40.56 -6.03 -47.85
CA LYS N 140 40.17 -4.67 -47.52
C LYS N 140 39.20 -4.61 -46.35
N LEU N 141 39.13 -5.65 -45.54
CA LEU N 141 38.23 -5.70 -44.40
C LEU N 141 39.00 -5.50 -43.11
N GLU N 142 38.41 -4.78 -42.16
CA GLU N 142 39.05 -4.58 -40.88
C GLU N 142 39.01 -5.85 -40.06
N TYR N 143 39.88 -5.91 -39.06
CA TYR N 143 40.01 -7.10 -38.23
C TYR N 143 39.14 -6.94 -36.99
N ASN N 144 37.83 -6.92 -37.23
CA ASN N 144 36.85 -6.90 -36.16
C ASN N 144 35.55 -7.49 -36.65
N PHE N 145 34.72 -7.88 -35.69
CA PHE N 145 33.43 -8.50 -35.98
C PHE N 145 32.41 -7.90 -35.02
N ASN N 146 31.24 -7.56 -35.52
CA ASN N 146 30.28 -6.77 -34.75
C ASN N 146 29.38 -7.67 -33.91
N SER N 147 28.35 -7.08 -33.31
CA SER N 147 27.39 -7.79 -32.48
C SER N 147 26.10 -7.94 -33.27
N HIS N 148 25.60 -9.16 -33.41
CA HIS N 148 24.57 -9.49 -34.38
C HIS N 148 23.46 -10.29 -33.72
N GLU N 149 22.41 -10.58 -34.48
CA GLU N 149 21.29 -11.38 -34.01
C GLU N 149 20.87 -12.38 -35.07
N VAL N 150 20.52 -13.58 -34.64
CA VAL N 150 20.21 -14.70 -35.52
C VAL N 150 18.80 -15.17 -35.22
N TYR N 151 17.89 -15.02 -36.17
CA TYR N 151 16.49 -15.40 -35.97
C TYR N 151 16.30 -16.84 -36.41
N ILE N 152 16.23 -17.74 -35.44
CA ILE N 152 16.07 -19.18 -35.65
C ILE N 152 14.59 -19.52 -35.61
N THR N 153 14.11 -20.20 -36.64
CA THR N 153 12.72 -20.62 -36.73
C THR N 153 12.65 -22.09 -37.11
N ALA N 154 11.47 -22.68 -36.92
CA ALA N 154 11.28 -24.09 -37.20
C ALA N 154 11.07 -24.33 -38.69
N ASP N 155 11.47 -25.51 -39.14
CA ASP N 155 11.33 -25.92 -40.53
C ASP N 155 10.82 -27.36 -40.59
N ASP N 156 9.68 -27.59 -39.91
CA ASP N 156 9.01 -28.87 -39.63
C ASP N 156 9.06 -29.90 -40.74
N GLU N 157 8.81 -29.45 -41.97
CA GLU N 157 8.66 -30.28 -43.16
C GLU N 157 9.97 -30.85 -43.68
N LYS N 158 11.08 -30.67 -42.98
CA LYS N 158 12.30 -31.41 -43.29
C LYS N 158 13.01 -31.91 -42.03
N ASN N 159 12.37 -31.81 -40.86
CA ASN N 159 12.92 -32.20 -39.56
C ASN N 159 14.22 -31.44 -39.28
N GLY N 160 14.09 -30.13 -39.14
CA GLY N 160 15.23 -29.30 -38.85
C GLY N 160 14.80 -27.86 -38.67
N ILE N 161 15.79 -26.99 -38.51
CA ILE N 161 15.52 -25.56 -38.37
C ILE N 161 16.25 -24.80 -39.48
N LYS N 162 16.10 -23.47 -39.47
CA LYS N 162 16.76 -22.61 -40.43
C LYS N 162 16.90 -21.24 -39.80
N ALA N 163 17.72 -20.40 -40.42
CA ALA N 163 17.95 -19.05 -39.90
C ALA N 163 18.39 -18.15 -41.04
N GLU N 164 17.95 -16.90 -40.97
CA GLU N 164 18.30 -15.88 -41.95
C GLU N 164 18.72 -14.61 -41.22
N PHE N 165 19.87 -14.07 -41.61
CA PHE N 165 20.43 -12.90 -40.95
C PHE N 165 21.44 -12.26 -41.88
N LYS N 166 21.81 -11.03 -41.55
CA LYS N 166 22.73 -10.24 -42.37
C LYS N 166 23.94 -9.87 -41.54
N ILE N 167 25.13 -10.12 -42.07
CA ILE N 167 26.38 -9.85 -41.40
C ILE N 167 27.01 -8.62 -42.02
N ARG N 168 27.29 -7.61 -41.20
CA ARG N 168 27.86 -6.35 -41.67
C ARG N 168 29.36 -6.34 -41.37
N HIS N 169 30.16 -6.46 -42.42
CA HIS N 169 31.61 -6.41 -42.29
C HIS N 169 32.09 -4.98 -42.44
N ASN N 170 33.15 -4.64 -41.72
CA ASN N 170 33.72 -3.31 -41.79
C ASN N 170 34.82 -3.26 -42.84
N VAL N 171 34.83 -2.19 -43.63
CA VAL N 171 35.78 -2.04 -44.72
C VAL N 171 36.82 -1.02 -44.28
N GLU N 172 38.03 -1.13 -44.86
CA GLU N 172 39.16 -0.28 -44.48
C GLU N 172 38.90 1.22 -44.69
N ASP N 173 38.10 1.57 -45.70
CA ASP N 173 37.93 2.98 -46.02
C ASP N 173 36.76 3.65 -45.31
N GLY N 174 35.84 2.88 -44.73
CA GLY N 174 34.71 3.43 -44.00
C GLY N 174 33.36 2.84 -44.39
N SER N 175 33.26 2.20 -45.55
CA SER N 175 32.01 1.61 -46.01
C SER N 175 31.75 0.30 -45.27
N VAL N 176 30.68 -0.39 -45.65
CA VAL N 176 30.24 -1.62 -44.97
C VAL N 176 30.00 -2.69 -46.02
N GLN N 177 30.63 -3.85 -45.84
CA GLN N 177 30.40 -5.01 -46.70
C GLN N 177 29.31 -5.89 -46.11
N LEU N 178 28.29 -6.20 -46.91
CA LEU N 178 27.15 -6.98 -46.46
C LEU N 178 27.26 -8.44 -46.89
N ALA N 179 26.93 -9.33 -45.96
CA ALA N 179 26.90 -10.77 -46.21
C ALA N 179 25.54 -11.30 -45.79
N ASP N 180 24.89 -12.07 -46.66
CA ASP N 180 23.57 -12.61 -46.40
C ASP N 180 23.68 -14.11 -46.17
N HIS N 181 23.28 -14.55 -44.98
CA HIS N 181 23.39 -15.94 -44.58
C HIS N 181 22.05 -16.65 -44.64
N TYR N 182 22.11 -17.94 -44.96
CA TYR N 182 20.91 -18.78 -45.05
C TYR N 182 21.32 -20.20 -44.69
N GLN N 183 21.12 -20.60 -43.44
CA GLN N 183 21.55 -21.91 -42.98
C GLN N 183 20.37 -22.86 -42.83
N GLN N 184 20.66 -24.16 -42.92
CA GLN N 184 19.66 -25.21 -42.79
C GLN N 184 20.25 -26.32 -41.93
N ASN N 185 19.76 -26.47 -40.71
CA ASN N 185 20.20 -27.53 -39.83
C ASN N 185 19.31 -28.77 -39.97
N THR N 186 19.91 -29.93 -39.71
CA THR N 186 19.26 -31.23 -39.79
C THR N 186 20.06 -32.22 -38.97
N PRO N 187 19.45 -32.92 -38.02
CA PRO N 187 20.21 -33.82 -37.16
C PRO N 187 20.62 -35.09 -37.90
N ILE N 188 21.60 -35.79 -37.32
CA ILE N 188 22.13 -36.99 -37.94
C ILE N 188 21.12 -38.13 -37.87
N GLY N 189 20.76 -38.53 -36.66
CA GLY N 189 19.81 -39.61 -36.49
C GLY N 189 18.51 -39.14 -35.88
N ASP N 190 18.36 -39.37 -34.59
CA ASP N 190 17.19 -38.91 -33.86
C ASP N 190 17.52 -37.54 -33.27
N GLY N 191 16.75 -36.53 -33.64
CA GLY N 191 16.99 -35.19 -33.18
C GLY N 191 16.39 -34.93 -31.81
N PRO N 192 15.86 -33.72 -31.61
CA PRO N 192 15.22 -33.41 -30.34
C PRO N 192 13.84 -34.05 -30.21
N ASP N 193 13.13 -33.71 -29.14
CA ASP N 193 11.75 -34.18 -29.01
C ASP N 193 10.86 -33.51 -30.05
N LEU N 194 10.72 -32.19 -29.96
CA LEU N 194 9.97 -31.43 -30.95
C LEU N 194 10.71 -30.13 -31.23
N LEU N 195 10.51 -29.59 -32.43
CA LEU N 195 11.28 -28.46 -32.89
C LEU N 195 10.89 -27.20 -32.11
N PRO N 196 11.82 -26.30 -31.85
CA PRO N 196 11.55 -25.19 -30.95
C PRO N 196 10.72 -24.09 -31.59
N ASP N 197 10.27 -23.17 -30.74
CA ASP N 197 9.61 -21.96 -31.20
C ASP N 197 10.65 -20.97 -31.73
N GLU N 198 10.18 -19.88 -32.33
CA GLU N 198 11.08 -18.91 -32.90
C GLU N 198 11.70 -18.06 -31.79
N HIS N 199 13.02 -17.97 -31.79
CA HIS N 199 13.79 -17.26 -30.77
C HIS N 199 15.07 -16.77 -31.42
N TYR N 200 15.71 -15.77 -30.80
CA TYR N 200 16.87 -15.17 -31.43
C TYR N 200 18.12 -15.31 -30.58
N LEU N 201 19.21 -15.70 -31.22
CA LEU N 201 20.53 -15.75 -30.58
C LEU N 201 21.19 -14.39 -30.71
N SER N 202 21.90 -13.97 -29.68
CA SER N 202 22.56 -12.67 -29.66
C SER N 202 24.04 -12.87 -29.41
N THR N 203 24.86 -12.52 -30.40
CA THR N 203 26.29 -12.83 -30.36
C THR N 203 27.13 -11.58 -30.15
N GLN N 204 28.28 -11.76 -29.52
CA GLN N 204 29.35 -10.77 -29.43
C GLN N 204 30.67 -11.49 -29.62
N SER N 205 31.62 -10.85 -30.28
CA SER N 205 32.91 -11.48 -30.48
C SER N 205 34.03 -10.45 -30.39
N VAL N 206 35.17 -10.89 -29.89
CA VAL N 206 36.36 -10.05 -29.73
C VAL N 206 37.49 -10.70 -30.50
N LEU N 207 37.84 -10.13 -31.64
CA LEU N 207 38.95 -10.62 -32.45
C LEU N 207 40.27 -10.08 -31.91
N SER N 208 41.30 -10.89 -31.98
CA SER N 208 42.60 -10.52 -31.42
C SER N 208 43.70 -11.33 -32.12
N LYS N 209 44.92 -11.23 -31.61
CA LYS N 209 46.09 -11.91 -32.15
C LYS N 209 46.88 -12.55 -31.01
N ASP N 210 47.90 -13.32 -31.40
CA ASP N 210 48.85 -13.93 -30.48
C ASP N 210 50.23 -13.41 -30.82
N PRO N 211 50.95 -12.75 -29.90
CA PRO N 211 52.27 -12.21 -30.26
C PRO N 211 53.35 -13.26 -30.45
N ASN N 212 53.14 -14.50 -29.99
CA ASN N 212 54.15 -15.54 -30.07
C ASN N 212 53.89 -16.52 -31.21
N GLU N 213 53.32 -16.06 -32.32
CA GLU N 213 53.03 -16.92 -33.45
C GLU N 213 53.56 -16.31 -34.74
N LYS N 214 54.16 -17.15 -35.58
CA LYS N 214 54.63 -16.74 -36.88
C LYS N 214 53.74 -17.21 -38.02
N ARG N 215 52.74 -18.04 -37.72
CA ARG N 215 51.83 -18.51 -38.75
C ARG N 215 50.57 -17.64 -38.78
N ASP N 216 49.92 -17.63 -39.94
CA ASP N 216 48.75 -16.81 -40.18
C ASP N 216 47.59 -17.37 -39.34
N HIS N 217 47.25 -16.68 -38.26
CA HIS N 217 46.43 -17.26 -37.21
C HIS N 217 45.34 -16.27 -36.81
N MET N 218 44.52 -16.69 -35.85
CA MET N 218 43.38 -15.90 -35.38
C MET N 218 42.96 -16.41 -34.01
N VAL N 219 42.77 -15.50 -33.06
CA VAL N 219 42.33 -15.85 -31.73
C VAL N 219 40.96 -15.23 -31.51
N LEU N 220 40.00 -16.05 -31.07
CA LEU N 220 38.60 -15.65 -31.02
C LEU N 220 38.05 -15.86 -29.61
N LEU N 221 37.18 -14.94 -29.20
CA LEU N 221 36.51 -14.98 -27.90
C LEU N 221 35.08 -14.53 -28.13
N GLU N 222 34.11 -15.42 -27.94
CA GLU N 222 32.76 -15.15 -28.38
C GLU N 222 31.76 -15.50 -27.29
N PHE N 223 30.69 -14.70 -27.19
CA PHE N 223 29.71 -14.77 -26.11
C PHE N 223 28.32 -14.80 -26.75
N VAL N 224 27.62 -15.93 -26.61
CA VAL N 224 26.33 -16.13 -27.29
C VAL N 224 25.27 -16.43 -26.25
N THR N 225 24.22 -15.61 -26.21
CA THR N 225 23.03 -15.88 -25.41
C THR N 225 21.81 -15.89 -26.33
N ALA N 226 20.68 -16.27 -25.77
CA ALA N 226 19.44 -16.32 -26.52
C ALA N 226 18.29 -15.72 -25.74
N ASP N 227 17.36 -15.13 -26.47
CA ASP N 227 16.15 -14.56 -25.89
C ASP N 227 15.05 -14.70 -26.94
N GLY N 228 13.95 -13.98 -26.77
CA GLY N 228 12.89 -13.94 -27.74
C GLY N 228 11.61 -14.62 -27.31
N ILE N 229 11.63 -15.29 -26.16
CA ILE N 229 10.45 -15.93 -25.59
C ILE N 229 10.26 -15.38 -24.19
N THR N 230 9.10 -14.80 -23.93
CA THR N 230 8.82 -14.15 -22.65
C THR N 230 8.45 -15.20 -21.61
N GLU N 231 8.02 -14.74 -20.44
CA GLU N 231 7.72 -15.63 -19.33
C GLU N 231 6.42 -16.39 -19.60
N GLY N 232 6.45 -17.70 -19.41
CA GLY N 232 5.29 -18.54 -19.63
C GLY N 232 5.04 -19.51 -18.50
N SER O 3 27.31 -16.14 4.30
CA SER O 3 27.58 -16.68 5.63
C SER O 3 29.07 -16.87 5.86
N LYS O 4 29.41 -17.53 6.96
CA LYS O 4 30.80 -17.79 7.31
C LYS O 4 31.30 -19.12 6.75
N GLY O 5 30.44 -19.89 6.10
CA GLY O 5 30.84 -21.17 5.55
C GLY O 5 31.28 -21.08 4.10
N GLU O 6 30.76 -20.08 3.39
CA GLU O 6 31.11 -19.94 1.98
C GLU O 6 32.54 -19.47 1.79
N ARG O 7 33.08 -18.71 2.75
CA ARG O 7 34.42 -18.16 2.63
C ARG O 7 35.50 -19.22 2.77
N LEU O 8 35.17 -20.39 3.29
CA LEU O 8 36.13 -21.47 3.44
C LEU O 8 36.48 -22.13 2.12
N PHE O 9 35.71 -21.89 1.07
CA PHE O 9 35.86 -22.60 -0.20
C PHE O 9 36.54 -21.78 -1.28
N ARG O 10 37.02 -20.59 -0.95
CA ARG O 10 37.78 -19.81 -1.93
C ARG O 10 39.16 -20.41 -2.13
N GLY O 11 39.54 -20.56 -3.39
CA GLY O 11 40.82 -21.17 -3.72
C GLY O 11 40.74 -22.68 -3.71
N LYS O 12 41.85 -23.29 -4.11
CA LYS O 12 41.91 -24.75 -4.23
C LYS O 12 42.02 -25.38 -2.85
N VAL O 13 41.20 -26.40 -2.61
CA VAL O 13 41.12 -27.09 -1.32
C VAL O 13 41.45 -28.55 -1.56
N PRO O 14 42.35 -29.16 -0.80
CA PRO O 14 42.62 -30.60 -0.96
C PRO O 14 41.45 -31.45 -0.48
N ILE O 15 41.39 -32.67 -1.01
CA ILE O 15 40.28 -33.59 -0.78
C ILE O 15 40.84 -34.94 -0.37
N LEU O 16 40.34 -35.49 0.73
CA LEU O 16 40.64 -36.86 1.13
C LEU O 16 39.34 -37.65 1.15
N VAL O 17 39.34 -38.81 0.51
CA VAL O 17 38.16 -39.67 0.41
C VAL O 17 38.53 -41.07 0.85
N GLU O 18 37.83 -41.58 1.85
CA GLU O 18 38.08 -42.90 2.42
C GLU O 18 36.79 -43.70 2.43
N LEU O 19 36.79 -44.87 1.79
CA LEU O 19 35.62 -45.71 1.72
C LEU O 19 35.95 -47.10 2.25
N LYS O 20 35.02 -47.66 3.01
CA LYS O 20 35.13 -49.01 3.57
C LYS O 20 33.88 -49.77 3.13
N GLY O 21 34.02 -50.58 2.09
CA GLY O 21 32.86 -51.22 1.50
C GLY O 21 32.69 -52.68 1.84
N ASP O 22 31.48 -53.21 1.62
CA ASP O 22 31.20 -54.62 1.88
C ASP O 22 30.05 -55.00 0.94
N VAL O 23 30.38 -55.60 -0.20
CA VAL O 23 29.38 -55.95 -1.20
C VAL O 23 29.29 -57.46 -1.27
N ASN O 24 28.14 -57.98 -0.81
CA ASN O 24 27.73 -59.38 -0.96
C ASN O 24 28.74 -60.33 -0.33
N GLY O 25 29.31 -59.91 0.80
CA GLY O 25 30.36 -60.66 1.46
C GLY O 25 31.75 -60.22 1.09
N HIS O 26 31.96 -59.80 -0.15
CA HIS O 26 33.28 -59.37 -0.60
C HIS O 26 33.57 -57.98 -0.08
N LYS O 27 34.67 -57.84 0.65
CA LYS O 27 35.04 -56.55 1.21
C LYS O 27 36.10 -55.88 0.36
N PHE O 28 36.13 -54.56 0.42
CA PHE O 28 37.15 -53.79 -0.27
C PHE O 28 37.32 -52.44 0.43
N SER O 29 38.29 -51.67 -0.04
CA SER O 29 38.54 -50.33 0.47
C SER O 29 39.14 -49.51 -0.65
N VAL O 30 38.72 -48.25 -0.73
CA VAL O 30 39.16 -47.33 -1.77
C VAL O 30 39.60 -46.03 -1.09
N ARG O 31 40.82 -45.60 -1.37
CA ARG O 31 41.35 -44.34 -0.87
C ARG O 31 41.52 -43.38 -2.04
N GLY O 32 41.13 -42.13 -1.82
CA GLY O 32 41.24 -41.12 -2.87
C GLY O 32 41.82 -39.84 -2.33
N LYS O 33 42.46 -39.10 -3.23
CA LYS O 33 43.12 -37.86 -2.85
C LYS O 33 43.16 -36.94 -4.07
N GLY O 34 43.28 -35.65 -3.80
CA GLY O 34 43.33 -34.66 -4.86
C GLY O 34 42.83 -33.33 -4.34
N LYS O 35 42.54 -32.43 -5.27
CA LYS O 35 42.15 -31.07 -4.95
C LYS O 35 40.82 -30.75 -5.62
N GLY O 36 40.16 -29.71 -5.12
CA GLY O 36 38.89 -29.32 -5.67
C GLY O 36 38.65 -27.83 -5.73
N ASP O 37 38.34 -27.32 -6.90
CA ASP O 37 38.06 -25.91 -7.12
C ASP O 37 36.56 -25.69 -6.92
N ALA O 38 36.22 -24.78 -6.02
CA ALA O 38 34.82 -24.45 -5.76
C ALA O 38 34.35 -23.20 -6.49
N THR O 39 35.27 -22.39 -7.01
CA THR O 39 34.88 -21.20 -7.74
C THR O 39 34.33 -21.56 -9.12
N ASN O 40 34.90 -22.58 -9.75
CA ASN O 40 34.50 -23.03 -11.07
C ASN O 40 33.65 -24.28 -11.04
N GLY O 41 33.59 -24.98 -9.91
CA GLY O 41 32.90 -26.25 -9.87
C GLY O 41 33.65 -27.36 -10.56
N LYS O 42 34.89 -27.61 -10.16
CA LYS O 42 35.76 -28.57 -10.84
C LYS O 42 36.48 -29.42 -9.80
N LEU O 43 36.50 -30.74 -10.02
CA LEU O 43 37.18 -31.65 -9.12
C LEU O 43 38.17 -32.49 -9.91
N THR O 44 39.33 -32.77 -9.30
CA THR O 44 40.32 -33.67 -9.88
C THR O 44 40.79 -34.61 -8.78
N LEU O 45 40.36 -35.87 -8.85
CA LEU O 45 40.74 -36.85 -7.85
C LEU O 45 41.37 -38.06 -8.51
N LYS O 46 42.14 -38.80 -7.73
CA LYS O 46 42.73 -40.06 -8.16
C LYS O 46 42.45 -41.10 -7.09
N PHE O 47 41.92 -42.25 -7.50
CA PHE O 47 41.51 -43.29 -6.58
C PHE O 47 42.36 -44.53 -6.76
N ILE O 48 42.57 -45.25 -5.67
CA ILE O 48 43.31 -46.50 -5.67
C ILE O 48 42.56 -47.52 -4.82
N CYS O 49 42.66 -48.78 -5.20
CA CYS O 49 42.00 -49.88 -4.48
C CYS O 49 43.04 -50.54 -3.60
N THR O 50 42.98 -50.25 -2.30
CA THR O 50 44.02 -50.67 -1.36
C THR O 50 44.01 -52.17 -1.09
N THR O 51 42.88 -52.85 -1.28
CA THR O 51 42.82 -54.29 -1.04
C THR O 51 42.83 -55.10 -2.33
N GLY O 52 43.61 -54.65 -3.32
CA GLY O 52 43.81 -55.42 -4.53
C GLY O 52 42.76 -55.21 -5.59
N LYS O 53 42.02 -56.28 -5.91
CA LYS O 53 41.00 -56.20 -6.94
C LYS O 53 39.71 -55.61 -6.39
N LEU O 54 38.74 -55.40 -7.27
CA LEU O 54 37.51 -54.74 -6.90
C LEU O 54 36.32 -55.56 -7.38
N PRO O 55 35.34 -55.87 -6.52
CA PRO O 55 34.25 -56.75 -6.96
C PRO O 55 33.18 -56.06 -7.77
N VAL O 56 33.05 -54.74 -7.68
CA VAL O 56 32.03 -54.00 -8.41
C VAL O 56 32.74 -53.14 -9.46
N PRO O 57 32.06 -52.70 -10.52
CA PRO O 57 32.72 -51.84 -11.51
C PRO O 57 33.01 -50.46 -10.94
N TRP O 58 34.07 -49.86 -11.47
CA TRP O 58 34.38 -48.47 -11.15
C TRP O 58 33.28 -47.44 -11.46
N PRO O 59 32.49 -47.54 -12.55
CA PRO O 59 31.44 -46.51 -12.72
C PRO O 59 30.32 -46.55 -11.71
N THR O 60 30.08 -47.68 -11.04
CA THR O 60 29.01 -47.72 -10.06
C THR O 60 29.36 -47.00 -8.78
N LEU O 61 30.65 -46.85 -8.47
CA LEU O 61 31.09 -46.20 -7.25
C LEU O 61 31.34 -44.71 -7.43
N VAL O 62 31.08 -44.16 -8.62
CA VAL O 62 31.37 -42.74 -8.85
C VAL O 62 30.39 -41.87 -8.07
N THR O 63 29.12 -42.28 -8.00
CA THR O 63 28.13 -41.52 -7.27
C THR O 63 28.33 -41.59 -5.76
N THR O 64 29.11 -42.53 -5.27
CA THR O 64 29.38 -42.65 -3.85
C THR O 64 30.59 -41.83 -3.44
N LEU O 65 31.64 -41.82 -4.25
CA LEU O 65 32.89 -41.17 -3.89
C LEU O 65 32.82 -39.66 -4.07
N THR O 66 32.63 -39.18 -5.30
CA THR O 66 32.82 -37.78 -5.63
C THR O 66 31.53 -37.02 -5.86
N TRP O 67 30.42 -37.72 -6.01
CA TRP O 67 29.12 -37.08 -6.00
C TRP O 67 28.58 -36.91 -4.59
N GLY O 68 29.41 -37.20 -3.59
CA GLY O 68 29.10 -36.95 -2.21
C GLY O 68 29.74 -35.67 -1.74
N VAL O 69 30.83 -35.25 -2.39
CA VAL O 69 31.41 -33.94 -2.09
C VAL O 69 30.71 -32.95 -3.02
N GLN O 70 29.52 -32.54 -2.58
CA GLN O 70 28.71 -31.58 -3.32
C GLN O 70 28.77 -30.19 -2.69
N CYS O 71 29.67 -29.99 -1.74
CA CYS O 71 29.97 -28.65 -1.26
C CYS O 71 30.86 -27.88 -2.22
N PHE O 72 31.35 -28.54 -3.27
CA PHE O 72 32.16 -27.93 -4.32
C PHE O 72 31.32 -27.60 -5.56
N ALA O 73 30.08 -27.16 -5.35
CA ALA O 73 29.17 -26.82 -6.43
C ALA O 73 29.29 -25.35 -6.79
N ARG O 74 29.26 -25.04 -8.07
CA ARG O 74 29.37 -23.66 -8.53
C ARG O 74 27.98 -23.04 -8.41
N TYR O 75 27.67 -22.50 -7.22
CA TYR O 75 26.39 -21.81 -7.30
C TYR O 75 26.58 -20.42 -7.88
N PRO O 76 25.67 -19.99 -8.77
CA PRO O 76 25.85 -18.70 -9.45
C PRO O 76 25.69 -17.50 -8.53
N LYS O 77 25.87 -16.31 -9.10
CA LYS O 77 25.81 -15.08 -8.31
C LYS O 77 24.40 -14.79 -7.84
N HIS O 78 23.39 -15.25 -8.58
CA HIS O 78 22.03 -14.81 -8.35
C HIS O 78 21.24 -15.74 -7.44
N MET O 79 21.86 -16.74 -6.81
CA MET O 79 21.17 -17.53 -5.82
C MET O 79 21.75 -17.32 -4.43
N LYS O 80 22.95 -17.88 -4.15
CA LYS O 80 23.78 -17.70 -2.95
C LYS O 80 23.03 -17.80 -1.61
N ARG O 81 21.84 -18.39 -1.61
CA ARG O 81 20.97 -18.48 -0.45
C ARG O 81 20.31 -19.84 -0.39
N HIS O 82 20.33 -20.58 -1.48
CA HIS O 82 19.78 -21.92 -1.56
C HIS O 82 20.86 -22.97 -1.41
N ASP O 83 21.82 -22.71 -0.54
CA ASP O 83 23.06 -23.47 -0.46
C ASP O 83 23.08 -24.21 0.87
N PHE O 84 22.63 -25.45 0.85
CA PHE O 84 22.76 -26.27 2.05
C PHE O 84 24.17 -26.79 2.24
N PHE O 85 24.88 -27.07 1.15
CA PHE O 85 26.10 -27.85 1.23
C PHE O 85 27.25 -27.05 1.82
N LYS O 86 27.40 -25.79 1.42
CA LYS O 86 28.46 -24.96 1.99
C LYS O 86 28.08 -24.43 3.36
N SER O 87 26.79 -24.28 3.63
CA SER O 87 26.35 -23.69 4.90
C SER O 87 26.49 -24.65 6.07
N ALA O 88 26.62 -25.95 5.82
CA ALA O 88 26.74 -26.91 6.89
C ALA O 88 28.17 -27.08 7.37
N MET O 89 29.09 -26.32 6.86
CA MET O 89 30.51 -26.28 7.11
C MET O 89 30.85 -25.20 8.14
N PRO O 90 31.93 -25.35 8.93
CA PRO O 90 32.96 -26.40 8.97
C PRO O 90 32.57 -27.58 9.84
N LYS O 91 31.35 -27.57 10.38
CA LYS O 91 30.89 -28.69 11.18
C LYS O 91 30.72 -29.95 10.35
N GLY O 92 30.03 -29.84 9.22
CA GLY O 92 29.86 -30.95 8.30
C GLY O 92 28.41 -31.37 8.19
N TYR O 93 28.22 -32.43 7.40
CA TYR O 93 26.88 -32.99 7.21
C TYR O 93 27.00 -34.49 6.96
N VAL O 94 25.87 -35.18 7.15
CA VAL O 94 25.81 -36.63 7.03
C VAL O 94 24.95 -36.96 5.82
N GLN O 95 25.53 -37.68 4.86
CA GLN O 95 24.85 -37.99 3.61
C GLN O 95 24.63 -39.49 3.51
N GLU O 96 23.37 -39.89 3.34
CA GLU O 96 22.99 -41.28 3.21
C GLU O 96 22.26 -41.48 1.89
N ARG O 97 22.59 -42.55 1.17
CA ARG O 97 21.93 -42.85 -0.09
C ARG O 97 21.33 -44.24 -0.05
N THR O 98 20.53 -44.53 -1.07
CA THR O 98 19.98 -45.86 -1.32
C THR O 98 19.99 -46.04 -2.84
N ILE O 99 21.01 -46.70 -3.35
CA ILE O 99 21.26 -46.82 -4.78
C ILE O 99 20.62 -48.13 -5.23
N SER O 100 19.44 -48.06 -5.82
CA SER O 100 18.68 -49.26 -6.17
C SER O 100 18.82 -49.51 -7.66
N PHE O 101 19.51 -50.59 -8.01
CA PHE O 101 19.68 -50.99 -9.39
C PHE O 101 18.43 -51.70 -9.90
N LYS O 102 18.12 -51.51 -11.18
CA LYS O 102 16.98 -52.20 -11.77
C LYS O 102 17.32 -53.66 -12.01
N LYS O 103 16.41 -54.55 -11.60
CA LYS O 103 16.53 -56.00 -11.71
C LYS O 103 17.80 -56.53 -11.04
N ASP O 104 18.18 -55.90 -9.93
CA ASP O 104 19.40 -56.24 -9.21
C ASP O 104 19.25 -55.67 -7.80
N GLY O 105 20.30 -55.80 -6.98
CA GLY O 105 20.24 -55.42 -5.58
C GLY O 105 20.41 -53.93 -5.37
N THR O 106 20.91 -53.57 -4.19
CA THR O 106 20.85 -52.19 -3.71
C THR O 106 22.10 -51.89 -2.90
N TYR O 107 22.65 -50.68 -3.08
CA TYR O 107 23.65 -50.17 -2.15
C TYR O 107 22.99 -49.42 -0.99
N LYS O 108 23.66 -49.42 0.15
CA LYS O 108 23.28 -48.64 1.31
C LYS O 108 24.54 -47.92 1.78
N THR O 109 24.56 -46.60 1.66
CA THR O 109 25.74 -45.83 2.03
C THR O 109 25.40 -44.85 3.14
N ARG O 110 26.41 -44.52 3.95
CA ARG O 110 26.38 -43.32 4.77
C ARG O 110 27.75 -42.67 4.70
N ALA O 111 27.79 -41.36 4.92
CA ALA O 111 29.02 -40.63 4.76
C ALA O 111 29.03 -39.44 5.70
N GLU O 112 30.23 -38.91 5.93
CA GLU O 112 30.41 -37.68 6.71
C GLU O 112 31.40 -36.80 5.98
N VAL O 113 30.91 -35.70 5.43
CA VAL O 113 31.73 -34.76 4.69
C VAL O 113 31.97 -33.57 5.62
N LYS O 114 33.19 -33.41 6.10
CA LYS O 114 33.51 -32.35 7.02
C LYS O 114 35.00 -32.02 6.94
N PHE O 115 35.34 -30.82 7.40
CA PHE O 115 36.72 -30.37 7.44
C PHE O 115 37.51 -31.05 8.55
N GLU O 116 38.79 -31.30 8.28
CA GLU O 116 39.78 -31.64 9.31
C GLU O 116 40.90 -30.62 9.17
N GLY O 117 40.71 -29.46 9.79
CA GLY O 117 41.68 -28.39 9.72
C GLY O 117 41.58 -27.63 8.42
N ARG O 118 42.13 -28.22 7.35
CA ARG O 118 41.96 -27.65 6.02
C ARG O 118 41.59 -28.68 4.97
N THR O 119 42.00 -29.94 5.11
CA THR O 119 41.72 -30.98 4.14
C THR O 119 40.28 -31.44 4.33
N LEU O 120 39.47 -31.29 3.29
CA LEU O 120 38.09 -31.75 3.31
C LEU O 120 38.08 -33.27 3.21
N VAL O 121 37.63 -33.93 4.28
CA VAL O 121 37.73 -35.38 4.41
C VAL O 121 36.33 -35.97 4.29
N ASN O 122 36.18 -36.94 3.40
CA ASN O 122 34.95 -37.68 3.19
C ASN O 122 35.17 -39.10 3.66
N ARG O 123 34.26 -39.60 4.49
CA ARG O 123 34.42 -40.92 5.11
C ARG O 123 33.15 -41.73 4.87
N ILE O 124 33.23 -42.69 3.95
CA ILE O 124 32.06 -43.42 3.46
C ILE O 124 32.09 -44.82 4.05
N LYS O 125 30.96 -45.27 4.59
CA LYS O 125 30.69 -46.66 4.85
C LYS O 125 29.65 -47.14 3.84
N LEU O 126 29.95 -48.23 3.15
CA LEU O 126 29.07 -48.77 2.13
C LEU O 126 28.78 -50.23 2.43
N LYS O 127 27.58 -50.67 2.08
CA LYS O 127 27.20 -52.07 2.29
C LYS O 127 26.13 -52.41 1.28
N GLY O 128 26.44 -53.32 0.37
CA GLY O 128 25.48 -53.74 -0.62
C GLY O 128 25.03 -55.17 -0.42
N ARG O 129 23.87 -55.52 -0.97
CA ARG O 129 23.33 -56.86 -0.82
C ARG O 129 22.43 -57.15 -2.00
N ASP O 130 21.92 -58.39 -2.06
CA ASP O 130 20.93 -58.86 -3.02
C ASP O 130 21.41 -58.78 -4.47
N PHE O 131 22.71 -58.69 -4.70
CA PHE O 131 23.25 -58.74 -6.05
C PHE O 131 23.25 -60.17 -6.55
N LYS O 132 22.59 -60.41 -7.67
CA LYS O 132 22.62 -61.74 -8.27
C LYS O 132 23.98 -61.99 -8.92
N GLU O 133 24.43 -63.23 -8.85
CA GLU O 133 25.69 -63.62 -9.44
C GLU O 133 25.54 -63.71 -10.96
N LYS O 134 26.66 -63.46 -11.66
CA LYS O 134 26.73 -63.35 -13.12
C LYS O 134 25.73 -62.31 -13.65
N GLY O 135 25.60 -61.20 -12.93
CA GLY O 135 24.81 -60.08 -13.37
C GLY O 135 25.68 -59.08 -14.11
N ASN O 136 25.14 -57.87 -14.27
CA ASN O 136 25.93 -56.81 -14.89
C ASN O 136 26.99 -56.29 -13.93
N ILE O 137 26.64 -56.09 -12.67
CA ILE O 137 27.56 -55.48 -11.73
C ILE O 137 28.62 -56.48 -11.27
N LEU O 138 28.19 -57.63 -10.75
CA LEU O 138 29.17 -58.61 -10.28
C LEU O 138 29.90 -59.30 -11.42
N GLY O 139 29.32 -59.31 -12.62
CA GLY O 139 29.99 -59.88 -13.77
C GLY O 139 30.91 -58.94 -14.51
N HIS O 140 31.03 -57.69 -14.03
CA HIS O 140 31.81 -56.62 -14.66
C HIS O 140 31.42 -56.40 -16.11
N LYS O 141 30.11 -56.43 -16.37
CA LYS O 141 29.58 -56.22 -17.70
C LYS O 141 29.32 -54.75 -18.01
N LEU O 142 29.75 -53.84 -17.14
CA LEU O 142 29.56 -52.42 -17.37
C LEU O 142 30.75 -51.86 -18.14
N ARG O 143 30.46 -50.92 -19.03
CA ARG O 143 31.54 -50.23 -19.73
C ARG O 143 32.20 -49.23 -18.81
N TYR O 144 33.42 -48.85 -19.17
CA TYR O 144 34.16 -47.83 -18.43
C TYR O 144 33.98 -46.48 -19.12
N ASN O 145 32.77 -45.95 -18.99
CA ASN O 145 32.46 -44.62 -19.48
C ASN O 145 32.20 -43.68 -18.32
N GLY O 146 31.97 -42.42 -18.65
CA GLY O 146 31.67 -41.41 -17.66
C GLY O 146 30.24 -41.50 -17.18
N ILE O 147 29.74 -40.38 -16.66
CA ILE O 147 28.46 -40.34 -15.97
C ILE O 147 28.02 -38.88 -15.89
N SER O 148 26.73 -38.65 -16.14
CA SER O 148 26.15 -37.30 -16.13
C SER O 148 24.64 -37.31 -16.08
N ASP O 149 24.05 -36.64 -15.10
CA ASP O 149 22.62 -36.34 -15.09
C ASP O 149 22.41 -35.17 -14.14
N LYS O 150 21.15 -34.88 -13.82
CA LYS O 150 20.78 -33.79 -12.93
C LYS O 150 20.44 -34.37 -11.56
N VAL O 151 20.61 -33.57 -10.51
CA VAL O 151 20.36 -33.99 -9.14
C VAL O 151 19.25 -33.10 -8.60
N TYR O 152 18.01 -33.58 -8.65
CA TYR O 152 16.86 -32.77 -8.27
C TYR O 152 16.79 -32.65 -6.75
N ILE O 153 17.20 -31.49 -6.23
CA ILE O 153 17.30 -31.24 -4.80
C ILE O 153 16.05 -30.53 -4.31
N THR O 154 15.42 -31.09 -3.28
CA THR O 154 14.27 -30.45 -2.63
C THR O 154 14.52 -30.38 -1.13
N ALA O 155 13.83 -29.46 -0.48
CA ALA O 155 14.09 -29.18 0.92
C ALA O 155 13.24 -30.05 1.83
N ASP O 156 13.74 -30.28 3.05
CA ASP O 156 13.06 -31.09 4.05
C ASP O 156 13.13 -30.34 5.38
N LYS O 157 12.01 -29.77 5.81
CA LYS O 157 12.01 -28.90 6.98
C LYS O 157 12.16 -29.69 8.28
N ARG O 158 11.70 -30.95 8.30
CA ARG O 158 11.60 -31.72 9.53
C ARG O 158 12.98 -32.08 10.08
N LYS O 159 13.82 -32.69 9.25
CA LYS O 159 15.15 -33.11 9.69
C LYS O 159 16.19 -32.02 9.56
N ASN O 160 15.77 -30.79 9.24
CA ASN O 160 16.64 -29.62 9.07
C ASN O 160 17.72 -29.88 8.02
N GLY O 161 17.34 -30.57 6.96
CA GLY O 161 18.26 -30.92 5.89
C GLY O 161 17.60 -30.88 4.55
N ILE O 162 18.17 -31.55 3.55
CA ILE O 162 17.59 -31.64 2.24
C ILE O 162 17.44 -33.11 1.86
N LYS O 163 16.82 -33.34 0.72
CA LYS O 163 16.75 -34.66 0.13
C LYS O 163 16.78 -34.50 -1.37
N ALA O 164 17.52 -35.36 -2.05
CA ALA O 164 17.61 -35.31 -3.50
C ALA O 164 17.23 -36.67 -4.04
N LYS O 165 16.98 -36.71 -5.35
CA LYS O 165 16.31 -37.85 -5.94
C LYS O 165 16.61 -37.81 -7.44
N PHE O 166 17.34 -38.80 -7.93
CA PHE O 166 17.72 -38.80 -9.34
C PHE O 166 18.04 -40.22 -9.76
N LYS O 167 18.26 -40.39 -11.05
CA LYS O 167 18.55 -41.70 -11.60
C LYS O 167 19.70 -41.58 -12.59
N ILE O 168 20.42 -42.67 -12.76
CA ILE O 168 21.69 -42.67 -13.47
C ILE O 168 21.65 -43.79 -14.50
N ARG O 169 22.09 -43.49 -15.72
CA ARG O 169 22.09 -44.46 -16.81
C ARG O 169 23.53 -44.88 -17.09
N HIS O 170 23.85 -46.12 -16.75
CA HIS O 170 25.16 -46.71 -17.01
C HIS O 170 25.13 -47.49 -18.32
N ASN O 171 26.22 -47.42 -19.07
CA ASN O 171 26.33 -48.10 -20.35
C ASN O 171 26.86 -49.52 -20.15
N VAL O 172 26.30 -50.45 -20.92
CA VAL O 172 26.63 -51.86 -20.82
C VAL O 172 27.41 -52.25 -22.07
N LYS O 173 28.30 -53.24 -21.94
CA LYS O 173 29.07 -53.76 -23.07
C LYS O 173 28.20 -54.40 -24.14
N ASP O 174 27.01 -54.89 -23.79
CA ASP O 174 26.12 -55.53 -24.74
C ASP O 174 25.22 -54.54 -25.47
N GLY O 175 25.43 -53.24 -25.28
CA GLY O 175 24.62 -52.23 -25.91
C GLY O 175 23.38 -51.80 -25.14
N SER O 176 23.09 -52.44 -24.02
CA SER O 176 21.93 -52.08 -23.21
C SER O 176 22.29 -50.97 -22.24
N VAL O 177 21.36 -50.62 -21.35
CA VAL O 177 21.55 -49.56 -20.36
C VAL O 177 21.18 -50.11 -19.00
N GLN O 178 22.12 -50.02 -18.05
CA GLN O 178 21.90 -50.40 -16.66
C GLN O 178 21.53 -49.14 -15.88
N LEU O 179 20.38 -49.16 -15.21
CA LEU O 179 19.91 -47.97 -14.52
C LEU O 179 20.29 -48.02 -13.05
N ALA O 180 20.14 -46.88 -12.38
CA ALA O 180 20.53 -46.76 -10.98
C ALA O 180 19.72 -45.63 -10.35
N ASP O 181 18.72 -45.98 -9.54
CA ASP O 181 17.91 -44.97 -8.89
C ASP O 181 18.58 -44.51 -7.61
N HIS O 182 18.75 -43.21 -7.45
CA HIS O 182 19.43 -42.63 -6.30
C HIS O 182 18.45 -41.83 -5.46
N TYR O 183 18.36 -42.18 -4.18
CA TYR O 183 17.53 -41.46 -3.21
C TYR O 183 18.44 -41.06 -2.07
N GLN O 184 18.69 -39.76 -1.89
CA GLN O 184 19.63 -39.37 -0.86
C GLN O 184 19.00 -38.42 0.15
N GLN O 185 19.66 -38.34 1.30
CA GLN O 185 19.26 -37.49 2.43
C GLN O 185 20.50 -36.84 3.00
N ASN O 186 20.45 -35.53 3.20
CA ASN O 186 21.52 -34.81 3.87
C ASN O 186 21.00 -34.28 5.20
N THR O 187 21.86 -34.30 6.21
CA THR O 187 21.51 -33.87 7.54
C THR O 187 22.79 -33.31 8.12
N PRO O 188 22.78 -32.09 8.65
CA PRO O 188 23.99 -31.53 9.23
C PRO O 188 24.35 -32.21 10.54
N ILE O 189 25.64 -32.16 10.87
CA ILE O 189 26.10 -32.74 12.12
C ILE O 189 25.63 -31.90 13.30
N GLY O 190 25.50 -30.58 13.10
CA GLY O 190 24.91 -29.73 14.11
C GLY O 190 25.81 -28.58 14.49
N ARG O 191 25.25 -27.50 15.05
CA ARG O 191 23.83 -27.35 15.30
C ARG O 191 23.49 -25.92 14.85
N GLY O 192 24.47 -25.24 14.28
CA GLY O 192 24.30 -23.93 13.71
C GLY O 192 23.30 -23.94 12.57
N PRO O 193 22.35 -23.01 12.59
CA PRO O 193 21.28 -23.01 11.59
C PRO O 193 21.80 -22.73 10.19
N VAL O 194 21.25 -23.47 9.23
CA VAL O 194 21.78 -23.49 7.86
C VAL O 194 20.76 -22.95 6.90
N LEU O 195 21.12 -22.90 5.62
CA LEU O 195 20.23 -22.43 4.57
C LEU O 195 19.39 -23.59 4.06
N LEU O 196 18.10 -23.38 3.96
CA LEU O 196 17.22 -24.39 3.38
C LEU O 196 16.81 -23.95 1.99
N PRO O 197 17.20 -24.67 0.94
CA PRO O 197 16.94 -24.22 -0.43
C PRO O 197 15.49 -24.37 -0.86
N ARG O 198 15.20 -24.01 -2.10
CA ARG O 198 13.86 -24.14 -2.66
C ARG O 198 13.97 -24.71 -4.07
N ASN O 199 14.01 -26.04 -4.15
CA ASN O 199 13.74 -26.82 -5.36
C ASN O 199 14.62 -26.44 -6.55
N HIS O 200 15.92 -26.57 -6.37
CA HIS O 200 16.86 -26.37 -7.46
C HIS O 200 17.44 -27.72 -7.85
N TYR O 201 18.40 -27.72 -8.77
CA TYR O 201 19.06 -28.96 -9.15
C TYR O 201 20.51 -28.69 -9.49
N LEU O 202 21.26 -29.75 -9.73
CA LEU O 202 22.69 -29.68 -9.99
C LEU O 202 22.99 -30.31 -11.35
N SER O 203 23.33 -29.50 -12.32
CA SER O 203 23.80 -30.02 -13.60
C SER O 203 25.23 -30.52 -13.40
N THR O 204 25.43 -31.84 -13.55
CA THR O 204 26.68 -32.47 -13.19
C THR O 204 27.15 -33.43 -14.28
N ARG O 205 28.46 -33.42 -14.53
CA ARG O 205 29.10 -34.39 -15.42
C ARG O 205 30.40 -34.85 -14.79
N SER O 206 30.70 -36.13 -14.92
CA SER O 206 31.99 -36.67 -14.51
C SER O 206 32.61 -37.45 -15.65
N VAL O 207 33.90 -37.26 -15.85
CA VAL O 207 34.65 -37.90 -16.93
C VAL O 207 35.68 -38.82 -16.29
N LEU O 208 35.69 -40.08 -16.71
CA LEU O 208 36.59 -41.06 -16.14
C LEU O 208 37.72 -41.36 -17.11
N SER O 209 38.93 -41.50 -16.58
CA SER O 209 40.11 -41.84 -17.36
C SER O 209 41.09 -42.58 -16.47
N LYS O 210 42.18 -43.04 -17.07
CA LYS O 210 43.19 -43.79 -16.35
C LYS O 210 44.55 -43.11 -16.44
N ASP O 211 45.46 -43.57 -15.57
CA ASP O 211 46.81 -43.06 -15.49
C ASP O 211 47.75 -44.10 -16.08
N PRO O 212 48.55 -43.78 -17.09
CA PRO O 212 49.39 -44.81 -17.71
C PRO O 212 50.69 -45.10 -16.97
N LYS O 213 50.81 -44.63 -15.73
CA LYS O 213 52.00 -44.85 -14.92
C LYS O 213 51.72 -45.67 -13.67
N GLU O 214 50.52 -46.22 -13.53
CA GLU O 214 50.13 -46.96 -12.35
C GLU O 214 50.06 -48.46 -12.62
N LYS O 215 50.02 -49.23 -11.55
CA LYS O 215 49.91 -50.68 -11.61
C LYS O 215 48.69 -51.21 -10.89
N ARG O 216 48.33 -50.60 -9.77
CA ARG O 216 47.15 -51.01 -9.01
C ARG O 216 45.88 -50.61 -9.75
N ASP O 217 44.77 -51.24 -9.35
CA ASP O 217 43.47 -50.93 -9.93
C ASP O 217 43.05 -49.52 -9.49
N HIS O 218 42.94 -48.61 -10.46
CA HIS O 218 42.83 -47.20 -10.15
C HIS O 218 41.82 -46.54 -11.08
N MET O 219 41.58 -45.26 -10.85
CA MET O 219 40.63 -44.47 -11.62
C MET O 219 40.95 -42.99 -11.42
N VAL O 220 40.98 -42.24 -12.50
CA VAL O 220 41.21 -40.80 -12.46
C VAL O 220 39.92 -40.11 -12.85
N LEU O 221 39.49 -39.13 -12.06
CA LEU O 221 38.17 -38.55 -12.20
C LEU O 221 38.26 -37.05 -12.40
N LEU O 222 37.35 -36.52 -13.24
CA LEU O 222 37.26 -35.10 -13.53
C LEU O 222 35.79 -34.73 -13.56
N GLU O 223 35.34 -33.96 -12.58
CA GLU O 223 33.92 -33.68 -12.37
C GLU O 223 33.65 -32.19 -12.52
N PHE O 224 32.52 -31.87 -13.14
CA PHE O 224 32.05 -30.50 -13.33
C PHE O 224 30.67 -30.38 -12.72
N VAL O 225 30.50 -29.43 -11.79
CA VAL O 225 29.24 -29.27 -11.08
C VAL O 225 28.78 -27.82 -11.22
N THR O 226 27.50 -27.62 -11.54
CA THR O 226 26.90 -26.31 -11.52
C THR O 226 25.42 -26.46 -11.21
N ALA O 227 24.74 -25.35 -10.93
CA ALA O 227 23.34 -25.40 -10.54
C ALA O 227 22.49 -24.51 -11.43
N ALA O 228 21.18 -24.74 -11.34
CA ALA O 228 20.17 -24.03 -12.11
C ALA O 228 18.83 -24.24 -11.41
N GLY O 229 17.74 -23.88 -12.09
CA GLY O 229 16.42 -24.21 -11.62
C GLY O 229 15.68 -23.09 -10.91
N ILE O 230 16.34 -21.98 -10.62
CA ILE O 230 15.71 -20.84 -9.96
C ILE O 230 15.88 -19.61 -10.85
N LYS O 231 14.77 -18.90 -11.09
CA LYS O 231 14.69 -17.83 -12.08
C LYS O 231 14.78 -16.44 -11.46
N HIS O 232 15.68 -16.27 -10.48
CA HIS O 232 15.87 -14.95 -9.87
C HIS O 232 16.45 -13.95 -10.88
N GLY O 233 17.62 -14.26 -11.43
CA GLY O 233 18.23 -13.39 -12.42
C GLY O 233 18.89 -12.15 -11.83
N SER P 2 -1.45 -25.22 42.34
CA SER P 2 -1.84 -26.59 42.01
C SER P 2 -1.18 -27.04 40.72
N LYS P 3 -0.83 -26.07 39.87
CA LYS P 3 -0.21 -26.38 38.60
C LYS P 3 1.25 -26.80 38.80
N GLY P 4 1.66 -27.80 38.03
CA GLY P 4 3.03 -28.26 38.06
C GLY P 4 3.95 -27.64 37.03
N GLU P 5 3.44 -26.69 36.26
CA GLU P 5 4.24 -26.07 35.20
C GLU P 5 5.37 -25.22 35.77
N GLU P 6 5.13 -24.57 36.92
CA GLU P 6 6.15 -23.68 37.47
C GLU P 6 7.24 -24.42 38.23
N LEU P 7 7.10 -25.74 38.44
CA LEU P 7 8.14 -26.52 39.08
C LEU P 7 9.35 -26.74 38.19
N PHE P 8 9.29 -26.40 36.91
CA PHE P 8 10.36 -26.65 35.96
C PHE P 8 10.95 -25.33 35.45
N THR P 9 11.15 -24.38 36.35
CA THR P 9 11.78 -23.10 36.01
C THR P 9 13.25 -23.16 36.39
N GLY P 10 14.11 -22.90 35.44
CA GLY P 10 15.55 -22.83 35.70
C GLY P 10 16.22 -24.18 35.50
N VAL P 11 16.78 -24.73 36.57
CA VAL P 11 17.63 -25.91 36.52
C VAL P 11 17.17 -26.87 37.59
N VAL P 12 16.82 -28.09 37.20
CA VAL P 12 16.23 -29.09 38.08
C VAL P 12 17.22 -30.25 38.19
N PRO P 13 17.52 -30.73 39.39
CA PRO P 13 18.36 -31.94 39.52
C PRO P 13 17.62 -33.18 39.07
N ILE P 14 18.35 -34.08 38.42
CA ILE P 14 17.81 -35.30 37.83
C ILE P 14 18.53 -36.50 38.42
N LEU P 15 17.81 -37.59 38.64
CA LEU P 15 18.38 -38.87 39.04
C LEU P 15 17.72 -39.99 38.27
N VAL P 16 18.52 -40.84 37.62
CA VAL P 16 18.03 -41.91 36.77
C VAL P 16 18.58 -43.22 37.31
N GLU P 17 17.71 -44.23 37.44
CA GLU P 17 18.11 -45.54 37.92
C GLU P 17 17.47 -46.62 37.07
N LEU P 18 18.22 -47.68 36.77
CA LEU P 18 17.73 -48.76 35.93
C LEU P 18 18.12 -50.11 36.52
N ASP P 19 17.26 -51.10 36.31
CA ASP P 19 17.52 -52.50 36.65
C ASP P 19 17.24 -53.34 35.42
N GLY P 20 18.29 -53.85 34.79
CA GLY P 20 18.14 -54.56 33.54
C GLY P 20 18.22 -56.07 33.64
N ASP P 21 17.61 -56.75 32.67
CA ASP P 21 17.63 -58.21 32.60
C ASP P 21 17.54 -58.58 31.12
N VAL P 22 18.69 -58.81 30.50
CA VAL P 22 18.77 -59.06 29.07
C VAL P 22 19.35 -60.47 28.89
N ASN P 23 18.49 -61.44 28.56
CA ASN P 23 18.84 -62.86 28.43
C ASN P 23 19.49 -63.41 29.70
N GLY P 24 19.04 -62.95 30.85
CA GLY P 24 19.60 -63.35 32.11
C GLY P 24 20.74 -62.50 32.61
N HIS P 25 21.36 -61.70 31.74
CA HIS P 25 22.43 -60.80 32.17
C HIS P 25 21.84 -59.66 32.96
N LYS P 26 22.31 -59.47 34.19
CA LYS P 26 21.78 -58.47 35.08
C LYS P 26 22.75 -57.30 35.22
N PHE P 27 22.22 -56.09 35.13
CA PHE P 27 23.05 -54.90 35.20
C PHE P 27 22.25 -53.76 35.82
N SER P 28 22.91 -52.62 35.99
CA SER P 28 22.29 -51.43 36.57
C SER P 28 23.02 -50.21 36.05
N VAL P 29 22.25 -49.19 35.69
CA VAL P 29 22.77 -47.93 35.16
C VAL P 29 22.26 -46.82 36.06
N ARG P 30 23.16 -45.92 36.46
CA ARG P 30 22.82 -44.79 37.31
C ARG P 30 23.22 -43.50 36.62
N GLY P 31 22.32 -42.53 36.59
CA GLY P 31 22.58 -41.28 35.90
C GLY P 31 22.20 -40.08 36.74
N GLU P 32 23.01 -39.03 36.61
CA GLU P 32 22.80 -37.78 37.34
C GLU P 32 23.13 -36.61 36.44
N GLY P 33 22.46 -35.49 36.67
CA GLY P 33 22.68 -34.31 35.85
C GLY P 33 21.74 -33.17 36.18
N GLU P 34 21.34 -32.41 35.17
CA GLU P 34 20.45 -31.28 35.38
C GLU P 34 19.71 -30.98 34.09
N GLY P 35 18.56 -30.33 34.22
CA GLY P 35 17.70 -30.08 33.07
C GLY P 35 17.13 -28.68 33.08
N ASP P 36 17.00 -28.11 31.89
CA ASP P 36 16.54 -26.74 31.69
C ASP P 36 15.31 -26.76 30.79
N ALA P 37 14.12 -26.77 31.40
CA ALA P 37 12.91 -26.97 30.63
C ALA P 37 12.43 -25.72 29.90
N ASP P 38 13.16 -24.60 29.99
CA ASP P 38 12.77 -23.42 29.24
C ASP P 38 13.39 -23.37 27.86
N ASN P 39 14.47 -24.12 27.63
CA ASN P 39 15.07 -24.23 26.33
C ASN P 39 15.02 -25.66 25.80
N GLY P 40 14.55 -26.61 26.59
CA GLY P 40 14.70 -28.01 26.26
C GLY P 40 16.07 -28.56 26.54
N LYS P 41 16.97 -27.75 27.08
CA LYS P 41 18.35 -28.13 27.28
C LYS P 41 18.43 -29.14 28.42
N LEU P 42 19.23 -30.17 28.21
CA LEU P 42 19.29 -31.32 29.09
C LEU P 42 20.71 -31.87 29.05
N ASP P 43 21.24 -32.21 30.22
CA ASP P 43 22.64 -32.64 30.31
C ASP P 43 22.81 -33.52 31.53
N LEU P 44 23.31 -34.74 31.31
CA LEU P 44 23.42 -35.72 32.39
C LEU P 44 24.43 -36.78 31.98
N LYS P 45 24.82 -37.61 32.94
CA LYS P 45 25.93 -38.53 32.78
C LYS P 45 25.63 -39.86 33.46
N PHE P 46 25.84 -40.95 32.73
CA PHE P 46 25.51 -42.30 33.19
C PHE P 46 26.77 -43.08 33.49
N ILE P 47 26.66 -44.01 34.43
CA ILE P 47 27.72 -45.00 34.70
C ILE P 47 27.04 -46.36 34.85
N CYS P 48 27.81 -47.41 34.59
CA CYS P 48 27.31 -48.77 34.73
C CYS P 48 27.95 -49.37 35.98
N THR P 49 27.15 -49.51 37.03
CA THR P 49 27.69 -49.83 38.36
C THR P 49 27.95 -51.33 38.54
N THR P 50 27.67 -52.16 37.55
CA THR P 50 27.95 -53.58 37.67
C THR P 50 28.98 -54.03 36.64
N GLY P 51 29.95 -53.18 36.33
CA GLY P 51 31.04 -53.56 35.43
C GLY P 51 30.77 -53.20 33.99
N LYS P 52 30.44 -54.20 33.18
CA LYS P 52 30.24 -54.05 31.74
C LYS P 52 28.76 -53.94 31.42
N LEU P 53 28.47 -53.57 30.17
CA LEU P 53 27.09 -53.42 29.74
C LEU P 53 26.80 -54.41 28.62
N PRO P 54 25.76 -55.23 28.74
CA PRO P 54 25.45 -56.22 27.70
C PRO P 54 24.97 -55.61 26.40
N VAL P 55 24.03 -54.68 26.46
CA VAL P 55 23.44 -54.05 25.27
C VAL P 55 24.27 -52.83 24.93
N PRO P 56 24.19 -52.31 23.70
CA PRO P 56 24.91 -51.08 23.39
C PRO P 56 24.26 -49.88 24.06
N TRP P 57 25.06 -48.82 24.19
CA TRP P 57 24.55 -47.58 24.78
C TRP P 57 23.47 -46.86 23.97
N PRO P 58 23.48 -46.79 22.63
CA PRO P 58 22.35 -46.11 21.96
C PRO P 58 21.02 -46.85 22.03
N THR P 59 20.99 -48.12 22.42
CA THR P 59 19.69 -48.75 22.63
C THR P 59 19.02 -48.28 23.90
N LEU P 60 19.80 -47.81 24.88
CA LEU P 60 19.26 -47.35 26.14
C LEU P 60 19.07 -45.85 26.19
N VAL P 61 19.24 -45.15 25.07
CA VAL P 61 18.98 -43.72 25.08
C VAL P 61 17.49 -43.45 25.08
N THR P 62 16.71 -44.27 24.36
CA THR P 62 15.27 -44.10 24.34
C THR P 62 14.58 -44.56 25.61
N THR P 63 15.32 -45.16 26.54
CA THR P 63 14.77 -45.62 27.81
C THR P 63 15.26 -44.79 28.99
N LEU P 64 16.50 -44.33 28.98
CA LEU P 64 17.02 -43.61 30.13
C LEU P 64 16.58 -42.15 30.15
N THR P 65 17.13 -41.32 29.28
CA THR P 65 16.70 -39.92 29.24
C THR P 65 15.75 -39.67 28.08
N TYR P 66 14.72 -40.48 28.00
CA TYR P 66 13.72 -40.25 26.99
C TYR P 66 12.37 -40.64 27.53
N GLY P 67 12.32 -41.13 28.76
CA GLY P 67 11.13 -41.22 29.55
C GLY P 67 10.92 -40.01 30.40
N VAL P 68 11.98 -39.23 30.66
CA VAL P 68 11.81 -37.94 31.28
C VAL P 68 11.59 -36.93 30.16
N GLN P 69 10.37 -36.88 29.67
CA GLN P 69 9.99 -35.98 28.59
C GLN P 69 9.38 -34.70 29.11
N CYS P 70 9.35 -34.54 30.44
CA CYS P 70 8.84 -33.34 31.07
C CYS P 70 9.75 -32.14 30.86
N PHE P 71 10.98 -32.35 30.38
CA PHE P 71 11.90 -31.26 30.06
C PHE P 71 11.78 -30.81 28.61
N SER P 72 10.60 -30.94 28.02
CA SER P 72 10.37 -30.56 26.64
C SER P 72 9.95 -29.10 26.57
N ARG P 73 10.56 -28.36 25.65
CA ARG P 73 10.34 -26.93 25.53
C ARG P 73 9.04 -26.72 24.79
N TYR P 74 7.94 -26.56 25.54
CA TYR P 74 6.77 -26.27 24.70
C TYR P 74 6.68 -24.77 24.44
N PRO P 75 6.30 -24.38 23.23
CA PRO P 75 6.09 -22.97 22.93
C PRO P 75 4.87 -22.44 23.66
N ASP P 76 4.76 -21.11 23.68
CA ASP P 76 3.78 -20.43 24.52
C ASP P 76 2.35 -20.66 24.07
N HIS P 77 2.13 -21.00 22.80
CA HIS P 77 0.80 -21.32 22.31
C HIS P 77 0.38 -22.76 22.57
N MET P 78 1.18 -23.52 23.33
CA MET P 78 0.80 -24.89 23.66
C MET P 78 1.12 -25.27 25.10
N LYS P 79 1.20 -24.29 26.00
CA LYS P 79 1.59 -24.60 27.38
C LYS P 79 0.51 -25.35 28.15
N GLU P 80 -0.72 -25.36 27.64
CA GLU P 80 -1.82 -26.07 28.27
C GLU P 80 -2.04 -27.46 27.72
N HIS P 81 -1.29 -27.84 26.69
CA HIS P 81 -1.39 -29.15 26.05
C HIS P 81 -0.24 -30.04 26.48
N ASP P 82 0.12 -29.97 27.76
CA ASP P 82 1.34 -30.56 28.28
C ASP P 82 0.96 -31.61 29.31
N PHE P 83 1.00 -32.89 28.91
CA PHE P 83 0.69 -33.94 29.85
C PHE P 83 1.79 -34.13 30.88
N PHE P 84 3.04 -33.85 30.50
CA PHE P 84 4.14 -34.31 31.32
C PHE P 84 4.44 -33.37 32.48
N LYS P 85 4.44 -32.06 32.24
CA LYS P 85 4.67 -31.13 33.33
C LYS P 85 3.45 -31.03 34.23
N SER P 86 2.27 -31.29 33.71
CA SER P 86 1.04 -31.11 34.50
C SER P 86 0.73 -32.30 35.39
N ALA P 87 1.37 -33.44 35.17
CA ALA P 87 1.15 -34.60 36.03
C ALA P 87 2.06 -34.60 37.25
N MET P 88 2.77 -33.55 37.49
CA MET P 88 3.76 -33.28 38.53
C MET P 88 3.14 -32.46 39.65
N PRO P 89 3.61 -32.58 40.90
CA PRO P 89 4.68 -33.43 41.44
C PRO P 89 4.24 -34.83 41.83
N GLU P 90 3.08 -35.28 41.34
CA GLU P 90 2.69 -36.64 41.63
C GLU P 90 3.40 -37.64 40.74
N GLY P 91 3.55 -37.32 39.46
CA GLY P 91 4.29 -38.14 38.53
C GLY P 91 3.41 -39.00 37.65
N TYR P 92 4.06 -39.89 36.89
CA TYR P 92 3.34 -40.76 35.99
C TYR P 92 4.10 -42.07 35.82
N VAL P 93 3.45 -43.02 35.15
CA VAL P 93 3.98 -44.35 34.88
C VAL P 93 4.12 -44.51 33.38
N GLN P 94 5.27 -44.99 32.92
CA GLN P 94 5.56 -45.09 31.50
C GLN P 94 6.00 -46.51 31.17
N GLU P 95 5.19 -47.22 30.39
CA GLU P 95 5.44 -48.60 30.02
C GLU P 95 5.60 -48.71 28.52
N ARG P 96 6.62 -49.45 28.07
CA ARG P 96 6.90 -49.55 26.64
C ARG P 96 6.98 -51.01 26.20
N THR P 97 7.15 -51.17 24.90
CA THR P 97 7.47 -52.45 24.27
C THR P 97 8.30 -52.09 23.03
N ILE P 98 9.61 -52.18 23.16
CA ILE P 98 10.53 -51.74 22.10
C ILE P 98 10.83 -52.94 21.22
N SER P 99 10.32 -52.90 19.99
CA SER P 99 10.42 -54.06 19.09
C SER P 99 11.59 -53.85 18.13
N PHE P 100 12.63 -54.65 18.29
CA PHE P 100 13.78 -54.62 17.40
C PHE P 100 13.50 -55.42 16.14
N LYS P 101 13.95 -54.88 15.01
CA LYS P 101 13.72 -55.54 13.73
C LYS P 101 14.61 -56.77 13.60
N ASP P 102 13.99 -57.90 13.23
CA ASP P 102 14.65 -59.21 13.06
C ASP P 102 15.34 -59.69 14.33
N ASP P 103 14.84 -59.28 15.49
CA ASP P 103 15.49 -59.61 16.75
C ASP P 103 14.41 -59.58 17.84
N GLY P 104 14.82 -59.61 19.10
CA GLY P 104 13.87 -59.67 20.21
C GLY P 104 13.27 -58.34 20.59
N THR P 105 13.06 -58.12 21.89
CA THR P 105 12.33 -56.93 22.33
C THR P 105 12.72 -56.55 23.75
N TYR P 106 12.36 -55.31 24.11
CA TYR P 106 12.48 -54.78 25.46
C TYR P 106 11.10 -54.64 26.09
N LYS P 107 11.08 -54.67 27.42
CA LYS P 107 9.87 -54.42 28.19
C LYS P 107 10.25 -53.53 29.37
N THR P 108 9.92 -52.26 29.29
CA THR P 108 10.30 -51.29 30.31
C THR P 108 9.08 -50.86 31.10
N ARG P 109 9.33 -50.33 32.29
CA ARG P 109 8.28 -49.75 33.12
C ARG P 109 8.93 -48.73 34.05
N ALA P 110 8.69 -47.45 33.81
CA ALA P 110 9.32 -46.38 34.58
C ALA P 110 8.27 -45.62 35.36
N GLU P 111 8.70 -45.03 36.48
CA GLU P 111 7.82 -44.22 37.32
C GLU P 111 8.53 -42.89 37.59
N VAL P 112 8.36 -41.95 36.68
CA VAL P 112 8.95 -40.63 36.81
C VAL P 112 8.16 -39.84 37.85
N LYS P 113 8.85 -39.27 38.84
CA LYS P 113 8.20 -38.42 39.83
C LYS P 113 9.24 -37.56 40.51
N PHE P 114 8.76 -36.66 41.38
CA PHE P 114 9.62 -35.91 42.29
C PHE P 114 9.85 -36.68 43.57
N GLU P 115 11.08 -36.63 44.06
CA GLU P 115 11.46 -37.10 45.40
C GLU P 115 12.16 -35.93 46.09
N GLY P 116 11.37 -35.08 46.74
CA GLY P 116 11.91 -33.89 47.35
C GLY P 116 12.03 -32.76 46.35
N ASP P 117 13.24 -32.51 45.87
CA ASP P 117 13.48 -31.48 44.87
C ASP P 117 13.96 -32.07 43.54
N THR P 118 14.53 -33.26 43.55
CA THR P 118 15.07 -33.84 42.33
C THR P 118 14.01 -34.69 41.63
N LEU P 119 14.18 -34.85 40.33
CA LEU P 119 13.23 -35.51 39.44
C LEU P 119 13.75 -36.90 39.15
N VAL P 120 13.10 -37.91 39.71
CA VAL P 120 13.67 -39.25 39.80
C VAL P 120 13.00 -40.17 38.78
N ASN P 121 13.80 -40.73 37.89
CA ASN P 121 13.36 -41.74 36.94
C ASN P 121 13.81 -43.10 37.47
N ARG P 122 12.88 -44.04 37.62
CA ARG P 122 13.20 -45.38 38.10
C ARG P 122 12.69 -46.41 37.11
N ILE P 123 13.58 -46.92 36.27
CA ILE P 123 13.23 -47.82 35.18
C ILE P 123 13.52 -49.25 35.64
N GLU P 124 12.63 -50.17 35.29
CA GLU P 124 12.89 -51.61 35.43
C GLU P 124 12.73 -52.24 34.06
N LEU P 125 13.85 -52.62 33.44
CA LEU P 125 13.87 -53.09 32.07
C LEU P 125 14.03 -54.60 32.03
N LYS P 126 13.35 -55.24 31.08
CA LYS P 126 13.49 -56.68 30.84
C LYS P 126 13.49 -56.91 29.35
N GLY P 127 14.48 -57.67 28.86
CA GLY P 127 14.57 -57.96 27.45
C GLY P 127 14.89 -59.41 27.17
N ILE P 128 14.10 -60.06 26.32
CA ILE P 128 14.26 -61.47 26.00
C ILE P 128 14.31 -61.64 24.49
N ASP P 129 14.49 -62.90 24.07
CA ASP P 129 14.37 -63.37 22.69
C ASP P 129 15.39 -62.74 21.75
N PHE P 130 16.52 -62.29 22.28
CA PHE P 130 17.56 -61.73 21.44
C PHE P 130 18.34 -62.80 20.72
N LYS P 131 19.08 -62.37 19.70
CA LYS P 131 19.84 -63.24 18.83
C LYS P 131 21.32 -63.08 19.09
N GLU P 132 22.01 -64.19 19.29
CA GLU P 132 23.46 -64.15 19.41
C GLU P 132 24.10 -63.77 18.08
N ASP P 133 25.19 -63.00 18.18
CA ASP P 133 25.88 -62.37 17.04
C ASP P 133 24.92 -61.51 16.23
N GLY P 134 24.00 -60.82 16.90
CA GLY P 134 23.13 -59.87 16.27
C GLY P 134 23.72 -58.48 16.30
N ASN P 135 22.89 -57.49 15.95
CA ASN P 135 23.34 -56.12 16.00
C ASN P 135 23.41 -55.58 17.41
N ILE P 136 22.65 -56.16 18.34
CA ILE P 136 22.59 -55.65 19.71
C ILE P 136 23.64 -56.37 20.56
N LEU P 137 23.52 -57.69 20.71
CA LEU P 137 24.44 -58.39 21.60
C LEU P 137 25.83 -58.57 21.02
N GLY P 138 26.01 -58.29 19.73
CA GLY P 138 27.34 -58.30 19.13
C GLY P 138 28.06 -56.98 19.18
N HIS P 139 27.41 -55.94 19.71
CA HIS P 139 27.94 -54.57 19.81
C HIS P 139 28.37 -54.04 18.45
N LYS P 140 27.41 -54.03 17.53
CA LYS P 140 27.65 -53.63 16.15
C LYS P 140 26.97 -52.31 15.80
N LEU P 141 26.61 -51.51 16.81
CA LEU P 141 25.94 -50.24 16.57
C LEU P 141 26.92 -49.10 16.80
N GLU P 142 26.81 -48.06 15.98
CA GLU P 142 27.66 -46.90 16.14
C GLU P 142 27.23 -46.10 17.35
N TYR P 143 28.15 -45.25 17.82
CA TYR P 143 27.91 -44.47 19.04
C TYR P 143 27.37 -43.10 18.64
N ASN P 144 26.16 -43.12 18.09
CA ASN P 144 25.44 -41.90 17.77
C ASN P 144 23.95 -42.17 17.77
N PHE P 145 23.18 -41.09 17.88
CA PHE P 145 21.73 -41.18 17.92
C PHE P 145 21.20 -40.05 17.05
N ASN P 146 20.19 -40.34 16.25
CA ASN P 146 19.74 -39.43 15.22
C ASN P 146 18.70 -38.45 15.75
N SER P 147 18.09 -37.69 14.85
CA SER P 147 17.06 -36.72 15.20
C SER P 147 15.71 -37.28 14.76
N HIS P 148 14.76 -37.35 15.68
CA HIS P 148 13.54 -38.14 15.50
C HIS P 148 12.33 -37.31 15.87
N GLU P 149 11.15 -37.89 15.66
CA GLU P 149 9.89 -37.24 15.99
C GLU P 149 8.96 -38.24 16.66
N VAL P 150 8.21 -37.77 17.67
CA VAL P 150 7.36 -38.61 18.50
C VAL P 150 5.94 -38.08 18.41
N TYR P 151 5.03 -38.86 17.84
CA TYR P 151 3.65 -38.44 17.67
C TYR P 151 2.84 -38.86 18.89
N ILE P 152 2.56 -37.89 19.76
CA ILE P 152 1.81 -38.09 21.00
C ILE P 152 0.35 -37.81 20.74
N THR P 153 -0.51 -38.77 21.09
CA THR P 153 -1.95 -38.61 20.94
C THR P 153 -2.65 -39.00 22.23
N ALA P 154 -3.92 -38.63 22.32
CA ALA P 154 -4.71 -38.89 23.53
C ALA P 154 -5.20 -40.33 23.54
N ASP P 155 -5.38 -40.85 24.75
CA ASP P 155 -5.87 -42.20 24.97
C ASP P 155 -6.92 -42.19 26.08
N ASP P 156 -7.94 -41.33 25.91
CA ASP P 156 -9.02 -40.96 26.84
C ASP P 156 -9.55 -42.08 27.72
N GLU P 157 -9.77 -43.24 27.12
CA GLU P 157 -10.41 -44.40 27.72
C GLU P 157 -9.53 -45.14 28.72
N LYS P 158 -8.33 -44.63 29.04
CA LYS P 158 -7.57 -45.13 30.17
C LYS P 158 -6.96 -44.04 31.00
N ASN P 159 -7.32 -42.77 30.76
CA ASN P 159 -6.78 -41.58 31.43
C ASN P 159 -5.26 -41.51 31.26
N GLY P 160 -4.85 -41.34 30.01
CA GLY P 160 -3.43 -41.24 29.72
C GLY P 160 -3.23 -40.97 28.23
N ILE P 161 -1.95 -40.97 27.84
CA ILE P 161 -1.61 -40.76 26.43
C ILE P 161 -0.81 -41.96 25.93
N LYS P 162 -0.43 -41.92 24.66
CA LYS P 162 0.38 -42.97 24.05
C LYS P 162 1.13 -42.35 22.88
N ALA P 163 2.13 -43.08 22.40
CA ALA P 163 2.94 -42.60 21.28
C ALA P 163 3.53 -43.78 20.54
N GLU P 164 3.64 -43.62 19.22
CA GLU P 164 4.21 -44.64 18.35
C GLU P 164 5.20 -43.97 17.41
N PHE P 165 6.40 -44.54 17.33
CA PHE P 165 7.47 -43.97 16.52
C PHE P 165 8.51 -45.05 16.27
N LYS P 166 9.39 -44.77 15.31
CA LYS P 166 10.40 -45.72 14.87
C LYS P 166 11.76 -45.09 15.07
N ILE P 167 12.66 -45.82 15.72
CA ILE P 167 14.01 -45.36 16.01
C ILE P 167 14.97 -46.07 15.07
N ARG P 168 15.76 -45.30 14.32
CA ARG P 168 16.70 -45.84 13.35
C ARG P 168 18.09 -45.80 13.95
N HIS P 169 18.63 -46.96 14.29
CA HIS P 169 19.98 -47.07 14.82
C HIS P 169 20.96 -47.28 13.68
N ASN P 170 22.17 -46.74 13.84
CA ASN P 170 23.19 -46.90 12.83
C ASN P 170 24.05 -48.11 13.14
N VAL P 171 24.38 -48.87 12.09
CA VAL P 171 25.13 -50.11 12.25
C VAL P 171 26.54 -49.84 11.74
N GLU P 172 27.51 -50.60 12.27
CA GLU P 172 28.94 -50.41 11.95
C GLU P 172 29.24 -50.56 10.47
N ASP P 173 28.52 -51.41 9.75
CA ASP P 173 28.88 -51.69 8.37
C ASP P 173 28.19 -50.79 7.36
N GLY P 174 27.14 -50.06 7.74
CA GLY P 174 26.43 -49.15 6.86
C GLY P 174 24.92 -49.32 6.85
N SER P 175 24.41 -50.46 7.30
CA SER P 175 22.98 -50.70 7.32
C SER P 175 22.32 -49.95 8.48
N VAL P 176 21.02 -50.15 8.67
CA VAL P 176 20.24 -49.43 9.68
C VAL P 176 19.44 -50.44 10.50
N GLN P 177 19.58 -50.38 11.82
CA GLN P 177 18.78 -51.20 12.72
C GLN P 177 17.53 -50.45 13.16
N LEU P 178 16.37 -51.07 12.98
CA LEU P 178 15.08 -50.45 13.28
C LEU P 178 14.56 -50.91 14.63
N ALA P 179 14.04 -49.95 15.40
CA ALA P 179 13.40 -50.21 16.68
C ALA P 179 12.02 -49.57 16.67
N ASP P 180 11.01 -50.33 17.05
CA ASP P 180 9.62 -49.86 17.07
C ASP P 180 9.17 -49.67 18.49
N HIS P 181 8.80 -48.44 18.85
CA HIS P 181 8.42 -48.07 20.20
C HIS P 181 6.90 -47.92 20.31
N TYR P 182 6.40 -48.26 21.50
CA TYR P 182 4.97 -48.16 21.79
C TYR P 182 4.84 -47.90 23.29
N GLN P 183 4.68 -46.63 23.66
CA GLN P 183 4.61 -46.27 25.08
C GLN P 183 3.19 -45.93 25.50
N GLN P 184 2.92 -46.09 26.79
CA GLN P 184 1.62 -45.79 27.39
C GLN P 184 1.85 -45.07 28.70
N ASN P 185 1.51 -43.78 28.74
CA ASN P 185 1.63 -43.00 29.96
C ASN P 185 0.32 -43.00 30.73
N THR P 186 0.43 -42.86 32.05
CA THR P 186 -0.69 -42.85 32.98
C THR P 186 -0.22 -42.19 34.26
N PRO P 187 -0.91 -41.15 34.74
CA PRO P 187 -0.46 -40.45 35.94
C PRO P 187 -0.71 -41.26 37.20
N ILE P 188 -0.01 -40.86 38.26
CA ILE P 188 -0.09 -41.57 39.54
C ILE P 188 -1.45 -41.35 40.18
N GLY P 189 -1.76 -40.10 40.51
CA GLY P 189 -3.02 -39.80 41.15
C GLY P 189 -3.92 -38.97 40.25
N ASP P 190 -3.97 -37.67 40.50
CA ASP P 190 -4.73 -36.74 39.68
C ASP P 190 -3.81 -36.20 38.61
N GLY P 191 -4.16 -36.43 37.34
CA GLY P 191 -3.33 -36.01 36.24
C GLY P 191 -3.57 -34.55 35.88
N PRO P 192 -3.54 -34.25 34.58
CA PRO P 192 -3.81 -32.88 34.13
C PRO P 192 -5.29 -32.54 34.20
N ASP P 193 -5.65 -31.36 33.69
CA ASP P 193 -7.07 -31.01 33.59
C ASP P 193 -7.76 -31.87 32.55
N LEU P 194 -7.35 -31.75 31.29
CA LEU P 194 -7.88 -32.59 30.23
C LEU P 194 -6.73 -32.97 29.31
N LEU P 195 -6.87 -34.12 28.64
CA LEU P 195 -5.79 -34.69 27.86
C LEU P 195 -5.54 -33.84 26.60
N PRO P 196 -4.29 -33.73 26.17
CA PRO P 196 -3.96 -32.77 25.11
C PRO P 196 -4.37 -33.27 23.74
N ASP P 197 -4.29 -32.34 22.78
CA ASP P 197 -4.48 -32.67 21.38
C ASP P 197 -3.23 -33.35 20.83
N GLU P 198 -3.32 -33.85 19.61
CA GLU P 198 -2.18 -34.55 19.02
C GLU P 198 -1.13 -33.55 18.57
N HIS P 199 0.11 -33.76 19.00
CA HIS P 199 1.23 -32.88 18.72
C HIS P 199 2.49 -33.72 18.72
N TYR P 200 3.55 -33.21 18.11
CA TYR P 200 4.76 -34.03 17.96
C TYR P 200 5.95 -33.39 18.63
N LEU P 201 6.70 -34.21 19.37
CA LEU P 201 7.96 -33.80 19.97
C LEU P 201 9.08 -34.02 18.96
N SER P 202 10.04 -33.12 18.95
CA SER P 202 11.17 -33.19 18.01
C SER P 202 12.46 -33.19 18.79
N THR P 203 13.20 -34.30 18.72
CA THR P 203 14.38 -34.50 19.55
C THR P 203 15.66 -34.41 18.75
N GLN P 204 16.73 -33.99 19.41
CA GLN P 204 18.10 -34.07 18.92
C GLN P 204 18.98 -34.47 20.08
N SER P 205 20.00 -35.28 19.82
CA SER P 205 20.89 -35.70 20.89
C SER P 205 22.32 -35.78 20.38
N VAL P 206 23.27 -35.49 21.26
CA VAL P 206 24.69 -35.52 20.96
C VAL P 206 25.35 -36.48 21.95
N LEU P 207 25.73 -37.65 21.47
CA LEU P 207 26.41 -38.64 22.28
C LEU P 207 27.89 -38.32 22.34
N SER P 208 28.51 -38.57 23.50
CA SER P 208 29.92 -38.24 23.71
C SER P 208 30.48 -39.11 24.82
N LYS P 209 31.71 -38.80 25.24
CA LYS P 209 32.41 -39.54 26.29
C LYS P 209 33.05 -38.56 27.26
N ASP P 210 33.61 -39.11 28.33
CA ASP P 210 34.36 -38.38 29.34
C ASP P 210 35.77 -38.95 29.38
N PRO P 211 36.82 -38.15 29.11
CA PRO P 211 38.17 -38.72 29.11
C PRO P 211 38.70 -39.10 30.48
N ASN P 212 38.09 -38.62 31.57
CA ASN P 212 38.59 -38.88 32.91
C ASN P 212 37.79 -39.96 33.63
N GLU P 213 37.30 -40.97 32.89
CA GLU P 213 36.53 -42.05 33.48
C GLU P 213 37.06 -43.40 33.02
N LYS P 214 37.15 -44.33 33.96
CA LYS P 214 37.54 -45.69 33.68
C LYS P 214 36.37 -46.67 33.68
N ARG P 215 35.18 -46.22 34.07
CA ARG P 215 34.02 -47.09 34.06
C ARG P 215 33.22 -46.90 32.78
N ASP P 216 32.47 -47.94 32.42
CA ASP P 216 31.69 -47.96 31.20
C ASP P 216 30.56 -46.95 31.32
N HIS P 217 30.68 -45.82 30.64
CA HIS P 217 29.86 -44.65 30.93
C HIS P 217 29.32 -44.07 29.63
N MET P 218 28.55 -42.98 29.78
CA MET P 218 27.90 -42.33 28.64
C MET P 218 27.52 -40.92 29.05
N VAL P 219 27.85 -39.94 28.21
CA VAL P 219 27.51 -38.54 28.46
C VAL P 219 26.54 -38.10 27.38
N LEU P 220 25.42 -37.52 27.79
CA LEU P 220 24.32 -37.23 26.89
C LEU P 220 23.94 -35.76 26.96
N LEU P 221 23.58 -35.19 25.82
CA LEU P 221 23.15 -33.80 25.70
C LEU P 221 22.00 -33.78 24.71
N GLU P 222 20.79 -33.44 25.17
CA GLU P 222 19.61 -33.66 24.36
C GLU P 222 18.73 -32.41 24.37
N PHE P 223 18.10 -32.13 23.24
CA PHE P 223 17.34 -30.91 22.99
C PHE P 223 15.97 -31.29 22.43
N VAL P 224 14.91 -31.06 23.20
CA VAL P 224 13.56 -31.52 22.83
C VAL P 224 12.63 -30.32 22.77
N THR P 225 12.01 -30.10 21.61
CA THR P 225 10.94 -29.12 21.46
C THR P 225 9.71 -29.81 20.93
N ALA P 226 8.60 -29.08 20.88
CA ALA P 226 7.35 -29.63 20.38
C ALA P 226 6.67 -28.64 19.44
N ASP P 227 5.94 -29.21 18.48
CA ASP P 227 5.17 -28.42 17.54
C ASP P 227 3.96 -29.28 17.16
N GLY P 228 3.27 -28.92 16.09
CA GLY P 228 2.18 -29.70 15.55
C GLY P 228 0.82 -29.07 15.73
N ILE P 229 0.74 -27.95 16.43
CA ILE P 229 -0.50 -27.20 16.60
C ILE P 229 -0.24 -25.78 16.13
N THR P 230 -1.02 -25.32 15.16
CA THR P 230 -0.84 -24.02 14.56
C THR P 230 -1.43 -22.94 15.46
N GLU P 231 -1.46 -21.70 14.96
CA GLU P 231 -1.93 -20.57 15.74
C GLU P 231 -3.44 -20.63 15.91
N GLY P 232 -3.91 -20.46 17.14
CA GLY P 232 -5.32 -20.50 17.44
C GLY P 232 -5.77 -19.35 18.33
#